data_7SBA
#
_entry.id   7SBA
#
_cell.length_a   1.00
_cell.length_b   1.00
_cell.length_c   1.00
_cell.angle_alpha   90.00
_cell.angle_beta   90.00
_cell.angle_gamma   90.00
#
_symmetry.space_group_name_H-M   'P 1'
#
loop_
_entity.id
_entity.type
_entity.pdbx_description
1 polymer Cas7d
2 polymer Cas5d
3 polymer Cas10d
4 polymer Cas11d
5 polymer 'DNA target strand'
6 polymer 'DNA non-target strand'
7 polymer crRNA
#
loop_
_entity_poly.entity_id
_entity_poly.type
_entity_poly.pdbx_seq_one_letter_code
_entity_poly.pdbx_strand_id
1 'polypeptide(L)'
;MLDSLKSQFQPSFPRLASGHYVHFLMLRHSQSFPVFQTDGVLNTTRTQAGLLEKTDQLSRLVMFKRKQTTPERLAGRELL
RNLGLTSADKSAKNLCEYNGEGSCKQCPDCILYGFAIGDSGSERSKVYSDSAFSLGAYEQSHRSFTFNAPFEGGTMSEAG
VMRSAINELDHILPEVTFPTVESLRDATYEGFIYVLGNLLRTKRYGAQESRTGTMKNHLVGIVFADGEIFSNLHLTQALY
DQMGGELNKPISELCETAATVAQDLLNKEPVRKSELIFGAHLDTLLQEVNDIYQNDAELTKLLGSLYQQTQDYATEFGAL
SGGKKKAKS
;
A,B,C,D,E,F,G
2 'polypeptide(L)'
;MTKIYRCKLTLHDNVFFASREMGILYETEKYFHNWALSYAFFKGTIIPHPYGLVGQNAQTPAYLDRDREQNLLHLNDSGI
YVFPAQPIHWSYQINTFKAAQSAYYGRSVQFGGKGATKNYPINYGRAKELAVGSEFLTYIVSQKELDLPVWIRLGKWSSK
IRVEVEAIAPDQIKTASGVYVCNHPLNPLDCPANQQILLYNRVVMPPSSLFSQSQLQGDYWQIDRNTFLPQGFHYGATTA
IAQDSPQLSLLDTN
;
H
3 'polypeptide(L)'
;MTTLLQTLLIRTLSEQKDYILLEYFQTILPALEEHFGNTSGLGGSFISHQKHFGTQGYDTEKAKKMAQGFAKKGDQTLAA
HILNALLTTWNVMQELEFPLNDIERRLLCLGITLHDYDKHCHAQDMAAPEPDNIQEIINICLELGKRLNFDEFWADWRDY
IAEISYLAQNTHGKQHTNLISSNWSNAGYPFTIKERKLDHPLRHLLTFGDVAVHLSSPHDLVSSTMGDRLRDLLNRLGIE
KRFVYHHLRDTTGILSNAIHNVILRTVQKLDWKPLLFFAQGVIYFAPQDTEIPERNEIKQIVWQGISQELGKKMSAGDVG
FKRDGKGLKVSPQTSELLAAADIVRILPQVISVKVNNAKSPATPKRLEKLELGDAEREKLYEVADLRCDRLAELLGLVQK
EIFLLPEPFIEWVLKDLELTSVIMPEETQVQSGGVNYGWYRVAAHYVANHATWDLEEFQEFLQGFGDRLATWAEEEGYFA
EHQSPTRQIFEDYLDRYLEIQGWESDHQAFIQELENYVNAKTKKSKQPICSLSSGEFPSEDQMDSVVLFKPQQYSNKNPL
GGGQIKRGISKIWSLEMLLRQAFWSVPSGKFEDQQPIFIYLYPAYVYAPQVVEAIRELVYGIASVNLWDVRKHWVNNKMD
LTSLKSLPWLNEEVEAGTNAQLKYTKEDLPFLATVYTTTREKTDTDAWVKPAFLALLLPYLLGVKAIATRSMVPLYRSDQ
DFRESIHLDGVAGFWSLLGIPTDLRVEDITPALNKLLAIYTLHLAARSSPPKARWQDLPKTVQEVMTDVLNVFALAEQGL
RREKRDRPYESEVTEYWQFAELFSQGNIVMTEKLKLTKRLVEEYRRFYQVELSKKPSTHAILLPLSKALEQILSVPDDWD
EEELILQGSGQLQAALDRQEVYTRPIIKDKSVAYETRQLQELEAIQIFMTTCVRDLFGEMCKGDRAILQEQRNRIKSGAE
FAYRLLALEAQQNQN
;
I
4 'polypeptide(L)'
;MTEKLKLTKRLVEEYRRFYQVELSKKPSTHAILLPLSKALEQILSVPDDWDEEELILQGSGQLQAALDRQEVYTRPIIKD
KSVAYETRQLQELEAIQIFMTTCVRDLFGEMCKGDRAILQEQRNRIKSGAEFAYRLLALEAQQNQN
;
J,K
5 'polydeoxyribonucleotide' (DA)(DC)(DA)(DA)(DC)(DA)(DA)(DT)(DC)(DA)(DA)(DC)(DG)(DT)(DG)(DA) X
6 'polydeoxyribonucleotide' (DC)(DA)(DC)(DG)(DT)(DT)(DG)(DA)(DT)(DT)(DT)(DT)(DT) Y
7 'polyribonucleotide' ACUGAAACGAUUGUUGUGCCCCUGGCGGUCGCUUUCAAUGCCU Z
#
loop_
_chem_comp.id
_chem_comp.type
_chem_comp.name
_chem_comp.formula
A RNA linking ADENOSINE-5'-MONOPHOSPHATE 'C10 H14 N5 O7 P'
C RNA linking CYTIDINE-5'-MONOPHOSPHATE 'C9 H14 N3 O8 P'
DA DNA linking 2'-DEOXYADENOSINE-5'-MONOPHOSPHATE 'C10 H14 N5 O6 P'
DC DNA linking 2'-DEOXYCYTIDINE-5'-MONOPHOSPHATE 'C9 H14 N3 O7 P'
DG DNA linking 2'-DEOXYGUANOSINE-5'-MONOPHOSPHATE 'C10 H14 N5 O7 P'
DT DNA linking THYMIDINE-5'-MONOPHOSPHATE 'C10 H15 N2 O8 P'
G RNA linking GUANOSINE-5'-MONOPHOSPHATE 'C10 H14 N5 O8 P'
U RNA linking URIDINE-5'-MONOPHOSPHATE 'C9 H13 N2 O9 P'
#
# COMPACT_ATOMS: atom_id res chain seq x y z
N MET A 1 -11.02 -49.83 -35.15
CA MET A 1 -9.91 -50.38 -34.34
C MET A 1 -10.30 -51.65 -33.61
N LEU A 2 -11.26 -51.61 -32.67
CA LEU A 2 -11.59 -52.78 -31.83
C LEU A 2 -11.97 -54.00 -32.66
N ASP A 3 -12.63 -53.79 -33.81
CA ASP A 3 -12.99 -54.80 -34.78
C ASP A 3 -11.79 -55.57 -35.37
N SER A 4 -10.62 -54.93 -35.51
CA SER A 4 -9.38 -55.62 -35.91
C SER A 4 -8.71 -56.33 -34.74
N LEU A 5 -8.72 -55.73 -33.54
CA LEU A 5 -8.02 -56.30 -32.37
C LEU A 5 -8.71 -57.54 -31.81
N LYS A 6 -10.00 -57.72 -32.00
CA LYS A 6 -10.69 -58.95 -31.59
C LYS A 6 -9.97 -60.23 -32.00
N SER A 7 -9.10 -60.27 -33.00
CA SER A 7 -8.34 -61.49 -33.26
C SER A 7 -7.33 -61.86 -32.19
N GLN A 8 -6.61 -60.88 -31.64
CA GLN A 8 -5.53 -61.12 -30.68
C GLN A 8 -5.90 -61.85 -29.39
N PHE A 9 -7.05 -61.55 -28.80
CA PHE A 9 -7.44 -62.06 -27.50
C PHE A 9 -7.81 -63.55 -27.50
N GLN A 10 -7.77 -64.21 -26.34
CA GLN A 10 -8.31 -65.57 -26.21
C GLN A 10 -9.83 -65.55 -26.40
N PRO A 11 -10.44 -66.60 -26.97
CA PRO A 11 -11.89 -66.67 -27.15
C PRO A 11 -12.65 -66.97 -25.85
N SER A 12 -12.03 -67.66 -24.90
CA SER A 12 -12.52 -67.87 -23.53
C SER A 12 -11.36 -68.03 -22.55
N PHE A 13 -11.56 -67.77 -21.26
CA PHE A 13 -10.48 -67.77 -20.26
C PHE A 13 -9.84 -69.14 -20.12
N PRO A 14 -8.51 -69.28 -20.27
CA PRO A 14 -7.82 -70.56 -20.20
C PRO A 14 -7.53 -70.98 -18.76
N ARG A 15 -7.34 -72.28 -18.53
CA ARG A 15 -6.91 -72.81 -17.24
C ARG A 15 -5.46 -72.43 -16.90
N LEU A 16 -4.53 -72.73 -17.79
CA LEU A 16 -3.11 -72.41 -17.66
C LEU A 16 -2.78 -71.07 -18.34
N ALA A 17 -1.88 -70.29 -17.77
CA ALA A 17 -1.39 -69.06 -18.38
C ALA A 17 -0.54 -69.32 -19.63
N SER A 18 -0.93 -68.73 -20.76
CA SER A 18 -0.46 -69.08 -22.09
C SER A 18 0.63 -68.15 -22.62
N GLY A 19 0.78 -66.97 -22.00
CA GLY A 19 1.82 -66.03 -22.38
C GLY A 19 1.39 -65.01 -23.43
N HIS A 20 0.11 -64.67 -23.50
CA HIS A 20 -0.38 -63.50 -24.22
C HIS A 20 -0.52 -62.34 -23.24
N TYR A 21 0.25 -61.28 -23.39
CA TYR A 21 0.19 -60.10 -22.54
C TYR A 21 -0.24 -58.90 -23.36
N VAL A 22 -1.30 -58.20 -22.97
CA VAL A 22 -1.62 -56.87 -23.49
C VAL A 22 -1.20 -55.85 -22.44
N HIS A 23 -0.28 -54.97 -22.79
CA HIS A 23 0.36 -53.99 -21.91
C HIS A 23 -0.16 -52.60 -22.21
N PHE A 24 -0.66 -51.91 -21.20
CA PHE A 24 -1.09 -50.53 -21.24
C PHE A 24 0.04 -49.67 -20.71
N LEU A 25 0.58 -48.78 -21.53
CA LEU A 25 1.61 -47.82 -21.17
C LEU A 25 0.93 -46.50 -20.90
N MET A 26 1.14 -45.93 -19.72
CA MET A 26 0.42 -44.76 -19.24
C MET A 26 1.37 -43.77 -18.58
N LEU A 27 0.99 -42.50 -18.61
CA LEU A 27 1.47 -41.53 -17.66
C LEU A 27 0.27 -41.16 -16.78
N ARG A 28 0.36 -41.43 -15.48
CA ARG A 28 -0.61 -40.95 -14.50
C ARG A 28 -0.17 -39.56 -14.08
N HIS A 29 -0.93 -38.53 -14.42
CA HIS A 29 -0.58 -37.14 -14.09
C HIS A 29 -1.37 -36.71 -12.87
N SER A 30 -0.69 -36.20 -11.86
CA SER A 30 -1.35 -35.63 -10.69
C SER A 30 -2.14 -34.39 -11.10
N GLN A 31 -3.39 -34.25 -10.67
CA GLN A 31 -4.23 -33.08 -10.96
C GLN A 31 -4.56 -32.26 -9.73
N SER A 32 -4.75 -32.91 -8.58
CA SER A 32 -4.89 -32.21 -7.32
C SER A 32 -4.38 -33.05 -6.16
N PHE A 33 -3.20 -32.70 -5.69
CA PHE A 33 -2.66 -33.03 -4.37
C PHE A 33 -2.87 -34.45 -3.81
N PRO A 34 -2.50 -35.52 -4.53
CA PRO A 34 -2.57 -36.85 -3.96
C PRO A 34 -1.59 -37.04 -2.79
N VAL A 35 -1.92 -37.97 -1.91
CA VAL A 35 -1.13 -38.32 -0.74
C VAL A 35 -0.91 -39.83 -0.66
N PHE A 36 0.08 -40.30 -1.42
CA PHE A 36 0.59 -41.68 -1.38
C PHE A 36 1.52 -41.85 -0.18
N GLN A 37 0.90 -42.12 0.96
CA GLN A 37 1.54 -42.32 2.25
C GLN A 37 1.33 -43.73 2.78
N THR A 38 2.31 -44.18 3.55
CA THR A 38 2.21 -45.20 4.60
C THR A 38 3.23 -44.78 5.68
N ASP A 39 3.03 -45.15 6.95
CA ASP A 39 3.92 -44.75 8.05
C ASP A 39 4.06 -43.22 8.31
N GLY A 40 3.08 -42.44 7.86
CA GLY A 40 2.91 -41.03 8.17
C GLY A 40 3.68 -40.05 7.30
N VAL A 41 4.38 -40.52 6.28
CA VAL A 41 5.18 -39.72 5.33
C VAL A 41 4.86 -40.14 3.89
N LEU A 42 5.11 -39.27 2.91
CA LEU A 42 4.98 -39.68 1.52
C LEU A 42 6.03 -40.72 1.20
N ASN A 43 5.63 -41.84 0.60
CA ASN A 43 6.57 -42.92 0.31
C ASN A 43 7.58 -42.45 -0.73
N THR A 44 8.87 -42.70 -0.48
CA THR A 44 9.99 -42.25 -1.31
C THR A 44 11.00 -43.39 -1.41
N THR A 45 11.83 -43.43 -2.45
CA THR A 45 13.05 -44.23 -2.44
C THR A 45 14.17 -43.55 -3.23
N ARG A 46 15.42 -43.79 -2.85
CA ARG A 46 16.57 -43.40 -3.64
C ARG A 46 16.61 -44.27 -4.90
N THR A 47 16.90 -43.64 -6.02
CA THR A 47 17.05 -44.27 -7.33
C THR A 47 18.17 -43.56 -8.08
N GLN A 48 18.71 -44.16 -9.12
CA GLN A 48 19.58 -43.45 -10.05
C GLN A 48 18.75 -42.52 -10.94
N ALA A 49 19.21 -41.32 -11.24
CA ALA A 49 18.39 -40.34 -11.96
C ALA A 49 17.95 -40.81 -13.35
N GLY A 50 18.82 -41.49 -14.10
CA GLY A 50 18.54 -41.97 -15.45
C GLY A 50 19.49 -43.08 -15.92
N LEU A 51 19.15 -43.73 -17.03
CA LEU A 51 19.84 -44.92 -17.54
C LEU A 51 21.25 -44.67 -18.08
N LEU A 52 21.58 -43.44 -18.50
CA LEU A 52 22.87 -43.08 -19.09
C LEU A 52 23.93 -42.91 -17.99
N GLU A 53 24.25 -44.02 -17.33
CA GLU A 53 25.48 -44.24 -16.56
C GLU A 53 25.81 -43.20 -15.45
N LYS A 54 24.79 -42.60 -14.84
CA LYS A 54 24.94 -41.55 -13.83
C LYS A 54 25.63 -42.07 -12.55
N THR A 55 26.47 -41.22 -11.96
CA THR A 55 26.82 -41.24 -10.53
C THR A 55 25.68 -40.72 -9.64
N ASP A 56 24.71 -40.02 -10.22
CA ASP A 56 23.79 -39.12 -9.53
C ASP A 56 22.51 -39.83 -9.08
N GLN A 57 22.32 -39.90 -7.76
CA GLN A 57 21.16 -40.47 -7.10
C GLN A 57 20.08 -39.42 -6.84
N LEU A 58 18.84 -39.86 -6.76
CA LEU A 58 17.64 -39.05 -6.79
C LEU A 58 16.53 -39.73 -5.97
N SER A 59 16.02 -39.02 -4.97
CA SER A 59 14.88 -39.45 -4.15
C SER A 59 13.59 -39.24 -4.92
N ARG A 60 12.89 -40.30 -5.33
CA ARG A 60 11.60 -40.16 -6.05
C ARG A 60 10.46 -40.79 -5.29
N LEU A 61 9.28 -40.17 -5.43
CA LEU A 61 8.03 -40.62 -4.82
C LEU A 61 7.65 -41.97 -5.40
N VAL A 62 7.22 -42.91 -4.58
CA VAL A 62 6.76 -44.24 -5.03
C VAL A 62 5.29 -44.43 -4.71
N MET A 63 4.49 -44.70 -5.72
CA MET A 63 3.11 -45.15 -5.63
C MET A 63 3.12 -46.67 -5.69
N PHE A 64 2.94 -47.35 -4.57
CA PHE A 64 2.96 -48.80 -4.50
C PHE A 64 1.80 -49.43 -5.29
N LYS A 65 2.00 -50.67 -5.76
CA LYS A 65 1.01 -51.45 -6.52
C LYS A 65 -0.37 -51.44 -5.90
N ARG A 66 -0.48 -51.59 -4.58
CA ARG A 66 -1.74 -51.53 -3.82
C ARG A 66 -2.48 -50.22 -4.07
N LYS A 67 -1.76 -49.11 -3.94
CA LYS A 67 -2.24 -47.73 -4.01
C LYS A 67 -2.81 -47.34 -5.38
N GLN A 68 -2.53 -48.10 -6.43
CA GLN A 68 -3.07 -47.90 -7.79
C GLN A 68 -4.01 -49.02 -8.26
N THR A 69 -3.73 -50.28 -7.92
CA THR A 69 -4.56 -51.43 -8.28
C THR A 69 -5.90 -51.41 -7.57
N THR A 70 -5.96 -51.14 -6.26
CA THR A 70 -7.22 -51.17 -5.51
C THR A 70 -8.20 -50.09 -5.95
N PRO A 71 -7.83 -48.81 -6.12
CA PRO A 71 -8.70 -47.82 -6.77
C PRO A 71 -9.21 -48.17 -8.17
N GLU A 72 -8.45 -48.90 -8.98
CA GLU A 72 -8.96 -49.43 -10.27
C GLU A 72 -9.95 -50.57 -10.04
N ARG A 73 -9.63 -51.49 -9.15
CA ARG A 73 -10.38 -52.70 -8.84
C ARG A 73 -11.78 -52.39 -8.31
N LEU A 74 -11.86 -51.56 -7.28
CA LEU A 74 -13.09 -51.12 -6.64
C LEU A 74 -13.99 -50.29 -7.56
N ALA A 75 -13.41 -49.53 -8.49
CA ALA A 75 -14.18 -48.81 -9.52
C ALA A 75 -14.80 -49.74 -10.57
N GLY A 76 -14.34 -50.98 -10.66
CA GLY A 76 -14.96 -52.00 -11.48
C GLY A 76 -16.14 -52.65 -10.78
N ARG A 77 -15.99 -52.97 -9.50
CA ARG A 77 -17.04 -53.59 -8.69
C ARG A 77 -18.29 -52.72 -8.56
N GLU A 78 -18.14 -51.42 -8.41
CA GLU A 78 -19.28 -50.49 -8.37
C GLU A 78 -19.97 -50.33 -9.72
N LEU A 79 -19.24 -50.50 -10.82
CA LEU A 79 -19.82 -50.57 -12.16
C LEU A 79 -20.65 -51.83 -12.34
N LEU A 80 -20.12 -53.00 -11.96
CA LEU A 80 -20.85 -54.26 -11.99
C LEU A 80 -22.10 -54.26 -11.12
N ARG A 81 -22.06 -53.63 -9.94
CA ARG A 81 -23.24 -53.43 -9.10
C ARG A 81 -24.25 -52.51 -9.77
N ASN A 82 -23.82 -51.43 -10.42
CA ASN A 82 -24.70 -50.54 -11.15
C ASN A 82 -25.34 -51.19 -12.40
N LEU A 83 -24.62 -52.02 -13.12
CA LEU A 83 -25.19 -52.87 -14.18
C LEU A 83 -26.07 -53.98 -13.61
N GLY A 84 -26.01 -54.28 -12.32
CA GLY A 84 -26.82 -55.32 -11.66
C GLY A 84 -26.33 -56.73 -11.95
N LEU A 85 -25.04 -56.90 -12.22
CA LEU A 85 -24.39 -58.20 -12.42
C LEU A 85 -23.96 -58.84 -11.09
N THR A 86 -23.71 -58.02 -10.09
CA THR A 86 -23.39 -58.37 -8.70
C THR A 86 -24.23 -57.53 -7.76
N SER A 87 -24.27 -57.87 -6.48
CA SER A 87 -25.08 -57.21 -5.46
C SER A 87 -24.31 -56.94 -4.17
N ALA A 88 -24.76 -55.94 -3.42
CA ALA A 88 -24.31 -55.64 -2.05
C ALA A 88 -25.19 -56.30 -0.95
N ASP A 89 -26.39 -56.79 -1.28
CA ASP A 89 -27.32 -57.37 -0.31
C ASP A 89 -26.94 -58.82 0.04
N LYS A 90 -26.79 -59.11 1.34
CA LYS A 90 -26.41 -60.43 1.89
C LYS A 90 -27.41 -61.55 1.54
N SER A 91 -28.64 -61.20 1.19
CA SER A 91 -29.69 -62.14 0.79
C SER A 91 -29.76 -62.43 -0.72
N ALA A 92 -28.96 -61.77 -1.56
CA ALA A 92 -28.92 -62.02 -2.99
C ALA A 92 -28.07 -63.24 -3.37
N LYS A 93 -28.40 -63.91 -4.47
CA LYS A 93 -27.67 -65.07 -5.01
C LYS A 93 -26.38 -64.71 -5.75
N ASN A 94 -26.18 -63.45 -6.10
CA ASN A 94 -24.97 -62.90 -6.75
C ASN A 94 -24.21 -61.90 -5.87
N LEU A 95 -24.22 -62.11 -4.55
CA LEU A 95 -23.42 -61.35 -3.62
C LEU A 95 -21.94 -61.49 -3.95
N CYS A 96 -21.22 -60.38 -3.87
CA CYS A 96 -19.78 -60.37 -3.81
C CYS A 96 -19.28 -59.34 -2.78
N GLU A 97 -18.41 -59.75 -1.87
CA GLU A 97 -17.76 -58.91 -0.86
C GLU A 97 -16.22 -58.94 -1.05
N TYR A 98 -15.56 -57.80 -0.88
CA TYR A 98 -14.21 -57.59 -1.39
C TYR A 98 -13.11 -58.49 -0.81
N ASN A 99 -13.13 -58.86 0.47
CA ASN A 99 -11.97 -59.54 1.07
C ASN A 99 -12.28 -60.84 1.84
N GLY A 100 -13.45 -60.98 2.45
CA GLY A 100 -13.74 -62.08 3.37
C GLY A 100 -14.13 -63.41 2.70
N GLU A 101 -14.83 -64.27 3.43
CA GLU A 101 -15.43 -65.50 2.88
C GLU A 101 -16.44 -65.20 1.76
N GLY A 102 -17.14 -64.07 1.85
CA GLY A 102 -18.24 -63.67 0.99
C GLY A 102 -17.80 -63.18 -0.39
N SER A 103 -16.52 -63.28 -0.72
CA SER A 103 -16.10 -63.02 -2.09
C SER A 103 -16.76 -64.02 -3.03
N CYS A 104 -17.24 -63.54 -4.16
CA CYS A 104 -17.73 -64.39 -5.23
C CYS A 104 -16.58 -65.24 -5.79
N LYS A 105 -16.94 -66.21 -6.61
CA LYS A 105 -15.99 -67.04 -7.35
C LYS A 105 -16.23 -66.95 -8.87
N GLN A 106 -17.14 -66.07 -9.31
CA GLN A 106 -17.66 -65.99 -10.67
C GLN A 106 -17.52 -64.62 -11.32
N CYS A 107 -17.61 -63.52 -10.58
CA CYS A 107 -17.73 -62.20 -11.20
C CYS A 107 -16.42 -61.74 -11.85
N PRO A 108 -16.47 -60.79 -12.80
CA PRO A 108 -15.31 -60.33 -13.53
C PRO A 108 -14.16 -59.84 -12.67
N ASP A 109 -14.44 -59.14 -11.58
CA ASP A 109 -13.42 -58.73 -10.64
C ASP A 109 -12.64 -59.90 -10.05
N CYS A 110 -13.35 -60.93 -9.59
CA CYS A 110 -12.75 -62.11 -8.98
C CYS A 110 -11.86 -62.86 -9.96
N ILE A 111 -12.17 -62.90 -11.25
CA ILE A 111 -11.35 -63.63 -12.23
C ILE A 111 -10.20 -62.81 -12.77
N LEU A 112 -10.37 -61.51 -13.00
CA LEU A 112 -9.32 -60.65 -13.56
C LEU A 112 -8.36 -60.13 -12.50
N TYR A 113 -8.83 -59.73 -11.33
CA TYR A 113 -7.99 -59.26 -10.23
C TYR A 113 -7.73 -60.30 -9.12
N GLY A 114 -8.47 -61.40 -9.11
CA GLY A 114 -8.18 -62.55 -8.25
C GLY A 114 -8.86 -62.54 -6.89
N PHE A 115 -8.91 -63.69 -6.25
CA PHE A 115 -9.47 -63.91 -4.92
C PHE A 115 -8.72 -65.00 -4.18
N ALA A 116 -8.72 -64.98 -2.86
CA ALA A 116 -8.22 -66.08 -2.05
C ALA A 116 -9.13 -66.26 -0.85
N ILE A 117 -9.94 -67.31 -0.86
CA ILE A 117 -10.78 -67.68 0.27
C ILE A 117 -10.03 -68.62 1.19
N GLY A 118 -9.27 -69.56 0.62
CA GLY A 118 -8.69 -70.69 1.32
C GLY A 118 -8.93 -71.94 0.50
N ASP A 119 -9.34 -73.06 1.11
CA ASP A 119 -9.60 -74.29 0.39
C ASP A 119 -10.79 -74.16 -0.51
N SER A 120 -11.75 -73.35 -0.14
CA SER A 120 -12.94 -73.07 -0.97
C SER A 120 -12.69 -72.32 -2.26
N GLY A 121 -11.44 -72.00 -2.56
CA GLY A 121 -11.00 -71.50 -3.84
C GLY A 121 -10.01 -70.36 -3.73
N SER A 122 -9.16 -70.26 -4.73
CA SER A 122 -8.37 -69.09 -5.03
C SER A 122 -8.11 -68.96 -6.53
N GLU A 123 -7.81 -67.75 -6.98
CA GLU A 123 -7.54 -67.37 -8.36
C GLU A 123 -6.48 -66.28 -8.42
N ARG A 124 -5.44 -66.45 -9.25
CA ARG A 124 -4.37 -65.49 -9.50
C ARG A 124 -4.84 -64.28 -10.30
N SER A 125 -4.37 -63.11 -9.91
CA SER A 125 -4.58 -61.87 -10.64
C SER A 125 -3.99 -61.95 -12.04
N LYS A 126 -4.82 -61.69 -13.04
CA LYS A 126 -4.45 -61.56 -14.45
C LYS A 126 -3.94 -60.16 -14.79
N VAL A 127 -4.42 -59.14 -14.08
CA VAL A 127 -3.85 -57.80 -14.10
C VAL A 127 -2.57 -57.75 -13.29
N TYR A 128 -1.43 -57.84 -13.97
CA TYR A 128 -0.10 -57.54 -13.47
C TYR A 128 0.16 -56.03 -13.48
N SER A 129 0.98 -55.55 -12.56
CA SER A 129 1.26 -54.14 -12.35
C SER A 129 2.59 -53.95 -11.59
N ASP A 130 3.14 -52.75 -11.57
CA ASP A 130 4.35 -52.41 -10.82
C ASP A 130 4.14 -51.14 -10.01
N SER A 131 4.99 -50.92 -9.00
CA SER A 131 5.03 -49.68 -8.23
C SER A 131 5.53 -48.56 -9.14
N ALA A 132 4.81 -47.44 -9.23
CA ALA A 132 5.14 -46.32 -10.10
C ALA A 132 5.97 -45.27 -9.38
N PHE A 133 6.82 -44.55 -10.11
CA PHE A 133 7.76 -43.60 -9.55
C PHE A 133 7.60 -42.21 -10.16
N SER A 134 7.80 -41.14 -9.39
CA SER A 134 7.80 -39.80 -9.94
C SER A 134 8.95 -39.58 -10.91
N LEU A 135 8.68 -38.93 -12.02
CA LEU A 135 9.69 -38.66 -13.03
C LEU A 135 10.80 -37.74 -12.49
N GLY A 136 10.44 -36.76 -11.68
CA GLY A 136 11.37 -35.87 -10.97
C GLY A 136 11.63 -36.26 -9.52
N ALA A 137 12.45 -35.47 -8.85
CA ALA A 137 12.82 -35.65 -7.45
C ALA A 137 11.71 -35.23 -6.48
N TYR A 138 11.69 -35.82 -5.29
CA TYR A 138 10.81 -35.51 -4.18
C TYR A 138 10.88 -34.03 -3.82
N GLU A 139 12.07 -33.43 -3.76
CA GLU A 139 12.26 -32.02 -3.43
C GLU A 139 11.54 -31.08 -4.42
N GLN A 140 11.31 -31.54 -5.64
CA GLN A 140 10.65 -30.82 -6.73
C GLN A 140 9.15 -31.16 -6.83
N SER A 141 8.69 -32.22 -6.16
CA SER A 141 7.44 -32.92 -6.43
C SER A 141 6.44 -32.95 -5.27
N HIS A 142 6.72 -32.27 -4.16
CA HIS A 142 5.87 -32.21 -2.97
C HIS A 142 5.79 -30.81 -2.38
N ARG A 143 4.81 -30.56 -1.52
CA ARG A 143 4.74 -29.41 -0.60
C ARG A 143 3.99 -29.81 0.66
N SER A 144 4.32 -29.22 1.80
CA SER A 144 3.70 -29.54 3.09
C SER A 144 2.68 -28.48 3.48
N PHE A 145 1.46 -28.90 3.78
CA PHE A 145 0.32 -28.03 4.07
C PHE A 145 -0.16 -28.25 5.50
N THR A 146 -0.23 -27.19 6.29
CA THR A 146 -0.84 -27.20 7.63
C THR A 146 -2.33 -27.51 7.54
N PHE A 147 -2.88 -28.17 8.54
CA PHE A 147 -4.32 -28.27 8.78
C PHE A 147 -4.63 -28.00 10.25
N ASN A 148 -5.80 -27.44 10.54
CA ASN A 148 -6.34 -27.29 11.88
C ASN A 148 -7.82 -27.72 11.93
N ALA A 149 -8.34 -27.93 13.12
CA ALA A 149 -9.74 -28.29 13.35
C ALA A 149 -10.30 -27.59 14.59
N PRO A 150 -10.80 -26.35 14.47
CA PRO A 150 -11.34 -25.58 15.58
C PRO A 150 -12.72 -26.08 16.04
N PHE A 151 -13.19 -25.48 17.11
CA PHE A 151 -14.58 -25.53 17.54
C PHE A 151 -15.50 -24.97 16.45
N GLU A 152 -16.75 -25.42 16.33
CA GLU A 152 -17.68 -24.88 15.32
C GLU A 152 -17.90 -23.37 15.48
N GLY A 153 -17.81 -22.85 16.71
CA GLY A 153 -17.81 -21.42 17.01
C GLY A 153 -16.60 -20.64 16.50
N GLY A 154 -15.78 -21.24 15.63
CA GLY A 154 -14.75 -20.58 14.85
C GLY A 154 -13.41 -20.44 15.53
N THR A 155 -13.21 -21.05 16.69
CA THR A 155 -12.07 -20.78 17.56
C THR A 155 -11.30 -22.04 17.95
N MET A 156 -9.98 -21.95 17.93
CA MET A 156 -9.10 -22.98 18.47
C MET A 156 -9.22 -23.17 19.99
N SER A 157 -9.86 -22.23 20.69
CA SER A 157 -10.19 -22.30 22.11
C SER A 157 -11.66 -22.68 22.30
N GLU A 158 -11.98 -23.55 23.24
CA GLU A 158 -13.36 -23.74 23.75
C GLU A 158 -13.32 -23.74 25.28
N ALA A 159 -14.30 -23.11 25.94
CA ALA A 159 -14.34 -23.00 27.41
C ALA A 159 -13.02 -22.46 28.02
N GLY A 160 -12.31 -21.62 27.26
CA GLY A 160 -11.02 -21.06 27.61
C GLY A 160 -9.81 -22.00 27.48
N VAL A 161 -9.92 -23.18 26.87
CA VAL A 161 -8.79 -24.12 26.65
C VAL A 161 -8.61 -24.45 25.17
N MET A 162 -7.35 -24.55 24.74
CA MET A 162 -6.95 -24.80 23.35
C MET A 162 -7.11 -26.26 22.93
N ARG A 163 -7.60 -26.51 21.72
CA ARG A 163 -7.51 -27.82 21.06
C ARG A 163 -6.08 -28.10 20.59
N SER A 164 -5.64 -29.35 20.71
CA SER A 164 -4.36 -29.85 20.17
C SER A 164 -4.42 -30.19 18.67
N ALA A 165 -5.58 -30.01 18.03
CA ALA A 165 -5.88 -30.40 16.66
C ALA A 165 -5.30 -29.44 15.60
N ILE A 166 -3.98 -29.40 15.50
CA ILE A 166 -3.20 -28.82 14.39
C ILE A 166 -2.11 -29.82 14.00
N ASN A 167 -1.80 -29.96 12.71
CA ASN A 167 -0.57 -30.61 12.24
C ASN A 167 -0.26 -30.24 10.79
N GLU A 168 0.96 -30.52 10.34
CA GLU A 168 1.32 -30.55 8.92
C GLU A 168 0.89 -31.86 8.26
N LEU A 169 0.65 -31.86 6.95
CA LEU A 169 0.60 -33.06 6.13
C LEU A 169 1.23 -32.82 4.76
N ASP A 170 1.77 -33.89 4.22
CA ASP A 170 2.64 -33.90 3.05
C ASP A 170 1.81 -34.30 1.81
N HIS A 171 1.92 -33.52 0.73
CA HIS A 171 1.13 -33.68 -0.49
C HIS A 171 2.00 -33.61 -1.74
N ILE A 172 1.67 -34.42 -2.73
CA ILE A 172 2.31 -34.42 -4.05
C ILE A 172 1.74 -33.25 -4.86
N LEU A 173 2.49 -32.66 -5.78
CA LEU A 173 2.06 -31.46 -6.50
C LEU A 173 1.21 -31.72 -7.77
N PRO A 174 0.27 -30.83 -8.13
CA PRO A 174 -0.58 -30.80 -9.34
C PRO A 174 0.05 -30.81 -10.76
N GLU A 175 1.23 -31.38 -10.96
CA GLU A 175 1.75 -31.69 -12.29
C GLU A 175 2.70 -32.90 -12.30
N VAL A 176 2.83 -33.62 -11.20
CA VAL A 176 3.79 -34.72 -11.03
C VAL A 176 3.32 -35.93 -11.82
N THR A 177 4.19 -36.46 -12.67
CA THR A 177 3.87 -37.62 -13.51
C THR A 177 4.50 -38.89 -12.99
N PHE A 178 3.69 -39.95 -12.99
CA PHE A 178 4.05 -41.31 -12.64
C PHE A 178 3.90 -42.23 -13.86
N PRO A 179 4.97 -42.41 -14.66
CA PRO A 179 4.97 -43.37 -15.75
C PRO A 179 4.66 -44.77 -15.24
N THR A 180 3.78 -45.48 -15.94
CA THR A 180 3.22 -46.75 -15.51
C THR A 180 3.08 -47.72 -16.69
N VAL A 181 3.41 -48.99 -16.52
CA VAL A 181 2.93 -50.08 -17.34
C VAL A 181 2.06 -51.02 -16.51
N GLU A 182 0.81 -51.20 -16.93
CA GLU A 182 -0.15 -52.17 -16.41
C GLU A 182 -0.25 -53.26 -17.48
N SER A 183 -0.33 -54.53 -17.10
CA SER A 183 -0.23 -55.64 -18.02
C SER A 183 -1.30 -56.67 -17.73
N LEU A 184 -1.97 -57.16 -18.75
CA LEU A 184 -3.10 -58.06 -18.62
C LEU A 184 -2.80 -59.35 -19.37
N ARG A 185 -2.69 -60.45 -18.62
CA ARG A 185 -2.44 -61.78 -19.18
C ARG A 185 -3.70 -62.45 -19.64
N ASP A 186 -3.60 -63.12 -20.78
CA ASP A 186 -4.49 -64.16 -21.27
C ASP A 186 -5.99 -63.81 -21.21
N ALA A 187 -6.30 -62.54 -21.48
CA ALA A 187 -7.64 -62.01 -21.38
C ALA A 187 -8.48 -62.23 -22.64
N THR A 188 -9.79 -62.37 -22.45
CA THR A 188 -10.77 -62.24 -23.51
C THR A 188 -10.90 -60.78 -23.93
N TYR A 189 -11.49 -60.51 -25.10
CA TYR A 189 -11.71 -59.14 -25.56
C TYR A 189 -12.49 -58.29 -24.55
N GLU A 190 -13.52 -58.86 -23.95
CA GLU A 190 -14.33 -58.14 -22.98
C GLU A 190 -13.53 -57.95 -21.71
N GLY A 191 -12.64 -58.86 -21.34
CA GLY A 191 -11.73 -58.70 -20.21
C GLY A 191 -10.78 -57.51 -20.38
N PHE A 192 -10.31 -57.27 -21.61
CA PHE A 192 -9.54 -56.10 -21.96
C PHE A 192 -10.36 -54.80 -21.88
N ILE A 193 -11.62 -54.80 -22.30
CA ILE A 193 -12.49 -53.63 -22.17
C ILE A 193 -12.86 -53.32 -20.71
N TYR A 194 -13.05 -54.32 -19.85
CA TYR A 194 -13.28 -54.12 -18.42
C TYR A 194 -12.09 -53.46 -17.73
N VAL A 195 -10.90 -54.01 -17.94
CA VAL A 195 -9.66 -53.51 -17.32
C VAL A 195 -9.27 -52.15 -17.89
N LEU A 196 -9.31 -51.95 -19.20
CA LEU A 196 -9.06 -50.66 -19.83
C LEU A 196 -10.10 -49.63 -19.39
N GLY A 197 -11.33 -50.06 -19.19
CA GLY A 197 -12.37 -49.32 -18.50
C GLY A 197 -11.88 -48.81 -17.16
N ASN A 198 -11.39 -49.67 -16.26
CA ASN A 198 -10.91 -49.23 -14.94
C ASN A 198 -9.82 -48.17 -15.06
N LEU A 199 -8.86 -48.34 -15.96
CA LEU A 199 -7.78 -47.39 -16.19
C LEU A 199 -8.29 -46.00 -16.58
N LEU A 200 -9.35 -45.90 -17.39
CA LEU A 200 -9.90 -44.63 -17.87
C LEU A 200 -11.03 -44.09 -16.99
N ARG A 201 -11.80 -44.95 -16.34
CA ARG A 201 -13.00 -44.63 -15.58
C ARG A 201 -12.69 -44.25 -14.13
N THR A 202 -11.70 -44.87 -13.46
CA THR A 202 -11.30 -44.44 -12.10
C THR A 202 -10.41 -43.21 -12.14
N LYS A 203 -10.55 -42.29 -11.18
CA LYS A 203 -9.90 -40.98 -11.21
C LYS A 203 -9.33 -40.49 -9.88
N ARG A 204 -9.49 -41.19 -8.77
CA ARG A 204 -8.93 -40.78 -7.47
C ARG A 204 -8.08 -41.85 -6.85
N TYR A 205 -6.98 -41.47 -6.21
CA TYR A 205 -6.01 -42.38 -5.64
C TYR A 205 -5.46 -41.88 -4.29
N GLY A 206 -4.91 -42.77 -3.48
CA GLY A 206 -4.24 -42.42 -2.22
C GLY A 206 -5.19 -42.09 -1.08
N ALA A 207 -4.67 -41.44 -0.03
CA ALA A 207 -5.47 -41.06 1.13
C ALA A 207 -6.35 -39.83 0.86
N GLN A 208 -7.38 -39.66 1.68
CA GLN A 208 -8.27 -38.50 1.72
C GLN A 208 -8.94 -38.23 0.38
N GLU A 209 -9.38 -39.29 -0.30
CA GLU A 209 -9.93 -39.21 -1.64
C GLU A 209 -11.26 -38.45 -1.67
N SER A 210 -11.94 -38.32 -0.54
CA SER A 210 -13.10 -37.47 -0.33
C SER A 210 -12.83 -35.98 -0.54
N ARG A 211 -11.57 -35.57 -0.54
CA ARG A 211 -11.13 -34.17 -0.47
C ARG A 211 -9.99 -33.85 -1.42
N THR A 212 -9.31 -34.85 -1.98
CA THR A 212 -8.07 -34.70 -2.73
C THR A 212 -7.84 -35.86 -3.67
N GLY A 213 -6.77 -35.79 -4.43
CA GLY A 213 -6.18 -36.98 -5.03
C GLY A 213 -6.68 -37.34 -6.41
N THR A 214 -7.20 -36.38 -7.18
CA THR A 214 -7.53 -36.62 -8.57
C THR A 214 -6.26 -36.74 -9.41
N MET A 215 -6.25 -37.72 -10.29
CA MET A 215 -5.19 -37.98 -11.26
C MET A 215 -5.78 -38.24 -12.63
N LYS A 216 -5.09 -37.82 -13.69
CA LYS A 216 -5.48 -38.05 -15.07
C LYS A 216 -4.62 -39.17 -15.63
N ASN A 217 -5.22 -40.31 -15.91
CA ASN A 217 -4.55 -41.43 -16.56
C ASN A 217 -4.50 -41.21 -18.08
N HIS A 218 -3.41 -40.66 -18.58
CA HIS A 218 -3.15 -40.52 -20.01
C HIS A 218 -2.55 -41.82 -20.53
N LEU A 219 -3.30 -42.57 -21.32
CA LEU A 219 -2.78 -43.74 -22.01
C LEU A 219 -1.89 -43.28 -23.18
N VAL A 220 -0.72 -43.90 -23.33
CA VAL A 220 0.36 -43.50 -24.26
C VAL A 220 0.59 -44.57 -25.32
N GLY A 221 0.30 -45.83 -25.02
CA GLY A 221 0.30 -46.91 -26.00
C GLY A 221 -0.26 -48.21 -25.45
N ILE A 222 -0.65 -49.15 -26.32
CA ILE A 222 -1.12 -50.47 -25.92
C ILE A 222 -0.17 -51.35 -26.73
N VAL A 223 0.39 -52.42 -26.17
CA VAL A 223 1.38 -53.27 -26.85
C VAL A 223 1.08 -54.74 -26.61
N PHE A 224 0.83 -55.52 -27.64
CA PHE A 224 0.49 -56.92 -27.49
C PHE A 224 1.83 -57.68 -27.55
N ALA A 225 2.15 -58.61 -26.62
CA ALA A 225 3.45 -59.26 -26.57
C ALA A 225 3.41 -60.69 -25.99
N ASP A 226 4.44 -61.47 -26.30
CA ASP A 226 4.67 -62.79 -25.72
C ASP A 226 5.15 -62.76 -24.26
N GLY A 227 5.49 -61.59 -23.72
CA GLY A 227 6.06 -61.51 -22.39
C GLY A 227 6.09 -60.10 -21.79
N GLU A 228 6.61 -60.02 -20.58
CA GLU A 228 6.83 -58.79 -19.82
C GLU A 228 7.83 -57.86 -20.52
N ILE A 229 7.49 -56.58 -20.69
CA ILE A 229 8.27 -55.64 -21.50
C ILE A 229 9.36 -54.88 -20.75
N PHE A 230 9.02 -54.04 -19.77
CA PHE A 230 9.96 -53.27 -18.95
C PHE A 230 9.29 -52.83 -17.65
N SER A 231 10.03 -52.33 -16.66
CA SER A 231 9.47 -51.79 -15.43
C SER A 231 9.12 -50.31 -15.52
N ASN A 232 8.27 -49.85 -14.59
CA ASN A 232 7.98 -48.43 -14.39
C ASN A 232 9.24 -47.63 -14.12
N LEU A 233 10.13 -48.16 -13.29
CA LEU A 233 11.40 -47.54 -12.95
C LEU A 233 12.24 -47.36 -14.21
N HIS A 234 12.31 -48.36 -15.07
CA HIS A 234 13.12 -48.36 -16.28
C HIS A 234 12.57 -47.40 -17.33
N LEU A 235 11.25 -47.32 -17.48
CA LEU A 235 10.59 -46.31 -18.29
C LEU A 235 10.84 -44.90 -17.75
N THR A 236 10.81 -44.72 -16.44
CA THR A 236 10.99 -43.41 -15.79
C THR A 236 12.43 -42.92 -15.92
N GLN A 237 13.39 -43.79 -15.72
CA GLN A 237 14.81 -43.52 -15.92
C GLN A 237 15.16 -43.28 -17.39
N ALA A 238 14.49 -43.95 -18.32
CA ALA A 238 14.64 -43.66 -19.75
C ALA A 238 14.03 -42.31 -20.12
N LEU A 239 12.86 -41.98 -19.58
CA LEU A 239 12.13 -40.76 -19.86
C LEU A 239 12.82 -39.52 -19.28
N TYR A 240 13.41 -39.62 -18.09
CA TYR A 240 14.23 -38.57 -17.51
C TYR A 240 15.45 -38.27 -18.37
N ASP A 241 16.13 -39.30 -18.86
CA ASP A 241 17.29 -39.20 -19.72
C ASP A 241 16.95 -38.67 -21.13
N GLN A 242 15.80 -38.99 -21.69
CA GLN A 242 15.35 -38.42 -22.97
C GLN A 242 15.10 -36.91 -22.87
N MET A 243 14.70 -36.45 -21.70
CA MET A 243 14.55 -35.04 -21.38
C MET A 243 15.83 -34.39 -20.81
N GLY A 244 16.84 -35.16 -20.43
CA GLY A 244 18.05 -34.63 -19.77
C GLY A 244 17.78 -33.86 -18.48
N GLY A 245 16.68 -34.15 -17.78
CA GLY A 245 16.28 -33.47 -16.55
C GLY A 245 15.52 -32.15 -16.69
N GLU A 246 15.23 -31.65 -17.89
CA GLU A 246 14.34 -30.47 -18.06
C GLU A 246 12.86 -30.87 -17.88
N LEU A 247 12.51 -31.30 -16.67
CA LEU A 247 11.22 -31.87 -16.24
C LEU A 247 10.04 -30.90 -16.35
N ASN A 248 10.29 -29.60 -16.46
CA ASN A 248 9.30 -28.53 -16.56
C ASN A 248 8.73 -28.39 -17.99
N LYS A 249 7.97 -29.40 -18.47
CA LYS A 249 7.40 -29.50 -19.82
C LYS A 249 5.87 -29.71 -19.78
N PRO A 250 5.11 -29.24 -20.79
CA PRO A 250 3.67 -29.42 -20.83
C PRO A 250 3.27 -30.88 -21.02
N ILE A 251 2.05 -31.20 -20.61
CA ILE A 251 1.49 -32.56 -20.57
C ILE A 251 1.58 -33.28 -21.92
N SER A 252 1.30 -32.57 -23.02
CA SER A 252 1.28 -33.14 -24.36
C SER A 252 2.67 -33.41 -24.95
N GLU A 253 3.66 -32.59 -24.59
CA GLU A 253 5.08 -32.84 -24.92
C GLU A 253 5.62 -34.02 -24.10
N LEU A 254 5.13 -34.16 -22.86
CA LEU A 254 5.52 -35.23 -21.95
C LEU A 254 4.89 -36.58 -22.35
N CYS A 255 3.67 -36.58 -22.88
CA CYS A 255 3.03 -37.76 -23.45
C CYS A 255 3.64 -38.15 -24.80
N GLU A 256 3.91 -37.21 -25.72
CA GLU A 256 4.52 -37.56 -27.00
C GLU A 256 5.97 -38.01 -26.87
N THR A 257 6.72 -37.47 -25.90
CA THR A 257 8.08 -37.94 -25.64
C THR A 257 8.09 -39.30 -24.94
N ALA A 258 7.07 -39.62 -24.15
CA ALA A 258 6.86 -40.97 -23.64
C ALA A 258 6.46 -41.98 -24.73
N ALA A 259 5.72 -41.58 -25.75
CA ALA A 259 5.38 -42.46 -26.85
C ALA A 259 6.61 -42.88 -27.68
N THR A 260 7.56 -41.98 -27.92
CA THR A 260 8.81 -42.33 -28.61
C THR A 260 9.82 -43.06 -27.72
N VAL A 261 9.92 -42.72 -26.43
CA VAL A 261 10.75 -43.48 -25.48
C VAL A 261 10.23 -44.90 -25.30
N ALA A 262 8.92 -45.12 -25.27
CA ALA A 262 8.36 -46.47 -25.19
C ALA A 262 8.78 -47.31 -26.39
N GLN A 263 8.71 -46.77 -27.61
CA GLN A 263 9.14 -47.45 -28.82
C GLN A 263 10.67 -47.64 -28.90
N ASP A 264 11.48 -46.72 -28.38
CA ASP A 264 12.93 -46.90 -28.24
C ASP A 264 13.25 -48.07 -27.29
N LEU A 265 12.48 -48.28 -26.23
CA LEU A 265 12.67 -49.37 -25.28
C LEU A 265 12.17 -50.70 -25.84
N LEU A 266 10.97 -50.73 -26.43
CA LEU A 266 10.35 -51.93 -26.98
C LEU A 266 11.21 -52.61 -28.06
N ASN A 267 11.95 -51.84 -28.85
CA ASN A 267 12.89 -52.36 -29.84
C ASN A 267 14.07 -53.14 -29.24
N LYS A 268 14.42 -52.94 -27.96
CA LYS A 268 15.55 -53.59 -27.27
C LYS A 268 15.13 -54.80 -26.46
N GLU A 269 13.91 -54.82 -25.96
CA GLU A 269 13.41 -55.90 -25.11
C GLU A 269 13.04 -57.14 -25.95
N PRO A 270 13.50 -58.35 -25.56
CA PRO A 270 13.62 -59.52 -26.44
C PRO A 270 12.32 -60.29 -26.73
N VAL A 271 11.19 -59.85 -26.20
CA VAL A 271 9.89 -60.51 -26.41
C VAL A 271 9.31 -60.11 -27.77
N ARG A 272 8.70 -61.06 -28.49
CA ARG A 272 7.99 -60.73 -29.74
C ARG A 272 6.70 -59.98 -29.47
N LYS A 273 6.33 -59.09 -30.39
CA LYS A 273 5.21 -58.20 -30.21
C LYS A 273 4.33 -58.16 -31.41
N SER A 274 3.08 -58.53 -31.23
CA SER A 274 2.14 -58.61 -32.30
C SER A 274 1.61 -57.29 -32.75
N GLU A 275 1.39 -56.37 -31.82
CA GLU A 275 0.77 -55.11 -32.18
C GLU A 275 1.33 -54.03 -31.33
N LEU A 276 1.42 -52.82 -31.87
CA LEU A 276 1.96 -51.69 -31.16
C LEU A 276 0.98 -50.59 -31.48
N ILE A 277 -0.04 -50.41 -30.64
CA ILE A 277 -1.05 -49.39 -30.85
C ILE A 277 -0.51 -48.10 -30.21
N PHE A 278 -0.14 -47.09 -30.99
CA PHE A 278 0.36 -45.79 -30.55
C PHE A 278 -0.23 -44.70 -31.46
N GLY A 279 -0.20 -43.45 -31.03
CA GLY A 279 -0.58 -42.31 -31.87
C GLY A 279 -2.05 -42.31 -32.31
N ALA A 280 -2.32 -42.00 -33.57
CA ALA A 280 -3.67 -41.90 -34.11
C ALA A 280 -4.47 -43.21 -34.06
N HIS A 281 -3.81 -44.37 -34.04
CA HIS A 281 -4.48 -45.64 -33.80
C HIS A 281 -4.86 -45.82 -32.33
N LEU A 282 -4.10 -45.28 -31.39
CA LEU A 282 -4.49 -45.27 -29.99
C LEU A 282 -5.63 -44.27 -29.74
N ASP A 283 -5.59 -43.09 -30.33
CA ASP A 283 -6.65 -42.08 -30.18
C ASP A 283 -7.99 -42.52 -30.80
N THR A 284 -7.98 -43.34 -31.84
CA THR A 284 -9.19 -43.98 -32.36
C THR A 284 -9.62 -45.17 -31.50
N LEU A 285 -8.69 -45.98 -30.99
CA LEU A 285 -9.00 -47.04 -30.03
C LEU A 285 -9.63 -46.50 -28.74
N LEU A 286 -9.08 -45.43 -28.16
CA LEU A 286 -9.61 -44.75 -26.98
C LEU A 286 -11.01 -44.21 -27.24
N GLN A 287 -11.26 -43.61 -28.41
CA GLN A 287 -12.60 -43.17 -28.76
C GLN A 287 -13.60 -44.34 -28.85
N GLU A 288 -13.19 -45.46 -29.43
CA GLU A 288 -14.02 -46.64 -29.58
C GLU A 288 -14.31 -47.35 -28.26
N VAL A 289 -13.46 -47.28 -27.23
CA VAL A 289 -13.79 -47.74 -25.88
C VAL A 289 -14.58 -46.71 -25.07
N ASN A 290 -14.33 -45.41 -25.23
CA ASN A 290 -15.20 -44.36 -24.66
C ASN A 290 -16.64 -44.51 -25.15
N ASP A 291 -16.84 -44.90 -26.40
CA ASP A 291 -18.16 -45.12 -26.99
C ASP A 291 -18.91 -46.33 -26.39
N ILE A 292 -18.21 -47.32 -25.86
CA ILE A 292 -18.83 -48.43 -25.11
C ILE A 292 -19.27 -47.89 -23.74
N TYR A 293 -18.38 -47.25 -23.01
CA TYR A 293 -18.64 -46.80 -21.64
C TYR A 293 -19.65 -45.65 -21.51
N GLN A 294 -20.08 -45.06 -22.62
CA GLN A 294 -21.15 -44.06 -22.67
C GLN A 294 -22.50 -44.60 -23.14
N ASN A 295 -22.58 -45.85 -23.58
CA ASN A 295 -23.78 -46.45 -24.15
C ASN A 295 -24.31 -47.59 -23.25
N ASP A 296 -25.54 -47.45 -22.78
CA ASP A 296 -26.15 -48.38 -21.85
C ASP A 296 -26.33 -49.79 -22.43
N ALA A 297 -26.71 -49.87 -23.70
CA ALA A 297 -27.00 -51.14 -24.37
C ALA A 297 -25.70 -51.91 -24.65
N GLU A 298 -24.73 -51.23 -25.24
CA GLU A 298 -23.45 -51.80 -25.61
C GLU A 298 -22.66 -52.32 -24.40
N LEU A 299 -22.58 -51.52 -23.33
CA LEU A 299 -21.86 -51.89 -22.11
C LEU A 299 -22.53 -53.02 -21.36
N THR A 300 -23.86 -53.04 -21.26
CA THR A 300 -24.53 -54.11 -20.58
C THR A 300 -24.37 -55.36 -21.37
N LYS A 301 -24.22 -55.26 -22.67
CA LYS A 301 -23.97 -56.43 -23.48
C LYS A 301 -22.57 -56.99 -23.24
N LEU A 302 -21.53 -56.18 -23.35
CA LEU A 302 -20.17 -56.66 -23.22
C LEU A 302 -19.87 -57.16 -21.86
N LEU A 303 -20.25 -56.40 -20.85
CA LEU A 303 -20.03 -56.81 -19.48
C LEU A 303 -20.92 -57.96 -19.14
N GLY A 304 -22.02 -58.15 -19.84
CA GLY A 304 -22.85 -59.33 -19.65
C GLY A 304 -22.13 -60.54 -20.16
N SER A 305 -21.42 -60.41 -21.25
CA SER A 305 -20.65 -61.49 -21.81
C SER A 305 -19.47 -61.80 -20.98
N LEU A 306 -18.86 -60.79 -20.40
CA LEU A 306 -17.74 -61.02 -19.55
C LEU A 306 -18.22 -61.81 -18.40
N TYR A 307 -19.40 -61.48 -17.89
CA TYR A 307 -19.93 -62.18 -16.76
C TYR A 307 -20.10 -63.59 -17.14
N GLN A 308 -20.64 -63.85 -18.30
CA GLN A 308 -20.90 -65.20 -18.68
C GLN A 308 -19.61 -65.95 -18.81
N GLN A 309 -18.58 -65.36 -19.38
CA GLN A 309 -17.31 -66.04 -19.60
C GLN A 309 -16.67 -66.38 -18.32
N THR A 310 -16.79 -65.51 -17.33
CA THR A 310 -16.19 -65.73 -16.04
C THR A 310 -17.01 -66.61 -15.19
N GLN A 311 -18.28 -66.70 -15.45
CA GLN A 311 -19.14 -67.61 -14.75
C GLN A 311 -18.96 -68.95 -15.34
N ASP A 312 -18.58 -69.02 -16.60
CA ASP A 312 -18.29 -70.28 -17.26
C ASP A 312 -16.94 -70.79 -16.91
N TYR A 313 -15.98 -69.92 -16.74
CA TYR A 313 -14.66 -70.34 -16.30
C TYR A 313 -14.80 -70.85 -14.93
N ALA A 314 -15.54 -70.22 -14.06
CA ALA A 314 -15.71 -70.62 -12.67
C ALA A 314 -16.26 -72.04 -12.56
N THR A 315 -17.28 -72.36 -13.33
CA THR A 315 -17.95 -73.67 -13.35
C THR A 315 -17.20 -74.75 -14.13
N GLU A 316 -16.37 -74.40 -15.12
CA GLU A 316 -15.60 -75.36 -15.92
C GLU A 316 -14.20 -75.67 -15.40
N PHE A 317 -13.43 -74.66 -14.99
CA PHE A 317 -12.03 -74.80 -14.56
C PHE A 317 -11.75 -74.20 -13.17
N GLY A 318 -12.56 -73.25 -12.73
CA GLY A 318 -12.32 -72.46 -11.53
C GLY A 318 -12.73 -73.15 -10.24
N ALA A 319 -13.24 -72.38 -9.30
CA ALA A 319 -13.63 -72.86 -7.98
C ALA A 319 -15.04 -73.43 -7.89
N LEU A 320 -15.70 -73.67 -9.03
CA LEU A 320 -17.06 -74.18 -9.20
C LEU A 320 -18.09 -73.29 -8.46
N MET B 1 -39.10 -29.94 -12.91
CA MET B 1 -37.75 -30.56 -12.87
C MET B 1 -37.63 -31.52 -11.70
N LEU B 2 -37.90 -31.11 -10.47
CA LEU B 2 -37.75 -31.97 -9.30
C LEU B 2 -38.59 -33.25 -9.36
N ASP B 3 -39.74 -33.18 -10.00
CA ASP B 3 -40.67 -34.29 -10.20
C ASP B 3 -40.11 -35.41 -11.10
N SER B 4 -39.16 -35.06 -11.97
CA SER B 4 -38.49 -36.05 -12.80
C SER B 4 -37.16 -36.44 -12.19
N LEU B 5 -36.37 -35.49 -11.73
CA LEU B 5 -35.11 -35.80 -11.07
C LEU B 5 -35.28 -36.85 -9.96
N LYS B 6 -36.40 -36.85 -9.22
CA LYS B 6 -36.67 -37.80 -8.12
C LYS B 6 -36.37 -39.25 -8.48
N SER B 7 -36.65 -39.67 -9.71
CA SER B 7 -36.40 -41.04 -10.19
C SER B 7 -34.93 -41.45 -10.22
N GLN B 8 -33.99 -40.53 -10.44
CA GLN B 8 -32.58 -40.88 -10.56
C GLN B 8 -31.97 -41.31 -9.24
N PHE B 9 -32.43 -40.80 -8.10
CA PHE B 9 -31.84 -41.04 -6.79
C PHE B 9 -32.23 -42.40 -6.23
N GLN B 10 -31.46 -42.88 -5.26
CA GLN B 10 -31.77 -44.13 -4.56
C GLN B 10 -32.84 -43.90 -3.49
N PRO B 11 -33.70 -44.88 -3.18
CA PRO B 11 -34.78 -44.68 -2.21
C PRO B 11 -34.30 -44.61 -0.76
N SER B 12 -33.12 -45.13 -0.43
CA SER B 12 -32.44 -45.00 0.86
C SER B 12 -30.93 -45.21 0.70
N PHE B 13 -30.12 -44.74 1.64
CA PHE B 13 -28.67 -44.83 1.56
C PHE B 13 -28.16 -46.29 1.59
N PRO B 14 -27.33 -46.73 0.64
CA PRO B 14 -26.71 -48.05 0.63
C PRO B 14 -25.43 -48.09 1.47
N ARG B 15 -24.90 -49.27 1.80
CA ARG B 15 -23.61 -49.39 2.49
C ARG B 15 -22.41 -49.35 1.54
N LEU B 16 -22.58 -49.78 0.29
CA LEU B 16 -21.57 -49.81 -0.76
C LEU B 16 -21.95 -48.85 -1.88
N ALA B 17 -20.96 -48.33 -2.59
CA ALA B 17 -21.18 -47.50 -3.77
C ALA B 17 -21.94 -48.26 -4.87
N SER B 18 -23.04 -47.71 -5.38
CA SER B 18 -23.86 -48.32 -6.41
C SER B 18 -23.82 -47.50 -7.71
N GLY B 19 -22.67 -46.94 -8.06
CA GLY B 19 -22.52 -45.97 -9.14
C GLY B 19 -23.09 -44.63 -8.71
N HIS B 20 -24.09 -44.12 -9.44
CA HIS B 20 -24.96 -43.00 -9.05
C HIS B 20 -24.23 -41.81 -8.41
N TYR B 21 -23.33 -41.21 -9.18
CA TYR B 21 -22.74 -39.92 -8.89
C TYR B 21 -23.68 -38.83 -9.40
N VAL B 22 -23.80 -37.72 -8.66
CA VAL B 22 -24.30 -36.46 -9.18
C VAL B 22 -23.20 -35.43 -9.06
N HIS B 23 -22.83 -34.79 -10.16
CA HIS B 23 -21.74 -33.84 -10.26
C HIS B 23 -22.26 -32.42 -10.41
N PHE B 24 -21.96 -31.56 -9.45
CA PHE B 24 -22.29 -30.15 -9.42
C PHE B 24 -21.13 -29.33 -10.02
N LEU B 25 -21.27 -28.90 -11.26
CA LEU B 25 -20.30 -28.03 -11.92
C LEU B 25 -20.53 -26.59 -11.48
N MET B 26 -19.56 -25.94 -10.87
CA MET B 26 -19.64 -24.56 -10.38
C MET B 26 -18.48 -23.70 -10.84
N LEU B 27 -18.73 -22.41 -10.96
CA LEU B 27 -17.73 -21.37 -10.83
C LEU B 27 -17.98 -20.65 -9.51
N ARG B 28 -16.94 -20.55 -8.68
CA ARG B 28 -16.93 -19.76 -7.45
C ARG B 28 -16.21 -18.45 -7.72
N HIS B 29 -16.94 -17.35 -7.84
CA HIS B 29 -16.39 -16.01 -8.10
C HIS B 29 -16.11 -15.27 -6.80
N SER B 30 -14.95 -14.70 -6.60
CA SER B 30 -14.64 -13.89 -5.43
C SER B 30 -15.46 -12.60 -5.45
N GLN B 31 -15.95 -12.18 -4.30
CA GLN B 31 -16.71 -10.94 -4.18
C GLN B 31 -16.07 -9.93 -3.23
N SER B 32 -15.35 -10.38 -2.20
CA SER B 32 -14.77 -9.46 -1.22
C SER B 32 -13.51 -10.03 -0.58
N PHE B 33 -12.41 -9.96 -1.32
CA PHE B 33 -11.06 -10.20 -0.82
C PHE B 33 -10.81 -11.48 -0.01
N PRO B 34 -11.08 -12.69 -0.53
CA PRO B 34 -10.77 -13.92 0.17
C PRO B 34 -9.32 -14.07 0.56
N VAL B 35 -9.06 -14.69 1.70
CA VAL B 35 -7.72 -15.13 2.09
C VAL B 35 -7.75 -16.65 2.14
N PHE B 36 -7.00 -17.30 1.26
CA PHE B 36 -6.85 -18.75 1.18
C PHE B 36 -5.40 -19.15 1.47
N GLN B 37 -5.13 -19.42 2.72
CA GLN B 37 -3.80 -19.61 3.24
C GLN B 37 -3.66 -20.88 4.08
N THR B 38 -2.45 -21.40 4.03
CA THR B 38 -1.80 -22.31 4.97
C THR B 38 -0.35 -21.83 5.01
N ASP B 39 0.40 -22.01 6.09
CA ASP B 39 1.81 -21.60 6.17
C ASP B 39 2.07 -20.09 5.86
N GLY B 40 1.08 -19.24 6.09
CA GLY B 40 1.26 -17.79 6.16
C GLY B 40 1.33 -17.00 4.86
N VAL B 41 1.14 -17.64 3.70
CA VAL B 41 1.04 -16.99 2.39
C VAL B 41 -0.09 -17.59 1.57
N LEU B 42 -0.61 -16.87 0.58
CA LEU B 42 -1.65 -17.42 -0.29
C LEU B 42 -1.14 -18.62 -1.04
N ASN B 43 -1.93 -19.68 -1.01
CA ASN B 43 -1.56 -20.95 -1.59
C ASN B 43 -1.61 -20.87 -3.10
N THR B 44 -0.56 -21.32 -3.75
CA THR B 44 -0.32 -21.19 -5.18
C THR B 44 0.44 -22.39 -5.69
N THR B 45 0.28 -22.75 -6.95
CA THR B 45 0.97 -23.88 -7.58
C THR B 45 1.20 -23.62 -9.05
N ARG B 46 2.34 -24.08 -9.57
CA ARG B 46 2.66 -23.98 -10.99
C ARG B 46 1.94 -25.04 -11.79
N THR B 47 1.34 -24.61 -12.88
CA THR B 47 0.47 -25.39 -13.74
C THR B 47 0.68 -24.94 -15.17
N GLN B 48 0.44 -25.82 -16.13
CA GLN B 48 0.29 -25.41 -17.51
C GLN B 48 -0.93 -24.50 -17.65
N ALA B 49 -0.82 -23.42 -18.41
CA ALA B 49 -1.85 -22.42 -18.51
C ALA B 49 -3.14 -22.94 -19.16
N GLY B 50 -3.06 -23.79 -20.18
CA GLY B 50 -4.21 -24.42 -20.79
C GLY B 50 -3.90 -25.67 -21.59
N LEU B 51 -4.89 -26.53 -21.82
CA LEU B 51 -4.66 -27.90 -22.32
C LEU B 51 -3.88 -28.00 -23.64
N LEU B 52 -4.30 -27.34 -24.72
CA LEU B 52 -3.81 -27.62 -26.07
C LEU B 52 -2.98 -26.50 -26.66
N GLU B 53 -3.48 -25.27 -26.64
CA GLU B 53 -2.88 -24.15 -27.39
C GLU B 53 -1.81 -23.42 -26.58
N LYS B 54 -2.19 -22.89 -25.42
CA LYS B 54 -1.40 -21.96 -24.63
C LYS B 54 -0.52 -22.73 -23.64
N THR B 55 0.39 -23.57 -24.12
CA THR B 55 1.08 -24.57 -23.29
C THR B 55 2.27 -24.05 -22.46
N ASP B 56 2.25 -22.83 -21.95
CA ASP B 56 3.28 -22.29 -21.05
C ASP B 56 2.91 -22.45 -19.57
N GLN B 57 3.88 -22.53 -18.66
CA GLN B 57 3.62 -22.60 -17.23
C GLN B 57 3.25 -21.25 -16.62
N LEU B 58 2.47 -21.32 -15.55
CA LEU B 58 1.77 -20.24 -14.90
C LEU B 58 1.53 -20.63 -13.44
N SER B 59 1.70 -19.72 -12.48
CA SER B 59 1.29 -19.97 -11.10
C SER B 59 -0.13 -19.52 -10.89
N ARG B 60 -1.00 -20.39 -10.38
CA ARG B 60 -2.38 -20.07 -10.05
C ARG B 60 -2.69 -20.35 -8.60
N LEU B 61 -3.59 -19.57 -8.01
CA LEU B 61 -4.04 -19.71 -6.63
C LEU B 61 -4.76 -21.02 -6.42
N VAL B 62 -4.63 -21.60 -5.24
CA VAL B 62 -5.27 -22.86 -4.87
C VAL B 62 -6.21 -22.62 -3.71
N MET B 63 -7.50 -22.81 -3.94
CA MET B 63 -8.50 -22.94 -2.90
C MET B 63 -8.46 -24.39 -2.41
N PHE B 64 -7.53 -24.63 -1.49
CA PHE B 64 -7.14 -25.95 -1.04
C PHE B 64 -8.30 -26.72 -0.40
N LYS B 65 -8.16 -28.03 -0.29
CA LYS B 65 -9.24 -29.00 -0.21
C LYS B 65 -10.42 -28.66 0.70
N ARG B 66 -10.17 -28.45 1.98
CA ARG B 66 -11.23 -28.19 2.95
C ARG B 66 -11.75 -26.77 2.94
N LYS B 67 -11.01 -25.77 2.42
CA LYS B 67 -11.48 -24.41 2.22
C LYS B 67 -12.74 -24.32 1.35
N GLN B 68 -13.11 -25.37 0.61
CA GLN B 68 -14.39 -25.50 -0.12
C GLN B 68 -15.25 -26.71 0.30
N THR B 69 -15.20 -27.14 1.55
CA THR B 69 -16.14 -28.13 2.11
C THR B 69 -16.53 -27.83 3.54
N THR B 70 -15.66 -27.23 4.35
CA THR B 70 -16.03 -26.79 5.70
C THR B 70 -17.06 -25.66 5.73
N PRO B 71 -17.01 -24.63 4.89
CA PRO B 71 -18.10 -23.68 4.76
C PRO B 71 -19.47 -24.33 4.49
N GLU B 72 -19.55 -25.24 3.51
CA GLU B 72 -20.73 -26.03 3.16
C GLU B 72 -21.25 -26.82 4.35
N ARG B 73 -20.35 -27.58 4.97
CA ARG B 73 -20.63 -28.49 6.05
C ARG B 73 -21.21 -27.78 7.27
N LEU B 74 -20.58 -26.70 7.69
CA LEU B 74 -21.01 -25.91 8.83
C LEU B 74 -22.31 -25.16 8.55
N ALA B 75 -22.56 -24.71 7.32
CA ALA B 75 -23.80 -24.02 6.97
C ALA B 75 -25.00 -24.95 6.97
N GLY B 76 -24.79 -26.22 6.62
CA GLY B 76 -25.82 -27.24 6.72
C GLY B 76 -26.13 -27.56 8.18
N ARG B 77 -25.12 -27.60 9.05
CA ARG B 77 -25.30 -27.87 10.47
C ARG B 77 -26.08 -26.80 11.21
N GLU B 78 -25.84 -25.54 10.92
CA GLU B 78 -26.65 -24.46 11.50
C GLU B 78 -28.09 -24.44 10.97
N LEU B 79 -28.36 -24.97 9.78
CA LEU B 79 -29.72 -25.20 9.30
C LEU B 79 -30.38 -26.36 10.04
N LEU B 80 -29.67 -27.44 10.30
CA LEU B 80 -30.20 -28.56 11.08
C LEU B 80 -30.56 -28.15 12.49
N ARG B 81 -29.76 -27.28 13.11
CA ARG B 81 -30.10 -26.65 14.39
C ARG B 81 -31.27 -25.69 14.28
N ASN B 82 -31.34 -24.88 13.23
CA ASN B 82 -32.45 -23.95 13.03
C ASN B 82 -33.78 -24.68 12.88
N LEU B 83 -33.83 -25.76 12.11
CA LEU B 83 -35.00 -26.62 11.95
C LEU B 83 -35.27 -27.51 13.18
N GLY B 84 -34.38 -27.51 14.16
CA GLY B 84 -34.52 -28.20 15.44
C GLY B 84 -34.26 -29.70 15.39
N LEU B 85 -33.71 -30.21 14.30
CA LEU B 85 -33.34 -31.61 14.10
C LEU B 85 -32.05 -32.00 14.84
N THR B 86 -31.30 -31.05 15.35
CA THR B 86 -30.04 -31.21 16.08
C THR B 86 -29.89 -30.05 17.05
N SER B 87 -29.08 -30.19 18.08
CA SER B 87 -28.90 -29.17 19.11
C SER B 87 -27.45 -29.01 19.52
N ALA B 88 -27.16 -27.89 20.17
CA ALA B 88 -25.83 -27.50 20.65
C ALA B 88 -25.73 -27.47 22.20
N ASP B 89 -26.83 -27.70 22.92
CA ASP B 89 -26.80 -27.82 24.37
C ASP B 89 -26.36 -29.24 24.75
N LYS B 90 -25.41 -29.35 25.68
CA LYS B 90 -25.10 -30.60 26.37
C LYS B 90 -26.36 -31.05 27.14
N SER B 91 -26.53 -32.36 27.31
CA SER B 91 -27.74 -32.98 27.88
C SER B 91 -29.00 -32.75 27.03
N ALA B 92 -28.88 -32.90 25.71
CA ALA B 92 -30.01 -33.09 24.81
C ALA B 92 -29.74 -34.30 23.89
N LYS B 93 -30.76 -35.13 23.68
CA LYS B 93 -30.60 -36.43 23.00
C LYS B 93 -30.25 -36.33 21.51
N ASN B 94 -30.23 -35.13 20.95
CA ASN B 94 -29.88 -34.82 19.56
C ASN B 94 -28.69 -33.85 19.44
N LEU B 95 -27.77 -33.86 20.40
CA LEU B 95 -26.49 -33.16 20.34
C LEU B 95 -25.63 -33.68 19.18
N CYS B 96 -24.87 -32.78 18.55
CA CYS B 96 -23.86 -33.16 17.58
C CYS B 96 -22.63 -32.27 17.68
N GLU B 97 -21.64 -32.64 18.47
CA GLU B 97 -20.37 -31.92 18.57
C GLU B 97 -19.57 -32.03 17.27
N TYR B 98 -19.17 -30.91 16.67
CA TYR B 98 -18.35 -30.90 15.47
C TYR B 98 -16.91 -31.31 15.77
N ASN B 99 -16.37 -32.24 14.98
CA ASN B 99 -15.03 -32.81 15.11
C ASN B 99 -14.62 -33.21 16.55
N GLY B 100 -15.49 -33.95 17.25
CA GLY B 100 -15.16 -34.62 18.51
C GLY B 100 -15.87 -35.96 18.70
N GLU B 101 -15.56 -36.65 19.80
CA GLU B 101 -16.56 -37.53 20.38
C GLU B 101 -17.80 -36.71 20.77
N GLY B 102 -18.99 -37.31 20.70
CA GLY B 102 -20.25 -36.59 20.88
C GLY B 102 -20.81 -35.98 19.60
N SER B 103 -20.18 -36.31 18.47
CA SER B 103 -20.80 -36.32 17.16
C SER B 103 -21.95 -37.32 17.15
N CYS B 104 -23.03 -36.94 16.49
CA CYS B 104 -24.32 -37.62 16.53
C CYS B 104 -24.28 -39.03 15.93
N LYS B 105 -23.54 -39.18 14.83
CA LYS B 105 -23.47 -40.37 13.99
C LYS B 105 -24.82 -40.76 13.35
N GLN B 106 -25.82 -39.87 13.34
CA GLN B 106 -27.15 -40.06 12.74
C GLN B 106 -27.66 -38.89 11.88
N CYS B 107 -27.18 -37.67 12.11
CA CYS B 107 -27.64 -36.49 11.40
C CYS B 107 -27.06 -36.43 9.98
N PRO B 108 -27.67 -35.65 9.07
CA PRO B 108 -27.20 -35.53 7.69
C PRO B 108 -25.76 -35.08 7.50
N ASP B 109 -25.20 -34.24 8.35
CA ASP B 109 -23.76 -33.92 8.34
C ASP B 109 -22.91 -35.17 8.61
N CYS B 110 -23.24 -35.94 9.65
CA CYS B 110 -22.50 -37.12 10.03
C CYS B 110 -22.51 -38.16 8.90
N ILE B 111 -23.61 -38.32 8.16
CA ILE B 111 -23.69 -39.32 7.09
C ILE B 111 -23.11 -38.81 5.78
N LEU B 112 -23.46 -37.61 5.34
CA LEU B 112 -23.06 -37.07 4.04
C LEU B 112 -21.63 -36.55 4.00
N TYR B 113 -21.12 -36.00 5.10
CA TYR B 113 -19.78 -35.42 5.18
C TYR B 113 -18.80 -36.20 6.09
N GLY B 114 -19.26 -37.20 6.83
CA GLY B 114 -18.43 -38.23 7.47
C GLY B 114 -17.86 -37.91 8.85
N PHE B 115 -17.36 -38.91 9.57
CA PHE B 115 -16.80 -38.74 10.93
C PHE B 115 -15.73 -39.79 11.25
N ALA B 116 -14.81 -39.53 12.19
CA ALA B 116 -13.70 -40.43 12.46
C ALA B 116 -13.06 -40.34 13.86
N ILE B 117 -13.72 -39.74 14.85
CA ILE B 117 -13.15 -39.58 16.20
C ILE B 117 -13.87 -40.50 17.20
N GLY B 118 -13.09 -41.23 18.01
CA GLY B 118 -13.59 -42.01 19.13
C GLY B 118 -14.05 -43.43 18.80
N ASP B 119 -14.78 -44.01 19.72
CA ASP B 119 -15.49 -45.28 19.54
C ASP B 119 -16.65 -45.11 18.53
N SER B 120 -17.29 -46.20 18.15
CA SER B 120 -18.40 -46.25 17.19
C SER B 120 -18.01 -45.93 15.75
N GLY B 121 -16.75 -46.18 15.41
CA GLY B 121 -16.26 -46.34 14.04
C GLY B 121 -15.93 -45.05 13.30
N SER B 122 -15.96 -45.11 11.98
CA SER B 122 -15.70 -44.00 11.07
C SER B 122 -16.50 -44.15 9.79
N GLU B 123 -16.87 -43.04 9.17
CA GLU B 123 -17.79 -42.95 8.05
C GLU B 123 -17.20 -42.05 6.96
N ARG B 124 -17.13 -42.55 5.72
CA ARG B 124 -16.59 -41.85 4.55
C ARG B 124 -17.58 -40.83 4.00
N SER B 125 -17.08 -39.67 3.62
CA SER B 125 -17.84 -38.57 3.07
C SER B 125 -18.43 -38.96 1.73
N LYS B 126 -19.75 -38.84 1.60
CA LYS B 126 -20.50 -39.10 0.37
C LYS B 126 -20.45 -37.90 -0.57
N VAL B 127 -20.24 -36.71 -0.04
CA VAL B 127 -19.75 -35.58 -0.82
C VAL B 127 -18.25 -35.74 -1.04
N TYR B 128 -17.85 -35.92 -2.29
CA TYR B 128 -16.48 -35.92 -2.78
C TYR B 128 -16.17 -34.56 -3.39
N SER B 129 -15.12 -33.93 -2.91
CA SER B 129 -14.69 -32.57 -3.23
C SER B 129 -13.22 -32.59 -3.60
N ASP B 130 -12.72 -31.52 -4.18
CA ASP B 130 -11.34 -31.43 -4.65
C ASP B 130 -10.83 -29.98 -4.55
N SER B 131 -9.52 -29.77 -4.52
CA SER B 131 -8.92 -28.43 -4.44
C SER B 131 -9.15 -27.66 -5.75
N ALA B 132 -9.61 -26.43 -5.67
CA ALA B 132 -9.94 -25.62 -6.84
C ALA B 132 -8.83 -24.64 -7.18
N PHE B 133 -8.74 -24.25 -8.46
CA PHE B 133 -7.66 -23.42 -8.96
C PHE B 133 -8.18 -22.13 -9.58
N SER B 134 -7.43 -21.05 -9.44
CA SER B 134 -7.77 -19.79 -10.07
C SER B 134 -7.64 -19.91 -11.58
N LEU B 135 -8.63 -19.45 -12.33
CA LEU B 135 -8.56 -19.45 -13.78
C LEU B 135 -7.42 -18.59 -14.32
N GLY B 136 -7.10 -17.48 -13.66
CA GLY B 136 -5.99 -16.59 -13.98
C GLY B 136 -4.73 -16.85 -13.16
N ALA B 137 -3.64 -16.22 -13.55
CA ALA B 137 -2.39 -16.27 -12.81
C ALA B 137 -2.46 -15.47 -11.52
N TYR B 138 -1.67 -15.89 -10.54
CA TYR B 138 -1.50 -15.25 -9.24
C TYR B 138 -1.23 -13.77 -9.34
N GLU B 139 -0.39 -13.38 -10.29
CA GLU B 139 0.07 -12.02 -10.46
C GLU B 139 -1.07 -11.04 -10.81
N GLN B 140 -2.06 -11.49 -11.56
CA GLN B 140 -3.25 -10.70 -11.90
C GLN B 140 -4.39 -10.83 -10.88
N SER B 141 -4.22 -11.67 -9.87
CA SER B 141 -5.29 -12.19 -9.03
C SER B 141 -5.12 -11.99 -7.53
N HIS B 142 -4.19 -11.16 -7.05
CA HIS B 142 -3.97 -10.94 -5.61
C HIS B 142 -3.48 -9.54 -5.34
N ARG B 143 -3.59 -9.05 -4.10
CA ARG B 143 -2.90 -7.85 -3.62
C ARG B 143 -2.55 -7.97 -2.13
N SER B 144 -1.45 -7.34 -1.73
CA SER B 144 -0.99 -7.25 -0.35
C SER B 144 -1.45 -5.95 0.25
N PHE B 145 -2.11 -6.00 1.39
CA PHE B 145 -2.63 -4.85 2.11
C PHE B 145 -1.99 -4.75 3.50
N THR B 146 -1.40 -3.61 3.86
CA THR B 146 -0.92 -3.38 5.23
C THR B 146 -2.10 -3.27 6.18
N PHE B 147 -1.98 -3.87 7.36
CA PHE B 147 -2.86 -3.64 8.48
C PHE B 147 -2.04 -3.23 9.70
N ASN B 148 -2.62 -2.37 10.51
CA ASN B 148 -2.06 -1.87 11.75
C ASN B 148 -3.11 -1.94 12.87
N ALA B 149 -2.68 -1.76 14.11
CA ALA B 149 -3.55 -1.77 15.26
C ALA B 149 -3.10 -0.77 16.33
N PRO B 150 -3.54 0.50 16.31
CA PRO B 150 -3.18 1.48 17.32
C PRO B 150 -3.85 1.22 18.68
N PHE B 151 -3.43 1.95 19.70
CA PHE B 151 -4.19 2.02 20.94
C PHE B 151 -5.50 2.76 20.72
N GLU B 152 -6.51 2.57 21.55
CA GLU B 152 -7.80 3.25 21.35
C GLU B 152 -7.68 4.78 21.37
N GLY B 153 -6.64 5.32 22.02
CA GLY B 153 -6.26 6.72 21.98
C GLY B 153 -5.86 7.23 20.61
N GLY B 154 -5.87 6.41 19.57
CA GLY B 154 -5.79 6.82 18.18
C GLY B 154 -4.36 6.94 17.66
N THR B 155 -3.38 6.42 18.39
CA THR B 155 -1.96 6.50 18.07
C THR B 155 -1.23 5.23 18.45
N MET B 156 -0.09 4.97 17.82
CA MET B 156 0.76 3.82 18.11
C MET B 156 1.70 3.97 19.32
N SER B 157 1.33 4.73 20.33
CA SER B 157 2.06 4.85 21.60
C SER B 157 1.12 5.01 22.80
N GLU B 158 1.44 4.40 23.94
CA GLU B 158 0.71 4.56 25.20
C GLU B 158 1.56 5.15 26.34
N ALA B 159 2.88 5.16 26.19
CA ALA B 159 3.83 5.76 27.12
C ALA B 159 5.00 6.42 26.38
N GLY B 160 4.76 6.92 25.16
CA GLY B 160 5.84 7.46 24.31
C GLY B 160 6.51 6.36 23.46
N VAL B 161 6.53 5.12 23.93
CA VAL B 161 7.10 3.97 23.21
C VAL B 161 6.19 3.56 22.05
N MET B 162 6.74 2.96 21.00
CA MET B 162 5.96 2.50 19.86
C MET B 162 5.32 1.13 20.11
N ARG B 163 4.14 0.93 19.54
CA ARG B 163 3.47 -0.36 19.48
C ARG B 163 4.03 -1.28 18.40
N SER B 164 4.37 -0.67 17.27
CA SER B 164 4.93 -1.31 16.05
C SER B 164 4.09 -2.46 15.47
N ALA B 165 2.80 -2.52 15.82
CA ALA B 165 1.81 -3.50 15.39
C ALA B 165 1.38 -3.25 13.94
N ILE B 166 2.27 -3.52 12.99
CA ILE B 166 2.12 -3.28 11.55
C ILE B 166 2.51 -4.55 10.78
N ASN B 167 1.69 -5.05 9.87
CA ASN B 167 2.03 -6.21 9.04
C ASN B 167 1.29 -6.21 7.71
N GLU B 168 1.79 -6.94 6.72
CA GLU B 168 1.09 -7.21 5.46
C GLU B 168 0.27 -8.49 5.55
N LEU B 169 -0.80 -8.56 4.77
CA LEU B 169 -1.45 -9.82 4.42
C LEU B 169 -1.90 -9.76 2.97
N ASP B 170 -1.87 -10.91 2.30
CA ASP B 170 -2.29 -11.05 0.91
C ASP B 170 -3.71 -11.54 0.81
N HIS B 171 -4.49 -10.93 -0.07
CA HIS B 171 -5.89 -11.23 -0.29
C HIS B 171 -6.11 -11.35 -1.79
N ILE B 172 -6.96 -12.28 -2.18
CA ILE B 172 -7.33 -12.55 -3.56
C ILE B 172 -8.25 -11.42 -4.02
N LEU B 173 -8.07 -10.87 -5.20
CA LEU B 173 -8.88 -9.77 -5.70
C LEU B 173 -10.33 -10.21 -6.00
N PRO B 174 -11.33 -9.31 -6.01
CA PRO B 174 -12.66 -9.59 -6.52
C PRO B 174 -12.64 -10.00 -7.99
N GLU B 175 -13.71 -10.66 -8.43
CA GLU B 175 -13.89 -11.19 -9.79
C GLU B 175 -12.89 -12.30 -10.20
N VAL B 176 -12.04 -12.77 -9.30
CA VAL B 176 -11.22 -13.97 -9.48
C VAL B 176 -12.10 -15.19 -9.34
N THR B 177 -12.04 -16.08 -10.31
CA THR B 177 -12.96 -17.21 -10.47
C THR B 177 -12.27 -18.56 -10.33
N PHE B 178 -12.87 -19.45 -9.57
CA PHE B 178 -12.40 -20.79 -9.27
C PHE B 178 -13.40 -21.84 -9.81
N PRO B 179 -13.17 -22.41 -11.01
CA PRO B 179 -13.96 -23.52 -11.53
C PRO B 179 -13.81 -24.76 -10.67
N THR B 180 -14.90 -25.45 -10.36
CA THR B 180 -14.85 -26.68 -9.56
C THR B 180 -16.02 -27.61 -9.81
N VAL B 181 -15.80 -28.92 -9.64
CA VAL B 181 -16.84 -29.93 -9.60
C VAL B 181 -16.93 -30.53 -8.21
N GLU B 182 -18.06 -30.33 -7.54
CA GLU B 182 -18.43 -31.05 -6.32
C GLU B 182 -19.15 -32.32 -6.76
N SER B 183 -18.95 -33.44 -6.10
CA SER B 183 -19.57 -34.70 -6.51
C SER B 183 -20.26 -35.35 -5.32
N LEU B 184 -21.46 -35.88 -5.51
CA LEU B 184 -22.25 -36.51 -4.46
C LEU B 184 -22.59 -37.93 -4.89
N ARG B 185 -22.23 -38.88 -4.05
CA ARG B 185 -22.39 -40.30 -4.29
C ARG B 185 -23.52 -40.86 -3.45
N ASP B 186 -24.36 -41.67 -4.07
CA ASP B 186 -25.35 -42.52 -3.39
C ASP B 186 -26.33 -41.74 -2.49
N ALA B 187 -26.70 -40.53 -2.90
CA ALA B 187 -27.69 -39.73 -2.21
C ALA B 187 -29.12 -40.23 -2.44
N THR B 188 -29.99 -39.99 -1.45
CA THR B 188 -31.42 -39.89 -1.70
C THR B 188 -31.75 -38.53 -2.30
N TYR B 189 -32.95 -38.34 -2.87
CA TYR B 189 -33.33 -37.05 -3.42
C TYR B 189 -33.27 -35.93 -2.36
N GLU B 190 -33.60 -36.24 -1.12
CA GLU B 190 -33.53 -35.26 -0.05
C GLU B 190 -32.09 -34.94 0.27
N GLY B 191 -31.17 -35.89 0.16
CA GLY B 191 -29.74 -35.67 0.34
C GLY B 191 -29.15 -34.74 -0.71
N PHE B 192 -29.56 -34.86 -1.97
CA PHE B 192 -29.21 -33.93 -3.04
C PHE B 192 -29.72 -32.52 -2.70
N ILE B 193 -30.96 -32.36 -2.27
CA ILE B 193 -31.48 -31.05 -1.86
C ILE B 193 -30.70 -30.44 -0.70
N TYR B 194 -30.18 -31.23 0.24
CA TYR B 194 -29.35 -30.74 1.34
C TYR B 194 -28.00 -30.25 0.86
N VAL B 195 -27.26 -31.06 0.09
CA VAL B 195 -25.93 -30.69 -0.42
C VAL B 195 -26.02 -29.51 -1.39
N LEU B 196 -26.98 -29.53 -2.31
CA LEU B 196 -27.24 -28.42 -3.22
C LEU B 196 -27.66 -27.16 -2.47
N GLY B 197 -28.45 -27.31 -1.43
CA GLY B 197 -28.75 -26.23 -0.49
C GLY B 197 -27.48 -25.63 0.08
N ASN B 198 -26.53 -26.42 0.59
CA ASN B 198 -25.27 -25.90 1.11
C ASN B 198 -24.52 -25.08 0.06
N LEU B 199 -24.44 -25.57 -1.18
CA LEU B 199 -23.77 -24.89 -2.28
C LEU B 199 -24.39 -23.56 -2.69
N LEU B 200 -25.70 -23.41 -2.63
CA LEU B 200 -26.40 -22.16 -2.95
C LEU B 200 -26.52 -21.23 -1.73
N ARG B 201 -26.58 -21.78 -0.51
CA ARG B 201 -26.85 -21.05 0.73
C ARG B 201 -25.59 -20.56 1.44
N THR B 202 -24.44 -21.21 1.30
CA THR B 202 -23.15 -20.65 1.77
C THR B 202 -22.63 -19.49 0.93
N LYS B 203 -21.98 -18.52 1.59
CA LYS B 203 -21.44 -17.34 0.93
C LYS B 203 -20.10 -16.85 1.45
N ARG B 204 -19.54 -17.33 2.57
CA ARG B 204 -18.17 -17.03 3.05
C ARG B 204 -17.26 -18.24 3.14
N TYR B 205 -15.99 -18.06 2.82
CA TYR B 205 -15.08 -19.16 2.52
C TYR B 205 -13.74 -19.14 3.22
N GLY B 206 -12.98 -18.08 3.12
CA GLY B 206 -11.58 -18.06 3.50
C GLY B 206 -11.31 -17.93 4.99
N ALA B 207 -10.10 -17.52 5.32
CA ALA B 207 -9.78 -16.92 6.60
C ALA B 207 -10.53 -15.62 6.81
N GLN B 208 -10.74 -15.25 8.07
CA GLN B 208 -11.31 -14.01 8.52
C GLN B 208 -12.71 -13.76 7.97
N GLU B 209 -13.60 -14.74 8.12
CA GLU B 209 -14.97 -14.68 7.65
C GLU B 209 -15.67 -13.43 8.15
N SER B 210 -15.44 -13.08 9.41
CA SER B 210 -16.01 -11.96 10.12
C SER B 210 -15.83 -10.62 9.43
N ARG B 211 -14.86 -10.53 8.52
CA ARG B 211 -14.44 -9.30 7.85
C ARG B 211 -14.31 -9.46 6.33
N THR B 212 -14.32 -10.68 5.80
CA THR B 212 -13.81 -10.94 4.45
C THR B 212 -14.35 -12.22 3.88
N GLY B 213 -14.11 -12.41 2.59
CA GLY B 213 -14.18 -13.71 1.97
C GLY B 213 -15.55 -14.16 1.52
N THR B 214 -16.41 -13.22 1.14
CA THR B 214 -17.62 -13.55 0.43
C THR B 214 -17.32 -14.01 -0.99
N MET B 215 -18.08 -14.98 -1.47
CA MET B 215 -18.02 -15.52 -2.83
C MET B 215 -19.41 -15.81 -3.40
N LYS B 216 -19.51 -15.85 -4.72
CA LYS B 216 -20.71 -16.10 -5.49
C LYS B 216 -20.56 -17.40 -6.26
N ASN B 217 -21.27 -18.43 -5.83
CA ASN B 217 -21.27 -19.72 -6.49
C ASN B 217 -22.31 -19.73 -7.61
N HIS B 218 -21.88 -19.72 -8.86
CA HIS B 218 -22.75 -19.97 -9.99
C HIS B 218 -22.61 -21.42 -10.40
N LEU B 219 -23.67 -22.17 -10.14
CA LEU B 219 -23.82 -23.53 -10.62
C LEU B 219 -24.05 -23.46 -12.12
N VAL B 220 -23.14 -24.04 -12.90
CA VAL B 220 -23.15 -24.02 -14.36
C VAL B 220 -23.68 -25.32 -14.98
N GLY B 221 -23.73 -26.41 -14.22
CA GLY B 221 -24.31 -27.67 -14.65
C GLY B 221 -24.52 -28.65 -13.51
N ILE B 222 -25.40 -29.65 -13.70
CA ILE B 222 -25.57 -30.75 -12.74
C ILE B 222 -25.56 -31.96 -13.67
N VAL B 223 -24.71 -32.97 -13.47
CA VAL B 223 -24.58 -34.12 -14.36
C VAL B 223 -24.73 -35.45 -13.65
N PHE B 224 -25.75 -36.23 -13.96
CA PHE B 224 -26.02 -37.48 -13.28
C PHE B 224 -25.07 -38.41 -14.00
N ALA B 225 -24.42 -39.38 -13.34
CA ALA B 225 -23.31 -40.08 -13.94
C ALA B 225 -23.00 -41.45 -13.33
N ASP B 226 -22.59 -42.35 -14.20
CA ASP B 226 -21.89 -43.58 -13.91
C ASP B 226 -20.38 -43.32 -13.73
N GLY B 227 -19.99 -42.69 -12.65
CA GLY B 227 -18.58 -42.47 -12.30
C GLY B 227 -18.07 -41.03 -12.44
N GLU B 228 -16.82 -40.84 -12.04
CA GLU B 228 -16.12 -39.56 -12.01
C GLU B 228 -15.90 -38.95 -13.38
N ILE B 229 -16.28 -37.68 -13.54
CA ILE B 229 -15.85 -36.82 -14.63
C ILE B 229 -14.55 -36.09 -14.24
N PHE B 230 -14.11 -35.13 -15.05
CA PHE B 230 -12.83 -34.42 -14.98
C PHE B 230 -12.50 -33.77 -13.63
N SER B 231 -11.21 -33.55 -13.39
CA SER B 231 -10.67 -32.78 -12.26
C SER B 231 -10.98 -31.29 -12.39
N ASN B 232 -10.95 -30.58 -11.27
CA ASN B 232 -11.03 -29.12 -11.23
C ASN B 232 -9.96 -28.48 -12.10
N LEU B 233 -8.72 -28.97 -12.06
CA LEU B 233 -7.63 -28.39 -12.82
C LEU B 233 -7.86 -28.53 -14.31
N HIS B 234 -8.44 -29.64 -14.74
CA HIS B 234 -8.70 -29.91 -16.13
C HIS B 234 -9.80 -29.02 -16.70
N LEU B 235 -10.89 -28.80 -15.97
CA LEU B 235 -11.91 -27.82 -16.34
C LEU B 235 -11.33 -26.41 -16.40
N THR B 236 -10.41 -26.07 -15.51
CA THR B 236 -9.74 -24.77 -15.48
C THR B 236 -8.84 -24.59 -16.71
N GLN B 237 -8.03 -25.58 -17.04
CA GLN B 237 -7.15 -25.56 -18.19
C GLN B 237 -7.91 -25.59 -19.51
N ALA B 238 -9.10 -26.19 -19.55
CA ALA B 238 -9.96 -26.12 -20.72
C ALA B 238 -10.60 -24.74 -20.87
N LEU B 239 -11.08 -24.15 -19.77
CA LEU B 239 -11.73 -22.84 -19.78
C LEU B 239 -10.74 -21.72 -20.12
N TYR B 240 -9.50 -21.78 -19.67
CA TYR B 240 -8.46 -20.80 -20.03
C TYR B 240 -8.12 -20.83 -21.52
N ASP B 241 -8.05 -22.02 -22.11
CA ASP B 241 -7.78 -22.22 -23.51
C ASP B 241 -8.93 -21.69 -24.39
N GLN B 242 -10.17 -21.91 -23.98
CA GLN B 242 -11.35 -21.46 -24.70
C GLN B 242 -11.49 -19.95 -24.72
N MET B 243 -11.06 -19.28 -23.66
CA MET B 243 -10.93 -17.83 -23.61
C MET B 243 -9.64 -17.30 -24.22
N GLY B 244 -8.67 -18.15 -24.59
CA GLY B 244 -7.35 -17.74 -25.07
C GLY B 244 -6.47 -17.01 -24.05
N GLY B 245 -6.80 -17.11 -22.77
CA GLY B 245 -6.23 -16.29 -21.70
C GLY B 245 -6.75 -14.86 -21.64
N GLU B 246 -7.78 -14.49 -22.40
CA GLU B 246 -8.36 -13.15 -22.41
C GLU B 246 -9.31 -12.93 -21.22
N LEU B 247 -8.90 -13.22 -19.99
CA LEU B 247 -9.81 -13.44 -18.85
C LEU B 247 -10.65 -12.24 -18.38
N ASN B 248 -10.38 -11.01 -18.82
CA ASN B 248 -11.19 -9.83 -18.53
C ASN B 248 -12.52 -9.81 -19.31
N LYS B 249 -13.36 -10.84 -19.13
CA LYS B 249 -14.71 -11.00 -19.68
C LYS B 249 -15.75 -11.00 -18.54
N PRO B 250 -16.97 -10.48 -18.75
CA PRO B 250 -17.96 -10.45 -17.69
C PRO B 250 -18.41 -11.82 -17.21
N ILE B 251 -18.92 -11.89 -15.99
CA ILE B 251 -19.30 -13.16 -15.38
C ILE B 251 -20.38 -13.92 -16.13
N SER B 252 -21.28 -13.24 -16.84
CA SER B 252 -22.30 -13.88 -17.66
C SER B 252 -21.70 -14.62 -18.85
N GLU B 253 -20.71 -14.02 -19.53
CA GLU B 253 -19.97 -14.61 -20.64
C GLU B 253 -19.07 -15.74 -20.17
N LEU B 254 -18.51 -15.61 -18.98
CA LEU B 254 -17.67 -16.60 -18.34
C LEU B 254 -18.49 -17.83 -17.89
N CYS B 255 -19.66 -17.65 -17.30
CA CYS B 255 -20.57 -18.76 -16.98
C CYS B 255 -21.11 -19.44 -18.25
N GLU B 256 -21.38 -18.70 -19.34
CA GLU B 256 -21.76 -19.31 -20.61
C GLU B 256 -20.60 -20.02 -21.32
N THR B 257 -19.35 -19.58 -21.15
CA THR B 257 -18.18 -20.29 -21.69
C THR B 257 -17.87 -21.57 -20.91
N ALA B 258 -18.01 -21.55 -19.59
CA ALA B 258 -17.87 -22.75 -18.77
C ALA B 258 -18.89 -23.83 -19.14
N ALA B 259 -20.11 -23.45 -19.50
CA ALA B 259 -21.16 -24.38 -19.88
C ALA B 259 -20.85 -25.16 -21.15
N THR B 260 -20.25 -24.53 -22.17
CA THR B 260 -19.91 -25.18 -23.44
C THR B 260 -18.65 -26.02 -23.35
N VAL B 261 -17.64 -25.60 -22.58
CA VAL B 261 -16.46 -26.45 -22.35
C VAL B 261 -16.79 -27.64 -21.47
N ALA B 262 -17.64 -27.49 -20.45
CA ALA B 262 -18.06 -28.62 -19.65
C ALA B 262 -18.81 -29.67 -20.49
N GLN B 263 -19.69 -29.27 -21.40
CA GLN B 263 -20.35 -30.19 -22.32
C GLN B 263 -19.42 -30.81 -23.36
N ASP B 264 -18.43 -30.08 -23.88
CA ASP B 264 -17.37 -30.66 -24.73
C ASP B 264 -16.56 -31.73 -24.00
N LEU B 265 -16.13 -31.45 -22.77
CA LEU B 265 -15.37 -32.38 -21.95
C LEU B 265 -16.21 -33.60 -21.56
N LEU B 266 -17.48 -33.43 -21.21
CA LEU B 266 -18.36 -34.55 -20.82
C LEU B 266 -18.55 -35.57 -21.95
N ASN B 267 -18.53 -35.14 -23.21
CA ASN B 267 -18.61 -36.02 -24.37
C ASN B 267 -17.31 -36.76 -24.70
N LYS B 268 -16.27 -36.56 -23.90
CA LYS B 268 -14.97 -37.25 -23.95
C LYS B 268 -14.70 -38.09 -22.69
N GLU B 269 -15.68 -38.24 -21.80
CA GLU B 269 -15.58 -39.02 -20.55
C GLU B 269 -16.24 -40.40 -20.69
N PRO B 270 -15.55 -41.50 -20.32
CA PRO B 270 -16.10 -42.85 -20.26
C PRO B 270 -17.09 -43.04 -19.09
N VAL B 271 -18.22 -42.38 -19.21
CA VAL B 271 -19.24 -42.20 -18.17
C VAL B 271 -20.59 -42.16 -18.87
N ARG B 272 -21.49 -43.10 -18.57
CA ARG B 272 -22.90 -42.97 -18.96
C ARG B 272 -23.49 -41.78 -18.23
N LYS B 273 -24.16 -40.88 -18.96
CA LYS B 273 -24.68 -39.67 -18.37
C LYS B 273 -26.17 -39.72 -18.45
N SER B 274 -26.82 -40.00 -17.33
CA SER B 274 -28.24 -40.12 -17.31
C SER B 274 -29.00 -38.84 -17.51
N GLU B 275 -28.49 -37.74 -16.97
CA GLU B 275 -29.16 -36.46 -17.06
C GLU B 275 -28.08 -35.46 -17.13
N LEU B 276 -28.28 -34.37 -17.84
CA LEU B 276 -27.27 -33.35 -18.04
C LEU B 276 -28.05 -32.07 -17.93
N ILE B 277 -28.21 -31.55 -16.71
CA ILE B 277 -29.01 -30.37 -16.48
C ILE B 277 -28.09 -29.19 -16.74
N PHE B 278 -28.36 -28.37 -17.75
CA PHE B 278 -27.59 -27.17 -18.07
C PHE B 278 -28.54 -26.05 -18.46
N GLY B 279 -28.04 -24.82 -18.45
CA GLY B 279 -28.70 -23.65 -19.04
C GLY B 279 -30.12 -23.42 -18.57
N ALA B 280 -31.06 -23.40 -19.50
CA ALA B 280 -32.47 -23.08 -19.25
C ALA B 280 -33.17 -24.12 -18.39
N HIS B 281 -32.75 -25.39 -18.42
CA HIS B 281 -33.24 -26.41 -17.49
C HIS B 281 -32.62 -26.25 -16.10
N LEU B 282 -31.37 -25.82 -15.99
CA LEU B 282 -30.73 -25.58 -14.70
C LEU B 282 -31.26 -24.34 -14.01
N ASP B 283 -31.51 -23.25 -14.72
CA ASP B 283 -32.12 -22.06 -14.12
C ASP B 283 -33.64 -22.24 -13.89
N THR B 284 -34.22 -23.35 -14.34
CA THR B 284 -35.52 -23.85 -13.86
C THR B 284 -35.37 -24.55 -12.52
N LEU B 285 -34.50 -25.56 -12.46
CA LEU B 285 -34.21 -26.37 -11.28
C LEU B 285 -33.71 -25.54 -10.10
N LEU B 286 -32.79 -24.60 -10.32
CA LEU B 286 -32.33 -23.69 -9.28
C LEU B 286 -33.47 -22.89 -8.66
N GLN B 287 -34.47 -22.50 -9.43
CA GLN B 287 -35.65 -21.83 -8.89
C GLN B 287 -36.54 -22.79 -8.12
N GLU B 288 -36.78 -24.00 -8.62
CA GLU B 288 -37.55 -25.01 -7.90
C GLU B 288 -36.91 -25.42 -6.57
N VAL B 289 -35.59 -25.30 -6.43
CA VAL B 289 -34.86 -25.51 -5.16
C VAL B 289 -34.84 -24.27 -4.25
N ASN B 290 -34.70 -23.06 -4.79
CA ASN B 290 -34.97 -21.83 -4.04
C ASN B 290 -36.38 -21.83 -3.44
N ASP B 291 -37.38 -22.34 -4.15
CA ASP B 291 -38.74 -22.49 -3.63
C ASP B 291 -38.84 -23.44 -2.44
N ILE B 292 -37.95 -24.42 -2.30
CA ILE B 292 -37.87 -25.24 -1.09
C ILE B 292 -37.30 -24.41 0.04
N TYR B 293 -36.11 -23.84 -0.16
CA TYR B 293 -35.36 -23.11 0.88
C TYR B 293 -35.96 -21.76 1.30
N GLN B 294 -37.02 -21.29 0.67
CA GLN B 294 -37.81 -20.13 1.08
C GLN B 294 -39.16 -20.52 1.71
N ASN B 295 -39.47 -21.81 1.88
CA ASN B 295 -40.74 -22.31 2.40
C ASN B 295 -40.55 -23.15 3.66
N ASP B 296 -41.08 -22.67 4.78
CA ASP B 296 -40.87 -23.26 6.10
C ASP B 296 -41.43 -24.67 6.24
N ALA B 297 -42.56 -24.97 5.63
CA ALA B 297 -43.20 -26.28 5.66
C ALA B 297 -42.47 -27.30 4.78
N GLU B 298 -42.21 -26.94 3.51
CA GLU B 298 -41.55 -27.79 2.53
C GLU B 298 -40.16 -28.23 3.00
N LEU B 299 -39.35 -27.30 3.50
CA LEU B 299 -38.00 -27.57 4.00
C LEU B 299 -38.01 -28.43 5.25
N THR B 300 -38.91 -28.14 6.19
CA THR B 300 -38.99 -28.95 7.40
C THR B 300 -39.34 -30.36 7.06
N LYS B 301 -40.28 -30.55 6.15
CA LYS B 301 -40.67 -31.88 5.73
C LYS B 301 -39.54 -32.60 5.06
N LEU B 302 -38.90 -31.97 4.10
CA LEU B 302 -37.87 -32.62 3.33
C LEU B 302 -36.69 -32.97 4.16
N LEU B 303 -36.17 -32.00 4.89
CA LEU B 303 -34.99 -32.24 5.69
C LEU B 303 -35.31 -33.07 6.89
N GLY B 304 -36.56 -33.15 7.31
CA GLY B 304 -36.93 -34.04 8.37
C GLY B 304 -36.93 -35.44 7.85
N SER B 305 -37.33 -35.64 6.61
CA SER B 305 -37.27 -36.96 5.99
C SER B 305 -35.88 -37.40 5.89
N LEU B 306 -34.98 -36.49 5.58
CA LEU B 306 -33.59 -36.82 5.45
C LEU B 306 -33.10 -37.27 6.77
N TYR B 307 -33.56 -36.69 7.85
CA TYR B 307 -33.05 -37.05 9.16
C TYR B 307 -33.44 -38.46 9.40
N GLN B 308 -34.65 -38.84 9.05
CA GLN B 308 -35.05 -40.20 9.21
C GLN B 308 -34.24 -41.13 8.34
N GLN B 309 -33.96 -40.73 7.12
CA GLN B 309 -33.19 -41.56 6.20
C GLN B 309 -31.81 -41.77 6.74
N THR B 310 -31.22 -40.76 7.33
CA THR B 310 -29.87 -40.83 7.82
C THR B 310 -29.82 -41.52 9.15
N GLN B 311 -30.90 -41.53 9.89
CA GLN B 311 -30.98 -42.22 11.17
C GLN B 311 -31.26 -43.66 10.97
N ASP B 312 -31.88 -44.00 9.86
CA ASP B 312 -32.15 -45.38 9.53
C ASP B 312 -30.94 -45.96 8.92
N TYR B 313 -30.16 -45.19 8.19
CA TYR B 313 -28.90 -45.70 7.66
C TYR B 313 -28.07 -45.98 8.84
N ALA B 314 -28.00 -45.10 9.80
CA ALA B 314 -27.22 -45.27 11.01
C ALA B 314 -27.61 -46.54 11.76
N THR B 315 -28.89 -46.81 12.00
CA THR B 315 -29.30 -48.04 12.70
C THR B 315 -29.20 -49.33 11.89
N GLU B 316 -29.19 -49.27 10.56
CA GLU B 316 -29.20 -50.44 9.68
C GLU B 316 -27.81 -50.88 9.23
N PHE B 317 -26.94 -49.92 8.89
CA PHE B 317 -25.61 -50.13 8.31
C PHE B 317 -24.49 -49.37 9.03
N GLY B 318 -24.79 -48.23 9.63
CA GLY B 318 -23.82 -47.37 10.30
C GLY B 318 -23.61 -47.73 11.77
N ALA B 319 -23.46 -46.68 12.59
CA ALA B 319 -23.13 -46.71 14.00
C ALA B 319 -24.18 -47.34 14.96
N LEU B 320 -25.24 -47.96 14.43
CA LEU B 320 -26.35 -48.64 15.09
C LEU B 320 -27.27 -47.75 15.93
N MET C 1 -43.06 -0.77 17.52
CA MET C 1 -42.31 -1.60 16.55
C MET C 1 -41.38 -2.58 17.24
N LEU C 2 -40.41 -2.15 18.05
CA LEU C 2 -39.45 -3.02 18.74
C LEU C 2 -40.11 -4.08 19.64
N ASP C 3 -41.29 -3.79 20.16
CA ASP C 3 -42.10 -4.70 20.96
C ASP C 3 -42.51 -5.99 20.23
N SER C 4 -42.50 -5.98 18.89
CA SER C 4 -42.79 -7.18 18.10
C SER C 4 -41.57 -7.99 17.74
N LEU C 5 -40.41 -7.38 17.67
CA LEU C 5 -39.20 -8.06 17.24
C LEU C 5 -38.54 -8.82 18.37
N LYS C 6 -38.79 -8.48 19.62
CA LYS C 6 -38.26 -9.19 20.80
C LYS C 6 -38.53 -10.69 20.78
N SER C 7 -39.58 -11.11 20.07
CA SER C 7 -39.95 -12.52 19.87
C SER C 7 -38.95 -13.30 19.01
N GLN C 8 -38.25 -12.63 18.08
CA GLN C 8 -37.36 -13.30 17.10
C GLN C 8 -35.92 -13.53 17.55
N PHE C 9 -35.48 -12.80 18.56
CA PHE C 9 -34.12 -12.88 19.08
C PHE C 9 -33.94 -14.01 20.09
N GLN C 10 -32.71 -14.48 20.26
CA GLN C 10 -32.39 -15.46 21.28
C GLN C 10 -32.55 -14.87 22.70
N PRO C 11 -33.02 -15.63 23.70
CA PRO C 11 -33.22 -15.16 25.07
C PRO C 11 -31.92 -14.91 25.83
N SER C 12 -30.83 -15.56 25.42
CA SER C 12 -29.45 -15.32 25.81
C SER C 12 -28.53 -15.85 24.71
N PHE C 13 -27.26 -15.42 24.65
CA PHE C 13 -26.32 -15.81 23.61
C PHE C 13 -26.14 -17.33 23.57
N PRO C 14 -26.35 -17.99 22.42
CA PRO C 14 -26.18 -19.42 22.31
C PRO C 14 -24.72 -19.81 22.10
N ARG C 15 -24.40 -21.06 22.44
CA ARG C 15 -23.05 -21.64 22.33
C ARG C 15 -22.56 -21.66 20.89
N LEU C 16 -23.28 -22.36 20.02
CA LEU C 16 -23.14 -22.39 18.56
C LEU C 16 -24.31 -21.58 17.98
N ALA C 17 -24.09 -20.90 16.86
CA ALA C 17 -25.16 -20.20 16.18
C ALA C 17 -26.21 -21.18 15.61
N SER C 18 -27.48 -20.80 15.69
CA SER C 18 -28.63 -21.58 15.27
C SER C 18 -29.38 -20.92 14.12
N GLY C 19 -28.65 -20.18 13.28
CA GLY C 19 -29.11 -19.67 12.00
C GLY C 19 -30.03 -18.46 12.10
N HIS C 20 -30.00 -17.72 13.20
CA HIS C 20 -30.79 -16.51 13.36
C HIS C 20 -29.92 -15.30 12.99
N TYR C 21 -29.89 -14.97 11.71
CA TYR C 21 -29.12 -13.82 11.22
C TYR C 21 -30.01 -12.58 11.11
N VAL C 22 -29.55 -11.45 11.65
CA VAL C 22 -30.09 -10.13 11.34
C VAL C 22 -29.12 -9.47 10.39
N HIS C 23 -29.59 -8.98 9.26
CA HIS C 23 -28.79 -8.25 8.28
C HIS C 23 -29.18 -6.80 8.25
N PHE C 24 -28.23 -5.91 8.29
CA PHE C 24 -28.46 -4.49 8.16
C PHE C 24 -27.98 -4.04 6.78
N LEU C 25 -28.89 -3.65 5.91
CA LEU C 25 -28.57 -3.18 4.56
C LEU C 25 -28.51 -1.67 4.61
N MET C 26 -27.38 -1.06 4.32
CA MET C 26 -27.24 0.38 4.37
C MET C 26 -26.30 0.95 3.33
N LEU C 27 -26.55 2.19 3.00
CA LEU C 27 -25.74 3.00 2.12
C LEU C 27 -24.94 3.95 2.99
N ARG C 28 -23.62 3.89 2.88
CA ARG C 28 -22.70 4.79 3.55
C ARG C 28 -22.38 5.94 2.60
N HIS C 29 -23.02 7.08 2.77
CA HIS C 29 -22.82 8.25 1.92
C HIS C 29 -21.70 9.11 2.50
N SER C 30 -20.72 9.43 1.68
CA SER C 30 -19.63 10.33 2.01
C SER C 30 -20.16 11.71 2.29
N GLN C 31 -19.69 12.35 3.37
CA GLN C 31 -20.07 13.72 3.69
C GLN C 31 -18.93 14.68 3.47
N SER C 32 -17.70 14.27 3.75
CA SER C 32 -16.55 15.16 3.69
C SER C 32 -15.25 14.36 3.60
N PHE C 33 -14.74 14.23 2.39
CA PHE C 33 -13.35 13.89 2.08
C PHE C 33 -12.69 12.73 2.84
N PRO C 34 -13.29 11.53 2.93
CA PRO C 34 -12.63 10.41 3.56
C PRO C 34 -11.38 9.93 2.82
N VAL C 35 -10.45 9.36 3.57
CA VAL C 35 -9.24 8.75 3.07
C VAL C 35 -9.25 7.27 3.43
N PHE C 36 -9.61 6.40 2.49
CA PHE C 36 -9.63 4.95 2.68
C PHE C 36 -8.38 4.36 2.08
N GLN C 37 -7.40 4.09 2.92
CA GLN C 37 -6.08 3.69 2.49
C GLN C 37 -5.47 2.59 3.33
N THR C 38 -4.56 1.91 2.64
CA THR C 38 -3.50 1.01 3.03
C THR C 38 -2.41 1.30 1.99
N ASP C 39 -1.13 1.16 2.31
CA ASP C 39 -0.02 1.33 1.36
C ASP C 39 0.05 2.69 0.62
N GLY C 40 -0.59 3.73 1.13
CA GLY C 40 -0.35 5.12 0.73
C GLY C 40 -1.09 5.66 -0.48
N VAL C 41 -2.09 4.96 -1.01
CA VAL C 41 -3.00 5.44 -2.05
C VAL C 41 -4.44 5.05 -1.74
N LEU C 42 -5.43 5.71 -2.30
CA LEU C 42 -6.82 5.28 -2.13
C LEU C 42 -7.00 3.88 -2.69
N ASN C 43 -7.47 2.98 -1.85
CA ASN C 43 -7.63 1.60 -2.25
C ASN C 43 -8.73 1.50 -3.28
N THR C 44 -8.44 0.84 -4.40
CA THR C 44 -9.23 0.85 -5.63
C THR C 44 -9.09 -0.50 -6.29
N THR C 45 -10.12 -1.03 -6.93
CA THR C 45 -10.08 -2.33 -7.59
C THR C 45 -10.98 -2.38 -8.80
N ARG C 46 -10.66 -3.23 -9.78
CA ARG C 46 -11.48 -3.42 -10.97
C ARG C 46 -12.58 -4.44 -10.72
N THR C 47 -13.73 -4.11 -11.24
CA THR C 47 -15.00 -4.81 -11.07
C THR C 47 -15.78 -4.69 -12.36
N GLN C 48 -16.74 -5.56 -12.61
CA GLN C 48 -17.72 -5.33 -13.67
C GLN C 48 -18.63 -4.17 -13.24
N ALA C 49 -19.03 -3.30 -14.15
CA ALA C 49 -19.83 -2.13 -13.82
C ALA C 49 -21.15 -2.47 -13.14
N GLY C 50 -21.95 -3.34 -13.73
CA GLY C 50 -23.19 -3.86 -13.18
C GLY C 50 -23.51 -5.25 -13.71
N LEU C 51 -24.51 -5.92 -13.15
CA LEU C 51 -24.63 -7.37 -13.32
C LEU C 51 -24.86 -7.85 -14.76
N LEU C 52 -25.85 -7.31 -15.48
CA LEU C 52 -26.36 -7.92 -16.73
C LEU C 52 -26.29 -7.00 -17.93
N GLU C 53 -26.63 -5.71 -17.80
CA GLU C 53 -26.70 -4.78 -18.93
C GLU C 53 -25.39 -4.02 -19.17
N LYS C 54 -24.89 -3.32 -18.16
CA LYS C 54 -23.62 -2.61 -18.18
C LYS C 54 -22.49 -3.56 -17.81
N THR C 55 -21.93 -4.28 -18.76
CA THR C 55 -20.94 -5.34 -18.51
C THR C 55 -19.50 -4.93 -18.78
N ASP C 56 -19.19 -3.66 -18.89
CA ASP C 56 -17.82 -3.16 -19.04
C ASP C 56 -17.11 -3.08 -17.68
N GLN C 57 -15.79 -3.23 -17.63
CA GLN C 57 -15.02 -3.13 -16.39
C GLN C 57 -14.86 -1.68 -15.94
N LEU C 58 -14.76 -1.50 -14.63
CA LEU C 58 -14.87 -0.24 -13.93
C LEU C 58 -14.05 -0.34 -12.64
N SER C 59 -13.03 0.50 -12.51
CA SER C 59 -12.28 0.65 -11.28
C SER C 59 -13.09 1.42 -10.26
N ARG C 60 -13.34 0.87 -9.09
CA ARG C 60 -14.08 1.50 -7.99
C ARG C 60 -13.32 1.46 -6.68
N LEU C 61 -13.59 2.43 -5.82
CA LEU C 61 -12.94 2.58 -4.52
C LEU C 61 -13.33 1.43 -3.62
N VAL C 62 -12.48 1.05 -2.69
CA VAL C 62 -12.80 0.04 -1.69
C VAL C 62 -12.53 0.56 -0.27
N MET C 63 -13.57 0.62 0.52
CA MET C 63 -13.52 0.75 1.97
C MET C 63 -13.14 -0.62 2.55
N PHE C 64 -11.86 -0.83 2.71
CA PHE C 64 -11.29 -2.11 3.06
C PHE C 64 -11.77 -2.63 4.41
N LYS C 65 -11.55 -3.91 4.66
CA LYS C 65 -12.40 -4.72 5.54
C LYS C 65 -12.67 -4.26 6.95
N ARG C 66 -11.66 -3.88 7.71
CA ARG C 66 -11.77 -3.31 9.05
C ARG C 66 -12.26 -1.88 9.09
N LYS C 67 -12.02 -1.10 8.05
CA LYS C 67 -12.29 0.32 7.96
C LYS C 67 -13.76 0.67 8.18
N GLN C 68 -14.67 -0.31 8.22
CA GLN C 68 -16.09 -0.15 8.61
C GLN C 68 -16.56 -1.04 9.76
N THR C 69 -15.67 -1.71 10.50
CA THR C 69 -16.02 -2.37 11.75
C THR C 69 -15.39 -1.67 12.94
N THR C 70 -14.20 -1.09 12.80
CA THR C 70 -13.53 -0.41 13.91
C THR C 70 -14.20 0.87 14.37
N PRO C 71 -14.57 1.85 13.54
CA PRO C 71 -15.29 3.01 14.02
C PRO C 71 -16.60 2.69 14.75
N GLU C 72 -17.32 1.67 14.32
CA GLU C 72 -18.52 1.16 14.95
C GLU C 72 -18.18 0.60 16.32
N ARG C 73 -17.19 -0.28 16.37
CA ARG C 73 -16.72 -0.96 17.58
C ARG C 73 -16.26 0.02 18.65
N LEU C 74 -15.45 1.00 18.28
CA LEU C 74 -14.90 2.00 19.18
C LEU C 74 -15.97 3.01 19.66
N ALA C 75 -16.99 3.31 18.86
CA ALA C 75 -18.12 4.11 19.31
C ALA C 75 -18.99 3.37 20.32
N GLY C 76 -19.04 2.05 20.21
CA GLY C 76 -19.68 1.16 21.16
C GLY C 76 -18.95 1.09 22.49
N ARG C 77 -17.62 0.92 22.46
CA ARG C 77 -16.80 0.88 23.68
C ARG C 77 -16.88 2.16 24.48
N GLU C 78 -16.87 3.29 23.80
CA GLU C 78 -16.99 4.61 24.44
C GLU C 78 -18.33 4.81 25.15
N LEU C 79 -19.39 4.16 24.69
CA LEU C 79 -20.70 4.21 25.32
C LEU C 79 -20.73 3.32 26.56
N LEU C 80 -20.11 2.15 26.49
CA LEU C 80 -19.98 1.26 27.65
C LEU C 80 -19.22 1.96 28.78
N ARG C 81 -18.13 2.65 28.47
CA ARG C 81 -17.43 3.52 29.40
C ARG C 81 -18.29 4.68 29.88
N ASN C 82 -19.04 5.34 29.01
CA ASN C 82 -19.89 6.47 29.40
C ASN C 82 -21.01 6.09 30.38
N LEU C 83 -21.58 4.90 30.24
CA LEU C 83 -22.58 4.34 31.15
C LEU C 83 -21.95 3.69 32.39
N GLY C 84 -20.63 3.56 32.41
CA GLY C 84 -19.86 3.03 33.54
C GLY C 84 -19.79 1.52 33.63
N LEU C 85 -20.16 0.81 32.57
CA LEU C 85 -20.14 -0.66 32.53
C LEU C 85 -18.71 -1.20 32.45
N THR C 86 -17.87 -0.55 31.66
CA THR C 86 -16.42 -0.76 31.56
C THR C 86 -15.67 0.48 32.03
N SER C 87 -14.34 0.44 32.08
CA SER C 87 -13.48 1.54 32.52
C SER C 87 -12.12 1.56 31.84
N ALA C 88 -11.47 2.74 31.81
CA ALA C 88 -10.13 2.92 31.24
C ALA C 88 -8.99 2.91 32.27
N ASP C 89 -9.29 3.08 33.56
CA ASP C 89 -8.30 3.11 34.63
C ASP C 89 -7.78 1.71 34.94
N LYS C 90 -6.46 1.54 34.94
CA LYS C 90 -5.83 0.22 35.04
C LYS C 90 -6.02 -0.47 36.39
N SER C 91 -6.54 0.23 37.39
CA SER C 91 -6.85 -0.31 38.72
C SER C 91 -8.24 -0.92 38.87
N ALA C 92 -9.18 -0.67 37.96
CA ALA C 92 -10.58 -1.05 38.13
C ALA C 92 -10.84 -2.53 37.80
N LYS C 93 -11.86 -3.10 38.43
CA LYS C 93 -12.36 -4.47 38.20
C LYS C 93 -13.00 -4.71 36.83
N ASN C 94 -13.27 -3.65 36.06
CA ASN C 94 -14.01 -3.67 34.80
C ASN C 94 -13.22 -3.05 33.63
N LEU C 95 -11.90 -3.06 33.72
CA LEU C 95 -10.98 -2.66 32.67
C LEU C 95 -11.12 -3.53 31.43
N CYS C 96 -11.12 -2.91 30.25
CA CYS C 96 -11.07 -3.59 28.97
C CYS C 96 -10.09 -2.87 28.05
N GLU C 97 -8.85 -3.33 27.97
CA GLU C 97 -7.84 -2.79 27.07
C GLU C 97 -8.15 -3.23 25.63
N TYR C 98 -8.19 -2.30 24.68
CA TYR C 98 -8.29 -2.63 23.26
C TYR C 98 -6.94 -3.18 22.74
N ASN C 99 -6.98 -4.08 21.75
CA ASN C 99 -5.80 -4.61 21.08
C ASN C 99 -4.71 -5.17 22.01
N GLY C 100 -5.06 -5.81 23.13
CA GLY C 100 -4.09 -6.18 24.16
C GLY C 100 -4.47 -7.40 24.96
N GLU C 101 -3.52 -7.88 25.77
CA GLU C 101 -3.77 -8.95 26.73
C GLU C 101 -4.92 -8.57 27.68
N GLY C 102 -4.96 -7.33 28.18
CA GLY C 102 -5.92 -6.86 29.18
C GLY C 102 -7.34 -6.60 28.67
N SER C 103 -7.70 -7.15 27.52
CA SER C 103 -9.08 -7.23 27.07
C SER C 103 -9.94 -7.98 28.10
N CYS C 104 -11.17 -7.54 28.32
CA CYS C 104 -12.07 -8.01 29.37
C CYS C 104 -12.51 -9.47 29.17
N LYS C 105 -12.78 -9.83 27.92
CA LYS C 105 -13.27 -11.15 27.48
C LYS C 105 -14.68 -11.48 27.96
N GLN C 106 -15.37 -10.52 28.57
CA GLN C 106 -16.74 -10.65 29.09
C GLN C 106 -17.61 -9.40 28.92
N CYS C 107 -17.12 -8.30 28.33
CA CYS C 107 -17.95 -7.14 27.98
C CYS C 107 -18.55 -7.24 26.57
N PRO C 108 -19.53 -6.42 26.19
CA PRO C 108 -20.22 -6.56 24.92
C PRO C 108 -19.38 -6.47 23.67
N ASP C 109 -18.41 -5.56 23.60
CA ASP C 109 -17.43 -5.53 22.51
C ASP C 109 -16.73 -6.89 22.35
N CYS C 110 -16.23 -7.44 23.45
CA CYS C 110 -15.51 -8.70 23.43
C CYS C 110 -16.36 -9.85 22.90
N ILE C 111 -17.64 -9.90 23.26
CA ILE C 111 -18.50 -11.01 22.83
C ILE C 111 -19.05 -10.80 21.42
N LEU C 112 -19.39 -9.58 21.05
CA LEU C 112 -20.04 -9.27 19.78
C LEU C 112 -19.06 -9.04 18.65
N TYR C 113 -17.93 -8.39 18.88
CA TYR C 113 -16.90 -8.12 17.87
C TYR C 113 -15.63 -8.97 18.02
N GLY C 114 -15.49 -9.75 19.09
CA GLY C 114 -14.47 -10.80 19.21
C GLY C 114 -13.14 -10.37 19.84
N PHE C 115 -12.25 -11.29 20.13
CA PHE C 115 -10.92 -11.02 20.67
C PHE C 115 -9.98 -12.20 20.46
N ALA C 116 -8.67 -12.01 20.58
CA ALA C 116 -7.71 -13.08 20.31
C ALA C 116 -6.51 -13.26 21.24
N ILE C 117 -5.96 -12.22 21.87
CA ILE C 117 -4.69 -12.35 22.61
C ILE C 117 -4.88 -13.13 23.93
N GLY C 118 -3.94 -14.02 24.24
CA GLY C 118 -3.73 -14.56 25.60
C GLY C 118 -4.31 -15.94 25.92
N ASP C 119 -4.02 -16.43 27.12
CA ASP C 119 -4.29 -17.80 27.58
C ASP C 119 -5.78 -18.14 27.68
N SER C 120 -6.59 -17.13 27.96
CA SER C 120 -8.04 -17.24 28.16
C SER C 120 -8.78 -17.49 26.83
N GLY C 121 -8.06 -17.40 25.72
CA GLY C 121 -8.44 -17.90 24.42
C GLY C 121 -8.85 -16.81 23.46
N SER C 122 -9.75 -17.12 22.54
CA SER C 122 -10.31 -16.22 21.55
C SER C 122 -11.83 -16.39 21.47
N GLU C 123 -12.49 -15.45 20.85
CA GLU C 123 -13.92 -15.47 20.55
C GLU C 123 -14.11 -14.86 19.17
N ARG C 124 -14.81 -15.54 18.26
CA ARG C 124 -15.12 -15.04 16.91
C ARG C 124 -16.17 -13.94 16.98
N SER C 125 -16.04 -12.94 16.14
CA SER C 125 -16.99 -11.86 15.98
C SER C 125 -18.35 -12.39 15.57
N LYS C 126 -19.41 -11.92 16.21
CA LYS C 126 -20.81 -12.17 15.87
C LYS C 126 -21.34 -11.13 14.91
N VAL C 127 -20.75 -9.94 14.88
CA VAL C 127 -20.88 -9.01 13.77
C VAL C 127 -20.04 -9.51 12.61
N TYR C 128 -20.65 -9.75 11.46
CA TYR C 128 -20.01 -10.13 10.21
C TYR C 128 -20.08 -8.95 9.26
N SER C 129 -19.00 -8.71 8.54
CA SER C 129 -18.85 -7.58 7.64
C SER C 129 -18.00 -7.97 6.43
N ASP C 130 -18.05 -7.20 5.36
CA ASP C 130 -17.20 -7.36 4.18
C ASP C 130 -16.76 -6.00 3.67
N SER C 131 -15.66 -5.95 2.93
CA SER C 131 -15.18 -4.74 2.27
C SER C 131 -16.26 -4.15 1.36
N ALA C 132 -16.37 -2.83 1.29
CA ALA C 132 -17.43 -2.16 0.57
C ALA C 132 -16.91 -1.32 -0.58
N PHE C 133 -17.69 -1.20 -1.63
CA PHE C 133 -17.25 -0.71 -2.92
C PHE C 133 -18.00 0.57 -3.31
N SER C 134 -17.36 1.51 -4.00
CA SER C 134 -18.08 2.69 -4.49
C SER C 134 -19.06 2.30 -5.58
N LEU C 135 -20.26 2.85 -5.53
CA LEU C 135 -21.24 2.67 -6.58
C LEU C 135 -20.73 3.21 -7.92
N GLY C 136 -20.08 4.37 -7.89
CA GLY C 136 -19.47 5.00 -9.06
C GLY C 136 -18.04 4.56 -9.30
N ALA C 137 -17.48 5.02 -10.39
CA ALA C 137 -16.11 4.79 -10.76
C ALA C 137 -15.14 5.67 -9.97
N TYR C 138 -13.95 5.18 -9.71
CA TYR C 138 -12.89 5.87 -9.00
C TYR C 138 -12.56 7.21 -9.64
N GLU C 139 -12.47 7.27 -10.96
CA GLU C 139 -12.06 8.50 -11.64
C GLU C 139 -13.03 9.67 -11.46
N GLN C 140 -14.30 9.38 -11.22
CA GLN C 140 -15.39 10.31 -10.98
C GLN C 140 -15.65 10.56 -9.48
N SER C 141 -14.91 9.89 -8.59
CA SER C 141 -15.20 9.79 -7.15
C SER C 141 -14.06 10.24 -6.24
N HIS C 142 -12.95 10.73 -6.75
CA HIS C 142 -11.83 11.19 -5.93
C HIS C 142 -11.22 12.48 -6.44
N ARG C 143 -10.47 13.16 -5.58
CA ARG C 143 -9.59 14.27 -5.94
C ARG C 143 -8.40 14.28 -5.00
N SER C 144 -7.23 14.67 -5.50
CA SER C 144 -6.04 14.79 -4.70
C SER C 144 -5.77 16.25 -4.38
N PHE C 145 -5.52 16.52 -3.11
CA PHE C 145 -5.34 17.85 -2.54
C PHE C 145 -3.92 17.94 -2.00
N THR C 146 -3.16 18.94 -2.44
CA THR C 146 -1.82 19.17 -1.92
C THR C 146 -1.84 19.83 -0.55
N PHE C 147 -0.82 19.60 0.27
CA PHE C 147 -0.69 20.19 1.60
C PHE C 147 0.76 20.54 1.93
N ASN C 148 0.94 21.56 2.75
CA ASN C 148 2.24 22.07 3.18
C ASN C 148 2.26 22.32 4.70
N ALA C 149 3.42 22.59 5.26
CA ALA C 149 3.64 22.80 6.68
C ALA C 149 4.60 23.98 6.93
N PRO C 150 4.19 25.24 6.79
CA PRO C 150 5.03 26.39 7.06
C PRO C 150 5.48 26.43 8.51
N PHE C 151 6.59 27.11 8.76
CA PHE C 151 7.00 27.47 10.11
C PHE C 151 6.03 28.49 10.67
N GLU C 152 5.88 28.60 11.99
CA GLU C 152 4.87 29.52 12.56
C GLU C 152 5.16 31.00 12.23
N GLY C 153 6.39 31.33 11.86
CA GLY C 153 6.72 32.61 11.23
C GLY C 153 5.94 32.92 9.95
N GLY C 154 5.20 31.97 9.39
CA GLY C 154 4.40 32.12 8.19
C GLY C 154 5.23 32.07 6.92
N THR C 155 6.28 31.27 6.94
CA THR C 155 7.23 31.10 5.84
C THR C 155 7.51 29.63 5.64
N MET C 156 8.10 29.30 4.50
CA MET C 156 8.55 27.94 4.21
C MET C 156 10.05 27.76 4.41
N SER C 157 10.78 28.76 4.92
CA SER C 157 12.24 28.81 4.89
C SER C 157 12.91 29.41 6.14
N GLU C 158 12.60 28.90 7.33
CA GLU C 158 13.11 29.40 8.62
C GLU C 158 14.66 29.36 8.73
N ALA C 159 15.32 28.36 8.16
CA ALA C 159 16.78 28.27 8.09
C ALA C 159 17.42 29.22 7.06
N GLY C 160 16.65 30.08 6.39
CA GLY C 160 17.01 30.74 5.14
C GLY C 160 16.86 29.88 3.89
N VAL C 161 16.48 28.61 4.06
CA VAL C 161 16.31 27.57 3.03
C VAL C 161 15.04 26.77 3.28
N MET C 162 14.40 26.25 2.22
CA MET C 162 13.05 25.67 2.29
C MET C 162 12.96 24.38 3.13
N ARG C 163 11.81 24.11 3.74
CA ARG C 163 11.54 22.82 4.40
C ARG C 163 11.42 21.65 3.40
N SER C 164 10.90 21.92 2.20
CA SER C 164 10.63 20.95 1.12
C SER C 164 9.61 19.84 1.46
N ALA C 165 8.70 20.07 2.42
CA ALA C 165 7.74 19.08 2.91
C ALA C 165 6.42 19.00 2.10
N ILE C 166 6.23 19.87 1.11
CA ILE C 166 5.10 19.89 0.19
C ILE C 166 4.81 18.50 -0.39
N ASN C 167 3.61 17.99 -0.15
CA ASN C 167 3.17 16.70 -0.67
C ASN C 167 1.68 16.75 -1.03
N GLU C 168 1.11 15.65 -1.51
CA GLU C 168 -0.33 15.56 -1.74
C GLU C 168 -0.92 14.26 -1.20
N LEU C 169 -2.23 14.23 -1.05
CA LEU C 169 -2.96 13.04 -0.62
C LEU C 169 -4.24 12.93 -1.42
N ASP C 170 -4.73 11.71 -1.64
CA ASP C 170 -5.93 11.43 -2.43
C ASP C 170 -7.11 11.26 -1.50
N HIS C 171 -8.23 11.93 -1.79
CA HIS C 171 -9.42 11.97 -0.95
C HIS C 171 -10.65 11.62 -1.75
N ILE C 172 -11.58 10.89 -1.16
CA ILE C 172 -12.83 10.51 -1.79
C ILE C 172 -13.74 11.73 -1.76
N LEU C 173 -14.46 12.05 -2.83
CA LEU C 173 -15.32 13.21 -2.85
C LEU C 173 -16.56 13.05 -1.94
N PRO C 174 -17.25 14.13 -1.57
CA PRO C 174 -18.57 14.09 -0.98
C PRO C 174 -19.60 13.43 -1.86
N GLU C 175 -20.69 12.96 -1.28
CA GLU C 175 -21.82 12.32 -1.95
C GLU C 175 -21.48 11.04 -2.73
N VAL C 176 -20.27 10.50 -2.61
CA VAL C 176 -19.89 9.16 -3.03
C VAL C 176 -20.51 8.12 -2.10
N THR C 177 -21.09 7.06 -2.68
CA THR C 177 -21.86 6.07 -1.93
C THR C 177 -21.17 4.72 -1.92
N PHE C 178 -21.06 4.11 -0.75
CA PHE C 178 -20.65 2.71 -0.57
C PHE C 178 -21.84 1.87 -0.07
N PRO C 179 -22.50 1.07 -0.90
CA PRO C 179 -23.48 0.10 -0.44
C PRO C 179 -22.82 -0.95 0.46
N THR C 180 -23.49 -1.31 1.55
CA THR C 180 -22.98 -2.24 2.57
C THR C 180 -24.08 -3.09 3.17
N VAL C 181 -23.76 -4.33 3.51
CA VAL C 181 -24.60 -5.22 4.29
C VAL C 181 -23.81 -5.70 5.49
N GLU C 182 -24.00 -5.07 6.64
CA GLU C 182 -23.54 -5.64 7.90
C GLU C 182 -24.45 -6.79 8.29
N SER C 183 -23.93 -7.73 9.06
CA SER C 183 -24.67 -8.92 9.50
C SER C 183 -24.40 -9.21 10.97
N LEU C 184 -25.36 -9.77 11.67
CA LEU C 184 -25.28 -10.13 13.09
C LEU C 184 -25.86 -11.53 13.30
N ARG C 185 -25.04 -12.40 13.87
CA ARG C 185 -25.27 -13.83 14.06
C ARG C 185 -25.70 -14.14 15.50
N ASP C 186 -26.91 -14.65 15.68
CA ASP C 186 -27.44 -15.15 16.96
C ASP C 186 -27.17 -14.24 18.18
N ALA C 187 -27.61 -13.00 18.07
CA ALA C 187 -27.64 -12.05 19.15
C ALA C 187 -28.95 -12.11 19.96
N THR C 188 -28.91 -11.45 21.10
CA THR C 188 -30.08 -11.05 21.87
C THR C 188 -30.67 -9.75 21.35
N TYR C 189 -31.88 -9.38 21.77
CA TYR C 189 -32.49 -8.09 21.47
C TYR C 189 -31.61 -6.92 21.90
N GLU C 190 -30.96 -7.05 23.05
CA GLU C 190 -30.09 -6.00 23.55
C GLU C 190 -28.82 -5.94 22.72
N GLY C 191 -28.31 -7.05 22.21
CA GLY C 191 -27.20 -7.10 21.27
C GLY C 191 -27.52 -6.44 19.93
N PHE C 192 -28.73 -6.63 19.43
CA PHE C 192 -29.24 -5.94 18.26
C PHE C 192 -29.29 -4.44 18.46
N ILE C 193 -29.82 -3.96 19.58
CA ILE C 193 -29.85 -2.53 19.89
C ILE C 193 -28.44 -1.96 20.07
N TYR C 194 -27.47 -2.73 20.55
CA TYR C 194 -26.08 -2.29 20.64
C TYR C 194 -25.44 -2.14 19.27
N VAL C 195 -25.53 -3.13 18.40
CA VAL C 195 -24.91 -3.11 17.06
C VAL C 195 -25.61 -2.12 16.14
N LEU C 196 -26.93 -2.11 16.12
CA LEU C 196 -27.69 -1.10 15.41
C LEU C 196 -27.37 0.29 15.95
N GLY C 197 -27.15 0.41 17.26
CA GLY C 197 -26.65 1.62 17.88
C GLY C 197 -25.37 2.10 17.25
N ASN C 198 -24.35 1.27 17.19
CA ASN C 198 -23.06 1.63 16.61
C ASN C 198 -23.17 2.12 15.18
N LEU C 199 -23.88 1.40 14.33
CA LEU C 199 -24.06 1.71 12.91
C LEU C 199 -24.75 3.05 12.69
N LEU C 200 -25.66 3.42 13.58
CA LEU C 200 -26.46 4.65 13.48
C LEU C 200 -25.76 5.83 14.16
N ARG C 201 -24.93 5.56 15.16
CA ARG C 201 -24.32 6.53 16.08
C ARG C 201 -22.88 6.86 15.76
N THR C 202 -22.12 5.97 15.11
CA THR C 202 -20.76 6.27 14.65
C THR C 202 -20.76 7.11 13.38
N LYS C 203 -19.80 8.02 13.23
CA LYS C 203 -19.83 9.07 12.20
C LYS C 203 -18.54 9.27 11.42
N ARG C 204 -17.39 8.80 11.90
CA ARG C 204 -16.05 9.06 11.36
C ARG C 204 -15.41 7.80 10.82
N TYR C 205 -14.75 7.87 9.68
CA TYR C 205 -14.14 6.72 9.02
C TYR C 205 -12.83 7.06 8.35
N GLY C 206 -11.93 6.09 8.24
CA GLY C 206 -10.70 6.23 7.47
C GLY C 206 -9.59 7.00 8.19
N ALA C 207 -8.58 7.41 7.42
CA ALA C 207 -7.49 8.20 7.94
C ALA C 207 -7.96 9.58 8.35
N GLN C 208 -7.25 10.19 9.28
CA GLN C 208 -7.36 11.57 9.68
C GLN C 208 -8.73 11.94 10.25
N GLU C 209 -9.27 11.11 11.14
CA GLU C 209 -10.63 11.27 11.69
C GLU C 209 -10.86 12.57 12.44
N SER C 210 -9.82 13.13 13.06
CA SER C 210 -9.86 14.37 13.83
C SER C 210 -9.93 15.61 12.96
N ARG C 211 -9.71 15.44 11.66
CA ARG C 211 -9.72 16.50 10.67
C ARG C 211 -10.76 16.27 9.58
N THR C 212 -11.13 15.03 9.29
CA THR C 212 -11.80 14.62 8.05
C THR C 212 -12.63 13.33 8.18
N GLY C 213 -13.42 13.01 7.18
CA GLY C 213 -13.95 11.67 6.97
C GLY C 213 -15.24 11.36 7.70
N THR C 214 -16.12 12.33 7.79
CA THR C 214 -17.49 12.14 8.24
C THR C 214 -18.32 11.40 7.19
N MET C 215 -19.26 10.56 7.61
CA MET C 215 -20.17 9.82 6.74
C MET C 215 -21.59 9.71 7.28
N LYS C 216 -22.53 9.44 6.39
CA LYS C 216 -23.97 9.41 6.64
C LYS C 216 -24.50 8.04 6.29
N ASN C 217 -24.73 7.21 7.30
CA ASN C 217 -25.24 5.85 7.14
C ASN C 217 -26.76 5.88 7.04
N HIS C 218 -27.28 5.59 5.86
CA HIS C 218 -28.70 5.45 5.63
C HIS C 218 -29.00 3.98 5.59
N LEU C 219 -29.60 3.46 6.65
CA LEU C 219 -30.08 2.10 6.72
C LEU C 219 -31.33 2.00 5.84
N VAL C 220 -31.31 1.11 4.85
CA VAL C 220 -32.37 0.92 3.85
C VAL C 220 -33.19 -0.34 4.07
N GLY C 221 -32.71 -1.27 4.90
CA GLY C 221 -33.50 -2.42 5.34
C GLY C 221 -32.88 -3.17 6.50
N ILE C 222 -33.66 -3.92 7.29
CA ILE C 222 -33.13 -4.82 8.32
C ILE C 222 -33.85 -6.10 7.88
N VAL C 223 -33.15 -7.20 7.62
CA VAL C 223 -33.73 -8.45 7.12
C VAL C 223 -33.39 -9.61 8.03
N PHE C 224 -34.37 -10.18 8.69
CA PHE C 224 -34.16 -11.28 9.60
C PHE C 224 -34.19 -12.52 8.73
N ALA C 225 -33.25 -13.49 8.83
CA ALA C 225 -33.13 -14.61 7.91
C ALA C 225 -32.36 -15.82 8.43
N ASP C 226 -32.68 -16.95 7.83
CA ASP C 226 -32.08 -18.26 8.01
C ASP C 226 -30.66 -18.43 7.42
N GLY C 227 -30.01 -17.36 6.98
CA GLY C 227 -28.72 -17.48 6.32
C GLY C 227 -28.16 -16.20 5.70
N GLU C 228 -27.02 -16.34 5.05
CA GLU C 228 -26.31 -15.27 4.38
C GLU C 228 -27.02 -14.81 3.11
N ILE C 229 -27.25 -13.51 2.98
CA ILE C 229 -27.72 -12.84 1.77
C ILE C 229 -26.53 -12.33 0.95
N PHE C 230 -26.78 -11.55 -0.09
CA PHE C 230 -25.80 -11.10 -1.06
C PHE C 230 -24.59 -10.35 -0.48
N SER C 231 -23.48 -10.41 -1.23
CA SER C 231 -22.26 -9.63 -1.00
C SER C 231 -22.45 -8.14 -1.29
N ASN C 232 -21.63 -7.28 -0.66
CA ASN C 232 -21.59 -5.87 -0.96
C ASN C 232 -21.37 -5.59 -2.45
N LEU C 233 -20.51 -6.35 -3.12
CA LEU C 233 -20.25 -6.13 -4.54
C LEU C 233 -21.47 -6.42 -5.39
N HIS C 234 -22.26 -7.41 -5.00
CA HIS C 234 -23.47 -7.78 -5.72
C HIS C 234 -24.57 -6.76 -5.56
N LEU C 235 -24.69 -6.15 -4.37
CA LEU C 235 -25.59 -5.04 -4.15
C LEU C 235 -25.15 -3.79 -4.93
N THR C 236 -23.85 -3.53 -4.99
CA THR C 236 -23.25 -2.43 -5.75
C THR C 236 -23.53 -2.60 -7.24
N GLN C 237 -23.29 -3.78 -7.78
CA GLN C 237 -23.47 -4.09 -9.18
C GLN C 237 -24.95 -4.12 -9.58
N ALA C 238 -25.84 -4.66 -8.75
CA ALA C 238 -27.26 -4.65 -9.04
C ALA C 238 -27.83 -3.25 -9.03
N LEU C 239 -27.39 -2.39 -8.11
CA LEU C 239 -27.85 -1.02 -8.00
C LEU C 239 -27.34 -0.14 -9.12
N TYR C 240 -26.13 -0.37 -9.62
CA TYR C 240 -25.58 0.35 -10.77
C TYR C 240 -26.37 0.06 -12.04
N ASP C 241 -26.74 -1.20 -12.25
CA ASP C 241 -27.53 -1.65 -13.37
C ASP C 241 -28.95 -1.09 -13.29
N GLN C 242 -29.53 -1.06 -12.09
CA GLN C 242 -30.87 -0.53 -11.85
C GLN C 242 -30.96 0.96 -12.16
N MET C 243 -29.90 1.72 -11.90
CA MET C 243 -29.79 3.13 -12.23
C MET C 243 -29.29 3.38 -13.65
N GLY C 244 -28.93 2.35 -14.38
CA GLY C 244 -28.40 2.47 -15.74
C GLY C 244 -27.09 3.22 -15.84
N GLY C 245 -26.36 3.34 -14.74
CA GLY C 245 -25.11 4.09 -14.64
C GLY C 245 -25.25 5.62 -14.52
N GLU C 246 -26.45 6.20 -14.57
CA GLU C 246 -26.64 7.65 -14.37
C GLU C 246 -26.75 7.96 -12.87
N LEU C 247 -25.62 7.84 -12.15
CA LEU C 247 -25.56 7.92 -10.69
C LEU C 247 -25.68 9.34 -10.10
N ASN C 248 -25.70 10.37 -10.93
CA ASN C 248 -25.92 11.76 -10.51
C ASN C 248 -27.39 12.00 -10.10
N LYS C 249 -27.83 11.37 -9.01
CA LYS C 249 -29.21 11.33 -8.51
C LYS C 249 -29.32 11.72 -7.04
N PRO C 250 -30.43 12.31 -6.60
CA PRO C 250 -30.63 12.69 -5.21
C PRO C 250 -30.44 11.55 -4.22
N ILE C 251 -29.97 11.85 -3.02
CA ILE C 251 -29.68 10.90 -1.95
C ILE C 251 -30.88 10.03 -1.57
N SER C 252 -32.09 10.60 -1.52
CA SER C 252 -33.29 9.86 -1.16
C SER C 252 -33.72 8.89 -2.26
N GLU C 253 -33.56 9.27 -3.52
CA GLU C 253 -33.91 8.41 -4.65
C GLU C 253 -32.96 7.23 -4.78
N LEU C 254 -31.70 7.45 -4.41
CA LEU C 254 -30.70 6.41 -4.28
C LEU C 254 -31.02 5.45 -3.12
N CYS C 255 -31.53 5.93 -2.00
CA CYS C 255 -32.01 5.06 -0.92
C CYS C 255 -33.28 4.28 -1.31
N GLU C 256 -34.21 4.89 -2.05
CA GLU C 256 -35.43 4.22 -2.52
C GLU C 256 -35.17 3.20 -3.63
N THR C 257 -34.17 3.43 -4.46
CA THR C 257 -33.70 2.45 -5.44
C THR C 257 -33.00 1.29 -4.76
N ALA C 258 -32.14 1.54 -3.77
CA ALA C 258 -31.50 0.48 -3.02
C ALA C 258 -32.52 -0.41 -2.32
N ALA C 259 -33.54 0.17 -1.69
CA ALA C 259 -34.59 -0.61 -1.05
C ALA C 259 -35.34 -1.51 -2.02
N THR C 260 -35.62 -1.05 -3.24
CA THR C 260 -36.34 -1.81 -4.27
C THR C 260 -35.48 -2.77 -5.08
N VAL C 261 -34.16 -2.61 -5.11
CA VAL C 261 -33.20 -3.62 -5.58
C VAL C 261 -33.04 -4.71 -4.55
N ALA C 262 -32.87 -4.37 -3.28
CA ALA C 262 -32.66 -5.35 -2.23
C ALA C 262 -33.84 -6.32 -2.11
N GLN C 263 -35.07 -5.83 -2.13
CA GLN C 263 -36.25 -6.70 -2.07
C GLN C 263 -36.33 -7.65 -3.26
N ASP C 264 -35.93 -7.25 -4.46
CA ASP C 264 -35.92 -8.14 -5.62
C ASP C 264 -34.78 -9.17 -5.58
N LEU C 265 -33.61 -8.81 -5.03
CA LEU C 265 -32.51 -9.74 -4.79
C LEU C 265 -32.85 -10.73 -3.67
N LEU C 266 -33.50 -10.31 -2.59
CA LEU C 266 -33.88 -11.20 -1.49
C LEU C 266 -34.85 -12.29 -1.94
N ASN C 267 -35.71 -11.98 -2.90
CA ASN C 267 -36.63 -12.94 -3.49
C ASN C 267 -35.95 -14.07 -4.30
N LYS C 268 -34.64 -13.96 -4.55
CA LYS C 268 -33.80 -14.90 -5.29
C LYS C 268 -32.74 -15.60 -4.44
N GLU C 269 -32.78 -15.39 -3.13
CA GLU C 269 -31.86 -15.97 -2.14
C GLU C 269 -32.50 -17.17 -1.41
N PRO C 270 -31.84 -18.34 -1.32
CA PRO C 270 -32.34 -19.53 -0.65
C PRO C 270 -32.22 -19.45 0.87
N VAL C 271 -32.82 -18.42 1.44
CA VAL C 271 -32.95 -18.24 2.88
C VAL C 271 -34.40 -17.94 3.22
N ARG C 272 -34.96 -18.63 4.22
CA ARG C 272 -36.25 -18.23 4.81
C ARG C 272 -36.06 -16.90 5.50
N LYS C 273 -37.01 -15.98 5.32
CA LYS C 273 -36.89 -14.64 5.81
C LYS C 273 -37.98 -14.38 6.78
N SER C 274 -37.63 -14.33 8.05
CA SER C 274 -38.59 -14.13 9.08
C SER C 274 -39.23 -12.77 9.03
N GLU C 275 -38.47 -11.75 8.68
CA GLU C 275 -38.97 -10.39 8.67
C GLU C 275 -38.19 -9.59 7.68
N LEU C 276 -38.81 -8.57 7.12
CA LEU C 276 -38.18 -7.74 6.14
C LEU C 276 -38.64 -6.35 6.48
N ILE C 277 -37.89 -5.65 7.31
CA ILE C 277 -38.23 -4.30 7.73
C ILE C 277 -37.72 -3.34 6.66
N PHE C 278 -38.59 -2.77 5.82
CA PHE C 278 -38.26 -1.79 4.80
C PHE C 278 -39.27 -0.65 4.86
N GLY C 279 -38.92 0.51 4.30
CA GLY C 279 -39.83 1.65 4.15
C GLY C 279 -40.36 2.20 5.46
N ALA C 280 -41.68 2.37 5.54
CA ALA C 280 -42.37 2.95 6.69
C ALA C 280 -42.15 2.15 7.98
N HIS C 281 -41.94 0.84 7.89
CA HIS C 281 -41.63 0.02 9.06
C HIS C 281 -40.22 0.25 9.59
N LEU C 282 -39.30 0.69 8.73
CA LEU C 282 -37.93 1.03 9.11
C LEU C 282 -37.82 2.44 9.65
N ASP C 283 -38.57 3.38 9.09
CA ASP C 283 -38.71 4.73 9.62
C ASP C 283 -39.26 4.70 11.05
N THR C 284 -40.28 3.86 11.28
CA THR C 284 -40.87 3.67 12.60
C THR C 284 -40.05 2.79 13.54
N LEU C 285 -39.20 1.90 13.03
CA LEU C 285 -38.21 1.20 13.84
C LEU C 285 -37.13 2.16 14.33
N LEU C 286 -36.50 2.90 13.42
CA LEU C 286 -35.35 3.73 13.76
C LEU C 286 -35.69 4.86 14.68
N GLN C 287 -36.86 5.49 14.55
CA GLN C 287 -37.29 6.48 15.53
C GLN C 287 -37.50 5.89 16.93
N GLU C 288 -37.86 4.62 17.05
CA GLU C 288 -37.99 3.96 18.34
C GLU C 288 -36.64 3.62 18.96
N VAL C 289 -35.65 3.22 18.15
CA VAL C 289 -34.25 3.03 18.55
C VAL C 289 -33.56 4.35 18.89
N ASN C 290 -33.80 5.43 18.16
CA ASN C 290 -33.38 6.76 18.54
C ASN C 290 -33.88 7.12 19.94
N ASP C 291 -35.14 6.84 20.24
CA ASP C 291 -35.73 7.11 21.54
C ASP C 291 -35.34 6.10 22.65
N ILE C 292 -34.50 5.11 22.36
CA ILE C 292 -33.69 4.43 23.36
C ILE C 292 -32.48 5.29 23.63
N TYR C 293 -31.67 5.54 22.60
CA TYR C 293 -30.40 6.22 22.72
C TYR C 293 -30.48 7.68 23.16
N GLN C 294 -31.61 8.34 23.01
CA GLN C 294 -31.88 9.68 23.52
C GLN C 294 -32.36 9.72 24.98
N ASN C 295 -32.60 8.58 25.62
CA ASN C 295 -33.15 8.46 26.95
C ASN C 295 -32.20 7.69 27.88
N ASP C 296 -31.81 8.24 29.01
CA ASP C 296 -30.79 7.63 29.86
C ASP C 296 -31.30 6.40 30.63
N ALA C 297 -32.49 6.49 31.23
CA ALA C 297 -33.08 5.43 32.02
C ALA C 297 -33.35 4.14 31.24
N GLU C 298 -33.71 4.26 29.96
CA GLU C 298 -33.91 3.10 29.08
C GLU C 298 -32.58 2.51 28.59
N LEU C 299 -31.67 3.34 28.11
CA LEU C 299 -30.38 2.92 27.58
C LEU C 299 -29.53 2.22 28.62
N THR C 300 -29.53 2.74 29.85
CA THR C 300 -28.70 2.18 30.90
C THR C 300 -29.23 0.86 31.32
N LYS C 301 -30.52 0.63 31.16
CA LYS C 301 -31.09 -0.67 31.44
C LYS C 301 -30.77 -1.63 30.37
N LEU C 302 -30.90 -1.24 29.12
CA LEU C 302 -30.71 -2.17 28.01
C LEU C 302 -29.31 -2.57 27.83
N LEU C 303 -28.41 -1.62 27.79
CA LEU C 303 -27.01 -1.92 27.66
C LEU C 303 -26.51 -2.51 28.94
N GLY C 304 -27.23 -2.34 30.04
CA GLY C 304 -26.87 -2.97 31.27
C GLY C 304 -27.15 -4.43 31.29
N SER C 305 -28.27 -4.83 30.71
CA SER C 305 -28.62 -6.23 30.64
C SER C 305 -27.77 -6.91 29.62
N LEU C 306 -27.29 -6.19 28.64
CA LEU C 306 -26.37 -6.76 27.69
C LEU C 306 -25.13 -7.09 28.42
N TYR C 307 -24.70 -6.27 29.35
CA TYR C 307 -23.54 -6.63 30.13
C TYR C 307 -23.77 -7.93 30.78
N GLN C 308 -24.91 -8.14 31.39
CA GLN C 308 -25.12 -9.35 32.11
C GLN C 308 -25.11 -10.52 31.19
N GLN C 309 -25.78 -10.42 30.07
CA GLN C 309 -25.88 -11.52 29.14
C GLN C 309 -24.54 -11.90 28.63
N THR C 310 -23.70 -10.93 28.38
CA THR C 310 -22.39 -11.19 27.85
C THR C 310 -21.46 -11.64 28.89
N GLN C 311 -21.70 -11.24 30.13
CA GLN C 311 -20.90 -11.71 31.23
C GLN C 311 -21.28 -13.09 31.50
N ASP C 312 -22.53 -13.44 31.33
CA ASP C 312 -23.01 -14.78 31.53
C ASP C 312 -22.54 -15.70 30.46
N TYR C 313 -22.51 -15.24 29.24
CA TYR C 313 -22.03 -16.05 28.15
C TYR C 313 -20.60 -16.34 28.42
N ALA C 314 -19.80 -15.39 28.86
CA ALA C 314 -18.39 -15.56 29.16
C ALA C 314 -18.14 -16.63 30.23
N THR C 315 -18.97 -16.63 31.28
CA THR C 315 -18.84 -17.52 32.43
C THR C 315 -19.54 -18.87 32.27
N GLU C 316 -20.31 -19.09 31.20
CA GLU C 316 -20.93 -20.39 30.88
C GLU C 316 -20.33 -21.10 29.65
N PHE C 317 -19.98 -20.36 28.61
CA PHE C 317 -19.51 -20.88 27.32
C PHE C 317 -18.20 -20.28 26.85
N GLY C 318 -17.90 -19.04 27.22
CA GLY C 318 -16.75 -18.29 26.73
C GLY C 318 -15.46 -18.50 27.51
N ALA C 319 -14.68 -17.42 27.63
CA ALA C 319 -13.34 -17.42 28.22
C ALA C 319 -13.26 -17.80 29.70
N LEU C 320 -14.39 -17.96 30.39
CA LEU C 320 -14.55 -18.04 31.84
C LEU C 320 -13.82 -16.89 32.52
N MET D 1 -23.89 31.61 34.23
CA MET D 1 -24.00 30.48 33.27
C MET D 1 -22.85 29.48 33.42
N LEU D 2 -21.60 29.86 33.14
CA LEU D 2 -20.44 28.96 33.16
C LEU D 2 -20.22 28.26 34.51
N ASP D 3 -20.64 28.89 35.60
CA ASP D 3 -20.61 28.34 36.96
C ASP D 3 -21.35 27.00 37.08
N SER D 4 -22.43 26.81 36.31
CA SER D 4 -23.17 25.56 36.25
C SER D 4 -22.49 24.52 35.39
N LEU D 5 -21.97 24.93 34.22
CA LEU D 5 -21.36 24.00 33.29
C LEU D 5 -20.07 23.35 33.78
N LYS D 6 -19.33 23.95 34.72
CA LYS D 6 -18.14 23.32 35.31
C LYS D 6 -18.39 21.86 35.74
N SER D 7 -19.62 21.52 36.13
CA SER D 7 -20.04 20.17 36.50
C SER D 7 -20.10 19.17 35.35
N GLN D 8 -20.23 19.59 34.09
CA GLN D 8 -20.33 18.68 32.96
C GLN D 8 -19.01 18.10 32.51
N PHE D 9 -17.88 18.74 32.81
CA PHE D 9 -16.59 18.34 32.28
C PHE D 9 -15.82 17.39 33.20
N GLN D 10 -14.83 16.70 32.65
CA GLN D 10 -13.91 15.86 33.42
C GLN D 10 -13.08 16.71 34.41
N PRO D 11 -12.67 16.17 35.58
CA PRO D 11 -11.83 16.88 36.53
C PRO D 11 -10.34 16.88 36.15
N SER D 12 -9.90 15.96 35.29
CA SER D 12 -8.59 15.93 34.66
C SER D 12 -8.69 15.15 33.35
N PHE D 13 -7.77 15.32 32.41
CA PHE D 13 -7.90 14.67 31.10
C PHE D 13 -7.82 13.15 31.23
N PRO D 14 -8.78 12.38 30.71
CA PRO D 14 -8.77 10.92 30.82
C PRO D 14 -7.81 10.26 29.85
N ARG D 15 -7.49 9.01 30.11
CA ARG D 15 -6.61 8.18 29.29
C ARG D 15 -7.19 7.91 27.92
N LEU D 16 -8.44 7.48 27.90
CA LEU D 16 -9.29 7.22 26.74
C LEU D 16 -10.55 8.05 26.89
N ALA D 17 -11.15 8.48 25.79
CA ALA D 17 -12.41 9.20 25.84
C ALA D 17 -13.56 8.32 26.40
N SER D 18 -14.53 8.97 27.02
CA SER D 18 -15.64 8.38 27.74
C SER D 18 -16.96 9.06 27.35
N GLY D 19 -17.04 9.51 26.11
CA GLY D 19 -18.22 10.05 25.47
C GLY D 19 -18.68 11.39 25.99
N HIS D 20 -17.82 12.22 26.57
CA HIS D 20 -18.16 13.60 26.96
C HIS D 20 -17.76 14.55 25.86
N TYR D 21 -18.53 14.54 24.79
CA TYR D 21 -18.37 15.48 23.70
C TYR D 21 -19.01 16.81 24.04
N VAL D 22 -18.38 17.90 23.63
CA VAL D 22 -19.03 19.18 23.43
C VAL D 22 -18.90 19.58 21.98
N HIS D 23 -19.99 19.99 21.35
CA HIS D 23 -20.05 20.41 19.97
C HIS D 23 -20.31 21.89 19.91
N PHE D 24 -19.54 22.62 19.13
CA PHE D 24 -19.74 24.02 18.84
C PHE D 24 -20.30 24.11 17.44
N LEU D 25 -21.47 24.69 17.29
CA LEU D 25 -22.15 24.81 16.01
C LEU D 25 -22.03 26.26 15.63
N MET D 26 -21.30 26.61 14.58
CA MET D 26 -21.09 28.01 14.19
C MET D 26 -21.14 28.24 12.71
N LEU D 27 -21.63 29.41 12.35
CA LEU D 27 -21.61 29.93 11.01
C LEU D 27 -20.39 30.83 10.89
N ARG D 28 -19.56 30.62 9.88
CA ARG D 28 -18.39 31.41 9.58
C ARG D 28 -18.69 32.27 8.36
N HIS D 29 -19.02 33.54 8.57
CA HIS D 29 -19.31 34.50 7.50
C HIS D 29 -18.03 35.18 7.03
N SER D 30 -17.81 35.31 5.72
CA SER D 30 -16.67 36.01 5.16
C SER D 30 -16.79 37.51 5.30
N GLN D 31 -15.70 38.16 5.66
CA GLN D 31 -15.40 39.54 5.36
C GLN D 31 -14.20 39.51 4.39
N SER D 32 -13.73 40.64 3.90
CA SER D 32 -12.40 40.83 3.26
C SER D 32 -11.86 39.70 2.34
N PHE D 33 -12.72 39.12 1.51
CA PHE D 33 -12.39 38.31 0.33
C PHE D 33 -11.43 37.12 0.53
N PRO D 34 -11.80 36.04 1.24
CA PRO D 34 -10.90 34.92 1.48
C PRO D 34 -10.41 34.16 0.24
N VAL D 35 -9.27 33.48 0.39
CA VAL D 35 -8.76 32.49 -0.56
C VAL D 35 -8.55 31.15 0.16
N PHE D 36 -9.31 30.13 -0.24
CA PHE D 36 -9.15 28.75 0.21
C PHE D 36 -8.78 27.89 -0.99
N GLN D 37 -7.50 27.58 -1.13
CA GLN D 37 -6.94 26.88 -2.27
C GLN D 37 -5.96 25.78 -1.86
N THR D 38 -5.71 24.84 -2.74
CA THR D 38 -4.64 23.84 -2.59
C THR D 38 -3.82 23.78 -3.87
N ASP D 39 -4.47 23.60 -5.02
CA ASP D 39 -3.79 23.37 -6.30
C ASP D 39 -3.94 24.58 -7.25
N GLY D 40 -3.97 25.79 -6.71
CA GLY D 40 -3.99 27.04 -7.47
C GLY D 40 -5.36 27.52 -7.99
N VAL D 41 -6.42 26.81 -7.63
CA VAL D 41 -7.83 27.16 -7.87
C VAL D 41 -8.58 27.17 -6.56
N LEU D 42 -9.69 27.90 -6.42
CA LEU D 42 -10.51 27.76 -5.23
C LEU D 42 -11.06 26.36 -5.12
N ASN D 43 -11.07 25.78 -3.94
CA ASN D 43 -11.63 24.46 -3.74
C ASN D 43 -13.16 24.54 -3.84
N THR D 44 -13.74 23.76 -4.75
CA THR D 44 -15.19 23.64 -4.99
C THR D 44 -15.57 22.18 -5.17
N THR D 45 -16.80 21.80 -4.86
CA THR D 45 -17.31 20.45 -5.05
C THR D 45 -18.76 20.43 -5.49
N ARG D 46 -19.11 19.53 -6.41
CA ARG D 46 -20.50 19.29 -6.77
C ARG D 46 -21.17 18.51 -5.66
N THR D 47 -22.37 18.92 -5.31
CA THR D 47 -23.06 18.56 -4.08
C THR D 47 -24.57 18.56 -4.35
N GLN D 48 -25.37 17.90 -3.55
CA GLN D 48 -26.82 18.07 -3.59
C GLN D 48 -27.18 19.38 -2.88
N ALA D 49 -28.05 20.20 -3.46
CA ALA D 49 -28.37 21.51 -2.93
C ALA D 49 -29.02 21.47 -1.54
N GLY D 50 -29.95 20.55 -1.32
CA GLY D 50 -30.76 20.45 -0.10
C GLY D 50 -30.87 19.04 0.43
N LEU D 51 -31.82 18.75 1.30
CA LEU D 51 -32.18 17.40 1.73
C LEU D 51 -33.48 16.93 1.08
N LEU D 52 -34.61 17.51 1.44
CA LEU D 52 -35.94 17.00 1.09
C LEU D 52 -36.47 17.73 -0.15
N GLU D 53 -36.64 19.05 -0.04
CA GLU D 53 -36.78 19.94 -1.18
C GLU D 53 -35.43 20.07 -1.88
N LYS D 54 -35.34 20.89 -2.93
CA LYS D 54 -34.06 21.38 -3.49
C LYS D 54 -33.07 20.26 -3.80
N THR D 55 -33.51 19.29 -4.59
CA THR D 55 -32.74 18.08 -4.94
C THR D 55 -31.70 18.28 -6.04
N ASP D 56 -31.61 19.44 -6.68
CA ASP D 56 -30.72 19.67 -7.83
C ASP D 56 -29.24 19.72 -7.45
N GLN D 57 -28.35 19.33 -8.37
CA GLN D 57 -26.91 19.34 -8.16
C GLN D 57 -26.38 20.78 -8.18
N LEU D 58 -25.44 21.10 -7.29
CA LEU D 58 -24.97 22.45 -7.00
C LEU D 58 -23.47 22.44 -6.67
N SER D 59 -22.68 23.27 -7.34
CA SER D 59 -21.28 23.47 -7.00
C SER D 59 -21.19 24.43 -5.84
N ARG D 60 -20.51 24.06 -4.76
CA ARG D 60 -20.29 24.93 -3.59
C ARG D 60 -18.83 24.91 -3.17
N LEU D 61 -18.36 26.03 -2.64
CA LEU D 61 -16.99 26.21 -2.16
C LEU D 61 -16.73 25.32 -0.96
N VAL D 62 -15.52 24.81 -0.81
CA VAL D 62 -15.10 24.09 0.38
C VAL D 62 -13.89 24.70 1.07
N MET D 63 -14.03 25.00 2.35
CA MET D 63 -12.98 25.32 3.31
C MET D 63 -12.35 24.02 3.80
N PHE D 64 -11.40 23.49 3.04
CA PHE D 64 -10.79 22.18 3.23
C PHE D 64 -10.08 22.03 4.58
N LYS D 65 -10.10 20.82 5.14
CA LYS D 65 -10.03 20.61 6.59
C LYS D 65 -9.06 21.43 7.43
N ARG D 66 -7.78 21.37 7.15
CA ARG D 66 -6.77 22.05 7.97
C ARG D 66 -6.97 23.56 8.00
N LYS D 67 -7.58 24.16 6.98
CA LYS D 67 -7.71 25.62 6.83
C LYS D 67 -8.60 26.28 7.88
N GLN D 68 -9.41 25.51 8.60
CA GLN D 68 -10.19 26.00 9.73
C GLN D 68 -9.68 25.55 11.10
N THR D 69 -8.85 24.51 11.20
CA THR D 69 -8.24 24.11 12.48
C THR D 69 -6.97 24.88 12.78
N THR D 70 -6.09 25.10 11.81
CA THR D 70 -4.75 25.63 12.10
C THR D 70 -4.69 27.12 12.36
N PRO D 71 -5.52 28.01 11.79
CA PRO D 71 -5.60 29.39 12.26
C PRO D 71 -6.02 29.52 13.73
N GLU D 72 -7.00 28.70 14.17
CA GLU D 72 -7.47 28.60 15.55
C GLU D 72 -6.33 28.16 16.46
N ARG D 73 -5.63 27.11 16.07
CA ARG D 73 -4.53 26.49 16.79
C ARG D 73 -3.37 27.46 17.01
N LEU D 74 -2.90 28.12 15.96
CA LEU D 74 -1.81 29.07 16.04
C LEU D 74 -2.17 30.32 16.85
N ALA D 75 -3.42 30.77 16.82
CA ALA D 75 -3.89 31.85 17.71
C ALA D 75 -3.93 31.43 19.18
N GLY D 76 -4.07 30.14 19.47
CA GLY D 76 -3.96 29.59 20.80
C GLY D 76 -2.52 29.58 21.30
N ARG D 77 -1.59 29.08 20.49
CA ARG D 77 -0.14 29.07 20.78
C ARG D 77 0.40 30.46 21.06
N GLU D 78 -0.06 31.45 20.30
CA GLU D 78 0.25 32.86 20.47
C GLU D 78 -0.18 33.34 21.86
N LEU D 79 -1.35 32.93 22.35
CA LEU D 79 -1.80 33.30 23.69
C LEU D 79 -0.99 32.61 24.78
N LEU D 80 -0.61 31.35 24.59
CA LEU D 80 0.25 30.63 25.52
C LEU D 80 1.62 31.31 25.65
N ARG D 81 2.21 31.76 24.54
CA ARG D 81 3.43 32.56 24.54
C ARG D 81 3.21 33.90 25.21
N ASN D 82 2.11 34.59 24.93
CA ASN D 82 1.82 35.89 25.52
C ASN D 82 1.64 35.85 27.04
N LEU D 83 0.97 34.82 27.56
CA LEU D 83 0.84 34.56 28.98
C LEU D 83 2.12 33.98 29.59
N GLY D 84 3.11 33.65 28.77
CA GLY D 84 4.43 33.20 29.20
C GLY D 84 4.50 31.74 29.61
N LEU D 85 3.49 30.93 29.28
CA LEU D 85 3.44 29.51 29.63
C LEU D 85 4.33 28.67 28.69
N THR D 86 4.62 29.17 27.49
CA THR D 86 5.57 28.60 26.53
C THR D 86 6.45 29.70 25.94
N SER D 87 7.52 29.33 25.25
CA SER D 87 8.51 30.27 24.70
C SER D 87 8.86 29.96 23.27
N ALA D 88 9.34 30.97 22.55
CA ALA D 88 9.89 30.86 21.19
C ALA D 88 11.43 30.85 21.13
N ASP D 89 12.14 31.34 22.16
CA ASP D 89 13.60 31.33 22.20
C ASP D 89 14.14 29.91 22.46
N LYS D 90 15.10 29.47 21.64
CA LYS D 90 15.70 28.12 21.69
C LYS D 90 16.53 27.82 22.93
N SER D 91 16.85 28.80 23.76
CA SER D 91 17.49 28.63 25.06
C SER D 91 16.52 28.26 26.20
N ALA D 92 15.20 28.34 26.00
CA ALA D 92 14.22 28.16 27.07
C ALA D 92 13.83 26.69 27.31
N LYS D 93 13.53 26.35 28.57
CA LYS D 93 13.06 25.01 28.98
C LYS D 93 11.60 24.72 28.56
N ASN D 94 10.78 25.75 28.44
CA ASN D 94 9.39 25.68 28.01
C ASN D 94 9.18 26.10 26.54
N LEU D 95 10.17 25.89 25.68
CA LEU D 95 10.02 26.07 24.24
C LEU D 95 8.93 25.17 23.68
N CYS D 96 8.22 25.63 22.66
CA CYS D 96 7.34 24.80 21.85
C CYS D 96 7.42 25.19 20.36
N GLU D 97 8.31 24.53 19.62
CA GLU D 97 8.36 24.64 18.15
C GLU D 97 7.09 24.07 17.54
N TYR D 98 6.53 24.65 16.47
CA TYR D 98 5.20 24.25 16.03
C TYR D 98 5.10 22.84 15.43
N ASN D 99 5.89 22.55 14.41
CA ASN D 99 5.85 21.26 13.72
C ASN D 99 7.29 20.82 13.39
N GLY D 100 7.82 19.89 14.15
CA GLY D 100 9.20 19.42 14.07
C GLY D 100 9.63 18.60 15.27
N GLU D 101 10.83 18.03 15.25
CA GLU D 101 11.40 17.30 16.39
C GLU D 101 11.44 18.13 17.68
N GLY D 102 11.64 19.44 17.55
CA GLY D 102 11.63 20.40 18.67
C GLY D 102 10.27 20.72 19.24
N SER D 103 9.19 20.13 18.73
CA SER D 103 7.85 20.44 19.23
C SER D 103 7.67 19.91 20.64
N CYS D 104 6.93 20.64 21.46
CA CYS D 104 6.65 20.22 22.83
C CYS D 104 5.83 18.93 22.86
N LYS D 105 5.77 18.22 23.99
CA LYS D 105 4.85 17.07 24.09
C LYS D 105 3.97 17.24 25.35
N GLN D 106 3.79 18.47 25.86
CA GLN D 106 3.07 18.71 27.10
C GLN D 106 2.31 20.03 27.25
N CYS D 107 2.39 20.99 26.31
CA CYS D 107 1.58 22.20 26.38
C CYS D 107 0.15 22.00 25.84
N PRO D 108 -0.80 22.91 26.14
CA PRO D 108 -2.20 22.77 25.74
C PRO D 108 -2.45 22.55 24.25
N ASP D 109 -1.72 23.23 23.37
CA ASP D 109 -1.73 22.98 21.92
C ASP D 109 -1.49 21.50 21.59
N CYS D 110 -0.40 20.92 22.10
CA CYS D 110 0.01 19.57 21.80
C CYS D 110 -0.97 18.52 22.28
N ILE D 111 -1.64 18.76 23.41
CA ILE D 111 -2.52 17.77 24.02
C ILE D 111 -3.95 17.91 23.50
N LEU D 112 -4.38 19.10 23.15
CA LEU D 112 -5.69 19.35 22.58
C LEU D 112 -5.72 19.18 21.07
N TYR D 113 -4.87 19.83 20.29
CA TYR D 113 -4.88 19.79 18.83
C TYR D 113 -3.98 18.71 18.23
N GLY D 114 -3.18 18.04 19.04
CA GLY D 114 -2.42 16.84 18.69
C GLY D 114 -1.06 17.09 18.07
N PHE D 115 -0.19 16.08 18.01
CA PHE D 115 1.13 16.22 17.46
C PHE D 115 1.71 14.90 17.01
N ALA D 116 2.67 14.81 16.11
CA ALA D 116 3.43 13.61 15.79
C ALA D 116 4.90 13.95 15.55
N ILE D 117 5.84 13.21 16.10
CA ILE D 117 7.27 13.47 15.91
C ILE D 117 7.84 12.20 15.38
N GLY D 118 7.79 11.11 16.14
CA GLY D 118 8.26 9.82 15.71
C GLY D 118 8.98 9.27 16.92
N ASP D 119 10.04 9.96 17.28
CA ASP D 119 10.79 9.54 18.43
C ASP D 119 9.98 9.69 19.67
N SER D 120 9.57 10.90 19.97
CA SER D 120 8.88 11.13 21.21
C SER D 120 7.60 10.39 21.25
N GLY D 121 6.84 10.47 20.17
CA GLY D 121 5.57 9.80 20.10
C GLY D 121 4.59 10.63 19.37
N SER D 122 3.32 10.49 19.69
CA SER D 122 2.30 11.17 19.02
C SER D 122 1.10 11.28 19.88
N GLU D 123 0.17 12.14 19.53
CA GLU D 123 -1.06 12.32 20.28
C GLU D 123 -2.16 12.76 19.32
N ARG D 124 -3.22 11.98 19.19
CA ARG D 124 -4.40 12.28 18.38
C ARG D 124 -5.12 13.48 18.96
N SER D 125 -5.54 14.39 18.08
CA SER D 125 -6.29 15.57 18.46
C SER D 125 -7.58 15.22 19.19
N LYS D 126 -7.88 16.02 20.21
CA LYS D 126 -9.11 16.02 20.99
C LYS D 126 -10.13 16.99 20.43
N VAL D 127 -9.73 17.91 19.56
CA VAL D 127 -10.61 18.77 18.79
C VAL D 127 -10.75 18.26 17.36
N TYR D 128 -11.99 18.01 16.97
CA TYR D 128 -12.44 17.36 15.75
C TYR D 128 -13.12 18.38 14.85
N SER D 129 -12.63 18.54 13.63
CA SER D 129 -13.22 19.38 12.59
C SER D 129 -13.72 18.53 11.44
N ASP D 130 -14.32 19.17 10.43
CA ASP D 130 -14.34 18.63 9.08
C ASP D 130 -14.31 19.79 8.07
N SER D 131 -14.08 19.51 6.80
CA SER D 131 -14.11 20.50 5.74
C SER D 131 -15.50 21.13 5.68
N ALA D 132 -15.60 22.44 5.52
CA ALA D 132 -16.88 23.15 5.56
C ALA D 132 -17.28 23.73 4.22
N PHE D 133 -18.58 23.78 3.95
CA PHE D 133 -19.12 24.05 2.64
C PHE D 133 -19.90 25.35 2.61
N SER D 134 -19.79 26.11 1.53
CA SER D 134 -20.61 27.30 1.33
C SER D 134 -22.08 26.92 1.28
N LEU D 135 -22.91 27.67 1.99
CA LEU D 135 -24.36 27.54 1.93
C LEU D 135 -24.91 27.91 0.56
N GLY D 136 -24.28 28.83 -0.15
CA GLY D 136 -24.63 29.22 -1.51
C GLY D 136 -23.86 28.48 -2.57
N ALA D 137 -24.29 28.62 -3.81
CA ALA D 137 -23.58 28.08 -4.94
C ALA D 137 -22.34 28.91 -5.28
N TYR D 138 -21.31 28.26 -5.76
CA TYR D 138 -20.03 28.85 -6.13
C TYR D 138 -20.19 29.94 -7.17
N GLU D 139 -21.05 29.76 -8.16
CA GLU D 139 -21.22 30.72 -9.25
C GLU D 139 -21.54 32.13 -8.76
N GLN D 140 -22.17 32.25 -7.58
CA GLN D 140 -22.69 33.48 -7.01
C GLN D 140 -21.95 33.87 -5.71
N SER D 141 -20.85 33.19 -5.41
CA SER D 141 -20.05 33.30 -4.19
C SER D 141 -18.57 33.55 -4.45
N HIS D 142 -18.14 33.80 -5.69
CA HIS D 142 -16.75 34.05 -6.05
C HIS D 142 -16.61 35.20 -7.05
N ARG D 143 -15.42 35.79 -7.15
CA ARG D 143 -14.99 36.64 -8.27
C ARG D 143 -13.47 36.56 -8.41
N SER D 144 -12.95 36.58 -9.64
CA SER D 144 -11.50 36.63 -9.89
C SER D 144 -11.01 38.02 -10.21
N PHE D 145 -9.94 38.42 -9.53
CA PHE D 145 -9.33 39.74 -9.55
C PHE D 145 -7.92 39.69 -10.15
N THR D 146 -7.59 40.58 -11.07
CA THR D 146 -6.20 40.74 -11.58
C THR D 146 -5.31 41.35 -10.51
N PHE D 147 -4.05 40.93 -10.45
CA PHE D 147 -2.97 41.62 -9.75
C PHE D 147 -1.80 41.91 -10.69
N ASN D 148 -1.14 43.06 -10.53
CA ASN D 148 0.10 43.38 -11.24
C ASN D 148 1.22 43.78 -10.28
N ALA D 149 2.47 43.71 -10.74
CA ALA D 149 3.65 43.96 -9.93
C ALA D 149 4.69 44.85 -10.65
N PRO D 150 4.43 46.17 -10.77
CA PRO D 150 5.34 47.11 -11.40
C PRO D 150 6.63 47.37 -10.60
N PHE D 151 7.50 48.17 -11.21
CA PHE D 151 8.68 48.76 -10.56
C PHE D 151 8.27 49.97 -9.71
N GLU D 152 9.09 50.37 -8.74
CA GLU D 152 8.84 51.60 -7.96
C GLU D 152 8.75 52.87 -8.84
N GLY D 153 9.29 52.81 -10.05
CA GLY D 153 9.14 53.83 -11.09
C GLY D 153 7.70 54.05 -11.58
N GLY D 154 6.71 53.31 -11.09
CA GLY D 154 5.31 53.44 -11.49
C GLY D 154 5.04 52.91 -12.89
N THR D 155 5.66 51.82 -13.30
CA THR D 155 5.60 51.30 -14.66
C THR D 155 5.88 49.80 -14.68
N MET D 156 5.48 49.09 -15.74
CA MET D 156 5.88 47.71 -15.99
C MET D 156 7.13 47.57 -16.87
N SER D 157 7.87 48.66 -17.11
CA SER D 157 9.07 48.66 -17.93
C SER D 157 10.30 49.28 -17.25
N GLU D 158 11.47 48.68 -17.41
CA GLU D 158 12.75 49.16 -16.84
C GLU D 158 13.81 49.43 -17.91
N ALA D 159 13.75 48.72 -19.04
CA ALA D 159 14.61 48.89 -20.22
C ALA D 159 13.82 49.14 -21.51
N GLY D 160 12.54 49.51 -21.42
CA GLY D 160 11.63 49.66 -22.55
C GLY D 160 11.00 48.35 -23.05
N VAL D 161 11.38 47.20 -22.49
CA VAL D 161 10.61 45.94 -22.52
C VAL D 161 9.61 45.88 -21.36
N MET D 162 8.55 45.08 -21.47
CA MET D 162 7.65 44.79 -20.35
C MET D 162 8.20 43.66 -19.46
N ARG D 163 7.99 43.73 -18.14
CA ARG D 163 8.41 42.67 -17.19
C ARG D 163 7.42 41.48 -17.10
N SER D 164 6.18 41.70 -17.53
CA SER D 164 5.13 40.67 -17.66
C SER D 164 4.68 40.00 -16.34
N ALA D 165 4.84 40.69 -15.19
CA ALA D 165 4.34 40.26 -13.89
C ALA D 165 2.88 40.69 -13.66
N ILE D 166 1.94 40.05 -14.38
CA ILE D 166 0.47 40.22 -14.28
C ILE D 166 -0.17 38.84 -14.24
N ASN D 167 -1.11 38.59 -13.32
CA ASN D 167 -1.89 37.35 -13.24
C ASN D 167 -3.22 37.60 -12.50
N GLU D 168 -4.14 36.65 -12.47
CA GLU D 168 -5.43 36.78 -11.78
C GLU D 168 -5.60 35.73 -10.69
N LEU D 169 -6.36 36.04 -9.64
CA LEU D 169 -6.64 35.12 -8.55
C LEU D 169 -8.12 35.11 -8.20
N ASP D 170 -8.61 33.91 -7.95
CA ASP D 170 -9.98 33.58 -7.61
C ASP D 170 -10.23 33.79 -6.11
N HIS D 171 -11.15 34.69 -5.76
CA HIS D 171 -11.45 35.10 -4.39
C HIS D 171 -12.91 34.79 -4.04
N ILE D 172 -13.13 34.34 -2.80
CA ILE D 172 -14.46 34.21 -2.23
C ILE D 172 -14.99 35.60 -1.91
N LEU D 173 -16.27 35.88 -2.12
CA LEU D 173 -16.90 37.15 -1.80
C LEU D 173 -17.18 37.33 -0.29
N PRO D 174 -17.37 38.56 0.22
CA PRO D 174 -17.91 38.78 1.54
C PRO D 174 -19.38 38.36 1.67
N GLU D 175 -19.82 38.13 2.90
CA GLU D 175 -21.14 37.62 3.27
C GLU D 175 -21.48 36.22 2.70
N VAL D 176 -20.47 35.49 2.23
CA VAL D 176 -20.55 34.05 1.92
C VAL D 176 -20.42 33.27 3.22
N THR D 177 -21.31 32.31 3.46
CA THR D 177 -21.46 31.66 4.77
C THR D 177 -21.11 30.18 4.72
N PHE D 178 -20.18 29.74 5.57
CA PHE D 178 -19.85 28.35 5.79
C PHE D 178 -20.38 27.89 7.15
N PRO D 179 -21.41 27.04 7.21
CA PRO D 179 -21.81 26.38 8.45
C PRO D 179 -20.79 25.33 8.84
N THR D 180 -20.42 25.28 10.11
CA THR D 180 -19.43 24.32 10.62
C THR D 180 -19.85 23.79 11.98
N VAL D 181 -19.48 22.56 12.28
CA VAL D 181 -19.52 22.00 13.62
C VAL D 181 -18.10 21.60 14.00
N GLU D 182 -17.57 22.17 15.07
CA GLU D 182 -16.31 21.81 15.70
C GLU D 182 -16.65 21.00 16.93
N SER D 183 -15.91 19.96 17.25
CA SER D 183 -16.23 19.06 18.34
C SER D 183 -15.03 18.85 19.24
N LEU D 184 -15.24 18.67 20.54
CA LEU D 184 -14.17 18.48 21.52
C LEU D 184 -14.45 17.23 22.35
N ARG D 185 -13.47 16.33 22.49
CA ARG D 185 -13.58 15.04 23.17
C ARG D 185 -12.97 15.09 24.57
N ASP D 186 -13.78 14.88 25.58
CA ASP D 186 -13.34 14.64 26.96
C ASP D 186 -12.32 15.67 27.48
N ALA D 187 -12.65 16.94 27.31
CA ALA D 187 -11.90 18.06 27.87
C ALA D 187 -12.34 18.41 29.29
N THR D 188 -11.50 19.22 29.95
CA THR D 188 -11.76 19.91 31.20
C THR D 188 -12.47 21.24 30.94
N TYR D 189 -12.99 21.89 31.99
CA TYR D 189 -13.57 23.22 31.85
C TYR D 189 -12.57 24.21 31.27
N GLU D 190 -11.30 24.07 31.64
CA GLU D 190 -10.29 24.97 31.16
C GLU D 190 -9.97 24.66 29.72
N GLY D 191 -9.88 23.40 29.32
CA GLY D 191 -9.70 23.01 27.92
C GLY D 191 -10.82 23.52 27.02
N PHE D 192 -12.05 23.51 27.51
CA PHE D 192 -13.19 24.13 26.85
C PHE D 192 -13.01 25.64 26.67
N ILE D 193 -12.65 26.38 27.71
CA ILE D 193 -12.44 27.83 27.61
C ILE D 193 -11.29 28.17 26.67
N TYR D 194 -10.29 27.30 26.52
CA TYR D 194 -9.22 27.50 25.57
C TYR D 194 -9.67 27.36 24.13
N VAL D 195 -10.30 26.24 23.75
CA VAL D 195 -10.72 26.05 22.36
C VAL D 195 -11.86 26.97 21.97
N LEU D 196 -12.82 27.23 22.86
CA LEU D 196 -13.87 28.21 22.62
C LEU D 196 -13.26 29.59 22.46
N GLY D 197 -12.28 29.93 23.28
CA GLY D 197 -11.48 31.12 23.14
C GLY D 197 -10.92 31.26 21.74
N ASN D 198 -10.29 30.21 21.21
CA ASN D 198 -9.77 30.21 19.84
C ASN D 198 -10.84 30.52 18.80
N LEU D 199 -12.00 29.86 18.83
CA LEU D 199 -13.11 30.08 17.91
C LEU D 199 -13.55 31.54 17.85
N LEU D 200 -13.64 32.20 19.01
CA LEU D 200 -14.10 33.58 19.13
C LEU D 200 -13.01 34.61 18.80
N ARG D 201 -11.76 34.31 19.11
CA ARG D 201 -10.60 35.22 19.13
C ARG D 201 -9.78 35.17 17.85
N THR D 202 -9.86 34.09 17.08
CA THR D 202 -9.29 33.98 15.73
C THR D 202 -10.17 34.68 14.70
N LYS D 203 -9.60 35.57 13.89
CA LYS D 203 -10.33 36.31 12.88
C LYS D 203 -9.82 36.07 11.46
N ARG D 204 -8.54 35.77 11.22
CA ARG D 204 -7.98 35.62 9.85
C ARG D 204 -7.75 34.17 9.41
N TYR D 205 -8.22 33.84 8.21
CA TYR D 205 -8.30 32.49 7.65
C TYR D 205 -7.73 32.39 6.24
N GLY D 206 -7.29 31.19 5.86
CA GLY D 206 -6.87 30.88 4.50
C GLY D 206 -5.57 31.55 4.04
N ALA D 207 -5.38 31.57 2.73
CA ALA D 207 -4.22 32.17 2.11
C ALA D 207 -4.24 33.69 2.26
N GLN D 208 -3.08 34.31 2.11
CA GLN D 208 -2.84 35.76 2.10
C GLN D 208 -3.44 36.45 3.33
N GLU D 209 -3.14 35.90 4.50
CA GLU D 209 -3.60 36.43 5.79
C GLU D 209 -3.27 37.90 5.95
N SER D 210 -2.10 38.32 5.49
CA SER D 210 -1.56 39.66 5.58
C SER D 210 -2.38 40.73 4.88
N ARG D 211 -3.34 40.33 4.04
CA ARG D 211 -4.05 41.20 3.09
C ARG D 211 -5.56 40.92 3.01
N THR D 212 -6.01 39.74 3.39
CA THR D 212 -7.37 39.24 3.19
C THR D 212 -7.71 38.15 4.20
N GLY D 213 -8.99 37.79 4.24
CA GLY D 213 -9.47 36.54 4.81
C GLY D 213 -10.01 36.67 6.22
N THR D 214 -10.36 37.88 6.65
CA THR D 214 -11.05 38.08 7.92
C THR D 214 -12.44 37.45 7.87
N MET D 215 -12.82 36.69 8.89
CA MET D 215 -14.12 36.02 9.00
C MET D 215 -14.79 36.26 10.34
N LYS D 216 -16.12 36.39 10.31
CA LYS D 216 -17.01 36.61 11.43
C LYS D 216 -17.65 35.28 11.81
N ASN D 217 -17.02 34.56 12.75
CA ASN D 217 -17.57 33.34 13.34
C ASN D 217 -18.71 33.71 14.31
N HIS D 218 -19.96 33.47 13.93
CA HIS D 218 -21.11 33.52 14.82
C HIS D 218 -21.36 32.12 15.36
N LEU D 219 -21.07 31.90 16.64
CA LEU D 219 -21.45 30.67 17.33
C LEU D 219 -22.98 30.67 17.47
N VAL D 220 -23.62 29.60 17.03
CA VAL D 220 -25.08 29.42 16.98
C VAL D 220 -25.56 28.55 18.13
N GLY D 221 -24.77 27.57 18.56
CA GLY D 221 -25.09 26.71 19.68
C GLY D 221 -23.88 25.99 20.25
N ILE D 222 -23.99 25.46 21.48
CA ILE D 222 -22.99 24.58 22.09
C ILE D 222 -23.91 23.43 22.51
N VAL D 223 -23.55 22.17 22.30
CA VAL D 223 -24.37 21.00 22.59
C VAL D 223 -23.55 19.93 23.24
N PHE D 224 -23.82 19.55 24.47
CA PHE D 224 -23.03 18.55 25.19
C PHE D 224 -23.73 17.23 24.84
N ALA D 225 -23.06 16.12 24.46
CA ALA D 225 -23.69 14.90 23.99
C ALA D 225 -22.87 13.64 24.22
N ASP D 226 -23.51 12.48 24.21
CA ASP D 226 -22.81 11.21 24.35
C ASP D 226 -22.01 10.81 23.11
N GLY D 227 -22.19 11.51 21.99
CA GLY D 227 -21.63 11.18 20.70
C GLY D 227 -21.68 12.28 19.66
N GLU D 228 -21.31 11.92 18.44
CA GLU D 228 -21.22 12.84 17.31
C GLU D 228 -22.56 13.11 16.65
N ILE D 229 -22.81 14.37 16.39
CA ILE D 229 -24.00 14.88 15.71
C ILE D 229 -23.75 14.94 14.20
N PHE D 230 -24.52 15.73 13.47
CA PHE D 230 -24.46 15.89 12.03
C PHE D 230 -23.14 16.45 11.49
N SER D 231 -22.87 16.15 10.22
CA SER D 231 -21.75 16.70 9.45
C SER D 231 -21.94 18.19 9.15
N ASN D 232 -20.87 18.87 8.74
CA ASN D 232 -20.97 20.23 8.22
C ASN D 232 -21.91 20.29 7.02
N LEU D 233 -21.85 19.30 6.14
CA LEU D 233 -22.64 19.25 4.92
C LEU D 233 -24.12 19.03 5.18
N HIS D 234 -24.46 18.18 6.16
CA HIS D 234 -25.83 17.92 6.52
C HIS D 234 -26.49 19.13 7.13
N LEU D 235 -25.72 19.93 7.88
CA LEU D 235 -26.19 21.22 8.41
C LEU D 235 -26.37 22.23 7.28
N THR D 236 -25.44 22.28 6.33
CA THR D 236 -25.53 23.14 5.16
C THR D 236 -26.75 22.81 4.30
N GLN D 237 -27.02 21.53 4.06
CA GLN D 237 -28.16 21.07 3.27
C GLN D 237 -29.48 21.30 3.99
N ALA D 238 -29.55 21.00 5.29
CA ALA D 238 -30.73 21.31 6.06
C ALA D 238 -31.01 22.80 6.11
N LEU D 239 -29.98 23.64 6.17
CA LEU D 239 -30.14 25.08 6.17
C LEU D 239 -30.53 25.66 4.80
N TYR D 240 -30.10 25.07 3.68
CA TYR D 240 -30.53 25.52 2.35
C TYR D 240 -32.01 25.22 2.08
N ASP D 241 -32.54 24.10 2.60
CA ASP D 241 -33.98 23.83 2.64
C ASP D 241 -34.75 24.91 3.41
N GLN D 242 -34.37 25.20 4.66
CA GLN D 242 -35.10 26.17 5.48
C GLN D 242 -34.97 27.57 4.91
N MET D 243 -33.83 27.92 4.34
CA MET D 243 -33.63 29.16 3.60
C MET D 243 -34.36 29.17 2.25
N GLY D 244 -35.09 28.13 1.90
CA GLY D 244 -35.98 28.08 0.74
C GLY D 244 -35.27 28.16 -0.61
N GLY D 245 -33.94 27.94 -0.64
CA GLY D 245 -33.07 28.20 -1.77
C GLY D 245 -32.86 29.68 -2.12
N GLU D 246 -33.15 30.59 -1.19
CA GLU D 246 -33.12 32.05 -1.39
C GLU D 246 -32.21 32.71 -0.35
N LEU D 247 -30.92 32.41 -0.45
CA LEU D 247 -29.84 32.80 0.46
C LEU D 247 -29.60 34.31 0.57
N ASN D 248 -30.12 35.16 -0.32
CA ASN D 248 -29.94 36.61 -0.26
C ASN D 248 -30.81 37.25 0.84
N LYS D 249 -30.49 36.97 2.11
CA LYS D 249 -31.13 37.45 3.35
C LYS D 249 -30.11 37.75 4.47
N PRO D 250 -30.45 38.63 5.44
CA PRO D 250 -29.56 39.10 6.50
C PRO D 250 -28.87 38.03 7.36
N ILE D 251 -27.74 38.42 7.95
CA ILE D 251 -26.88 37.59 8.78
C ILE D 251 -27.53 37.18 10.11
N SER D 252 -28.25 38.08 10.77
CA SER D 252 -29.00 37.78 12.01
C SER D 252 -30.14 36.78 11.80
N GLU D 253 -30.84 36.87 10.67
CA GLU D 253 -31.87 35.94 10.21
C GLU D 253 -31.28 34.57 9.89
N LEU D 254 -30.12 34.52 9.26
CA LEU D 254 -29.43 33.29 8.96
C LEU D 254 -28.95 32.57 10.23
N CYS D 255 -28.42 33.31 11.20
CA CYS D 255 -28.07 32.80 12.52
C CYS D 255 -29.26 32.22 13.28
N GLU D 256 -30.39 32.92 13.40
CA GLU D 256 -31.56 32.34 14.07
C GLU D 256 -32.16 31.14 13.32
N THR D 257 -32.09 31.12 11.99
CA THR D 257 -32.54 29.98 11.19
C THR D 257 -31.66 28.77 11.44
N ALA D 258 -30.35 28.97 11.58
CA ALA D 258 -29.43 27.90 11.94
C ALA D 258 -29.72 27.36 13.33
N ALA D 259 -30.07 28.18 14.32
CA ALA D 259 -30.43 27.68 15.64
C ALA D 259 -31.66 26.76 15.60
N THR D 260 -32.65 27.10 14.78
CA THR D 260 -33.87 26.31 14.57
C THR D 260 -33.63 25.03 13.81
N VAL D 261 -32.74 25.04 12.82
CA VAL D 261 -32.32 23.85 12.09
C VAL D 261 -31.48 22.93 12.96
N ALA D 262 -30.56 23.47 13.74
CA ALA D 262 -29.74 22.68 14.64
C ALA D 262 -30.60 21.93 15.65
N GLN D 263 -31.58 22.58 16.24
CA GLN D 263 -32.46 21.93 17.20
C GLN D 263 -33.40 20.93 16.53
N ASP D 264 -33.92 21.20 15.34
CA ASP D 264 -34.70 20.22 14.57
C ASP D 264 -33.89 18.96 14.24
N LEU D 265 -32.62 19.12 13.87
CA LEU D 265 -31.72 18.02 13.55
C LEU D 265 -31.27 17.24 14.76
N LEU D 266 -30.94 17.91 15.87
CA LEU D 266 -30.47 17.26 17.10
C LEU D 266 -31.46 16.24 17.65
N ASN D 267 -32.75 16.50 17.49
CA ASN D 267 -33.83 15.61 17.88
C ASN D 267 -33.93 14.33 17.05
N LYS D 268 -33.18 14.21 15.96
CA LYS D 268 -33.13 13.04 15.07
C LYS D 268 -31.83 12.24 15.21
N GLU D 269 -30.97 12.60 16.15
CA GLU D 269 -29.69 11.94 16.39
C GLU D 269 -29.78 10.96 17.56
N PRO D 270 -29.27 9.73 17.44
CA PRO D 270 -29.27 8.72 18.48
C PRO D 270 -28.15 8.99 19.49
N VAL D 271 -28.12 10.19 20.07
CA VAL D 271 -27.20 10.60 21.13
C VAL D 271 -27.97 11.27 22.25
N ARG D 272 -27.64 10.96 23.50
CA ARG D 272 -28.06 11.78 24.64
C ARG D 272 -27.50 13.18 24.53
N LYS D 273 -28.20 14.15 25.12
CA LYS D 273 -27.81 15.53 25.02
C LYS D 273 -27.94 16.12 26.38
N SER D 274 -26.83 16.29 27.07
CA SER D 274 -26.85 16.76 28.43
C SER D 274 -27.26 18.17 28.55
N GLU D 275 -26.90 19.00 27.58
CA GLU D 275 -27.25 20.38 27.61
C GLU D 275 -27.25 20.89 26.23
N LEU D 276 -28.00 21.94 25.98
CA LEU D 276 -28.13 22.50 24.68
C LEU D 276 -28.14 23.98 24.95
N ILE D 277 -27.01 24.64 24.76
CA ILE D 277 -26.89 26.08 24.99
C ILE D 277 -27.19 26.79 23.66
N PHE D 278 -28.37 27.36 23.46
CA PHE D 278 -28.80 28.14 22.30
C PHE D 278 -29.55 29.39 22.76
N GLY D 279 -29.73 30.36 21.85
CA GLY D 279 -30.53 31.56 22.11
C GLY D 279 -29.95 32.43 23.22
N ALA D 280 -30.78 32.95 24.12
CA ALA D 280 -30.35 33.87 25.16
C ALA D 280 -29.30 33.28 26.11
N HIS D 281 -29.34 31.97 26.35
CA HIS D 281 -28.37 31.30 27.22
C HIS D 281 -26.97 31.26 26.60
N LEU D 282 -26.87 31.18 25.29
CA LEU D 282 -25.58 31.24 24.60
C LEU D 282 -25.04 32.67 24.58
N ASP D 283 -25.88 33.68 24.43
CA ASP D 283 -25.46 35.08 24.54
C ASP D 283 -24.99 35.43 25.96
N THR D 284 -25.53 34.75 26.97
CA THR D 284 -25.07 34.85 28.36
C THR D 284 -23.75 34.11 28.57
N LEU D 285 -23.58 32.92 28.01
CA LEU D 285 -22.33 32.16 28.04
C LEU D 285 -21.20 32.88 27.30
N LEU D 286 -21.45 33.37 26.10
CA LEU D 286 -20.48 34.11 25.29
C LEU D 286 -19.97 35.34 26.04
N GLN D 287 -20.86 36.07 26.70
CA GLN D 287 -20.51 37.24 27.50
C GLN D 287 -19.67 36.87 28.73
N GLU D 288 -19.99 35.77 29.42
CA GLU D 288 -19.18 35.27 30.51
C GLU D 288 -17.80 34.71 30.09
N VAL D 289 -17.62 34.28 28.84
CA VAL D 289 -16.31 33.93 28.26
C VAL D 289 -15.54 35.17 27.80
N ASN D 290 -16.21 36.16 27.21
CA ASN D 290 -15.62 37.46 26.89
C ASN D 290 -15.09 38.16 28.14
N ASP D 291 -15.78 38.07 29.27
CA ASP D 291 -15.28 38.56 30.55
C ASP D 291 -13.96 37.89 30.95
N ILE D 292 -13.84 36.56 30.81
CA ILE D 292 -12.61 35.82 31.10
C ILE D 292 -11.46 36.36 30.25
N TYR D 293 -11.63 36.41 28.94
CA TYR D 293 -10.57 36.81 28.01
C TYR D 293 -10.20 38.29 28.03
N GLN D 294 -10.99 39.16 28.64
CA GLN D 294 -10.67 40.57 28.85
C GLN D 294 -9.99 40.86 30.20
N ASN D 295 -10.05 39.94 31.15
CA ASN D 295 -9.57 40.09 32.52
C ASN D 295 -8.23 39.36 32.69
N ASP D 296 -7.15 40.10 32.91
CA ASP D 296 -5.79 39.55 32.86
C ASP D 296 -5.48 38.49 33.92
N ALA D 297 -5.89 38.69 35.17
CA ALA D 297 -5.63 37.75 36.26
C ALA D 297 -6.39 36.43 36.09
N GLU D 298 -7.66 36.51 35.70
CA GLU D 298 -8.55 35.36 35.50
C GLU D 298 -8.14 34.49 34.31
N LEU D 299 -7.79 35.10 33.18
CA LEU D 299 -7.27 34.37 32.01
C LEU D 299 -5.96 33.65 32.34
N THR D 300 -5.11 34.28 33.14
CA THR D 300 -3.85 33.68 33.52
C THR D 300 -4.06 32.51 34.43
N LYS D 301 -5.06 32.57 35.27
CA LYS D 301 -5.37 31.50 36.19
C LYS D 301 -5.92 30.33 35.43
N LEU D 302 -6.96 30.54 34.65
CA LEU D 302 -7.60 29.45 33.92
C LEU D 302 -6.62 28.79 33.03
N LEU D 303 -5.93 29.54 32.22
CA LEU D 303 -5.04 28.94 31.26
C LEU D 303 -3.81 28.44 31.92
N GLY D 304 -3.50 28.92 33.11
CA GLY D 304 -2.39 28.36 33.86
C GLY D 304 -2.74 27.00 34.37
N SER D 305 -3.96 26.81 34.84
CA SER D 305 -4.41 25.52 35.28
C SER D 305 -4.35 24.53 34.17
N LEU D 306 -4.65 24.97 32.96
CA LEU D 306 -4.67 24.09 31.84
C LEU D 306 -3.30 23.59 31.56
N TYR D 307 -2.30 24.42 31.77
CA TYR D 307 -0.96 24.02 31.52
C TYR D 307 -0.62 22.95 32.49
N GLN D 308 -1.04 23.08 33.74
CA GLN D 308 -0.80 22.02 34.71
C GLN D 308 -1.51 20.75 34.37
N GLN D 309 -2.72 20.85 33.89
CA GLN D 309 -3.51 19.68 33.53
C GLN D 309 -2.96 18.98 32.39
N THR D 310 -2.33 19.69 31.48
CA THR D 310 -1.79 19.09 30.28
C THR D 310 -0.46 18.59 30.59
N GLN D 311 0.19 19.12 31.61
CA GLN D 311 1.46 18.59 32.03
C GLN D 311 1.24 17.36 32.80
N ASP D 312 0.16 17.27 33.57
CA ASP D 312 -0.17 16.07 34.30
C ASP D 312 -0.54 15.00 33.34
N TYR D 313 -1.41 15.27 32.39
CA TYR D 313 -1.74 14.31 31.34
C TYR D 313 -0.48 13.77 30.67
N ALA D 314 0.43 14.65 30.28
CA ALA D 314 1.65 14.26 29.60
C ALA D 314 2.51 13.33 30.45
N THR D 315 2.67 13.63 31.73
CA THR D 315 3.49 12.86 32.66
C THR D 315 2.83 11.58 33.15
N GLU D 316 1.51 11.45 33.09
CA GLU D 316 0.76 10.29 33.58
C GLU D 316 0.27 9.33 32.48
N PHE D 317 -0.10 9.84 31.32
CA PHE D 317 -0.69 9.07 30.22
C PHE D 317 -0.05 9.35 28.86
N GLY D 318 0.49 10.54 28.65
CA GLY D 318 1.01 11.00 27.37
C GLY D 318 2.45 10.58 27.10
N ALA D 319 3.25 11.43 26.39
CA ALA D 319 4.64 11.11 25.98
C ALA D 319 5.68 11.28 27.10
N LEU D 320 5.25 11.28 28.34
CA LEU D 320 6.12 11.37 29.52
C LEU D 320 7.15 12.49 29.41
N MET E 1 3.64 61.84 25.91
CA MET E 1 2.88 60.58 25.76
C MET E 1 3.71 59.44 25.21
N LEU E 2 4.44 59.59 24.10
CA LEU E 2 5.14 58.46 23.46
C LEU E 2 6.13 57.74 24.39
N ASP E 3 6.72 58.45 25.37
CA ASP E 3 7.64 57.83 26.34
C ASP E 3 6.97 56.77 27.21
N SER E 4 5.64 56.84 27.33
CA SER E 4 4.90 55.80 28.01
C SER E 4 4.74 54.63 27.06
N LEU E 5 4.49 54.83 25.78
CA LEU E 5 4.27 53.72 24.86
C LEU E 5 5.49 52.79 24.72
N LYS E 6 6.72 53.25 24.97
CA LYS E 6 7.93 52.41 24.95
C LYS E 6 7.83 51.17 25.86
N SER E 7 6.98 51.21 26.88
CA SER E 7 6.67 50.07 27.76
C SER E 7 5.75 49.02 27.15
N GLN E 8 4.98 49.34 26.11
CA GLN E 8 4.09 48.39 25.46
C GLN E 8 4.84 47.50 24.45
N PHE E 9 5.82 48.04 23.75
CA PHE E 9 6.53 47.36 22.66
C PHE E 9 7.62 46.42 23.14
N GLN E 10 7.97 45.47 22.27
CA GLN E 10 9.04 44.51 22.51
C GLN E 10 10.42 45.17 22.27
N PRO E 11 11.49 44.70 22.92
CA PRO E 11 12.80 45.36 22.86
C PRO E 11 13.59 45.08 21.58
N SER E 12 13.23 44.05 20.82
CA SER E 12 13.72 43.70 19.48
C SER E 12 12.70 42.76 18.82
N PHE E 13 12.70 42.64 17.49
CA PHE E 13 11.72 41.79 16.79
C PHE E 13 11.88 40.31 17.20
N PRO E 14 10.85 39.62 17.70
CA PRO E 14 10.97 38.24 18.14
C PRO E 14 10.90 37.25 16.98
N ARG E 15 11.30 36.01 17.24
CA ARG E 15 11.28 34.91 16.30
C ARG E 15 9.88 34.56 15.80
N LEU E 16 8.93 34.49 16.73
CA LEU E 16 7.50 34.25 16.53
C LEU E 16 6.69 35.35 17.22
N ALA E 17 5.47 35.59 16.77
CA ALA E 17 4.56 36.52 17.41
C ALA E 17 4.31 36.14 18.88
N SER E 18 4.57 37.06 19.80
CA SER E 18 4.23 36.95 21.22
C SER E 18 2.88 37.60 21.57
N GLY E 19 2.01 37.84 20.60
CA GLY E 19 0.64 38.33 20.78
C GLY E 19 0.46 39.84 20.97
N HIS E 20 1.50 40.63 21.11
CA HIS E 20 1.37 42.09 21.25
C HIS E 20 1.07 42.75 19.90
N TYR E 21 -0.19 43.08 19.63
CA TYR E 21 -0.66 43.67 18.37
C TYR E 21 -1.14 45.12 18.60
N VAL E 22 -0.62 46.05 17.81
CA VAL E 22 -1.08 47.45 17.79
C VAL E 22 -1.92 47.67 16.55
N HIS E 23 -3.06 48.34 16.68
CA HIS E 23 -4.07 48.46 15.62
C HIS E 23 -4.37 49.93 15.39
N PHE E 24 -4.53 50.32 14.15
CA PHE E 24 -4.79 51.70 13.79
C PHE E 24 -6.18 51.73 13.16
N LEU E 25 -7.13 52.35 13.83
CA LEU E 25 -8.49 52.46 13.33
C LEU E 25 -8.59 53.79 12.63
N MET E 26 -8.84 53.79 11.33
CA MET E 26 -8.84 54.97 10.46
C MET E 26 -10.11 55.09 9.63
N LEU E 27 -10.52 56.30 9.34
CA LEU E 27 -11.37 56.62 8.22
C LEU E 27 -10.47 57.20 7.13
N ARG E 28 -10.46 56.59 5.95
CA ARG E 28 -9.81 57.14 4.77
C ARG E 28 -10.83 57.92 3.96
N HIS E 29 -10.68 59.23 3.88
CA HIS E 29 -11.61 60.13 3.20
C HIS E 29 -11.03 60.52 1.85
N SER E 30 -11.77 60.33 0.77
CA SER E 30 -11.32 60.75 -0.55
C SER E 30 -11.28 62.27 -0.65
N GLN E 31 -10.17 62.78 -1.17
CA GLN E 31 -9.97 64.20 -1.40
C GLN E 31 -10.04 64.57 -2.89
N SER E 32 -9.69 63.65 -3.78
CA SER E 32 -9.76 63.85 -5.22
C SER E 32 -9.86 62.54 -5.95
N PHE E 33 -10.87 62.46 -6.80
CA PHE E 33 -11.47 61.32 -7.45
C PHE E 33 -10.63 60.04 -7.60
N PRO E 34 -10.54 59.19 -6.57
CA PRO E 34 -9.78 57.97 -6.66
C PRO E 34 -10.31 57.03 -7.74
N VAL E 35 -9.40 56.23 -8.31
CA VAL E 35 -9.76 55.03 -9.06
C VAL E 35 -9.25 53.80 -8.32
N PHE E 36 -10.16 52.92 -7.88
CA PHE E 36 -9.85 51.65 -7.24
C PHE E 36 -10.41 50.54 -8.11
N GLN E 37 -9.57 50.02 -8.98
CA GLN E 37 -9.93 49.06 -10.01
C GLN E 37 -8.90 47.92 -10.08
N THR E 38 -9.32 46.79 -10.63
CA THR E 38 -8.46 45.66 -10.92
C THR E 38 -8.70 45.15 -12.34
N ASP E 39 -9.86 45.45 -12.95
CA ASP E 39 -10.32 44.85 -14.19
C ASP E 39 -11.10 45.85 -15.06
N GLY E 40 -10.64 47.11 -15.13
CA GLY E 40 -11.21 48.13 -16.02
C GLY E 40 -12.55 48.72 -15.59
N VAL E 41 -13.07 48.32 -14.44
CA VAL E 41 -14.29 48.82 -13.78
C VAL E 41 -14.00 48.97 -12.29
N LEU E 42 -14.62 49.93 -11.58
CA LEU E 42 -14.44 50.06 -10.12
C LEU E 42 -14.91 48.83 -9.36
N ASN E 43 -14.17 48.39 -8.35
CA ASN E 43 -14.55 47.25 -7.53
C ASN E 43 -15.78 47.59 -6.66
N THR E 44 -16.81 46.75 -6.65
CA THR E 44 -17.98 46.88 -5.77
C THR E 44 -18.41 45.51 -5.24
N THR E 45 -19.12 45.44 -4.12
CA THR E 45 -19.75 44.21 -3.66
C THR E 45 -21.04 44.49 -2.88
N ARG E 46 -22.01 43.59 -2.98
CA ARG E 46 -23.27 43.70 -2.24
C ARG E 46 -23.08 43.21 -0.82
N THR E 47 -23.62 43.96 0.12
CA THR E 47 -23.44 43.77 1.56
C THR E 47 -24.74 44.03 2.30
N GLN E 48 -24.85 43.51 3.51
CA GLN E 48 -25.86 43.94 4.45
C GLN E 48 -25.53 45.40 4.82
N ALA E 49 -26.53 46.29 4.76
CA ALA E 49 -26.30 47.72 4.90
C ALA E 49 -25.62 48.08 6.23
N GLY E 50 -26.15 47.56 7.34
CA GLY E 50 -25.55 47.63 8.68
C GLY E 50 -25.96 46.46 9.57
N LEU E 51 -25.36 46.33 10.74
CA LEU E 51 -25.66 45.25 11.71
C LEU E 51 -27.12 45.24 12.20
N LEU E 52 -27.80 46.39 12.12
CA LEU E 52 -29.25 46.56 11.98
C LEU E 52 -29.50 47.79 11.08
N GLU E 53 -30.76 48.10 10.71
CA GLU E 53 -31.06 48.81 9.46
C GLU E 53 -30.68 47.91 8.26
N LYS E 54 -31.00 46.63 8.40
CA LYS E 54 -30.56 45.49 7.59
C LYS E 54 -31.05 45.50 6.16
N THR E 55 -30.26 44.90 5.30
CA THR E 55 -30.62 44.33 3.98
C THR E 55 -29.68 43.13 3.77
N ASP E 56 -29.66 42.54 2.59
CA ASP E 56 -28.51 41.76 2.09
C ASP E 56 -28.09 42.26 0.68
N GLN E 57 -28.27 43.57 0.45
CA GLN E 57 -28.49 44.15 -0.87
C GLN E 57 -27.74 45.48 -1.17
N LEU E 58 -27.13 46.15 -0.19
CA LEU E 58 -26.44 47.44 -0.40
C LEU E 58 -25.09 47.22 -1.09
N SER E 59 -24.95 47.67 -2.34
CA SER E 59 -23.70 47.61 -3.09
C SER E 59 -22.75 48.73 -2.69
N ARG E 60 -21.59 48.41 -2.12
CA ARG E 60 -20.57 49.38 -1.68
C ARG E 60 -19.23 49.13 -2.34
N LEU E 61 -18.50 50.22 -2.60
CA LEU E 61 -17.21 50.20 -3.28
C LEU E 61 -16.16 49.50 -2.43
N VAL E 62 -15.19 48.86 -3.09
CA VAL E 62 -14.09 48.16 -2.45
C VAL E 62 -12.75 48.82 -2.79
N MET E 63 -12.04 49.30 -1.79
CA MET E 63 -10.62 49.58 -1.91
C MET E 63 -9.88 48.27 -1.66
N PHE E 64 -9.63 47.53 -2.74
CA PHE E 64 -9.17 46.15 -2.69
C PHE E 64 -7.79 46.00 -2.03
N LYS E 65 -7.41 44.77 -1.71
CA LYS E 65 -6.49 44.47 -0.60
C LYS E 65 -5.15 45.21 -0.61
N ARG E 66 -4.47 45.23 -1.75
CA ARG E 66 -3.23 45.96 -1.99
C ARG E 66 -3.33 47.46 -2.17
N LYS E 67 -4.46 47.97 -2.68
CA LYS E 67 -4.64 49.39 -3.01
C LYS E 67 -4.36 50.34 -1.83
N GLN E 68 -4.44 49.86 -0.60
CA GLN E 68 -4.03 50.59 0.60
C GLN E 68 -2.64 50.26 1.14
N THR E 69 -2.17 49.01 1.08
CA THR E 69 -0.88 48.63 1.66
C THR E 69 0.30 49.10 0.85
N THR E 70 0.25 49.09 -0.48
CA THR E 70 1.39 49.49 -1.31
C THR E 70 1.72 50.98 -1.28
N PRO E 71 0.77 51.92 -1.41
CA PRO E 71 1.07 53.35 -1.24
C PRO E 71 1.75 53.73 0.08
N GLU E 72 1.37 53.07 1.17
CA GLU E 72 2.00 53.22 2.48
C GLU E 72 3.38 52.61 2.48
N ARG E 73 3.49 51.37 2.04
CA ARG E 73 4.74 50.61 1.92
C ARG E 73 5.81 51.38 1.16
N LEU E 74 5.49 51.85 -0.04
CA LEU E 74 6.41 52.58 -0.90
C LEU E 74 6.79 53.96 -0.38
N ALA E 75 5.95 54.63 0.40
CA ALA E 75 6.33 55.88 1.05
C ALA E 75 7.41 55.67 2.12
N GLY E 76 7.46 54.47 2.71
CA GLY E 76 8.52 54.06 3.61
C GLY E 76 9.84 53.89 2.89
N ARG E 77 9.90 53.13 1.80
CA ARG E 77 11.12 52.92 1.00
C ARG E 77 11.70 54.23 0.48
N GLU E 78 10.83 55.19 0.16
CA GLU E 78 11.21 56.53 -0.28
C GLU E 78 11.92 57.29 0.83
N LEU E 79 11.44 57.18 2.07
CA LEU E 79 12.07 57.77 3.23
C LEU E 79 13.37 57.09 3.60
N LEU E 80 13.47 55.77 3.46
CA LEU E 80 14.71 55.03 3.72
C LEU E 80 15.82 55.47 2.77
N ARG E 81 15.52 55.68 1.48
CA ARG E 81 16.48 56.25 0.53
C ARG E 81 16.81 57.70 0.84
N ASN E 82 15.84 58.48 1.30
CA ASN E 82 16.03 59.88 1.64
C ASN E 82 16.92 60.08 2.88
N LEU E 83 16.75 59.27 3.91
CA LEU E 83 17.62 59.21 5.08
C LEU E 83 18.94 58.48 4.79
N GLY E 84 19.12 57.94 3.59
CA GLY E 84 20.38 57.32 3.16
C GLY E 84 20.66 55.97 3.77
N LEU E 85 19.64 55.30 4.29
CA LEU E 85 19.74 53.97 4.89
C LEU E 85 19.85 52.88 3.81
N THR E 86 19.16 53.07 2.69
CA THR E 86 19.13 52.22 1.50
C THR E 86 19.37 53.05 0.23
N SER E 87 19.60 52.41 -0.92
CA SER E 87 19.83 53.09 -2.19
C SER E 87 19.10 52.43 -3.37
N ALA E 88 18.95 53.17 -4.47
CA ALA E 88 18.27 52.72 -5.68
C ALA E 88 19.22 52.12 -6.72
N ASP E 89 20.53 52.30 -6.58
CA ASP E 89 21.52 52.10 -7.63
C ASP E 89 22.30 50.79 -7.48
N LYS E 90 22.47 50.09 -8.61
CA LYS E 90 23.27 48.86 -8.68
C LYS E 90 24.76 49.18 -8.39
N SER E 91 25.49 48.23 -7.82
CA SER E 91 26.87 48.41 -7.31
C SER E 91 26.94 49.37 -6.12
N ALA E 92 26.16 49.08 -5.09
CA ALA E 92 26.18 49.73 -3.79
C ALA E 92 25.85 48.71 -2.69
N LYS E 93 26.36 48.88 -1.48
CA LYS E 93 26.22 47.91 -0.37
C LYS E 93 24.81 47.78 0.20
N ASN E 94 23.97 48.81 0.05
CA ASN E 94 22.65 48.95 0.66
C ASN E 94 21.53 49.11 -0.38
N LEU E 95 21.69 48.51 -1.56
CA LEU E 95 20.66 48.45 -2.58
C LEU E 95 19.43 47.71 -2.06
N CYS E 96 18.23 48.28 -2.21
CA CYS E 96 16.98 47.53 -2.05
C CYS E 96 16.10 47.67 -3.30
N GLU E 97 15.75 46.55 -3.95
CA GLU E 97 14.92 46.51 -5.16
C GLU E 97 13.54 45.91 -4.87
N TYR E 98 12.51 46.51 -5.44
CA TYR E 98 11.11 46.17 -5.18
C TYR E 98 10.56 45.27 -6.29
N ASN E 99 9.88 44.18 -5.91
CA ASN E 99 9.35 43.14 -6.82
C ASN E 99 10.42 42.45 -7.69
N GLY E 100 11.69 42.60 -7.32
CA GLY E 100 12.82 42.34 -8.19
C GLY E 100 13.22 40.88 -8.31
N GLU E 101 14.01 40.55 -9.33
CA GLU E 101 14.72 39.27 -9.47
C GLU E 101 15.60 38.94 -8.27
N GLY E 102 16.02 39.94 -7.50
CA GLY E 102 16.57 39.86 -6.16
C GLY E 102 16.20 41.09 -5.37
N SER E 103 16.48 41.07 -4.07
CA SER E 103 16.23 42.16 -3.12
C SER E 103 17.10 41.98 -1.87
N CYS E 104 17.22 43.02 -1.05
CA CYS E 104 17.79 42.87 0.29
C CYS E 104 16.80 42.15 1.21
N LYS E 105 17.29 41.64 2.33
CA LYS E 105 16.48 40.93 3.32
C LYS E 105 16.57 41.58 4.70
N GLN E 106 16.84 42.89 4.72
CA GLN E 106 17.44 43.61 5.85
C GLN E 106 16.74 44.92 6.23
N CYS E 107 16.22 45.67 5.26
CA CYS E 107 15.70 46.99 5.52
C CYS E 107 14.32 46.93 6.17
N PRO E 108 13.87 48.02 6.82
CA PRO E 108 12.61 48.07 7.53
C PRO E 108 11.40 47.61 6.72
N ASP E 109 11.33 47.97 5.44
CA ASP E 109 10.32 47.51 4.51
C ASP E 109 10.28 45.98 4.38
N CYS E 110 11.42 45.34 4.10
CA CYS E 110 11.51 43.90 3.94
C CYS E 110 11.05 43.16 5.19
N ILE E 111 11.41 43.65 6.38
CA ILE E 111 11.12 42.96 7.64
C ILE E 111 9.72 43.27 8.17
N LEU E 112 9.12 44.42 7.83
CA LEU E 112 7.79 44.80 8.29
C LEU E 112 6.67 44.45 7.29
N TYR E 113 6.83 44.70 6.00
CA TYR E 113 5.81 44.45 4.98
C TYR E 113 6.05 43.18 4.15
N GLY E 114 7.24 42.60 4.20
CA GLY E 114 7.52 41.25 3.75
C GLY E 114 8.08 41.12 2.33
N PHE E 115 8.55 39.93 1.98
CA PHE E 115 9.14 39.64 0.69
C PHE E 115 9.13 38.14 0.37
N ALA E 116 9.28 37.80 -0.90
CA ALA E 116 9.55 36.46 -1.39
C ALA E 116 10.44 36.54 -2.63
N ILE E 117 11.34 35.58 -2.82
CA ILE E 117 12.26 35.48 -3.95
C ILE E 117 12.42 33.98 -4.27
N GLY E 118 12.27 33.56 -5.52
CA GLY E 118 12.13 32.14 -5.88
C GLY E 118 13.38 31.27 -5.72
N ASP E 119 14.59 31.83 -5.86
CA ASP E 119 15.86 31.13 -5.60
C ASP E 119 16.35 31.24 -4.14
N SER E 120 15.62 31.95 -3.28
CA SER E 120 16.06 32.37 -1.95
C SER E 120 14.90 32.26 -0.93
N GLY E 121 15.02 32.94 0.20
CA GLY E 121 14.05 32.92 1.30
C GLY E 121 12.82 33.82 1.12
N SER E 122 11.98 33.88 2.14
CA SER E 122 10.75 34.66 2.20
C SER E 122 10.44 35.09 3.64
N GLU E 123 9.67 36.15 3.84
CA GLU E 123 9.21 36.64 5.14
C GLU E 123 7.83 37.29 5.05
N ARG E 124 6.94 36.90 5.96
CA ARG E 124 5.55 37.33 6.10
C ARG E 124 5.45 38.70 6.72
N SER E 125 4.47 39.45 6.26
CA SER E 125 4.17 40.78 6.72
C SER E 125 3.79 40.82 8.18
N LYS E 126 4.40 41.77 8.90
CA LYS E 126 4.06 42.20 10.25
C LYS E 126 2.87 43.16 10.26
N VAL E 127 2.60 43.78 9.12
CA VAL E 127 1.47 44.69 8.91
C VAL E 127 0.35 43.93 8.21
N TYR E 128 -0.85 43.96 8.77
CA TYR E 128 -2.03 43.24 8.31
C TYR E 128 -3.12 44.21 7.88
N SER E 129 -3.73 43.96 6.72
CA SER E 129 -4.84 44.72 6.15
C SER E 129 -6.00 43.83 5.73
N ASP E 130 -7.17 44.43 5.60
CA ASP E 130 -8.29 43.90 4.83
C ASP E 130 -8.36 44.62 3.47
N SER E 131 -9.38 44.33 2.67
CA SER E 131 -9.91 45.29 1.71
C SER E 131 -10.77 46.29 2.45
N ALA E 132 -10.74 47.57 2.12
CA ALA E 132 -11.63 48.56 2.76
C ALA E 132 -12.92 48.74 1.96
N PHE E 133 -13.99 49.15 2.63
CA PHE E 133 -15.33 49.22 2.04
C PHE E 133 -15.90 50.62 2.21
N SER E 134 -16.65 51.11 1.23
CA SER E 134 -17.30 52.42 1.35
C SER E 134 -18.43 52.37 2.37
N LEU E 135 -18.52 53.38 3.22
CA LEU E 135 -19.63 53.52 4.15
C LEU E 135 -20.98 53.68 3.43
N GLY E 136 -21.02 54.45 2.36
CA GLY E 136 -22.19 54.62 1.48
C GLY E 136 -22.21 53.71 0.27
N ALA E 137 -23.34 53.65 -0.42
CA ALA E 137 -23.52 52.82 -1.61
C ALA E 137 -22.79 53.37 -2.83
N TYR E 138 -22.48 52.50 -3.80
CA TYR E 138 -21.81 52.83 -5.05
C TYR E 138 -22.51 53.96 -5.80
N GLU E 139 -23.83 53.84 -6.00
CA GLU E 139 -24.62 54.77 -6.80
C GLU E 139 -24.62 56.21 -6.26
N GLN E 140 -24.42 56.39 -4.96
CA GLN E 140 -24.31 57.70 -4.31
C GLN E 140 -22.86 58.18 -4.18
N SER E 141 -21.88 57.41 -4.64
CA SER E 141 -20.45 57.58 -4.37
C SER E 141 -19.54 57.57 -5.60
N HIS E 142 -20.10 57.55 -6.82
CA HIS E 142 -19.35 57.54 -8.07
C HIS E 142 -19.91 58.49 -9.13
N ARG E 143 -19.06 58.87 -10.07
CA ARG E 143 -19.45 59.38 -11.40
C ARG E 143 -18.48 58.85 -12.44
N SER E 144 -18.95 58.71 -13.67
CA SER E 144 -18.14 58.31 -14.82
C SER E 144 -17.85 59.53 -15.69
N PHE E 145 -16.59 59.67 -16.10
CA PHE E 145 -16.05 60.83 -16.79
C PHE E 145 -15.52 60.44 -18.17
N THR E 146 -15.95 61.13 -19.22
CA THR E 146 -15.37 60.99 -20.56
C THR E 146 -13.96 61.57 -20.57
N PHE E 147 -13.02 60.94 -21.27
CA PHE E 147 -11.69 61.47 -21.53
C PHE E 147 -11.33 61.26 -23.00
N ASN E 148 -10.60 62.20 -23.57
CA ASN E 148 -10.26 62.24 -24.99
C ASN E 148 -8.83 62.71 -25.18
N ALA E 149 -8.14 62.22 -26.21
CA ALA E 149 -6.71 62.42 -26.41
C ALA E 149 -6.40 62.91 -27.83
N PRO E 150 -6.65 64.20 -28.13
CA PRO E 150 -6.50 64.76 -29.46
C PRO E 150 -5.04 64.90 -29.89
N PHE E 151 -4.85 65.22 -31.17
CA PHE E 151 -3.59 65.71 -31.72
C PHE E 151 -3.37 67.16 -31.24
N GLU E 152 -2.16 67.54 -30.82
CA GLU E 152 -1.94 68.81 -30.10
C GLU E 152 -2.16 70.07 -30.96
N GLY E 153 -2.34 69.87 -32.26
CA GLY E 153 -2.94 70.82 -33.21
C GLY E 153 -4.41 71.19 -32.90
N GLY E 154 -4.99 70.65 -31.83
CA GLY E 154 -6.23 71.10 -31.24
C GLY E 154 -7.51 70.44 -31.76
N THR E 155 -7.44 69.41 -32.60
CA THR E 155 -8.60 68.63 -33.05
C THR E 155 -8.28 67.14 -33.19
N MET E 156 -9.29 66.28 -33.21
CA MET E 156 -9.14 64.83 -33.46
C MET E 156 -8.78 64.49 -34.92
N SER E 157 -8.66 65.49 -35.80
CA SER E 157 -8.38 65.31 -37.23
C SER E 157 -6.91 64.96 -37.51
N GLU E 158 -6.66 63.74 -37.99
CA GLU E 158 -5.35 63.31 -38.52
C GLU E 158 -5.27 63.58 -40.04
N ALA E 159 -5.16 64.85 -40.40
CA ALA E 159 -5.20 65.37 -41.77
C ALA E 159 -6.51 65.09 -42.56
N GLY E 160 -7.68 65.11 -41.89
CA GLY E 160 -8.99 65.19 -42.54
C GLY E 160 -10.06 64.24 -42.01
N VAL E 161 -9.68 63.31 -41.14
CA VAL E 161 -10.54 62.24 -40.59
C VAL E 161 -10.23 62.05 -39.11
N MET E 162 -11.21 61.64 -38.31
CA MET E 162 -11.08 61.55 -36.86
C MET E 162 -10.46 60.22 -36.42
N ARG E 163 -9.26 60.24 -35.83
CA ARG E 163 -8.65 59.05 -35.17
C ARG E 163 -9.42 58.56 -33.93
N SER E 164 -10.27 59.42 -33.35
CA SER E 164 -11.25 59.09 -32.31
C SER E 164 -10.63 58.40 -31.08
N ALA E 165 -9.56 58.99 -30.54
CA ALA E 165 -8.91 58.51 -29.30
C ALA E 165 -9.69 58.95 -28.04
N ILE E 166 -10.87 58.36 -27.84
CA ILE E 166 -11.83 58.74 -26.81
C ILE E 166 -12.42 57.52 -26.11
N ASN E 167 -12.63 57.61 -24.81
CA ASN E 167 -13.25 56.57 -23.98
C ASN E 167 -13.84 57.20 -22.69
N GLU E 168 -14.39 56.40 -21.79
CA GLU E 168 -14.98 56.84 -20.52
C GLU E 168 -14.39 56.01 -19.37
N LEU E 169 -14.20 56.63 -18.22
CA LEU E 169 -13.51 56.09 -17.05
C LEU E 169 -14.37 56.32 -15.81
N ASP E 170 -14.37 55.40 -14.86
CA ASP E 170 -15.22 55.41 -13.69
C ASP E 170 -14.43 55.88 -12.46
N HIS E 171 -14.94 56.84 -11.71
CA HIS E 171 -14.22 57.53 -10.65
C HIS E 171 -15.05 57.59 -9.35
N ILE E 172 -14.41 57.38 -8.21
CA ILE E 172 -15.03 57.57 -6.91
C ILE E 172 -15.05 59.06 -6.61
N LEU E 173 -16.08 59.56 -5.94
CA LEU E 173 -16.20 60.98 -5.56
C LEU E 173 -15.33 61.37 -4.35
N PRO E 174 -15.04 62.65 -4.12
CA PRO E 174 -14.57 63.16 -2.84
C PRO E 174 -15.64 63.03 -1.75
N GLU E 175 -15.22 63.22 -0.49
CA GLU E 175 -16.04 63.06 0.71
C GLU E 175 -16.62 61.64 0.89
N VAL E 176 -16.05 60.62 0.24
CA VAL E 176 -16.42 59.19 0.37
C VAL E 176 -15.46 58.54 1.35
N THR E 177 -16.01 57.86 2.36
CA THR E 177 -15.25 57.32 3.47
C THR E 177 -15.11 55.81 3.41
N PHE E 178 -13.89 55.33 3.49
CA PHE E 178 -13.50 53.94 3.64
C PHE E 178 -12.96 53.70 5.06
N PRO E 179 -13.78 53.29 6.02
CA PRO E 179 -13.34 52.79 7.31
C PRO E 179 -12.37 51.63 7.17
N THR E 180 -11.26 51.71 7.90
CA THR E 180 -10.12 50.80 7.80
C THR E 180 -9.59 50.50 9.21
N VAL E 181 -9.15 49.27 9.45
CA VAL E 181 -8.36 48.90 10.61
C VAL E 181 -7.09 48.23 10.11
N GLU E 182 -5.99 48.95 10.10
CA GLU E 182 -4.66 48.35 9.92
C GLU E 182 -4.22 47.70 11.23
N SER E 183 -3.26 46.79 11.17
CA SER E 183 -2.66 46.20 12.36
C SER E 183 -1.20 45.90 12.15
N LEU E 184 -0.44 45.93 13.22
CA LEU E 184 0.98 45.66 13.27
C LEU E 184 1.24 44.71 14.43
N ARG E 185 2.00 43.64 14.20
CA ARG E 185 2.30 42.64 15.23
C ARG E 185 3.77 42.55 15.62
N ASP E 186 4.00 42.32 16.92
CA ASP E 186 5.31 42.04 17.53
C ASP E 186 6.38 43.09 17.20
N ALA E 187 5.96 44.34 17.11
CA ALA E 187 6.80 45.48 16.75
C ALA E 187 7.72 45.96 17.86
N THR E 188 8.74 46.70 17.44
CA THR E 188 9.49 47.61 18.28
C THR E 188 8.90 49.00 18.17
N TYR E 189 9.18 49.87 19.13
CA TYR E 189 8.63 51.23 19.13
C TYR E 189 9.00 52.03 17.88
N GLU E 190 10.25 51.92 17.42
CA GLU E 190 10.68 52.64 16.21
C GLU E 190 10.04 52.00 15.01
N GLY E 191 9.74 50.70 15.01
CA GLY E 191 8.95 50.02 13.99
C GLY E 191 7.51 50.52 13.92
N PHE E 192 6.85 50.70 15.05
CA PHE E 192 5.56 51.37 15.16
C PHE E 192 5.62 52.80 14.64
N ILE E 193 6.62 53.60 15.00
CA ILE E 193 6.77 54.96 14.47
C ILE E 193 6.98 54.96 12.96
N TYR E 194 7.66 53.96 12.39
CA TYR E 194 7.74 53.80 10.94
C TYR E 194 6.38 53.52 10.31
N VAL E 195 5.64 52.53 10.79
CA VAL E 195 4.31 52.18 10.24
C VAL E 195 3.27 53.28 10.44
N LEU E 196 3.15 53.83 11.64
CA LEU E 196 2.31 55.00 11.92
C LEU E 196 2.74 56.19 11.08
N GLY E 197 4.04 56.31 10.83
CA GLY E 197 4.56 57.28 9.91
C GLY E 197 4.01 57.11 8.52
N ASN E 198 4.09 55.92 7.93
CA ASN E 198 3.60 55.68 6.58
C ASN E 198 2.10 55.93 6.44
N LEU E 199 1.30 55.50 7.41
CA LEU E 199 -0.14 55.78 7.49
C LEU E 199 -0.40 57.29 7.49
N LEU E 200 0.38 58.07 8.22
CA LEU E 200 0.20 59.52 8.33
C LEU E 200 0.76 60.28 7.12
N ARG E 201 1.83 59.78 6.50
CA ARG E 201 2.65 60.53 5.55
C ARG E 201 2.25 60.30 4.10
N THR E 202 1.88 59.09 3.69
CA THR E 202 1.43 58.84 2.31
C THR E 202 0.05 59.43 2.02
N LYS E 203 -0.20 59.88 0.78
CA LYS E 203 -1.48 60.46 0.37
C LYS E 203 -2.00 60.01 -0.99
N ARG E 204 -1.17 59.60 -1.94
CA ARG E 204 -1.58 59.20 -3.31
C ARG E 204 -1.86 57.70 -3.38
N TYR E 205 -3.12 57.29 -3.32
CA TYR E 205 -3.51 55.89 -3.14
C TYR E 205 -3.79 55.09 -4.42
N GLY E 206 -4.73 55.53 -5.25
CA GLY E 206 -5.36 54.67 -6.26
C GLY E 206 -4.56 54.44 -7.53
N ALA E 207 -5.25 54.07 -8.60
CA ALA E 207 -4.74 54.19 -9.95
C ALA E 207 -4.60 55.67 -10.34
N GLN E 208 -3.75 55.94 -11.34
CA GLN E 208 -3.50 57.23 -11.94
C GLN E 208 -3.07 58.26 -10.91
N GLU E 209 -2.04 57.92 -10.14
CA GLU E 209 -1.55 58.68 -9.00
C GLU E 209 -1.23 60.12 -9.36
N SER E 210 -0.59 60.36 -10.49
CA SER E 210 -0.08 61.67 -10.85
C SER E 210 -1.17 62.69 -11.17
N ARG E 211 -2.43 62.28 -11.21
CA ARG E 211 -3.56 63.10 -11.59
C ARG E 211 -4.71 63.02 -10.59
N THR E 212 -4.83 61.94 -9.83
CA THR E 212 -6.00 61.68 -8.96
C THR E 212 -5.61 60.82 -7.76
N GLY E 213 -6.51 60.72 -6.78
CA GLY E 213 -6.40 59.73 -5.71
C GLY E 213 -5.61 60.19 -4.50
N THR E 214 -5.67 61.49 -4.19
CA THR E 214 -5.37 61.95 -2.85
C THR E 214 -6.47 61.50 -1.89
N MET E 215 -6.06 61.13 -0.69
CA MET E 215 -6.96 60.83 0.42
C MET E 215 -6.39 61.47 1.69
N LYS E 216 -7.22 61.68 2.70
CA LYS E 216 -6.72 61.91 4.05
C LYS E 216 -7.18 60.79 4.97
N ASN E 217 -6.23 60.11 5.56
CA ASN E 217 -6.48 59.16 6.61
C ASN E 217 -6.65 59.96 7.91
N HIS E 218 -7.83 60.01 8.49
CA HIS E 218 -8.02 60.44 9.86
C HIS E 218 -7.96 59.20 10.73
N LEU E 219 -6.90 59.08 11.52
CA LEU E 219 -6.71 58.02 12.50
C LEU E 219 -7.54 58.38 13.73
N VAL E 220 -8.51 57.52 14.08
CA VAL E 220 -9.52 57.76 15.12
C VAL E 220 -9.24 57.01 16.42
N GLY E 221 -8.42 55.97 16.39
CA GLY E 221 -7.96 55.28 17.59
C GLY E 221 -6.74 54.42 17.36
N ILE E 222 -5.83 54.25 18.33
CA ILE E 222 -4.72 53.31 18.23
C ILE E 222 -4.98 52.40 19.41
N VAL E 223 -5.20 51.10 19.20
CA VAL E 223 -5.56 50.16 20.27
C VAL E 223 -4.42 49.22 20.42
N PHE E 224 -3.96 48.93 21.61
CA PHE E 224 -2.86 48.01 21.86
C PHE E 224 -3.58 46.85 22.48
N ALA E 225 -3.41 45.63 21.97
CA ALA E 225 -4.18 44.50 22.47
C ALA E 225 -3.58 43.13 22.22
N ASP E 226 -4.04 42.07 22.90
CA ASP E 226 -3.48 40.73 22.79
C ASP E 226 -4.06 39.90 21.64
N GLY E 227 -4.74 40.50 20.66
CA GLY E 227 -5.36 39.73 19.58
C GLY E 227 -5.86 40.55 18.40
N GLU E 228 -6.35 39.83 17.41
CA GLU E 228 -7.00 40.38 16.22
C GLU E 228 -8.30 41.12 16.61
N ILE E 229 -8.92 41.84 15.70
CA ILE E 229 -10.07 42.72 15.99
C ILE E 229 -11.04 42.73 14.80
N PHE E 230 -12.13 43.48 14.88
CA PHE E 230 -13.16 43.59 13.86
C PHE E 230 -12.66 43.94 12.44
N SER E 231 -13.33 43.40 11.40
CA SER E 231 -13.02 43.71 10.00
C SER E 231 -13.30 45.16 9.66
N ASN E 232 -12.67 45.66 8.60
CA ASN E 232 -13.11 46.85 7.90
C ASN E 232 -14.62 46.83 7.64
N LEU E 233 -15.17 45.69 7.21
CA LEU E 233 -16.59 45.59 6.91
C LEU E 233 -17.44 45.62 8.17
N HIS E 234 -16.99 44.98 9.25
CA HIS E 234 -17.75 44.96 10.50
C HIS E 234 -17.80 46.33 11.15
N LEU E 235 -16.72 47.09 11.08
CA LEU E 235 -16.69 48.47 11.51
C LEU E 235 -17.59 49.34 10.64
N THR E 236 -17.53 49.17 9.32
CA THR E 236 -18.37 49.90 8.38
C THR E 236 -19.86 49.67 8.63
N GLN E 237 -20.26 48.43 8.85
CA GLN E 237 -21.64 48.07 9.15
C GLN E 237 -22.11 48.56 10.52
N ALA E 238 -21.21 48.71 11.48
CA ALA E 238 -21.54 49.27 12.78
C ALA E 238 -21.64 50.80 12.72
N LEU E 239 -20.83 51.45 11.90
CA LEU E 239 -20.86 52.89 11.64
C LEU E 239 -22.10 53.30 10.84
N TYR E 240 -22.51 52.52 9.84
CA TYR E 240 -23.75 52.70 9.11
C TYR E 240 -24.98 52.53 10.02
N ASP E 241 -24.97 51.59 10.96
CA ASP E 241 -26.00 51.44 11.99
C ASP E 241 -26.06 52.67 12.90
N GLN E 242 -24.92 53.15 13.40
CA GLN E 242 -24.89 54.26 14.36
C GLN E 242 -25.41 55.57 13.77
N MET E 243 -25.16 55.81 12.49
CA MET E 243 -25.71 56.93 11.73
C MET E 243 -27.11 56.66 11.18
N GLY E 244 -27.42 55.43 10.83
CA GLY E 244 -28.70 54.97 10.31
C GLY E 244 -29.05 55.62 8.98
N GLY E 245 -28.29 55.34 7.93
CA GLY E 245 -28.25 56.20 6.75
C GLY E 245 -27.56 57.52 7.10
N GLU E 246 -28.09 58.65 6.64
CA GLU E 246 -27.68 60.00 7.06
C GLU E 246 -26.20 60.32 6.77
N LEU E 247 -25.60 59.69 5.75
CA LEU E 247 -24.15 59.75 5.53
C LEU E 247 -23.59 61.13 5.10
N ASN E 248 -24.44 62.09 4.70
CA ASN E 248 -24.06 63.45 4.26
C ASN E 248 -23.66 64.43 5.40
N LYS E 249 -23.52 63.98 6.64
CA LYS E 249 -23.02 64.76 7.78
C LYS E 249 -21.53 65.14 7.66
N PRO E 250 -21.05 66.16 8.39
CA PRO E 250 -19.68 66.64 8.33
C PRO E 250 -18.62 65.61 8.68
N ILE E 251 -17.40 65.83 8.20
CA ILE E 251 -16.24 64.98 8.47
C ILE E 251 -15.88 64.88 9.97
N SER E 252 -16.00 65.97 10.72
CA SER E 252 -15.80 65.98 12.16
C SER E 252 -16.84 65.15 12.91
N GLU E 253 -18.08 65.07 12.45
CA GLU E 253 -19.13 64.21 13.01
C GLU E 253 -18.89 62.73 12.69
N LEU E 254 -18.23 62.42 11.57
CA LEU E 254 -17.84 61.07 11.19
C LEU E 254 -16.67 60.57 12.04
N CYS E 255 -15.61 61.35 12.19
CA CYS E 255 -14.45 60.93 12.98
C CYS E 255 -14.78 60.75 14.48
N GLU E 256 -15.65 61.57 15.07
CA GLU E 256 -16.08 61.40 16.46
C GLU E 256 -17.06 60.24 16.66
N THR E 257 -17.98 59.99 15.73
CA THR E 257 -18.91 58.87 15.85
C THR E 257 -18.21 57.53 15.59
N ALA E 258 -17.23 57.49 14.69
CA ALA E 258 -16.39 56.32 14.49
C ALA E 258 -15.62 55.92 15.74
N ALA E 259 -15.07 56.88 16.49
CA ALA E 259 -14.41 56.61 17.76
C ALA E 259 -15.38 56.01 18.80
N THR E 260 -16.64 56.42 18.78
CA THR E 260 -17.70 55.91 19.66
C THR E 260 -18.11 54.48 19.31
N VAL E 261 -18.25 54.17 18.03
CA VAL E 261 -18.53 52.82 17.53
C VAL E 261 -17.39 51.88 17.81
N ALA E 262 -16.16 52.31 17.55
CA ALA E 262 -14.97 51.53 17.81
C ALA E 262 -14.85 51.13 19.28
N GLN E 263 -15.15 52.01 20.23
CA GLN E 263 -15.13 51.66 21.65
C GLN E 263 -16.23 50.68 22.05
N ASP E 264 -17.44 50.84 21.54
CA ASP E 264 -18.51 49.86 21.75
C ASP E 264 -18.12 48.48 21.20
N LEU E 265 -17.55 48.44 20.00
CA LEU E 265 -17.09 47.20 19.40
C LEU E 265 -15.93 46.58 20.18
N LEU E 266 -14.94 47.36 20.62
CA LEU E 266 -13.81 46.86 21.39
C LEU E 266 -14.21 46.21 22.71
N ASN E 267 -15.36 46.55 23.28
CA ASN E 267 -15.90 45.92 24.48
C ASN E 267 -16.58 44.56 24.23
N LYS E 268 -16.79 44.17 22.98
CA LYS E 268 -17.47 42.92 22.58
C LYS E 268 -16.52 41.88 21.99
N GLU E 269 -15.25 42.21 21.78
CA GLU E 269 -14.22 41.30 21.25
C GLU E 269 -13.37 40.73 22.39
N PRO E 270 -13.05 39.42 22.39
CA PRO E 270 -12.35 38.77 23.49
C PRO E 270 -10.83 39.02 23.44
N VAL E 271 -10.44 40.28 23.60
CA VAL E 271 -9.04 40.69 23.70
C VAL E 271 -8.81 41.53 24.94
N ARG E 272 -7.69 41.29 25.61
CA ARG E 272 -7.15 42.20 26.62
C ARG E 272 -6.70 43.45 25.89
N LYS E 273 -6.97 44.64 26.43
CA LYS E 273 -6.67 45.88 25.75
C LYS E 273 -5.70 46.62 26.62
N SER E 274 -4.43 46.49 26.33
CA SER E 274 -3.41 47.12 27.11
C SER E 274 -3.50 48.62 27.11
N GLU E 275 -3.95 49.22 26.03
CA GLU E 275 -4.07 50.66 25.93
C GLU E 275 -5.05 50.98 24.87
N LEU E 276 -5.84 52.02 25.06
CA LEU E 276 -6.82 52.44 24.09
C LEU E 276 -6.61 53.93 23.91
N ILE E 277 -5.81 54.32 22.91
CA ILE E 277 -5.54 55.72 22.64
C ILE E 277 -6.63 56.26 21.73
N PHE E 278 -7.54 57.09 22.21
CA PHE E 278 -8.60 57.75 21.47
C PHE E 278 -8.71 59.23 21.89
N GLY E 279 -9.35 60.06 21.08
CA GLY E 279 -9.70 61.43 21.46
C GLY E 279 -8.51 62.35 21.76
N ALA E 280 -8.52 63.02 22.90
CA ALA E 280 -7.48 63.97 23.29
C ALA E 280 -6.12 63.32 23.54
N HIS E 281 -6.07 62.05 23.93
CA HIS E 281 -4.82 61.32 24.03
C HIS E 281 -4.24 61.05 22.64
N LEU E 282 -5.10 60.77 21.66
CA LEU E 282 -4.70 60.48 20.29
C LEU E 282 -4.21 61.72 19.56
N ASP E 283 -4.89 62.87 19.66
CA ASP E 283 -4.42 64.11 19.06
C ASP E 283 -3.28 64.78 19.86
N THR E 284 -2.81 64.12 20.92
CA THR E 284 -1.51 64.40 21.57
C THR E 284 -0.43 63.47 21.04
N LEU E 285 -0.69 62.16 20.96
CA LEU E 285 0.20 61.17 20.35
C LEU E 285 0.52 61.51 18.91
N LEU E 286 -0.47 61.87 18.10
CA LEU E 286 -0.26 62.27 16.72
C LEU E 286 0.56 63.55 16.61
N GLN E 287 0.39 64.50 17.52
CA GLN E 287 1.15 65.76 17.52
C GLN E 287 2.62 65.54 17.90
N GLU E 288 2.92 64.59 18.77
CA GLU E 288 4.29 64.22 19.11
C GLU E 288 4.95 63.32 18.06
N VAL E 289 4.23 62.43 17.35
CA VAL E 289 4.81 61.74 16.15
C VAL E 289 4.89 62.65 14.91
N ASN E 290 4.12 63.74 14.81
CA ASN E 290 4.43 64.84 13.89
C ASN E 290 5.81 65.46 14.20
N ASP E 291 6.10 65.81 15.46
CA ASP E 291 7.36 66.47 15.79
C ASP E 291 8.58 65.53 15.77
N ILE E 292 8.37 64.21 15.72
CA ILE E 292 9.39 63.25 15.29
C ILE E 292 9.64 63.40 13.79
N TYR E 293 8.62 63.29 12.94
CA TYR E 293 8.83 63.30 11.49
C TYR E 293 9.26 64.66 10.93
N GLN E 294 8.91 65.77 11.56
CA GLN E 294 9.37 67.11 11.16
C GLN E 294 10.82 67.42 11.56
N ASN E 295 11.46 66.67 12.46
CA ASN E 295 12.80 66.96 12.96
C ASN E 295 13.83 65.99 12.38
N ASP E 296 14.79 66.54 11.64
CA ASP E 296 15.73 65.75 10.85
C ASP E 296 16.63 64.83 11.67
N ALA E 297 17.08 65.27 12.85
CA ALA E 297 17.96 64.53 13.73
C ALA E 297 17.22 63.39 14.44
N GLU E 298 16.05 63.66 15.03
CA GLU E 298 15.24 62.63 15.68
C GLU E 298 14.82 61.56 14.69
N LEU E 299 14.35 61.94 13.51
CA LEU E 299 13.93 60.97 12.51
C LEU E 299 15.09 60.09 12.03
N THR E 300 16.28 60.66 11.91
CA THR E 300 17.44 59.89 11.51
C THR E 300 17.78 58.91 12.59
N LYS E 301 17.63 59.30 13.84
CA LYS E 301 17.93 58.44 14.97
C LYS E 301 17.01 57.27 15.09
N LEU E 302 15.71 57.52 15.12
CA LEU E 302 14.74 56.46 15.32
C LEU E 302 14.79 55.49 14.21
N LEU E 303 14.76 55.98 12.99
CA LEU E 303 14.71 55.10 11.85
C LEU E 303 16.05 54.44 11.63
N GLY E 304 17.11 54.97 12.22
CA GLY E 304 18.40 54.34 12.14
C GLY E 304 18.51 53.18 13.06
N SER E 305 17.90 53.28 14.22
CA SER E 305 17.91 52.18 15.15
C SER E 305 16.99 51.14 14.62
N LEU E 306 15.93 51.52 13.92
CA LEU E 306 15.07 50.54 13.30
C LEU E 306 15.86 49.77 12.31
N TYR E 307 16.72 50.46 11.57
CA TYR E 307 17.51 49.80 10.58
C TYR E 307 18.34 48.75 11.23
N GLN E 308 18.93 49.06 12.37
CA GLN E 308 19.80 48.11 13.04
C GLN E 308 19.04 46.93 13.51
N GLN E 309 17.84 47.15 14.02
CA GLN E 309 17.03 46.07 14.54
C GLN E 309 16.58 45.16 13.46
N THR E 310 16.31 45.70 12.29
CA THR E 310 15.81 44.91 11.19
C THR E 310 16.97 44.18 10.61
N GLN E 311 18.18 44.70 10.76
CA GLN E 311 19.36 44.01 10.32
C GLN E 311 19.71 42.92 11.29
N ASP E 312 19.44 43.13 12.57
CA ASP E 312 19.70 42.13 13.57
C ASP E 312 18.69 41.04 13.41
N TYR E 313 17.45 41.38 13.13
CA TYR E 313 16.44 40.39 12.89
C TYR E 313 16.86 39.59 11.71
N ALA E 314 17.35 40.17 10.63
CA ALA E 314 17.74 39.46 9.41
C ALA E 314 18.80 38.40 9.65
N THR E 315 19.84 38.75 10.41
CA THR E 315 21.02 37.89 10.66
C THR E 315 20.84 36.91 11.82
N GLU E 316 19.86 37.09 12.70
CA GLU E 316 19.56 36.18 13.81
C GLU E 316 18.36 35.27 13.58
N PHE E 317 17.29 35.78 12.97
CA PHE E 317 16.03 35.06 12.75
C PHE E 317 15.57 35.02 11.28
N GLY E 318 15.93 35.98 10.44
CA GLY E 318 15.50 36.06 9.03
C GLY E 318 16.41 35.31 8.06
N ALA E 319 16.36 35.70 6.78
CA ALA E 319 17.10 35.06 5.67
C ALA E 319 18.62 35.34 5.63
N LEU E 320 19.21 35.76 6.75
CA LEU E 320 20.62 36.12 6.94
C LEU E 320 21.10 37.25 6.00
N MET F 1 19.45 84.25 -4.24
CA MET F 1 18.20 83.45 -4.18
C MET F 1 18.32 82.16 -4.99
N LEU F 2 18.31 82.21 -6.32
CA LEU F 2 18.36 81.02 -7.17
C LEU F 2 19.64 80.19 -6.96
N ASP F 3 20.78 80.84 -6.75
CA ASP F 3 22.07 80.22 -6.45
C ASP F 3 22.08 79.44 -5.13
N SER F 4 21.16 79.81 -4.24
CA SER F 4 21.02 79.05 -3.04
C SER F 4 20.21 77.84 -3.34
N LEU F 5 19.13 77.93 -4.10
CA LEU F 5 18.26 76.79 -4.33
C LEU F 5 18.91 75.64 -5.08
N LYS F 6 19.95 75.86 -5.87
CA LYS F 6 20.68 74.77 -6.53
C LYS F 6 21.16 73.68 -5.57
N SER F 7 21.36 73.98 -4.29
CA SER F 7 21.68 72.99 -3.25
C SER F 7 20.53 72.03 -2.92
N GLN F 8 19.28 72.40 -3.22
CA GLN F 8 18.11 71.60 -2.82
C GLN F 8 17.75 70.54 -3.82
N PHE F 9 18.49 70.39 -4.91
CA PHE F 9 18.18 69.50 -6.04
C PHE F 9 19.23 68.44 -6.26
N GLN F 10 18.80 67.36 -6.90
CA GLN F 10 19.66 66.30 -7.41
C GLN F 10 20.55 66.81 -8.56
N PRO F 11 21.75 66.26 -8.76
CA PRO F 11 22.64 66.64 -9.85
C PRO F 11 22.26 66.03 -11.21
N SER F 12 21.58 64.88 -11.21
CA SER F 12 20.98 64.27 -12.41
C SER F 12 19.76 63.44 -12.03
N PHE F 13 18.83 63.20 -12.95
CA PHE F 13 17.57 62.50 -12.64
C PHE F 13 17.86 61.07 -12.12
N PRO F 14 17.40 60.70 -10.92
CA PRO F 14 17.69 59.42 -10.30
C PRO F 14 16.75 58.33 -10.79
N ARG F 15 17.13 57.07 -10.59
CA ARG F 15 16.39 55.88 -11.01
C ARG F 15 15.01 55.80 -10.38
N LEU F 16 14.95 55.89 -9.05
CA LEU F 16 13.75 55.89 -8.23
C LEU F 16 13.72 57.17 -7.40
N ALA F 17 12.54 57.58 -6.92
CA ALA F 17 12.42 58.80 -6.14
C ALA F 17 13.27 58.75 -4.86
N SER F 18 14.08 59.79 -4.67
CA SER F 18 14.95 59.99 -3.51
C SER F 18 14.27 60.78 -2.38
N GLY F 19 12.94 60.91 -2.42
CA GLY F 19 12.15 61.66 -1.45
C GLY F 19 12.18 63.17 -1.57
N HIS F 20 12.90 63.77 -2.53
CA HIS F 20 12.87 65.22 -2.77
C HIS F 20 11.65 65.65 -3.58
N TYR F 21 10.69 66.30 -2.95
CA TYR F 21 9.55 66.95 -3.58
C TYR F 21 9.74 68.45 -3.53
N VAL F 22 9.29 69.14 -4.58
CA VAL F 22 9.00 70.56 -4.53
C VAL F 22 7.53 70.76 -4.87
N HIS F 23 6.79 71.50 -4.05
CA HIS F 23 5.35 71.72 -4.16
C HIS F 23 5.11 73.19 -4.47
N PHE F 24 4.19 73.49 -5.39
CA PHE F 24 3.84 74.82 -5.81
C PHE F 24 2.43 75.08 -5.37
N LEU F 25 2.24 76.00 -4.45
CA LEU F 25 0.94 76.32 -3.89
C LEU F 25 0.39 77.51 -4.66
N MET F 26 -0.54 77.27 -5.58
CA MET F 26 -1.12 78.27 -6.46
C MET F 26 -2.57 78.61 -6.10
N LEU F 27 -2.97 79.81 -6.48
CA LEU F 27 -4.34 80.17 -6.70
C LEU F 27 -4.48 80.39 -8.21
N ARG F 28 -5.33 79.61 -8.87
CA ARG F 28 -5.76 79.88 -10.23
C ARG F 28 -7.00 80.76 -10.21
N HIS F 29 -6.89 82.02 -10.58
CA HIS F 29 -8.03 82.92 -10.67
C HIS F 29 -8.57 82.93 -12.09
N SER F 30 -9.87 82.74 -12.22
CA SER F 30 -10.51 82.81 -13.52
C SER F 30 -10.48 84.23 -14.02
N GLN F 31 -10.23 84.35 -15.31
CA GLN F 31 -10.47 85.55 -16.09
C GLN F 31 -11.13 85.11 -17.40
N SER F 32 -12.06 85.86 -17.98
CA SER F 32 -12.63 85.48 -19.28
C SER F 32 -13.19 84.05 -19.38
N PHE F 33 -14.16 83.73 -18.52
CA PHE F 33 -15.15 82.67 -18.77
C PHE F 33 -14.61 81.31 -19.25
N PRO F 34 -13.80 80.60 -18.44
CA PRO F 34 -13.41 79.26 -18.78
C PRO F 34 -14.63 78.33 -18.76
N VAL F 35 -14.52 77.24 -19.49
CA VAL F 35 -15.42 76.11 -19.42
C VAL F 35 -14.63 74.88 -19.03
N PHE F 36 -15.11 74.06 -18.08
CA PHE F 36 -14.54 72.77 -17.73
C PHE F 36 -15.64 71.70 -17.74
N GLN F 37 -15.51 70.68 -18.58
CA GLN F 37 -16.57 69.71 -18.78
C GLN F 37 -16.04 68.34 -19.21
N THR F 38 -16.82 67.29 -18.96
CA THR F 38 -16.62 65.92 -19.44
C THR F 38 -17.92 65.28 -19.96
N ASP F 39 -18.93 66.13 -20.18
CA ASP F 39 -20.30 65.85 -20.62
C ASP F 39 -20.99 67.17 -21.03
N GLY F 40 -22.29 67.21 -21.27
CA GLY F 40 -23.05 68.43 -21.62
C GLY F 40 -23.26 69.46 -20.49
N VAL F 41 -22.50 69.42 -19.40
CA VAL F 41 -22.62 70.36 -18.27
C VAL F 41 -21.27 70.61 -17.61
N LEU F 42 -21.11 71.72 -16.88
CA LEU F 42 -19.90 71.99 -16.11
C LEU F 42 -19.71 70.92 -15.03
N ASN F 43 -18.47 70.48 -14.83
CA ASN F 43 -18.11 69.56 -13.76
C ASN F 43 -18.33 70.22 -12.39
N THR F 44 -19.10 69.59 -11.51
CA THR F 44 -19.36 70.09 -10.15
C THR F 44 -19.63 68.94 -9.20
N THR F 45 -19.33 69.09 -7.91
CA THR F 45 -19.56 68.07 -6.88
C THR F 45 -19.76 68.71 -5.53
N ARG F 46 -20.52 68.07 -4.63
CA ARG F 46 -20.71 68.54 -3.27
C ARG F 46 -19.49 68.26 -2.40
N THR F 47 -19.21 69.18 -1.51
CA THR F 47 -18.09 69.20 -0.58
C THR F 47 -18.55 69.80 0.72
N GLN F 48 -17.86 69.55 1.81
CA GLN F 48 -18.06 70.38 2.99
C GLN F 48 -17.49 71.78 2.74
N ALA F 49 -18.15 72.82 3.22
CA ALA F 49 -17.71 74.18 2.98
C ALA F 49 -16.29 74.44 3.47
N GLY F 50 -16.02 74.13 4.74
CA GLY F 50 -14.74 74.30 5.41
C GLY F 50 -14.50 73.25 6.48
N LEU F 51 -13.33 73.26 7.10
CA LEU F 51 -12.89 72.16 7.95
C LEU F 51 -13.59 72.09 9.31
N LEU F 52 -13.71 73.21 10.02
CA LEU F 52 -14.15 73.22 11.42
C LEU F 52 -15.44 74.03 11.61
N GLU F 53 -15.43 75.29 11.24
CA GLU F 53 -16.50 76.24 11.55
C GLU F 53 -17.65 76.18 10.54
N LYS F 54 -17.37 76.50 9.27
CA LYS F 54 -18.38 76.45 8.20
C LYS F 54 -18.53 75.00 7.76
N THR F 55 -19.73 74.48 7.94
CA THR F 55 -19.95 73.03 8.15
C THR F 55 -21.00 72.43 7.21
N ASP F 56 -21.82 73.26 6.56
CA ASP F 56 -22.83 72.81 5.62
C ASP F 56 -22.23 72.25 4.31
N GLN F 57 -23.03 71.48 3.57
CA GLN F 57 -22.71 71.01 2.22
C GLN F 57 -22.73 72.16 1.21
N LEU F 58 -21.79 72.13 0.27
CA LEU F 58 -21.46 73.21 -0.64
C LEU F 58 -21.00 72.62 -1.97
N SER F 59 -21.83 72.77 -2.98
CA SER F 59 -21.54 72.41 -4.36
C SER F 59 -20.45 73.32 -4.93
N ARG F 60 -19.35 72.73 -5.41
CA ARG F 60 -18.16 73.40 -5.94
C ARG F 60 -17.90 72.97 -7.38
N LEU F 61 -17.38 73.86 -8.21
CA LEU F 61 -16.92 73.54 -9.57
C LEU F 61 -15.67 72.72 -9.47
N VAL F 62 -15.50 71.76 -10.36
CA VAL F 62 -14.32 70.92 -10.39
C VAL F 62 -13.54 71.23 -11.64
N MET F 63 -12.31 71.68 -11.51
CA MET F 63 -11.34 71.72 -12.58
C MET F 63 -10.70 70.35 -12.67
N PHE F 64 -11.32 69.45 -13.41
CA PHE F 64 -11.01 68.04 -13.39
C PHE F 64 -9.60 67.74 -13.90
N LYS F 65 -9.12 66.58 -13.53
CA LYS F 65 -7.71 66.22 -13.35
C LYS F 65 -6.70 66.51 -14.46
N ARG F 66 -7.12 66.65 -15.71
CA ARG F 66 -6.21 66.99 -16.81
C ARG F 66 -6.45 68.36 -17.39
N LYS F 67 -7.60 68.99 -17.18
CA LYS F 67 -7.77 70.42 -17.45
C LYS F 67 -6.82 71.27 -16.62
N GLN F 68 -6.45 70.77 -15.45
CA GLN F 68 -5.40 71.27 -14.58
C GLN F 68 -3.99 71.24 -15.16
N THR F 69 -3.67 70.37 -16.11
CA THR F 69 -2.26 70.04 -16.38
C THR F 69 -1.85 69.71 -17.80
N THR F 70 -2.74 69.42 -18.75
CA THR F 70 -2.31 69.37 -20.15
C THR F 70 -2.06 70.76 -20.78
N PRO F 71 -2.72 71.85 -20.38
CA PRO F 71 -2.35 73.20 -20.79
C PRO F 71 -0.96 73.66 -20.32
N GLU F 72 -0.51 73.19 -19.16
CA GLU F 72 0.86 73.34 -18.68
C GLU F 72 1.80 72.57 -19.60
N ARG F 73 1.47 71.31 -19.85
CA ARG F 73 2.28 70.35 -20.57
C ARG F 73 2.58 70.81 -21.98
N LEU F 74 1.53 71.10 -22.74
CA LEU F 74 1.64 71.45 -24.15
C LEU F 74 2.28 72.82 -24.35
N ALA F 75 2.16 73.73 -23.38
CA ALA F 75 2.89 74.98 -23.40
C ALA F 75 4.38 74.80 -23.24
N GLY F 76 4.83 73.75 -22.57
CA GLY F 76 6.24 73.41 -22.49
C GLY F 76 6.78 72.92 -23.82
N ARG F 77 6.05 72.02 -24.50
CA ARG F 77 6.45 71.49 -25.79
C ARG F 77 6.62 72.61 -26.82
N GLU F 78 5.79 73.64 -26.74
CA GLU F 78 5.88 74.82 -27.57
C GLU F 78 7.21 75.56 -27.44
N LEU F 79 7.84 75.56 -26.27
CA LEU F 79 9.17 76.14 -26.07
C LEU F 79 10.29 75.21 -26.51
N LEU F 80 10.18 73.91 -26.26
CA LEU F 80 11.16 72.93 -26.71
C LEU F 80 11.29 72.94 -28.24
N ARG F 81 10.20 73.13 -28.99
CA ARG F 81 10.24 73.33 -30.45
C ARG F 81 10.85 74.67 -30.83
N ASN F 82 10.49 75.76 -30.16
CA ASN F 82 10.95 77.11 -30.46
C ASN F 82 12.45 77.29 -30.28
N LEU F 83 13.04 76.57 -29.34
CA LEU F 83 14.48 76.53 -29.09
C LEU F 83 15.20 75.49 -29.96
N GLY F 84 14.47 74.75 -30.80
CA GLY F 84 14.99 73.75 -31.70
C GLY F 84 15.44 72.45 -31.04
N LEU F 85 15.06 72.24 -29.78
CA LEU F 85 15.42 71.04 -29.02
C LEU F 85 14.57 69.84 -29.45
N THR F 86 13.38 70.07 -30.00
CA THR F 86 12.49 69.09 -30.65
C THR F 86 12.03 69.62 -32.02
N SER F 87 11.37 68.80 -32.83
CA SER F 87 10.75 69.21 -34.10
C SER F 87 9.46 68.43 -34.39
N ALA F 88 8.58 69.00 -35.21
CA ALA F 88 7.36 68.35 -35.70
C ALA F 88 7.48 67.79 -37.13
N ASP F 89 8.55 68.12 -37.87
CA ASP F 89 8.82 67.58 -39.19
C ASP F 89 9.12 66.08 -39.10
N LYS F 90 8.24 65.24 -39.65
CA LYS F 90 8.32 63.78 -39.54
C LYS F 90 9.55 63.18 -40.25
N SER F 91 10.28 63.96 -41.05
CA SER F 91 11.55 63.55 -41.68
C SER F 91 12.80 63.87 -40.84
N ALA F 92 12.68 64.68 -39.77
CA ALA F 92 13.81 65.08 -38.93
C ALA F 92 14.16 64.02 -37.87
N LYS F 93 15.41 64.02 -37.38
CA LYS F 93 15.83 63.15 -36.27
C LYS F 93 15.29 63.62 -34.90
N ASN F 94 15.06 64.92 -34.74
CA ASN F 94 14.58 65.53 -33.49
C ASN F 94 13.06 65.40 -33.25
N LEU F 95 12.38 64.47 -33.91
CA LEU F 95 10.91 64.36 -33.90
C LEU F 95 10.34 64.04 -32.51
N CYS F 96 9.28 64.74 -32.11
CA CYS F 96 8.42 64.31 -31.01
C CYS F 96 6.94 64.63 -31.27
N GLU F 97 6.14 63.58 -31.49
CA GLU F 97 4.68 63.63 -31.52
C GLU F 97 4.06 63.63 -30.10
N TYR F 98 2.76 63.79 -30.01
CA TYR F 98 1.97 63.73 -28.77
C TYR F 98 0.72 62.86 -28.97
N ASN F 99 0.37 62.02 -27.99
CA ASN F 99 -0.72 61.05 -28.08
C ASN F 99 -0.60 60.08 -29.28
N GLY F 100 0.59 59.54 -29.51
CA GLY F 100 0.83 58.54 -30.54
C GLY F 100 2.24 57.94 -30.47
N GLU F 101 2.43 56.82 -31.13
CA GLU F 101 3.68 56.04 -31.14
C GLU F 101 4.92 56.75 -31.72
N GLY F 102 4.74 57.85 -32.45
CA GLY F 102 5.85 58.75 -32.84
C GLY F 102 6.37 59.65 -31.72
N SER F 103 5.69 59.71 -30.56
CA SER F 103 6.14 60.48 -29.41
C SER F 103 7.45 59.91 -28.87
N CYS F 104 8.46 60.77 -28.73
CA CYS F 104 9.80 60.33 -28.37
C CYS F 104 9.87 59.86 -26.91
N LYS F 105 11.05 59.40 -26.51
CA LYS F 105 11.37 58.95 -25.16
C LYS F 105 12.42 59.85 -24.48
N GLN F 106 12.97 60.83 -25.19
CA GLN F 106 14.16 61.58 -24.82
C GLN F 106 13.91 62.99 -24.28
N CYS F 107 12.77 63.63 -24.58
CA CYS F 107 12.61 65.06 -24.38
C CYS F 107 12.05 65.42 -23.00
N PRO F 108 12.28 66.64 -22.49
CA PRO F 108 11.82 67.08 -21.18
C PRO F 108 10.33 66.93 -20.91
N ASP F 109 9.47 67.12 -21.89
CA ASP F 109 8.06 66.77 -21.75
C ASP F 109 7.84 65.28 -21.42
N CYS F 110 8.32 64.38 -22.28
CA CYS F 110 8.13 62.95 -22.11
C CYS F 110 8.62 62.45 -20.75
N ILE F 111 9.70 63.01 -20.21
CA ILE F 111 10.26 62.55 -18.94
C ILE F 111 9.69 63.27 -17.72
N LEU F 112 9.38 64.56 -17.77
CA LEU F 112 8.82 65.23 -16.60
C LEU F 112 7.32 65.03 -16.48
N TYR F 113 6.60 64.86 -17.59
CA TYR F 113 5.14 64.69 -17.60
C TYR F 113 4.66 63.30 -18.03
N GLY F 114 5.44 62.50 -18.77
CA GLY F 114 5.23 61.06 -18.94
C GLY F 114 4.74 60.59 -20.32
N PHE F 115 4.85 59.29 -20.59
CA PHE F 115 4.40 58.66 -21.84
C PHE F 115 4.03 57.18 -21.69
N ALA F 116 3.17 56.64 -22.56
CA ALA F 116 2.93 55.20 -22.68
C ALA F 116 2.50 54.82 -24.09
N ILE F 117 3.27 53.95 -24.74
CA ILE F 117 3.06 53.55 -26.15
C ILE F 117 2.78 52.05 -26.27
N GLY F 118 3.42 51.24 -25.45
CA GLY F 118 3.55 49.80 -25.64
C GLY F 118 5.02 49.49 -25.96
N ASP F 119 5.39 49.66 -27.23
CA ASP F 119 6.79 49.64 -27.70
C ASP F 119 7.63 50.69 -26.98
N SER F 120 8.89 50.37 -26.63
CA SER F 120 9.74 51.22 -25.78
C SER F 120 9.15 51.53 -24.38
N GLY F 121 8.03 50.90 -24.01
CA GLY F 121 7.46 50.97 -22.69
C GLY F 121 6.77 52.31 -22.41
N SER F 122 7.05 52.85 -21.22
CA SER F 122 6.35 53.97 -20.63
C SER F 122 7.14 54.62 -19.51
N GLU F 123 6.82 55.87 -19.16
CA GLU F 123 7.35 56.58 -17.99
C GLU F 123 6.27 57.38 -17.28
N ARG F 124 6.31 57.37 -15.95
CA ARG F 124 5.36 57.96 -15.03
C ARG F 124 5.71 59.42 -14.75
N SER F 125 4.68 60.25 -14.62
CA SER F 125 4.80 61.68 -14.44
C SER F 125 5.60 62.03 -13.22
N LYS F 126 6.54 62.96 -13.35
CA LYS F 126 7.24 63.54 -12.21
C LYS F 126 6.50 64.76 -11.68
N VAL F 127 5.62 65.37 -12.47
CA VAL F 127 4.70 66.43 -12.06
C VAL F 127 3.37 65.81 -11.68
N TYR F 128 3.06 65.78 -10.39
CA TYR F 128 1.83 65.33 -9.79
C TYR F 128 0.90 66.54 -9.59
N SER F 129 -0.16 66.61 -10.40
CA SER F 129 -1.27 67.54 -10.22
C SER F 129 -2.39 66.89 -9.44
N ASP F 130 -3.48 67.58 -9.18
CA ASP F 130 -4.71 67.00 -8.63
C ASP F 130 -5.91 67.76 -9.20
N SER F 131 -7.12 67.23 -9.13
CA SER F 131 -8.30 68.01 -9.47
C SER F 131 -8.50 69.15 -8.48
N ALA F 132 -8.87 70.34 -8.96
CA ALA F 132 -9.02 71.53 -8.12
C ALA F 132 -10.47 71.95 -8.01
N PHE F 133 -10.83 72.58 -6.90
CA PHE F 133 -12.21 72.89 -6.58
C PHE F 133 -12.39 74.40 -6.44
N SER F 134 -13.52 74.98 -6.87
CA SER F 134 -13.74 76.41 -6.67
C SER F 134 -13.86 76.74 -5.20
N LEU F 135 -13.23 77.81 -4.74
CA LEU F 135 -13.29 78.19 -3.34
C LEU F 135 -14.73 78.45 -2.87
N GLY F 136 -15.55 79.10 -3.70
CA GLY F 136 -16.97 79.38 -3.44
C GLY F 136 -17.95 78.44 -4.12
N ALA F 137 -19.25 78.67 -3.88
CA ALA F 137 -20.33 77.84 -4.39
C ALA F 137 -20.51 77.97 -5.91
N TYR F 138 -20.75 76.86 -6.59
CA TYR F 138 -21.06 76.80 -8.02
C TYR F 138 -22.22 77.72 -8.39
N GLU F 139 -23.30 77.68 -7.61
CA GLU F 139 -24.51 78.48 -7.83
C GLU F 139 -24.30 80.00 -7.62
N GLN F 140 -23.12 80.40 -7.13
CA GLN F 140 -22.68 81.79 -7.03
C GLN F 140 -21.49 82.09 -7.98
N SER F 141 -21.17 81.19 -8.90
CA SER F 141 -19.92 81.19 -9.69
C SER F 141 -20.12 80.93 -11.19
N HIS F 142 -21.34 80.95 -11.74
CA HIS F 142 -21.60 80.50 -13.11
C HIS F 142 -22.77 81.20 -13.79
N ARG F 143 -22.77 81.19 -15.14
CA ARG F 143 -23.92 81.53 -16.01
C ARG F 143 -23.98 80.57 -17.20
N SER F 144 -25.18 80.37 -17.74
CA SER F 144 -25.38 79.67 -19.00
C SER F 144 -25.74 80.70 -20.08
N PHE F 145 -24.95 80.67 -21.15
CA PHE F 145 -25.04 81.60 -22.26
C PHE F 145 -25.55 80.89 -23.52
N THR F 146 -26.53 81.49 -24.19
CA THR F 146 -26.93 81.17 -25.57
C THR F 146 -25.85 81.58 -26.56
N PHE F 147 -25.53 80.75 -27.55
CA PHE F 147 -24.57 81.09 -28.60
C PHE F 147 -25.21 81.27 -29.98
N ASN F 148 -25.00 82.45 -30.57
CA ASN F 148 -25.55 82.89 -31.85
C ASN F 148 -25.05 82.04 -33.02
N ALA F 149 -25.92 81.78 -34.00
CA ALA F 149 -25.59 80.98 -35.18
C ALA F 149 -26.15 81.59 -36.49
N PRO F 150 -25.55 82.69 -37.00
CA PRO F 150 -26.03 83.40 -38.19
C PRO F 150 -25.66 82.68 -39.50
N PHE F 151 -25.94 83.31 -40.64
CA PHE F 151 -25.47 82.90 -41.98
C PHE F 151 -24.84 84.09 -42.72
N GLU F 152 -24.13 83.85 -43.81
CA GLU F 152 -23.35 84.88 -44.53
C GLU F 152 -24.21 86.00 -45.15
N GLY F 153 -25.52 85.84 -45.21
CA GLY F 153 -26.48 86.90 -45.52
C GLY F 153 -26.57 88.02 -44.47
N GLY F 154 -25.98 87.86 -43.29
CA GLY F 154 -26.00 88.84 -42.20
C GLY F 154 -27.31 88.87 -41.39
N THR F 155 -28.15 87.86 -41.54
CA THR F 155 -29.47 87.74 -40.91
C THR F 155 -29.81 86.29 -40.62
N MET F 156 -30.70 86.05 -39.67
CA MET F 156 -30.80 84.77 -38.92
C MET F 156 -31.55 83.64 -39.63
N SER F 157 -31.66 83.69 -40.97
CA SER F 157 -32.53 82.83 -41.78
C SER F 157 -31.90 82.38 -43.11
N GLU F 158 -32.31 81.22 -43.63
CA GLU F 158 -32.14 80.90 -45.05
C GLU F 158 -33.16 81.71 -45.88
N ALA F 159 -34.45 81.57 -45.59
CA ALA F 159 -35.55 82.46 -45.99
C ALA F 159 -36.81 82.16 -45.13
N GLY F 160 -37.68 83.16 -44.93
CA GLY F 160 -39.01 83.02 -44.33
C GLY F 160 -39.08 82.82 -42.80
N VAL F 161 -38.19 82.00 -42.24
CA VAL F 161 -38.08 81.67 -40.80
C VAL F 161 -36.61 81.55 -40.36
N MET F 162 -36.33 81.70 -39.07
CA MET F 162 -34.98 81.61 -38.50
C MET F 162 -34.48 80.18 -38.26
N ARG F 163 -33.17 80.00 -38.02
CA ARG F 163 -32.56 78.70 -37.64
C ARG F 163 -33.17 78.18 -36.33
N SER F 164 -33.73 76.97 -36.35
CA SER F 164 -34.29 76.33 -35.15
C SER F 164 -33.22 75.91 -34.13
N ALA F 165 -33.56 75.97 -32.84
CA ALA F 165 -32.74 75.52 -31.72
C ALA F 165 -31.35 76.18 -31.62
N ILE F 166 -31.32 77.50 -31.40
CA ILE F 166 -30.15 78.23 -30.91
C ILE F 166 -29.79 77.69 -29.51
N ASN F 167 -28.58 77.15 -29.34
CA ASN F 167 -28.17 76.36 -28.16
C ASN F 167 -27.59 77.23 -27.01
N GLU F 168 -27.60 76.69 -25.79
CA GLU F 168 -26.81 77.19 -24.64
C GLU F 168 -25.53 76.37 -24.40
N LEU F 169 -24.54 76.99 -23.73
CA LEU F 169 -23.43 76.34 -23.03
C LEU F 169 -23.21 77.01 -21.66
N ASP F 170 -22.62 76.32 -20.69
CA ASP F 170 -22.42 76.79 -19.31
C ASP F 170 -20.95 77.19 -19.08
N HIS F 171 -20.74 78.38 -18.51
CA HIS F 171 -19.44 79.05 -18.39
C HIS F 171 -19.19 79.56 -16.97
N ILE F 172 -17.93 79.74 -16.60
CA ILE F 172 -17.53 80.03 -15.22
C ILE F 172 -17.25 81.51 -15.06
N LEU F 173 -17.80 82.15 -14.05
CA LEU F 173 -17.66 83.59 -13.85
C LEU F 173 -16.18 84.00 -13.59
N PRO F 174 -15.71 85.14 -14.12
CA PRO F 174 -14.45 85.76 -13.71
C PRO F 174 -14.37 86.06 -12.21
N GLU F 175 -13.14 86.04 -11.69
CA GLU F 175 -12.79 86.26 -10.28
C GLU F 175 -13.25 85.17 -9.31
N VAL F 176 -13.42 83.94 -9.80
CA VAL F 176 -13.53 82.75 -8.96
C VAL F 176 -12.22 81.96 -8.96
N THR F 177 -11.87 81.40 -7.80
CA THR F 177 -10.52 80.90 -7.54
C THR F 177 -10.50 79.40 -7.34
N PHE F 178 -9.58 78.72 -7.98
CA PHE F 178 -9.29 77.30 -7.81
C PHE F 178 -7.94 77.09 -7.11
N PRO F 179 -7.86 77.04 -5.76
CA PRO F 179 -6.62 76.78 -5.05
C PRO F 179 -6.07 75.42 -5.41
N THR F 180 -4.81 75.36 -5.80
CA THR F 180 -4.22 74.14 -6.31
C THR F 180 -2.76 73.99 -5.95
N VAL F 181 -2.41 72.83 -5.41
CA VAL F 181 -1.05 72.41 -5.15
C VAL F 181 -0.63 71.44 -6.22
N GLU F 182 0.39 71.77 -6.98
CA GLU F 182 1.04 70.89 -7.93
C GLU F 182 2.41 70.57 -7.44
N SER F 183 2.91 69.39 -7.71
CA SER F 183 4.13 68.92 -7.07
C SER F 183 5.05 68.24 -8.06
N LEU F 184 6.35 68.48 -7.97
CA LEU F 184 7.40 67.93 -8.82
C LEU F 184 8.30 67.02 -8.00
N ARG F 185 8.53 65.80 -8.45
CA ARG F 185 9.34 64.79 -7.76
C ARG F 185 10.72 64.62 -8.38
N ASP F 186 11.74 64.58 -7.53
CA ASP F 186 13.10 64.12 -7.82
C ASP F 186 13.81 64.81 -8.99
N ALA F 187 13.44 66.07 -9.25
CA ALA F 187 13.96 66.85 -10.35
C ALA F 187 15.29 67.56 -10.05
N THR F 188 15.98 67.90 -11.13
CA THR F 188 17.15 68.75 -11.19
C THR F 188 16.77 70.22 -11.18
N TYR F 189 17.72 71.13 -10.96
CA TYR F 189 17.45 72.57 -10.97
C TYR F 189 16.89 73.05 -12.29
N GLU F 190 17.40 72.54 -13.40
CA GLU F 190 16.90 72.95 -14.70
C GLU F 190 15.49 72.47 -14.80
N GLY F 191 15.19 71.24 -14.42
CA GLY F 191 13.88 70.63 -14.49
C GLY F 191 12.84 71.39 -13.68
N PHE F 192 13.24 71.91 -12.53
CA PHE F 192 12.46 72.87 -11.76
C PHE F 192 12.19 74.12 -12.57
N ILE F 193 13.19 74.68 -13.27
CA ILE F 193 12.95 75.90 -14.04
C ILE F 193 12.04 75.65 -15.24
N TYR F 194 12.03 74.46 -15.83
CA TYR F 194 11.12 74.10 -16.90
C TYR F 194 9.68 73.96 -16.41
N VAL F 195 9.46 73.29 -15.30
CA VAL F 195 8.11 73.11 -14.74
C VAL F 195 7.59 74.40 -14.15
N LEU F 196 8.39 75.12 -13.38
CA LEU F 196 8.00 76.42 -12.85
C LEU F 196 7.79 77.41 -13.98
N GLY F 197 8.51 77.24 -15.09
CA GLY F 197 8.27 77.93 -16.34
C GLY F 197 6.85 77.71 -16.80
N ASN F 198 6.51 76.48 -17.16
CA ASN F 198 5.17 76.11 -17.61
C ASN F 198 4.05 76.64 -16.72
N LEU F 199 4.17 76.56 -15.40
CA LEU F 199 3.17 77.05 -14.44
C LEU F 199 2.95 78.56 -14.56
N LEU F 200 3.98 79.36 -14.73
CA LEU F 200 3.85 80.82 -14.81
C LEU F 200 3.50 81.28 -16.24
N ARG F 201 4.06 80.60 -17.24
CA ARG F 201 4.07 80.97 -18.64
C ARG F 201 2.81 80.55 -19.39
N THR F 202 2.20 79.39 -19.11
CA THR F 202 0.90 79.05 -19.70
C THR F 202 -0.20 79.92 -19.12
N LYS F 203 -1.20 80.28 -19.93
CA LYS F 203 -2.39 81.00 -19.47
C LYS F 203 -3.72 80.45 -19.95
N ARG F 204 -3.82 79.69 -21.04
CA ARG F 204 -5.09 79.24 -21.67
C ARG F 204 -5.55 77.84 -21.28
N TYR F 205 -6.47 77.75 -20.32
CA TYR F 205 -6.93 76.53 -19.67
C TYR F 205 -8.25 75.97 -20.17
N GLY F 206 -9.24 76.82 -20.41
CA GLY F 206 -10.63 76.44 -20.58
C GLY F 206 -10.86 75.53 -21.80
N ALA F 207 -12.10 75.10 -22.00
CA ALA F 207 -12.48 74.26 -23.12
C ALA F 207 -12.06 74.89 -24.46
N GLN F 208 -12.70 76.01 -24.80
CA GLN F 208 -12.56 76.75 -26.04
C GLN F 208 -11.27 77.58 -26.06
N GLU F 209 -10.14 76.95 -26.41
CA GLU F 209 -8.79 77.45 -26.17
C GLU F 209 -8.51 78.80 -26.83
N SER F 210 -9.16 79.01 -27.98
CA SER F 210 -8.95 80.12 -28.88
C SER F 210 -10.00 81.23 -28.77
N ARG F 211 -10.96 81.09 -27.84
CA ARG F 211 -12.00 82.08 -27.59
C ARG F 211 -12.16 82.48 -26.11
N THR F 212 -11.69 81.70 -25.13
CA THR F 212 -11.84 81.99 -23.68
C THR F 212 -10.90 81.19 -22.81
N GLY F 213 -10.83 81.53 -21.52
CA GLY F 213 -10.21 80.72 -20.48
C GLY F 213 -8.74 81.03 -20.26
N THR F 214 -8.36 82.29 -20.47
CA THR F 214 -7.11 82.80 -19.96
C THR F 214 -7.23 82.92 -18.46
N MET F 215 -6.30 82.39 -17.67
CA MET F 215 -6.32 82.42 -16.20
C MET F 215 -5.03 82.99 -15.63
N LYS F 216 -5.06 83.44 -14.38
CA LYS F 216 -3.89 83.97 -13.68
C LYS F 216 -3.39 82.95 -12.68
N ASN F 217 -2.17 82.46 -12.90
CA ASN F 217 -1.46 81.51 -12.03
C ASN F 217 -0.72 82.27 -10.92
N HIS F 218 -1.43 82.69 -9.89
CA HIS F 218 -0.89 83.44 -8.78
C HIS F 218 -0.25 82.47 -7.79
N LEU F 219 1.03 82.19 -7.97
CA LEU F 219 1.82 81.29 -7.13
C LEU F 219 2.09 81.94 -5.77
N VAL F 220 1.70 81.28 -4.70
CA VAL F 220 1.66 81.79 -3.31
C VAL F 220 2.77 81.23 -2.44
N GLY F 221 3.29 80.04 -2.73
CA GLY F 221 4.45 79.48 -2.06
C GLY F 221 5.10 78.37 -2.85
N ILE F 222 6.40 78.09 -2.67
CA ILE F 222 7.11 76.95 -3.26
C ILE F 222 7.65 76.29 -2.01
N VAL F 223 7.33 75.03 -1.72
CA VAL F 223 7.69 74.38 -0.48
C VAL F 223 8.41 73.11 -0.72
N PHE F 224 9.65 72.99 -0.30
CA PHE F 224 10.47 71.82 -0.54
C PHE F 224 10.26 70.87 0.62
N ALA F 225 10.04 69.55 0.42
CA ALA F 225 9.63 68.64 1.49
C ALA F 225 9.90 67.16 1.19
N ASP F 226 9.89 66.31 2.21
CA ASP F 226 10.16 64.88 2.06
C ASP F 226 8.91 64.02 1.78
N GLY F 227 7.78 64.63 1.43
CA GLY F 227 6.55 63.93 1.06
C GLY F 227 5.40 64.84 0.62
N GLU F 228 4.26 64.24 0.33
CA GLU F 228 3.03 64.94 -0.03
C GLU F 228 2.55 65.86 1.11
N ILE F 229 2.43 67.16 0.87
CA ILE F 229 1.65 68.07 1.70
C ILE F 229 0.15 67.89 1.41
N PHE F 230 -0.69 68.77 1.92
CA PHE F 230 -2.15 68.71 1.84
C PHE F 230 -2.72 68.59 0.42
N SER F 231 -3.91 68.00 0.30
CA SER F 231 -4.67 67.94 -0.95
C SER F 231 -5.22 69.29 -1.35
N ASN F 232 -5.60 69.41 -2.63
CA ASN F 232 -6.16 70.64 -3.17
C ASN F 232 -7.47 70.96 -2.47
N LEU F 233 -8.35 69.98 -2.25
CA LEU F 233 -9.61 70.18 -1.54
C LEU F 233 -9.36 70.59 -0.09
N HIS F 234 -8.35 70.04 0.56
CA HIS F 234 -8.02 70.39 1.94
C HIS F 234 -7.55 71.83 2.05
N LEU F 235 -6.78 72.31 1.08
CA LEU F 235 -6.43 73.72 0.99
C LEU F 235 -7.65 74.60 0.74
N THR F 236 -8.60 74.20 -0.14
CA THR F 236 -9.81 74.99 -0.36
C THR F 236 -10.69 75.10 0.86
N GLN F 237 -10.88 73.99 1.60
CA GLN F 237 -11.72 73.92 2.77
C GLN F 237 -11.11 74.75 3.91
N ALA F 238 -9.80 74.71 4.05
CA ALA F 238 -9.09 75.54 5.00
C ALA F 238 -9.23 77.02 4.64
N LEU F 239 -9.05 77.36 3.37
CA LEU F 239 -9.08 78.73 2.91
C LEU F 239 -10.49 79.35 3.02
N TYR F 240 -11.54 78.55 3.00
CA TYR F 240 -12.91 79.00 3.26
C TYR F 240 -13.14 79.26 4.74
N ASP F 241 -12.67 78.35 5.61
CA ASP F 241 -12.78 78.46 7.06
C ASP F 241 -12.10 79.73 7.59
N GLN F 242 -10.93 80.07 7.05
CA GLN F 242 -10.18 81.26 7.42
C GLN F 242 -10.89 82.58 7.09
N MET F 243 -11.80 82.56 6.13
CA MET F 243 -12.59 83.71 5.71
C MET F 243 -14.03 83.63 6.18
N GLY F 244 -14.48 82.53 6.76
CA GLY F 244 -15.87 82.33 7.17
C GLY F 244 -16.87 82.44 6.02
N GLY F 245 -16.43 82.25 4.79
CA GLY F 245 -17.24 82.30 3.59
C GLY F 245 -17.57 83.67 3.00
N GLU F 246 -17.09 84.80 3.55
CA GLU F 246 -17.16 86.09 2.84
C GLU F 246 -16.08 86.17 1.75
N LEU F 247 -16.23 85.35 0.72
CA LEU F 247 -15.26 85.19 -0.38
C LEU F 247 -15.19 86.37 -1.36
N ASN F 248 -16.19 87.25 -1.33
CA ASN F 248 -16.33 88.45 -2.15
C ASN F 248 -15.44 89.60 -1.63
N LYS F 249 -14.12 89.37 -1.65
CA LYS F 249 -13.07 90.26 -1.16
C LYS F 249 -11.90 90.31 -2.16
N PRO F 250 -11.08 91.38 -2.18
CA PRO F 250 -10.09 91.59 -3.22
C PRO F 250 -9.08 90.46 -3.36
N ILE F 251 -8.59 90.23 -4.58
CA ILE F 251 -7.74 89.08 -4.89
C ILE F 251 -6.41 89.06 -4.13
N SER F 252 -5.70 90.17 -3.99
CA SER F 252 -4.46 90.18 -3.21
C SER F 252 -4.64 89.80 -1.73
N GLU F 253 -5.78 90.11 -1.11
CA GLU F 253 -6.08 89.67 0.26
C GLU F 253 -6.27 88.17 0.34
N LEU F 254 -6.88 87.58 -0.68
CA LEU F 254 -7.01 86.15 -0.85
C LEU F 254 -5.66 85.49 -1.08
N CYS F 255 -4.74 86.15 -1.78
CA CYS F 255 -3.38 85.68 -1.98
C CYS F 255 -2.55 85.68 -0.68
N GLU F 256 -2.62 86.72 0.14
CA GLU F 256 -1.98 86.75 1.46
C GLU F 256 -2.64 85.78 2.46
N THR F 257 -3.94 85.58 2.38
CA THR F 257 -4.62 84.58 3.20
C THR F 257 -4.18 83.19 2.85
N ALA F 258 -4.05 82.85 1.58
CA ALA F 258 -3.56 81.56 1.16
C ALA F 258 -2.12 81.30 1.65
N ALA F 259 -1.28 82.33 1.73
CA ALA F 259 0.05 82.22 2.30
C ALA F 259 0.00 81.84 3.79
N THR F 260 -0.83 82.53 4.58
CA THR F 260 -0.96 82.26 6.01
C THR F 260 -1.71 80.98 6.34
N VAL F 261 -2.64 80.51 5.51
CA VAL F 261 -3.27 79.20 5.68
C VAL F 261 -2.29 78.11 5.33
N ALA F 262 -1.49 78.27 4.27
CA ALA F 262 -0.52 77.27 3.90
C ALA F 262 0.50 77.01 5.02
N GLN F 263 1.00 78.06 5.66
CA GLN F 263 1.95 77.91 6.76
C GLN F 263 1.33 77.29 8.01
N ASP F 264 0.07 77.62 8.31
CA ASP F 264 -0.68 77.02 9.40
C ASP F 264 -0.87 75.52 9.18
N LEU F 265 -1.18 75.10 7.96
CA LEU F 265 -1.31 73.70 7.60
C LEU F 265 0.03 72.98 7.51
N LEU F 266 1.05 73.59 6.91
CA LEU F 266 2.37 73.00 6.76
C LEU F 266 3.04 72.69 8.11
N ASN F 267 2.77 73.49 9.15
CA ASN F 267 3.31 73.23 10.48
C ASN F 267 2.67 72.05 11.20
N LYS F 268 1.56 71.49 10.70
CA LYS F 268 0.88 70.29 11.21
C LYS F 268 0.87 69.12 10.22
N GLU F 269 1.80 69.14 9.29
CA GLU F 269 2.01 68.12 8.24
C GLU F 269 3.24 67.26 8.57
N PRO F 270 3.20 65.92 8.49
CA PRO F 270 4.25 65.02 8.96
C PRO F 270 5.45 64.89 7.99
N VAL F 271 5.93 66.02 7.48
CA VAL F 271 7.03 66.09 6.51
C VAL F 271 8.10 67.09 6.94
N ARG F 272 9.36 66.75 6.71
CA ARG F 272 10.49 67.66 6.78
C ARG F 272 10.39 68.71 5.68
N LYS F 273 10.76 69.96 5.99
CA LYS F 273 10.56 71.08 5.07
C LYS F 273 11.80 71.91 5.00
N SER F 274 12.62 71.64 4.02
CA SER F 274 13.89 72.32 3.87
C SER F 274 13.83 73.76 3.48
N GLU F 275 12.76 74.19 2.83
CA GLU F 275 12.69 75.54 2.34
C GLU F 275 11.27 75.82 2.14
N LEU F 276 10.77 76.89 2.71
CA LEU F 276 9.42 77.30 2.54
C LEU F 276 9.56 78.67 1.94
N ILE F 277 9.50 78.78 0.63
CA ILE F 277 9.64 80.04 -0.05
C ILE F 277 8.24 80.62 -0.08
N PHE F 278 7.97 81.76 0.55
CA PHE F 278 6.71 82.47 0.58
C PHE F 278 6.94 83.97 0.48
N GLY F 279 5.89 84.77 0.26
CA GLY F 279 5.91 86.21 0.45
C GLY F 279 7.03 86.97 -0.28
N ALA F 280 7.69 87.90 0.40
CA ALA F 280 8.72 88.76 -0.16
C ALA F 280 9.95 88.00 -0.70
N HIS F 281 10.28 86.84 -0.13
CA HIS F 281 11.29 85.95 -0.69
C HIS F 281 10.82 85.32 -1.99
N LEU F 282 9.55 84.95 -2.08
CA LEU F 282 8.97 84.37 -3.29
C LEU F 282 8.85 85.41 -4.38
N ASP F 283 8.43 86.64 -4.09
CA ASP F 283 8.34 87.67 -5.12
C ASP F 283 9.74 88.05 -5.68
N THR F 284 10.79 87.81 -4.90
CA THR F 284 12.18 87.84 -5.36
C THR F 284 12.51 86.63 -6.21
N LEU F 285 12.18 85.41 -5.78
CA LEU F 285 12.42 84.19 -6.55
C LEU F 285 11.73 84.22 -7.91
N LEU F 286 10.45 84.57 -7.96
CA LEU F 286 9.69 84.55 -9.21
C LEU F 286 10.14 85.65 -10.15
N GLN F 287 10.49 86.84 -9.68
CA GLN F 287 11.01 87.88 -10.57
C GLN F 287 12.38 87.50 -11.14
N GLU F 288 13.19 86.75 -10.40
CA GLU F 288 14.48 86.29 -10.89
C GLU F 288 14.37 85.09 -11.84
N VAL F 289 13.38 84.21 -11.71
CA VAL F 289 13.04 83.23 -12.75
C VAL F 289 12.44 83.88 -14.01
N ASN F 290 11.62 84.91 -13.87
CA ASN F 290 11.12 85.74 -14.98
C ASN F 290 12.22 86.62 -15.61
N ASP F 291 13.45 86.58 -15.11
CA ASP F 291 14.65 87.15 -15.73
C ASP F 291 15.60 86.07 -16.28
N ILE F 292 15.26 84.80 -16.13
CA ILE F 292 15.93 83.66 -16.78
C ILE F 292 15.15 83.32 -18.06
N TYR F 293 13.82 83.32 -17.99
CA TYR F 293 13.00 83.63 -19.16
C TYR F 293 13.16 85.12 -19.50
N GLN F 294 12.53 85.63 -20.55
CA GLN F 294 12.80 86.97 -21.09
C GLN F 294 14.24 87.19 -21.59
N ASN F 295 14.99 86.12 -21.81
CA ASN F 295 16.35 86.14 -22.30
C ASN F 295 16.58 84.90 -23.18
N ASP F 296 17.14 85.06 -24.38
CA ASP F 296 17.36 83.92 -25.28
C ASP F 296 18.49 83.00 -24.82
N ALA F 297 19.61 83.54 -24.37
CA ALA F 297 20.80 82.78 -24.01
C ALA F 297 20.65 82.02 -22.70
N GLU F 298 20.04 82.62 -21.67
CA GLU F 298 19.79 81.94 -20.40
C GLU F 298 18.85 80.74 -20.54
N LEU F 299 17.77 80.85 -21.32
CA LEU F 299 16.93 79.72 -21.69
C LEU F 299 17.67 78.73 -22.56
N THR F 300 18.36 79.16 -23.59
CA THR F 300 19.07 78.22 -24.40
C THR F 300 19.98 77.41 -23.53
N LYS F 301 20.61 78.06 -22.57
CA LYS F 301 21.56 77.38 -21.75
C LYS F 301 20.91 76.36 -20.90
N LEU F 302 19.89 76.75 -20.16
CA LEU F 302 19.31 75.84 -19.19
C LEU F 302 18.56 74.74 -19.82
N LEU F 303 17.80 75.02 -20.86
CA LEU F 303 16.96 74.01 -21.43
C LEU F 303 17.80 73.06 -22.18
N GLY F 304 18.92 73.53 -22.68
CA GLY F 304 19.83 72.67 -23.39
C GLY F 304 20.38 71.75 -22.38
N SER F 305 20.69 72.28 -21.22
CA SER F 305 21.16 71.46 -20.16
C SER F 305 20.14 70.43 -19.85
N LEU F 306 18.89 70.82 -19.69
CA LEU F 306 17.82 69.89 -19.33
C LEU F 306 17.73 68.82 -20.33
N TYR F 307 17.90 69.15 -21.58
CA TYR F 307 17.72 68.18 -22.60
C TYR F 307 18.82 67.21 -22.51
N GLN F 308 20.03 67.66 -22.29
CA GLN F 308 21.16 66.76 -22.13
C GLN F 308 20.83 65.83 -21.03
N GLN F 309 20.33 66.34 -19.93
CA GLN F 309 20.05 65.51 -18.76
C GLN F 309 18.96 64.56 -18.99
N THR F 310 17.92 64.97 -19.67
CA THR F 310 16.76 64.14 -19.93
C THR F 310 17.09 63.12 -20.92
N GLN F 311 18.00 63.44 -21.79
CA GLN F 311 18.47 62.48 -22.74
C GLN F 311 19.32 61.47 -22.03
N ASP F 312 20.21 61.89 -21.15
CA ASP F 312 21.04 60.96 -20.38
C ASP F 312 20.18 60.00 -19.61
N TYR F 313 19.15 60.46 -18.92
CA TYR F 313 18.19 59.64 -18.23
C TYR F 313 17.52 58.64 -19.15
N ALA F 314 17.11 59.05 -20.35
CA ALA F 314 16.51 58.16 -21.32
C ALA F 314 17.46 57.03 -21.72
N THR F 315 18.76 57.33 -21.82
CA THR F 315 19.82 56.41 -22.23
C THR F 315 20.23 55.45 -21.11
N GLU F 316 20.24 55.88 -19.86
CA GLU F 316 20.68 55.05 -18.73
C GLU F 316 19.54 54.35 -17.96
N PHE F 317 18.37 54.98 -17.82
CA PHE F 317 17.24 54.51 -17.00
C PHE F 317 15.86 54.50 -17.71
N GLY F 318 15.72 55.09 -18.90
CA GLY F 318 14.55 54.98 -19.78
C GLY F 318 14.69 53.87 -20.82
N ALA F 319 14.12 54.01 -22.02
CA ALA F 319 14.18 53.00 -23.08
C ALA F 319 15.63 52.61 -23.48
N LEU F 320 15.89 51.30 -23.53
CA LEU F 320 17.17 50.64 -23.84
C LEU F 320 18.34 51.11 -22.98
N MET G 1 11.72 99.56 -43.58
CA MET G 1 11.16 99.11 -42.27
C MET G 1 10.28 97.85 -42.37
N LEU G 2 9.09 97.84 -43.00
CA LEU G 2 8.16 96.70 -42.92
C LEU G 2 8.70 95.35 -43.44
N ASP G 3 9.60 95.33 -44.42
CA ASP G 3 10.24 94.10 -44.90
C ASP G 3 11.40 93.58 -44.01
N SER G 4 11.88 94.34 -43.02
CA SER G 4 12.73 93.80 -41.94
C SER G 4 11.91 92.86 -41.04
N LEU G 5 10.68 93.29 -40.69
CA LEU G 5 9.73 92.48 -39.84
C LEU G 5 9.34 91.19 -40.52
N LYS G 6 9.38 91.14 -41.85
CA LYS G 6 9.08 89.93 -42.62
C LYS G 6 9.93 88.72 -42.20
N SER G 7 11.12 88.96 -41.64
CA SER G 7 11.98 87.90 -41.08
C SER G 7 11.41 87.24 -39.81
N GLN G 8 10.59 87.97 -39.02
CA GLN G 8 10.04 87.48 -37.73
C GLN G 8 8.81 86.59 -37.96
N PHE G 9 8.73 85.88 -39.07
CA PHE G 9 7.64 85.00 -39.46
C PHE G 9 8.17 83.81 -40.22
N GLN G 10 7.42 82.73 -40.24
CA GLN G 10 7.81 81.53 -40.96
C GLN G 10 7.46 81.61 -42.46
N PRO G 11 8.21 80.91 -43.34
CA PRO G 11 7.95 80.88 -44.77
C PRO G 11 6.73 80.02 -45.16
N SER G 12 6.19 79.25 -44.23
CA SER G 12 4.99 78.43 -44.38
C SER G 12 4.29 78.33 -43.03
N PHE G 13 2.99 78.06 -43.01
CA PHE G 13 2.33 77.56 -41.82
C PHE G 13 2.94 76.20 -41.41
N PRO G 14 3.28 75.96 -40.13
CA PRO G 14 3.84 74.70 -39.67
C PRO G 14 2.77 73.68 -39.27
N ARG G 15 3.16 72.40 -39.13
CA ARG G 15 2.27 71.30 -38.71
C ARG G 15 1.66 71.51 -37.34
N LEU G 16 2.43 72.13 -36.45
CA LEU G 16 2.11 72.45 -35.06
C LEU G 16 2.82 73.74 -34.71
N ALA G 17 2.34 74.44 -33.68
CA ALA G 17 2.91 75.71 -33.26
C ALA G 17 4.39 75.55 -32.88
N SER G 18 5.27 76.17 -33.67
CA SER G 18 6.67 76.36 -33.35
C SER G 18 6.91 77.53 -32.38
N GLY G 19 5.88 77.98 -31.68
CA GLY G 19 6.02 78.85 -30.51
C GLY G 19 6.26 80.33 -30.77
N HIS G 20 6.01 80.81 -31.99
CA HIS G 20 5.96 82.24 -32.33
C HIS G 20 4.52 82.75 -32.31
N TYR G 21 4.28 83.84 -31.59
CA TYR G 21 3.03 84.56 -31.50
C TYR G 21 3.27 86.01 -31.90
N VAL G 22 2.25 86.67 -32.42
CA VAL G 22 2.15 88.14 -32.34
C VAL G 22 0.84 88.51 -31.70
N HIS G 23 0.86 89.47 -30.78
CA HIS G 23 -0.27 89.95 -30.01
C HIS G 23 -0.56 91.39 -30.39
N PHE G 24 -1.83 91.75 -30.49
CA PHE G 24 -2.32 93.06 -30.85
C PHE G 24 -3.04 93.64 -29.65
N LEU G 25 -2.63 94.79 -29.18
CA LEU G 25 -3.23 95.49 -28.05
C LEU G 25 -4.08 96.62 -28.61
N MET G 26 -5.36 96.69 -28.27
CA MET G 26 -6.26 97.72 -28.80
C MET G 26 -7.32 98.15 -27.80
N LEU G 27 -7.49 99.46 -27.67
CA LEU G 27 -8.59 100.05 -26.95
C LEU G 27 -9.74 100.24 -27.95
N ARG G 28 -10.72 99.34 -27.91
CA ARG G 28 -11.95 99.49 -28.71
C ARG G 28 -12.80 100.57 -28.07
N HIS G 29 -12.81 101.77 -28.66
CA HIS G 29 -13.70 102.86 -28.22
C HIS G 29 -15.10 102.72 -28.83
N SER G 30 -16.12 102.99 -28.01
CA SER G 30 -17.53 102.92 -28.39
C SER G 30 -18.12 104.31 -28.65
N GLN G 31 -18.95 104.39 -29.68
CA GLN G 31 -19.94 105.43 -29.96
C GLN G 31 -21.18 104.74 -30.58
N SER G 32 -22.26 105.44 -30.92
CA SER G 32 -23.46 104.87 -31.56
C SER G 32 -24.20 103.79 -30.75
N PHE G 33 -24.18 103.93 -29.43
CA PHE G 33 -25.03 103.17 -28.50
C PHE G 33 -25.02 101.61 -28.66
N PRO G 34 -23.87 100.90 -28.71
CA PRO G 34 -23.84 99.49 -29.11
C PRO G 34 -24.59 98.50 -28.21
N VAL G 35 -24.90 97.34 -28.78
CA VAL G 35 -25.51 96.19 -28.11
C VAL G 35 -24.63 94.94 -28.32
N PHE G 36 -24.16 94.28 -27.26
CA PHE G 36 -23.23 93.11 -27.30
C PHE G 36 -23.86 91.80 -26.80
N GLN G 37 -25.17 91.66 -26.99
CA GLN G 37 -25.97 90.54 -26.49
C GLN G 37 -27.19 90.29 -27.38
N THR G 38 -27.66 89.04 -27.41
CA THR G 38 -28.87 88.58 -28.13
C THR G 38 -29.63 87.57 -27.27
N ASP G 39 -29.74 87.88 -25.96
CA ASP G 39 -29.96 86.93 -24.85
C ASP G 39 -30.89 87.46 -23.74
N GLY G 40 -30.86 88.77 -23.45
CA GLY G 40 -31.72 89.40 -22.46
C GLY G 40 -31.35 90.83 -22.16
N VAL G 41 -30.17 91.06 -21.59
CA VAL G 41 -29.68 92.35 -21.09
C VAL G 41 -28.18 92.45 -21.36
N LEU G 42 -27.64 93.66 -21.43
CA LEU G 42 -26.21 93.91 -21.56
C LEU G 42 -25.41 93.12 -20.51
N ASN G 43 -24.40 92.37 -20.97
CA ASN G 43 -23.63 91.48 -20.12
C ASN G 43 -22.81 92.32 -19.14
N THR G 44 -22.93 92.04 -17.85
CA THR G 44 -22.18 92.76 -16.81
C THR G 44 -21.65 91.82 -15.74
N THR G 45 -20.44 92.08 -15.25
CA THR G 45 -19.74 91.26 -14.25
C THR G 45 -19.09 92.13 -13.18
N ARG G 46 -19.30 91.79 -11.90
CA ARG G 46 -18.60 92.45 -10.79
C ARG G 46 -17.14 92.03 -10.76
N THR G 47 -16.28 93.02 -10.56
CA THR G 47 -14.83 92.89 -10.56
C THR G 47 -14.22 93.81 -9.51
N GLN G 48 -13.00 93.50 -9.08
CA GLN G 48 -12.19 94.51 -8.43
C GLN G 48 -11.85 95.59 -9.45
N ALA G 49 -11.92 96.85 -9.03
CA ALA G 49 -11.68 97.97 -9.92
C ALA G 49 -10.26 97.97 -10.53
N GLY G 50 -9.26 97.47 -9.82
CA GLY G 50 -7.87 97.44 -10.24
C GLY G 50 -7.02 96.60 -9.31
N LEU G 51 -5.70 96.62 -9.50
CA LEU G 51 -4.75 95.81 -8.74
C LEU G 51 -4.29 96.45 -7.40
N LEU G 52 -4.44 97.76 -7.27
CA LEU G 52 -4.21 98.58 -6.07
C LEU G 52 -5.16 99.79 -6.11
N GLU G 53 -5.52 100.37 -4.96
CA GLU G 53 -6.59 101.39 -4.84
C GLU G 53 -7.93 100.82 -5.34
N LYS G 54 -8.33 99.67 -4.77
CA LYS G 54 -9.29 98.71 -5.33
C LYS G 54 -10.45 98.33 -4.40
N THR G 55 -11.62 98.14 -5.00
CA THR G 55 -12.86 97.64 -4.40
C THR G 55 -13.63 96.80 -5.41
N ASP G 56 -14.41 95.82 -4.97
CA ASP G 56 -15.02 94.79 -5.82
C ASP G 56 -16.54 94.93 -5.95
N GLN G 57 -17.01 96.18 -6.02
CA GLN G 57 -18.37 96.55 -6.44
C GLN G 57 -18.50 96.85 -7.96
N LEU G 58 -17.38 96.83 -8.70
CA LEU G 58 -17.34 97.35 -10.06
C LEU G 58 -17.90 96.34 -11.07
N SER G 59 -19.21 96.41 -11.29
CA SER G 59 -19.91 95.70 -12.36
C SER G 59 -19.65 96.42 -13.70
N ARG G 60 -18.66 95.96 -14.45
CA ARG G 60 -18.30 96.48 -15.77
C ARG G 60 -18.99 95.69 -16.88
N LEU G 61 -19.16 96.28 -18.06
CA LEU G 61 -19.69 95.58 -19.23
C LEU G 61 -18.67 94.56 -19.71
N VAL G 62 -19.13 93.42 -20.17
CA VAL G 62 -18.31 92.45 -20.89
C VAL G 62 -18.81 92.23 -22.30
N MET G 63 -17.89 92.23 -23.25
CA MET G 63 -18.11 91.80 -24.62
C MET G 63 -17.72 90.33 -24.73
N PHE G 64 -18.68 89.45 -24.94
CA PHE G 64 -18.48 88.00 -24.84
C PHE G 64 -17.76 87.36 -26.04
N LYS G 65 -17.44 86.08 -25.90
CA LYS G 65 -16.30 85.41 -26.57
C LYS G 65 -16.21 85.40 -28.08
N ARG G 66 -17.32 85.57 -28.80
CA ARG G 66 -17.35 85.68 -30.26
C ARG G 66 -17.85 87.01 -30.80
N LYS G 67 -18.32 87.91 -29.93
CA LYS G 67 -18.79 89.26 -30.28
C LYS G 67 -17.66 90.20 -30.73
N GLN G 68 -16.44 89.68 -30.84
CA GLN G 68 -15.22 90.33 -31.34
C GLN G 68 -14.30 89.37 -32.11
N THR G 69 -14.81 88.22 -32.55
CA THR G 69 -14.14 87.35 -33.55
C THR G 69 -14.95 87.31 -34.83
N THR G 70 -16.24 86.98 -34.72
CA THR G 70 -17.14 86.90 -35.87
C THR G 70 -17.29 88.19 -36.66
N PRO G 71 -17.34 89.40 -36.08
CA PRO G 71 -17.28 90.62 -36.88
C PRO G 71 -16.05 90.69 -37.76
N GLU G 72 -14.85 90.59 -37.20
CA GLU G 72 -13.59 90.76 -37.93
C GLU G 72 -13.44 89.70 -39.01
N ARG G 73 -13.90 88.51 -38.69
CA ARG G 73 -13.89 87.33 -39.54
C ARG G 73 -14.79 87.49 -40.75
N LEU G 74 -16.04 87.90 -40.55
CA LEU G 74 -17.01 88.11 -41.63
C LEU G 74 -16.61 89.31 -42.48
N ALA G 75 -16.13 90.38 -41.84
CA ALA G 75 -15.64 91.58 -42.52
C ALA G 75 -14.38 91.31 -43.33
N GLY G 76 -13.62 90.29 -42.94
CA GLY G 76 -12.47 89.77 -43.68
C GLY G 76 -12.86 88.86 -44.83
N ARG G 77 -13.78 87.91 -44.61
CA ARG G 77 -14.24 87.03 -45.69
C ARG G 77 -14.80 87.86 -46.82
N GLU G 78 -15.64 88.85 -46.48
CA GLU G 78 -16.19 89.79 -47.46
C GLU G 78 -15.09 90.48 -48.28
N LEU G 79 -13.91 90.75 -47.72
CA LEU G 79 -12.80 91.29 -48.49
C LEU G 79 -12.24 90.27 -49.47
N LEU G 80 -11.87 89.08 -49.04
CA LEU G 80 -11.27 88.10 -49.95
C LEU G 80 -12.26 87.47 -50.94
N ARG G 81 -13.57 87.74 -50.79
CA ARG G 81 -14.55 87.65 -51.89
C ARG G 81 -14.53 88.87 -52.81
N ASN G 82 -14.58 90.09 -52.28
CA ASN G 82 -14.51 91.31 -53.08
C ASN G 82 -13.23 91.42 -53.91
N LEU G 83 -12.11 90.93 -53.42
CA LEU G 83 -10.83 90.90 -54.12
C LEU G 83 -10.68 89.64 -54.98
N GLY G 84 -11.59 88.68 -54.87
CA GLY G 84 -11.86 87.72 -55.93
C GLY G 84 -11.14 86.38 -55.83
N LEU G 85 -10.81 85.89 -54.64
CA LEU G 85 -10.18 84.57 -54.48
C LEU G 85 -11.08 83.48 -53.89
N THR G 86 -12.30 83.82 -53.49
CA THR G 86 -13.37 82.88 -53.12
C THR G 86 -14.73 83.52 -53.33
N SER G 87 -15.82 82.75 -53.36
CA SER G 87 -17.16 83.25 -53.68
C SER G 87 -18.26 82.66 -52.80
N ALA G 88 -19.42 83.32 -52.79
CA ALA G 88 -20.67 82.83 -52.22
C ALA G 88 -21.66 82.36 -53.31
N ASP G 89 -21.18 82.09 -54.53
CA ASP G 89 -22.00 81.75 -55.69
C ASP G 89 -22.22 80.24 -55.79
N LYS G 90 -23.47 79.81 -56.00
CA LYS G 90 -24.06 78.50 -55.61
C LYS G 90 -23.28 77.22 -55.94
N SER G 91 -22.45 77.26 -56.96
CA SER G 91 -21.81 76.09 -57.56
C SER G 91 -20.47 76.45 -58.20
N ALA G 92 -19.84 77.52 -57.73
CA ALA G 92 -18.52 77.93 -58.20
C ALA G 92 -17.41 77.01 -57.67
N LYS G 93 -16.29 76.94 -58.41
CA LYS G 93 -15.09 76.14 -58.04
C LYS G 93 -14.43 76.57 -56.73
N ASN G 94 -14.58 77.85 -56.38
CA ASN G 94 -13.96 78.52 -55.26
C ASN G 94 -14.99 78.89 -54.17
N LEU G 95 -16.09 78.16 -54.07
CA LEU G 95 -17.17 78.41 -53.12
C LEU G 95 -16.72 78.20 -51.66
N CYS G 96 -17.12 79.09 -50.75
CA CYS G 96 -16.89 78.95 -49.30
C CYS G 96 -18.11 79.40 -48.47
N GLU G 97 -19.11 78.53 -48.28
CA GLU G 97 -20.21 78.83 -47.34
C GLU G 97 -19.72 78.83 -45.89
N TYR G 98 -20.32 79.65 -45.03
CA TYR G 98 -19.84 79.84 -43.66
C TYR G 98 -20.07 78.65 -42.72
N ASN G 99 -21.11 77.85 -42.96
CA ASN G 99 -21.51 76.68 -42.17
C ASN G 99 -21.88 75.51 -43.09
N GLY G 100 -21.72 74.28 -42.60
CA GLY G 100 -22.29 73.08 -43.22
C GLY G 100 -21.39 72.39 -44.23
N GLU G 101 -21.89 71.31 -44.84
CA GLU G 101 -21.06 70.33 -45.53
C GLU G 101 -20.29 70.87 -46.75
N GLY G 102 -20.81 71.91 -47.42
CA GLY G 102 -20.10 72.59 -48.51
C GLY G 102 -19.06 73.60 -48.05
N SER G 103 -19.00 73.91 -46.75
CA SER G 103 -18.07 74.86 -46.16
C SER G 103 -16.60 74.46 -46.35
N CYS G 104 -15.75 75.47 -46.53
CA CYS G 104 -14.39 75.31 -46.99
C CYS G 104 -13.44 74.70 -45.95
N LYS G 105 -12.31 74.19 -46.44
CA LYS G 105 -11.19 73.65 -45.65
C LYS G 105 -9.84 74.27 -46.03
N GLN G 106 -9.82 75.24 -46.96
CA GLN G 106 -8.61 75.71 -47.63
C GLN G 106 -8.53 77.21 -47.91
N CYS G 107 -9.55 77.99 -47.63
CA CYS G 107 -9.44 79.44 -47.73
C CYS G 107 -8.79 80.02 -46.48
N PRO G 108 -8.14 81.18 -46.53
CA PRO G 108 -7.52 81.82 -45.39
C PRO G 108 -8.38 81.94 -44.14
N ASP G 109 -9.67 82.27 -44.23
CA ASP G 109 -10.53 82.33 -43.04
C ASP G 109 -10.60 81.00 -42.29
N CYS G 110 -10.83 79.89 -43.00
CA CYS G 110 -10.94 78.59 -42.40
C CYS G 110 -9.64 78.15 -41.71
N ILE G 111 -8.47 78.56 -42.19
CA ILE G 111 -7.19 78.18 -41.57
C ILE G 111 -6.73 79.15 -40.48
N LEU G 112 -6.97 80.45 -40.62
CA LEU G 112 -6.59 81.42 -39.61
C LEU G 112 -7.60 81.44 -38.46
N TYR G 113 -8.91 81.41 -38.73
CA TYR G 113 -9.98 81.56 -37.74
C TYR G 113 -10.75 80.27 -37.42
N GLY G 114 -10.53 79.21 -38.19
CA GLY G 114 -10.86 77.83 -37.81
C GLY G 114 -12.16 77.28 -38.37
N PHE G 115 -12.37 75.97 -38.29
CA PHE G 115 -13.64 75.35 -38.70
C PHE G 115 -13.88 73.99 -38.04
N ALA G 116 -15.13 73.57 -37.96
CA ALA G 116 -15.49 72.17 -37.79
C ALA G 116 -16.78 71.82 -38.53
N ILE G 117 -16.77 70.75 -39.30
CA ILE G 117 -17.93 70.28 -40.08
C ILE G 117 -18.81 69.35 -39.24
N GLY G 118 -18.80 69.52 -37.91
CA GLY G 118 -19.22 68.51 -36.93
C GLY G 118 -18.22 67.35 -36.92
N ASP G 119 -18.55 66.27 -37.62
CA ASP G 119 -17.58 65.24 -38.06
C ASP G 119 -16.87 65.68 -39.37
N SER G 120 -16.21 64.77 -40.09
CA SER G 120 -15.75 64.97 -41.49
C SER G 120 -14.75 66.12 -41.73
N GLY G 121 -14.07 66.58 -40.69
CA GLY G 121 -12.99 67.54 -40.75
C GLY G 121 -13.15 68.70 -39.79
N SER G 122 -12.05 69.10 -39.18
CA SER G 122 -11.93 70.33 -38.41
C SER G 122 -10.49 70.82 -38.38
N GLU G 123 -10.26 72.11 -38.24
CA GLU G 123 -8.99 72.72 -37.88
C GLU G 123 -9.20 73.80 -36.81
N ARG G 124 -8.31 73.81 -35.84
CA ARG G 124 -8.34 74.71 -34.70
C ARG G 124 -7.91 76.10 -35.10
N SER G 125 -8.50 77.12 -34.53
CA SER G 125 -8.17 78.51 -34.81
C SER G 125 -6.71 78.80 -34.53
N LYS G 126 -6.09 79.60 -35.39
CA LYS G 126 -4.77 80.18 -35.20
C LYS G 126 -4.85 81.57 -34.59
N VAL G 127 -6.02 82.24 -34.57
CA VAL G 127 -6.20 83.57 -33.95
C VAL G 127 -7.04 83.50 -32.69
N TYR G 128 -6.51 84.01 -31.60
CA TYR G 128 -6.98 83.86 -30.23
C TYR G 128 -7.43 85.20 -29.68
N SER G 129 -8.58 85.22 -29.03
CA SER G 129 -9.08 86.35 -28.26
C SER G 129 -9.85 85.85 -27.06
N ASP G 130 -10.09 86.69 -26.06
CA ASP G 130 -11.02 86.40 -24.98
C ASP G 130 -12.10 87.48 -24.92
N SER G 131 -13.14 87.24 -24.13
CA SER G 131 -14.14 88.25 -23.80
C SER G 131 -13.46 89.48 -23.18
N ALA G 132 -13.70 90.65 -23.75
CA ALA G 132 -13.10 91.90 -23.31
C ALA G 132 -13.98 92.59 -22.28
N PHE G 133 -13.36 93.29 -21.36
CA PHE G 133 -14.00 93.95 -20.24
C PHE G 133 -13.78 95.45 -20.29
N SER G 134 -14.86 96.20 -20.19
CA SER G 134 -14.83 97.67 -20.27
C SER G 134 -14.05 98.34 -19.15
N LEU G 135 -13.53 99.53 -19.41
CA LEU G 135 -12.70 100.31 -18.49
C LEU G 135 -13.51 101.10 -17.46
N GLY G 136 -14.77 100.79 -17.19
CA GLY G 136 -15.59 101.60 -16.29
C GLY G 136 -16.89 100.93 -15.87
N ALA G 137 -17.52 101.47 -14.83
CA ALA G 137 -18.74 100.88 -14.27
C ALA G 137 -19.92 100.97 -15.25
N TYR G 138 -20.82 99.99 -15.21
CA TYR G 138 -22.05 99.99 -16.02
C TYR G 138 -22.90 101.23 -15.77
N GLU G 139 -23.15 101.61 -14.51
CA GLU G 139 -23.87 102.84 -14.17
C GLU G 139 -23.16 104.13 -14.62
N GLN G 140 -21.86 104.10 -14.90
CA GLN G 140 -21.08 105.17 -15.54
C GLN G 140 -20.89 104.97 -17.05
N SER G 141 -21.60 104.01 -17.65
CA SER G 141 -21.49 103.55 -19.04
C SER G 141 -22.86 103.22 -19.68
N HIS G 142 -23.95 103.68 -19.08
CA HIS G 142 -25.33 103.27 -19.39
C HIS G 142 -26.20 104.41 -19.91
N ARG G 143 -27.03 104.09 -20.90
CA ARG G 143 -28.20 104.83 -21.36
C ARG G 143 -29.28 103.82 -21.79
N SER G 144 -30.55 104.21 -21.81
CA SER G 144 -31.65 103.40 -22.36
C SER G 144 -32.54 104.16 -23.35
N PHE G 145 -33.09 103.40 -24.30
CA PHE G 145 -33.98 103.82 -25.39
C PHE G 145 -35.23 102.91 -25.47
N THR G 146 -36.02 102.95 -26.56
CA THR G 146 -37.23 102.12 -26.73
C THR G 146 -37.50 101.75 -28.19
N PHE G 147 -38.29 100.70 -28.42
CA PHE G 147 -38.52 100.07 -29.73
C PHE G 147 -39.92 100.41 -30.28
N ASN G 148 -40.01 100.89 -31.52
CA ASN G 148 -41.26 101.24 -32.21
C ASN G 148 -41.35 100.56 -33.59
N ALA G 149 -42.56 100.25 -34.04
CA ALA G 149 -42.77 99.24 -35.09
C ALA G 149 -43.68 99.71 -36.25
N PRO G 150 -43.27 100.73 -37.04
CA PRO G 150 -43.98 101.14 -38.25
C PRO G 150 -43.73 100.17 -39.43
N PHE G 151 -44.28 98.95 -39.38
CA PHE G 151 -44.16 97.91 -40.41
C PHE G 151 -44.70 98.35 -41.79
N GLU G 152 -46.02 98.50 -41.92
CA GLU G 152 -46.69 99.07 -43.10
C GLU G 152 -47.79 100.04 -42.67
N GLY G 153 -47.83 101.23 -43.28
CA GLY G 153 -48.60 102.40 -42.79
C GLY G 153 -47.96 103.03 -41.56
N GLY G 154 -48.03 102.33 -40.42
CA GLY G 154 -47.25 102.62 -39.22
C GLY G 154 -47.60 103.92 -38.47
N THR G 155 -48.82 104.43 -38.64
CA THR G 155 -49.29 105.70 -38.06
C THR G 155 -50.61 105.52 -37.32
N MET G 156 -50.66 105.96 -36.06
CA MET G 156 -51.76 105.69 -35.11
C MET G 156 -52.02 106.87 -34.13
N SER G 157 -51.64 108.09 -34.53
CA SER G 157 -51.52 109.29 -33.67
C SER G 157 -52.84 109.89 -33.14
N GLU G 158 -53.96 109.77 -33.85
CA GLU G 158 -55.30 110.17 -33.34
C GLU G 158 -55.92 109.12 -32.40
N ALA G 159 -55.56 107.83 -32.57
CA ALA G 159 -55.91 106.77 -31.64
C ALA G 159 -55.11 106.84 -30.33
N GLY G 160 -53.81 107.17 -30.40
CA GLY G 160 -52.93 107.26 -29.24
C GLY G 160 -52.49 105.88 -28.73
N VAL G 161 -51.86 105.08 -29.59
CA VAL G 161 -51.44 103.68 -29.33
C VAL G 161 -50.16 103.32 -30.12
N MET G 162 -49.45 102.28 -29.67
CA MET G 162 -48.33 101.62 -30.36
C MET G 162 -48.33 100.10 -30.06
N ARG G 163 -47.70 99.30 -30.91
CA ARG G 163 -47.72 97.81 -30.90
C ARG G 163 -47.14 97.18 -29.61
N SER G 164 -47.43 95.91 -29.40
CA SER G 164 -47.12 95.11 -28.19
C SER G 164 -45.61 94.96 -27.87
N ALA G 165 -44.76 95.07 -28.89
CA ALA G 165 -43.32 94.93 -28.78
C ALA G 165 -42.63 96.05 -27.97
N ILE G 166 -43.27 97.21 -27.78
CA ILE G 166 -42.66 98.37 -27.09
C ILE G 166 -42.19 98.01 -25.67
N ASN G 167 -40.92 98.28 -25.40
CA ASN G 167 -40.22 98.05 -24.13
C ASN G 167 -39.02 99.01 -23.99
N GLU G 168 -38.50 99.19 -22.78
CA GLU G 168 -37.26 99.94 -22.54
C GLU G 168 -36.03 99.02 -22.70
N LEU G 169 -35.07 99.46 -23.52
CA LEU G 169 -33.89 98.72 -23.92
C LEU G 169 -32.62 99.47 -23.52
N ASP G 170 -31.68 98.78 -22.88
CA ASP G 170 -30.38 99.35 -22.50
C ASP G 170 -29.39 99.34 -23.68
N HIS G 171 -28.56 100.36 -23.77
CA HIS G 171 -27.52 100.53 -24.79
C HIS G 171 -26.22 101.08 -24.16
N ILE G 172 -25.06 100.72 -24.72
CA ILE G 172 -23.76 101.13 -24.19
C ILE G 172 -23.47 102.59 -24.57
N LEU G 173 -23.34 103.48 -23.58
CA LEU G 173 -23.06 104.91 -23.77
C LEU G 173 -21.75 105.18 -24.60
N PRO G 174 -21.66 106.27 -25.39
CA PRO G 174 -20.41 106.71 -26.00
C PRO G 174 -19.33 107.15 -25.00
N GLU G 175 -18.09 107.31 -25.49
CA GLU G 175 -16.83 107.52 -24.75
C GLU G 175 -16.32 106.32 -23.92
N VAL G 176 -17.08 105.21 -23.85
CA VAL G 176 -16.67 103.94 -23.24
C VAL G 176 -15.51 103.30 -24.02
N THR G 177 -14.63 102.54 -23.36
CA THR G 177 -13.58 101.76 -24.03
C THR G 177 -13.44 100.35 -23.45
N PHE G 178 -13.21 99.38 -24.33
CA PHE G 178 -13.07 97.96 -24.05
C PHE G 178 -11.63 97.54 -24.42
N PRO G 179 -10.66 97.68 -23.51
CA PRO G 179 -9.32 97.17 -23.77
C PRO G 179 -9.40 95.71 -24.17
N THR G 180 -8.75 95.36 -25.27
CA THR G 180 -8.70 94.01 -25.81
C THR G 180 -7.26 93.62 -26.13
N VAL G 181 -6.90 92.36 -25.95
CA VAL G 181 -5.72 91.76 -26.55
C VAL G 181 -6.16 90.59 -27.42
N GLU G 182 -5.61 90.51 -28.60
CA GLU G 182 -5.82 89.42 -29.53
C GLU G 182 -4.47 88.92 -29.98
N SER G 183 -4.37 87.71 -30.49
CA SER G 183 -3.08 87.16 -30.90
C SER G 183 -3.23 86.12 -31.99
N LEU G 184 -2.20 85.85 -32.79
CA LEU G 184 -2.19 84.66 -33.64
C LEU G 184 -0.91 83.85 -33.58
N ARG G 185 -1.08 82.53 -33.66
CA ARG G 185 -0.03 81.52 -33.67
C ARG G 185 0.51 81.32 -35.07
N ASP G 186 1.83 81.19 -35.20
CA ASP G 186 2.53 80.54 -36.31
C ASP G 186 2.20 81.03 -37.74
N ALA G 187 1.89 82.30 -37.89
CA ALA G 187 1.56 82.95 -39.15
C ALA G 187 2.70 83.00 -40.18
N THR G 188 2.32 83.07 -41.45
CA THR G 188 3.13 83.65 -42.51
C THR G 188 2.99 85.17 -42.52
N TYR G 189 3.86 85.93 -43.20
CA TYR G 189 3.79 87.40 -43.19
C TYR G 189 2.53 87.96 -43.83
N GLU G 190 2.13 87.38 -44.98
CA GLU G 190 0.90 87.82 -45.67
C GLU G 190 -0.34 87.50 -44.84
N GLY G 191 -0.37 86.38 -44.11
CA GLY G 191 -1.42 86.06 -43.15
C GLY G 191 -1.45 87.03 -41.98
N PHE G 192 -0.29 87.48 -41.51
CA PHE G 192 -0.21 88.54 -40.52
C PHE G 192 -0.78 89.85 -41.05
N ILE G 193 -0.44 90.24 -42.28
CA ILE G 193 -1.03 91.46 -42.87
C ILE G 193 -2.53 91.28 -43.08
N TYR G 194 -3.01 90.11 -43.47
CA TYR G 194 -4.44 89.82 -43.58
C TYR G 194 -5.18 90.04 -42.29
N VAL G 195 -4.74 89.41 -41.20
CA VAL G 195 -5.43 89.60 -39.92
C VAL G 195 -5.28 91.02 -39.41
N LEU G 196 -4.14 91.67 -39.65
CA LEU G 196 -3.95 93.05 -39.20
C LEU G 196 -4.87 94.00 -39.97
N GLY G 197 -5.15 93.69 -41.24
CA GLY G 197 -6.22 94.31 -41.98
C GLY G 197 -7.55 94.08 -41.32
N ASN G 198 -7.95 92.84 -41.04
CA ASN G 198 -9.25 92.56 -40.47
C ASN G 198 -9.48 93.25 -39.13
N LEU G 199 -8.43 93.40 -38.34
CA LEU G 199 -8.48 94.14 -37.09
C LEU G 199 -8.72 95.62 -37.34
N LEU G 200 -8.09 96.19 -38.36
CA LEU G 200 -8.08 97.62 -38.64
C LEU G 200 -9.29 98.11 -39.45
N ARG G 201 -9.79 97.29 -40.38
CA ARG G 201 -10.87 97.60 -41.32
C ARG G 201 -12.24 97.62 -40.67
N THR G 202 -12.54 96.59 -39.89
CA THR G 202 -13.89 96.33 -39.34
C THR G 202 -14.41 97.51 -38.51
N LYS G 203 -15.69 97.87 -38.69
CA LYS G 203 -16.39 98.94 -37.95
C LYS G 203 -17.56 98.42 -37.12
N ARG G 204 -18.37 97.49 -37.65
CA ARG G 204 -19.63 97.03 -37.04
C ARG G 204 -19.45 95.94 -35.99
N TYR G 205 -20.24 96.01 -34.92
CA TYR G 205 -20.27 95.06 -33.81
C TYR G 205 -21.70 94.71 -33.42
N GLY G 206 -21.90 93.49 -32.90
CA GLY G 206 -23.24 92.92 -32.72
C GLY G 206 -23.73 92.20 -33.98
N ALA G 207 -25.01 91.84 -34.01
CA ALA G 207 -25.56 90.90 -34.99
C ALA G 207 -25.94 91.51 -36.37
N GLN G 208 -25.98 92.83 -36.53
CA GLN G 208 -26.56 93.46 -37.73
C GLN G 208 -25.93 94.82 -38.11
N GLU G 209 -26.12 95.25 -39.36
CA GLU G 209 -25.47 96.42 -39.99
C GLU G 209 -26.23 97.75 -39.85
N SER G 210 -27.55 97.71 -39.74
CA SER G 210 -28.40 98.89 -39.55
C SER G 210 -28.29 99.49 -38.14
N ARG G 211 -28.82 100.70 -37.95
CA ARG G 211 -28.97 101.43 -36.67
C ARG G 211 -27.72 101.47 -35.77
N THR G 212 -27.84 101.24 -34.47
CA THR G 212 -26.73 101.31 -33.49
C THR G 212 -25.58 100.33 -33.79
N GLY G 213 -24.40 100.58 -33.23
CA GLY G 213 -23.33 99.57 -33.11
C GLY G 213 -22.12 99.67 -34.04
N THR G 214 -21.49 100.84 -34.16
CA THR G 214 -20.22 101.07 -34.86
C THR G 214 -19.14 101.64 -33.94
N MET G 215 -17.88 101.21 -34.10
CA MET G 215 -16.79 101.44 -33.12
C MET G 215 -15.42 101.70 -33.75
N LYS G 216 -14.52 102.32 -32.99
CA LYS G 216 -13.16 102.72 -33.40
C LYS G 216 -12.12 101.79 -32.75
N ASN G 217 -11.34 101.06 -33.53
CA ASN G 217 -10.32 100.12 -33.06
C ASN G 217 -8.95 100.78 -32.89
N HIS G 218 -8.74 101.49 -31.79
CA HIS G 218 -7.51 102.24 -31.54
C HIS G 218 -6.37 101.32 -31.08
N LEU G 219 -5.64 100.75 -32.05
CA LEU G 219 -4.49 99.88 -31.87
C LEU G 219 -3.34 100.60 -31.12
N VAL G 220 -3.04 100.20 -29.89
CA VAL G 220 -2.03 100.81 -29.00
C VAL G 220 -0.69 100.11 -29.04
N GLY G 221 -0.58 98.88 -29.54
CA GLY G 221 0.70 98.21 -29.74
C GLY G 221 0.60 96.85 -30.38
N ILE G 222 1.66 96.35 -30.98
CA ILE G 222 1.77 94.95 -31.39
C ILE G 222 3.08 94.35 -30.88
N VAL G 223 3.02 93.11 -30.33
CA VAL G 223 4.19 92.52 -29.67
C VAL G 223 4.48 91.11 -30.06
N PHE G 224 5.65 90.84 -30.60
CA PHE G 224 6.02 89.53 -31.07
C PHE G 224 6.49 88.85 -29.81
N ALA G 225 6.11 87.60 -29.52
CA ALA G 225 6.41 86.97 -28.24
C ALA G 225 6.42 85.44 -28.33
N ASP G 226 7.01 84.76 -27.35
CA ASP G 226 7.04 83.30 -27.29
C ASP G 226 5.90 82.66 -26.46
N GLY G 227 4.80 83.39 -26.24
CA GLY G 227 3.64 82.91 -25.50
C GLY G 227 2.65 84.01 -25.13
N GLU G 228 1.57 83.63 -24.44
CA GLU G 228 0.53 84.52 -23.92
C GLU G 228 1.09 85.70 -23.13
N ILE G 229 0.70 86.89 -23.51
CA ILE G 229 0.77 88.13 -22.76
C ILE G 229 -0.36 88.15 -21.70
N PHE G 230 -0.57 89.25 -20.98
CA PHE G 230 -1.65 89.44 -20.02
C PHE G 230 -3.04 89.16 -20.59
N SER G 231 -3.98 88.88 -19.71
CA SER G 231 -5.37 88.64 -20.10
C SER G 231 -6.08 89.94 -20.48
N ASN G 232 -7.16 89.78 -21.22
CA ASN G 232 -8.11 90.82 -21.55
C ASN G 232 -8.63 91.57 -20.31
N LEU G 233 -8.83 90.90 -19.18
CA LEU G 233 -9.27 91.53 -17.93
C LEU G 233 -8.13 92.19 -17.18
N HIS G 234 -6.93 91.63 -17.25
CA HIS G 234 -5.79 92.13 -16.51
C HIS G 234 -5.40 93.51 -16.99
N LEU G 235 -5.42 93.75 -18.30
CA LEU G 235 -5.09 95.05 -18.89
C LEU G 235 -6.05 96.12 -18.39
N THR G 236 -7.34 95.85 -18.36
CA THR G 236 -8.34 96.83 -17.92
C THR G 236 -8.20 97.14 -16.43
N GLN G 237 -7.90 96.15 -15.58
CA GLN G 237 -7.61 96.37 -14.16
C GLN G 237 -6.33 97.17 -13.95
N ALA G 238 -5.30 96.87 -14.72
CA ALA G 238 -4.01 97.53 -14.62
C ALA G 238 -4.07 98.98 -15.10
N LEU G 239 -4.84 99.24 -16.15
CA LEU G 239 -5.03 100.57 -16.69
C LEU G 239 -5.97 101.41 -15.82
N TYR G 240 -6.99 100.82 -15.20
CA TYR G 240 -7.84 101.56 -14.27
C TYR G 240 -7.05 102.05 -13.05
N ASP G 241 -6.16 101.23 -12.50
CA ASP G 241 -5.28 101.63 -11.40
C ASP G 241 -4.39 102.80 -11.84
N GLN G 242 -3.71 102.67 -12.96
CA GLN G 242 -2.80 103.69 -13.45
C GLN G 242 -3.52 105.02 -13.74
N MET G 243 -4.71 104.95 -14.35
CA MET G 243 -5.56 106.12 -14.61
C MET G 243 -6.24 106.69 -13.35
N GLY G 244 -6.17 106.00 -12.21
CA GLY G 244 -6.72 106.45 -10.94
C GLY G 244 -8.23 106.67 -10.93
N GLY G 245 -8.98 105.83 -11.64
CA GLY G 245 -10.45 105.77 -11.64
C GLY G 245 -11.23 106.94 -12.27
N GLU G 246 -10.65 108.12 -12.46
CA GLU G 246 -11.32 109.29 -13.06
C GLU G 246 -11.23 109.27 -14.61
N LEU G 247 -12.16 108.57 -15.25
CA LEU G 247 -12.18 108.25 -16.69
C LEU G 247 -12.49 109.42 -17.64
N ASN G 248 -12.98 110.55 -17.15
CA ASN G 248 -13.62 111.59 -17.96
C ASN G 248 -12.63 112.43 -18.81
N LYS G 249 -11.34 112.36 -18.51
CA LYS G 249 -10.24 112.96 -19.28
C LYS G 249 -10.25 112.51 -20.75
N PRO G 250 -9.78 113.34 -21.70
CA PRO G 250 -9.86 113.07 -23.13
C PRO G 250 -9.37 111.69 -23.57
N ILE G 251 -9.94 111.21 -24.68
CA ILE G 251 -9.65 109.90 -25.26
C ILE G 251 -8.17 109.71 -25.63
N SER G 252 -7.46 110.77 -26.01
CA SER G 252 -6.00 110.76 -26.25
C SER G 252 -5.19 110.37 -24.99
N GLU G 253 -5.64 110.77 -23.80
CA GLU G 253 -5.05 110.40 -22.52
C GLU G 253 -5.22 108.91 -22.21
N LEU G 254 -6.34 108.31 -22.62
CA LEU G 254 -6.55 106.86 -22.56
C LEU G 254 -5.56 106.13 -23.49
N CYS G 255 -5.33 106.69 -24.66
CA CYS G 255 -4.52 106.08 -25.70
C CYS G 255 -3.00 106.13 -25.42
N GLU G 256 -2.48 107.19 -24.80
CA GLU G 256 -1.07 107.25 -24.42
C GLU G 256 -0.77 106.43 -23.16
N THR G 257 -1.65 106.45 -22.15
CA THR G 257 -1.47 105.66 -20.92
C THR G 257 -1.44 104.16 -21.17
N ALA G 258 -2.23 103.63 -22.09
CA ALA G 258 -2.21 102.22 -22.45
C ALA G 258 -0.84 101.73 -22.99
N ALA G 259 -0.09 102.54 -23.76
CA ALA G 259 1.25 102.15 -24.22
C ALA G 259 2.28 102.06 -23.06
N THR G 260 2.20 102.94 -22.07
CA THR G 260 3.09 102.92 -20.89
C THR G 260 2.67 101.90 -19.82
N VAL G 261 1.38 101.54 -19.72
CA VAL G 261 0.92 100.36 -18.95
C VAL G 261 1.30 99.06 -19.62
N ALA G 262 1.26 98.97 -20.95
CA ALA G 262 1.71 97.80 -21.67
C ALA G 262 3.22 97.60 -21.49
N GLN G 263 4.03 98.65 -21.60
CA GLN G 263 5.47 98.59 -21.40
C GLN G 263 5.87 98.06 -20.00
N ASP G 264 5.05 98.31 -18.98
CA ASP G 264 5.26 97.80 -17.63
C ASP G 264 4.84 96.34 -17.49
N LEU G 265 3.64 95.99 -17.91
CA LEU G 265 3.14 94.62 -17.82
C LEU G 265 3.99 93.66 -18.64
N LEU G 266 4.44 94.08 -19.82
CA LEU G 266 5.22 93.24 -20.72
C LEU G 266 6.58 92.84 -20.15
N ASN G 267 7.12 93.65 -19.23
CA ASN G 267 8.39 93.40 -18.56
C ASN G 267 8.27 92.49 -17.33
N LYS G 268 7.06 92.20 -16.85
CA LYS G 268 6.80 91.28 -15.73
C LYS G 268 6.55 89.84 -16.17
N GLU G 269 6.02 89.61 -17.36
CA GLU G 269 5.68 88.27 -17.86
C GLU G 269 6.89 87.48 -18.35
N PRO G 270 6.92 86.15 -18.18
CA PRO G 270 8.05 85.29 -18.44
C PRO G 270 8.15 84.93 -19.92
N VAL G 271 8.17 85.95 -20.77
CA VAL G 271 7.95 85.83 -22.20
C VAL G 271 8.98 86.64 -22.97
N ARG G 272 9.74 85.98 -23.84
CA ARG G 272 10.69 86.64 -24.73
C ARG G 272 9.96 87.47 -25.75
N LYS G 273 10.62 88.53 -26.23
CA LYS G 273 9.98 89.45 -27.14
C LYS G 273 10.95 89.73 -28.26
N SER G 274 10.75 89.07 -29.40
CA SER G 274 11.56 89.34 -30.56
C SER G 274 11.34 90.77 -30.97
N GLU G 275 10.14 91.30 -30.72
CA GLU G 275 9.85 92.69 -31.03
C GLU G 275 8.70 93.19 -30.24
N LEU G 276 8.59 94.50 -30.15
CA LEU G 276 7.49 95.12 -29.45
C LEU G 276 7.35 96.42 -30.16
N ILE G 277 6.13 96.78 -30.59
CA ILE G 277 5.89 97.95 -31.40
C ILE G 277 4.94 98.89 -30.68
N PHE G 278 5.32 100.13 -30.45
CA PHE G 278 4.54 101.16 -29.77
C PHE G 278 4.94 102.57 -30.23
N GLY G 279 4.08 103.56 -29.96
CA GLY G 279 4.38 104.98 -30.16
C GLY G 279 4.74 105.35 -31.60
N ALA G 280 5.83 106.08 -31.77
CA ALA G 280 6.28 106.58 -33.07
C ALA G 280 6.72 105.47 -34.05
N HIS G 281 6.98 104.25 -33.58
CA HIS G 281 7.25 103.10 -34.45
C HIS G 281 5.99 102.31 -34.79
N LEU G 282 4.89 102.49 -34.04
CA LEU G 282 3.61 101.86 -34.34
C LEU G 282 2.84 102.62 -35.41
N ASP G 283 2.68 103.94 -35.26
CA ASP G 283 1.89 104.72 -36.22
C ASP G 283 2.52 104.72 -37.62
N THR G 284 3.85 104.70 -37.70
CA THR G 284 4.63 104.49 -38.94
C THR G 284 4.52 103.07 -39.51
N LEU G 285 4.23 102.04 -38.72
CA LEU G 285 3.84 100.73 -39.27
C LEU G 285 2.41 100.76 -39.81
N LEU G 286 1.48 101.32 -39.05
CA LEU G 286 0.05 101.24 -39.33
C LEU G 286 -0.31 101.98 -40.62
N GLN G 287 0.26 103.17 -40.83
CA GLN G 287 0.13 103.92 -42.09
C GLN G 287 0.67 103.17 -43.31
N GLU G 288 1.60 102.22 -43.12
CA GLU G 288 2.24 101.47 -44.20
C GLU G 288 1.38 100.27 -44.62
N VAL G 289 0.87 99.49 -43.67
CA VAL G 289 -0.01 98.35 -43.98
C VAL G 289 -1.36 98.83 -44.50
N ASN G 290 -1.86 99.97 -44.01
CA ASN G 290 -3.04 100.65 -44.55
C ASN G 290 -2.81 101.16 -45.99
N ASP G 291 -1.56 101.32 -46.44
CA ASP G 291 -1.26 101.66 -47.83
C ASP G 291 -1.50 100.48 -48.78
N ILE G 292 -1.18 99.25 -48.35
CA ILE G 292 -1.55 98.01 -49.07
C ILE G 292 -3.07 97.90 -49.16
N TYR G 293 -3.79 98.13 -48.06
CA TYR G 293 -5.25 98.07 -47.99
C TYR G 293 -6.03 99.12 -48.80
N GLN G 294 -5.35 100.08 -49.43
CA GLN G 294 -5.93 101.04 -50.38
C GLN G 294 -5.14 101.10 -51.70
N ASN G 295 -4.40 100.05 -52.05
CA ASN G 295 -3.61 99.91 -53.28
C ASN G 295 -3.77 98.48 -53.84
N ASP G 296 -4.95 98.19 -54.34
CA ASP G 296 -5.43 96.84 -54.63
C ASP G 296 -4.52 96.02 -55.54
N ALA G 297 -3.73 96.71 -56.37
CA ALA G 297 -2.75 96.13 -57.28
C ALA G 297 -1.60 95.38 -56.57
N GLU G 298 -1.24 95.76 -55.33
CA GLU G 298 -0.29 95.00 -54.49
C GLU G 298 -1.00 94.18 -53.40
N LEU G 299 -2.17 94.62 -52.93
CA LEU G 299 -3.04 93.86 -52.03
C LEU G 299 -3.43 92.50 -52.62
N THR G 300 -3.71 92.45 -53.91
CA THR G 300 -4.05 91.21 -54.54
C THR G 300 -2.91 90.27 -54.52
N LYS G 301 -1.70 90.78 -54.63
CA LYS G 301 -0.53 89.92 -54.69
C LYS G 301 -0.35 89.31 -53.34
N LEU G 302 -0.48 90.11 -52.31
CA LEU G 302 -0.33 89.63 -50.94
C LEU G 302 -1.26 88.49 -50.63
N LEU G 303 -2.57 88.70 -50.75
CA LEU G 303 -3.53 87.67 -50.37
C LEU G 303 -3.48 86.57 -51.37
N GLY G 304 -2.95 86.84 -52.53
CA GLY G 304 -2.81 85.83 -53.54
C GLY G 304 -1.93 84.75 -53.00
N SER G 305 -0.80 85.14 -52.44
CA SER G 305 0.14 84.16 -51.95
C SER G 305 -0.37 83.56 -50.68
N LEU G 306 -1.22 84.27 -49.95
CA LEU G 306 -1.81 83.70 -48.74
C LEU G 306 -2.61 82.54 -49.11
N TYR G 307 -3.39 82.62 -50.14
CA TYR G 307 -4.25 81.54 -50.52
C TYR G 307 -3.38 80.42 -50.98
N GLN G 308 -2.32 80.72 -51.68
CA GLN G 308 -1.39 79.70 -52.14
C GLN G 308 -0.83 78.96 -50.96
N GLN G 309 -0.44 79.68 -49.93
CA GLN G 309 0.08 79.08 -48.70
C GLN G 309 -0.97 78.43 -47.87
N THR G 310 -2.19 78.95 -47.90
CA THR G 310 -3.25 78.43 -47.07
C THR G 310 -3.67 77.13 -47.60
N GLN G 311 -3.62 76.95 -48.89
CA GLN G 311 -4.01 75.71 -49.53
C GLN G 311 -2.87 74.76 -49.60
N ASP G 312 -1.65 75.26 -49.60
CA ASP G 312 -0.52 74.35 -49.55
C ASP G 312 -0.63 73.72 -48.19
N TYR G 313 -0.94 74.50 -47.17
CA TYR G 313 -1.13 74.01 -45.80
C TYR G 313 -2.29 73.03 -45.68
N ALA G 314 -3.43 73.37 -46.28
CA ALA G 314 -4.63 72.55 -46.24
C ALA G 314 -4.36 71.16 -46.80
N THR G 315 -3.58 71.01 -47.88
CA THR G 315 -3.32 69.69 -48.45
C THR G 315 -2.10 68.98 -47.88
N GLU G 316 -1.14 69.71 -47.29
CA GLU G 316 0.02 69.10 -46.62
C GLU G 316 -0.33 68.56 -45.23
N PHE G 317 -1.09 69.31 -44.44
CA PHE G 317 -1.34 69.05 -43.02
C PHE G 317 -2.82 69.18 -42.61
N GLY G 318 -3.61 70.04 -43.24
CA GLY G 318 -4.93 70.44 -42.74
C GLY G 318 -6.01 69.38 -42.88
N ALA G 319 -6.32 69.02 -44.12
CA ALA G 319 -7.33 68.05 -44.55
C ALA G 319 -7.03 67.64 -46.01
N LEU G 320 -6.29 66.55 -46.22
CA LEU G 320 -5.56 66.20 -47.45
C LEU G 320 -6.27 66.57 -48.77
N THR H 2 26.26 -78.30 -18.15
CA THR H 2 27.20 -77.86 -19.19
C THR H 2 27.25 -76.34 -19.33
N LYS H 3 26.16 -75.65 -19.70
CA LYS H 3 26.12 -74.17 -19.71
C LYS H 3 25.88 -73.64 -18.30
N ILE H 4 26.47 -72.50 -17.96
CA ILE H 4 26.26 -71.79 -16.69
C ILE H 4 26.04 -70.31 -16.97
N TYR H 5 25.01 -69.72 -16.39
CA TYR H 5 24.66 -68.32 -16.58
C TYR H 5 24.74 -67.58 -15.25
N ARG H 6 25.59 -66.55 -15.21
CA ARG H 6 25.70 -65.64 -14.07
C ARG H 6 24.61 -64.59 -14.24
N CYS H 7 23.57 -64.68 -13.44
CA CYS H 7 22.41 -63.81 -13.53
C CYS H 7 22.39 -62.88 -12.33
N LYS H 8 22.42 -61.56 -12.55
CA LYS H 8 22.26 -60.60 -11.47
C LYS H 8 20.92 -59.90 -11.54
N LEU H 9 20.24 -59.94 -10.41
CA LEU H 9 18.86 -59.58 -10.20
C LEU H 9 18.85 -58.19 -9.55
N THR H 10 18.25 -57.20 -10.18
CA THR H 10 18.07 -55.85 -9.60
C THR H 10 16.59 -55.60 -9.33
N LEU H 11 16.23 -55.20 -8.13
CA LEU H 11 14.84 -54.93 -7.77
C LEU H 11 14.39 -53.60 -8.36
N HIS H 12 13.37 -53.64 -9.21
CA HIS H 12 12.74 -52.47 -9.80
C HIS H 12 11.45 -52.08 -9.09
N ASP H 13 10.93 -52.92 -8.20
CA ASP H 13 10.12 -52.48 -7.07
C ASP H 13 10.28 -53.43 -5.88
N ASN H 14 9.81 -53.00 -4.71
CA ASN H 14 10.09 -53.65 -3.44
C ASN H 14 9.56 -55.09 -3.39
N VAL H 15 10.34 -56.05 -2.89
CA VAL H 15 9.99 -57.49 -2.81
C VAL H 15 9.68 -57.88 -1.38
N PHE H 16 8.54 -58.54 -1.17
CA PHE H 16 8.10 -59.05 0.12
C PHE H 16 7.87 -60.56 0.06
N PHE H 17 8.40 -61.29 1.02
CA PHE H 17 8.05 -62.66 1.35
C PHE H 17 7.80 -62.73 2.85
N ALA H 18 6.73 -63.37 3.31
CA ALA H 18 6.38 -63.46 4.72
C ALA H 18 7.21 -64.52 5.45
N SER H 19 8.52 -64.31 5.49
CA SER H 19 9.51 -65.30 5.91
C SER H 19 9.43 -65.58 7.39
N ARG H 20 9.26 -64.55 8.21
CA ARG H 20 8.90 -64.62 9.63
C ARG H 20 7.94 -63.50 10.02
N GLU H 21 7.16 -63.71 11.07
CA GLU H 21 6.16 -62.80 11.57
C GLU H 21 6.28 -62.67 13.09
N MET H 22 6.29 -61.44 13.60
CA MET H 22 6.36 -61.10 15.01
C MET H 22 5.45 -59.90 15.28
N GLY H 23 4.25 -60.16 15.78
CA GLY H 23 3.29 -59.11 16.09
C GLY H 23 2.82 -58.36 14.84
N ILE H 24 2.92 -57.04 14.84
CA ILE H 24 2.56 -56.22 13.68
C ILE H 24 3.52 -56.37 12.50
N LEU H 25 4.72 -56.96 12.69
CA LEU H 25 5.81 -56.97 11.71
C LEU H 25 5.93 -58.31 11.00
N TYR H 26 5.92 -58.29 9.67
CA TYR H 26 6.22 -59.41 8.79
C TYR H 26 7.52 -59.09 8.04
N GLU H 27 8.47 -60.01 7.92
CA GLU H 27 9.74 -59.70 7.27
C GLU H 27 10.29 -60.75 6.31
N THR H 28 11.12 -60.25 5.41
CA THR H 28 11.70 -60.95 4.26
C THR H 28 13.14 -61.34 4.53
N GLU H 29 13.51 -62.60 4.36
CA GLU H 29 14.90 -63.00 4.45
C GLU H 29 15.74 -62.42 3.30
N LYS H 30 17.01 -62.16 3.56
CA LYS H 30 17.89 -61.49 2.60
C LYS H 30 18.48 -62.41 1.53
N TYR H 31 17.96 -63.62 1.37
CA TYR H 31 18.37 -64.56 0.33
C TYR H 31 17.11 -65.02 -0.38
N PHE H 32 17.05 -64.95 -1.71
CA PHE H 32 15.90 -65.49 -2.43
C PHE H 32 16.04 -67.00 -2.56
N HIS H 33 15.10 -67.75 -1.99
CA HIS H 33 15.09 -69.20 -2.05
C HIS H 33 15.02 -69.74 -3.47
N ASN H 34 15.75 -70.82 -3.72
CA ASN H 34 15.88 -71.36 -5.04
C ASN H 34 14.61 -71.69 -5.69
N TRP H 35 13.68 -72.31 -4.99
CA TRP H 35 12.45 -72.81 -5.58
C TRP H 35 11.54 -71.65 -5.98
N ALA H 36 11.54 -70.55 -5.24
CA ALA H 36 10.84 -69.33 -5.60
C ALA H 36 11.36 -68.72 -6.90
N LEU H 37 12.69 -68.70 -7.08
CA LEU H 37 13.29 -68.16 -8.30
C LEU H 37 13.07 -69.11 -9.45
N SER H 38 13.08 -70.41 -9.26
CA SER H 38 12.84 -71.42 -10.28
C SER H 38 11.46 -71.30 -10.92
N TYR H 39 10.45 -70.98 -10.14
CA TYR H 39 9.15 -70.74 -10.69
C TYR H 39 9.09 -69.34 -11.30
N ALA H 40 9.74 -68.35 -10.73
CA ALA H 40 9.80 -67.02 -11.34
C ALA H 40 10.43 -67.01 -12.73
N PHE H 41 11.46 -67.82 -12.98
CA PHE H 41 12.08 -67.98 -14.28
C PHE H 41 11.29 -68.88 -15.24
N PHE H 42 10.78 -70.03 -14.78
CA PHE H 42 10.34 -71.06 -15.70
C PHE H 42 8.85 -71.41 -15.65
N LYS H 43 8.06 -70.82 -14.76
CA LYS H 43 6.61 -71.02 -14.74
C LYS H 43 5.95 -70.30 -15.91
N GLY H 44 5.04 -70.98 -16.59
CA GLY H 44 4.46 -70.59 -17.88
C GLY H 44 5.30 -71.01 -19.09
N THR H 45 6.63 -70.89 -19.04
CA THR H 45 7.51 -71.37 -20.11
C THR H 45 7.72 -72.89 -20.08
N ILE H 46 7.86 -73.48 -18.90
CA ILE H 46 8.14 -74.91 -18.69
C ILE H 46 7.15 -75.52 -17.72
N ILE H 47 7.05 -75.00 -16.49
CA ILE H 47 6.20 -75.55 -15.46
C ILE H 47 4.84 -75.00 -15.77
N PRO H 48 3.75 -75.76 -15.60
CA PRO H 48 2.44 -75.16 -15.80
C PRO H 48 2.04 -74.02 -14.84
N HIS H 49 1.16 -73.08 -15.22
CA HIS H 49 0.71 -71.99 -14.37
C HIS H 49 -0.81 -71.95 -14.31
N PRO H 50 -1.48 -72.81 -13.54
CA PRO H 50 -2.93 -72.79 -13.43
C PRO H 50 -3.37 -71.50 -12.77
N TYR H 51 -4.24 -70.71 -13.37
CA TYR H 51 -4.70 -69.49 -12.74
C TYR H 51 -5.48 -69.73 -11.45
N GLY H 52 -6.29 -70.78 -11.39
CA GLY H 52 -7.13 -71.12 -10.24
C GLY H 52 -6.69 -72.36 -9.50
N LEU H 53 -7.02 -72.42 -8.22
CA LEU H 53 -6.90 -73.58 -7.34
C LEU H 53 -8.19 -73.75 -6.52
N VAL H 54 -8.50 -74.99 -6.13
CA VAL H 54 -9.62 -75.23 -5.25
C VAL H 54 -9.35 -76.55 -4.62
N GLY H 55 -9.52 -76.67 -3.32
CA GLY H 55 -9.38 -77.91 -2.63
C GLY H 55 -8.15 -78.02 -1.83
N GLN H 56 -7.67 -79.23 -1.63
CA GLN H 56 -6.45 -79.45 -0.91
C GLN H 56 -5.31 -78.92 -1.69
N ASN H 57 -5.44 -78.85 -2.99
CA ASN H 57 -4.41 -78.31 -3.84
C ASN H 57 -4.26 -76.82 -3.70
N ALA H 58 -5.16 -76.17 -3.00
CA ALA H 58 -5.11 -74.74 -2.85
C ALA H 58 -4.40 -74.28 -1.64
N GLN H 59 -3.95 -75.16 -0.77
CA GLN H 59 -3.13 -74.79 0.38
C GLN H 59 -2.04 -75.84 0.67
N THR H 60 -1.71 -76.74 -0.26
CA THR H 60 -0.68 -77.77 -0.08
C THR H 60 0.25 -77.54 -1.24
N PRO H 61 1.55 -77.41 -0.99
CA PRO H 61 2.49 -77.27 -2.08
C PRO H 61 2.56 -78.44 -3.03
N ALA H 62 3.09 -78.27 -4.23
CA ALA H 62 3.30 -79.36 -5.16
C ALA H 62 4.74 -79.39 -5.53
N TYR H 63 5.64 -78.98 -4.67
CA TYR H 63 7.03 -78.82 -5.03
C TYR H 63 7.62 -79.98 -5.72
N LEU H 64 7.60 -81.14 -5.12
CA LEU H 64 8.25 -82.30 -5.64
C LEU H 64 7.23 -83.43 -5.67
N ASP H 65 6.08 -83.23 -6.30
CA ASP H 65 5.00 -84.23 -6.41
C ASP H 65 4.61 -84.44 -7.85
N ARG H 66 5.04 -85.52 -8.49
CA ARG H 66 4.82 -85.72 -9.93
C ARG H 66 3.34 -85.72 -10.25
N ASP H 67 2.51 -86.13 -9.31
CA ASP H 67 1.07 -86.13 -9.51
C ASP H 67 0.41 -84.79 -9.73
N ARG H 68 1.09 -83.69 -9.46
CA ARG H 68 0.53 -82.36 -9.61
C ARG H 68 1.26 -81.57 -10.63
N GLU H 69 0.64 -80.57 -11.22
CA GLU H 69 1.22 -79.83 -12.32
C GLU H 69 2.25 -78.80 -12.01
N GLN H 70 2.27 -78.26 -10.81
CA GLN H 70 3.19 -77.19 -10.42
C GLN H 70 4.38 -77.80 -9.74
N ASN H 71 5.11 -78.65 -10.41
CA ASN H 71 6.25 -79.32 -9.88
C ASN H 71 7.50 -78.62 -10.24
N LEU H 72 8.57 -78.77 -9.49
CA LEU H 72 9.86 -78.23 -9.86
C LEU H 72 10.59 -79.34 -10.57
N LEU H 73 9.98 -80.52 -10.68
CA LEU H 73 10.61 -81.69 -11.25
C LEU H 73 10.55 -81.66 -12.71
N HIS H 74 9.69 -80.85 -13.27
CA HIS H 74 9.66 -80.70 -14.70
C HIS H 74 11.01 -80.25 -15.09
N LEU H 75 11.66 -79.41 -14.28
CA LEU H 75 12.96 -78.84 -14.60
C LEU H 75 14.08 -79.80 -14.45
N ASN H 76 13.94 -80.84 -13.66
CA ASN H 76 14.93 -81.88 -13.59
C ASN H 76 14.99 -82.53 -14.93
N ASP H 77 13.86 -82.67 -15.59
CA ASP H 77 13.78 -83.31 -16.89
C ASP H 77 14.12 -82.38 -17.99
N SER H 78 14.10 -81.09 -17.75
CA SER H 78 14.52 -80.11 -18.73
C SER H 78 16.00 -79.89 -18.62
N GLY H 79 16.62 -80.40 -17.59
CA GLY H 79 18.03 -80.25 -17.40
C GLY H 79 18.33 -78.84 -17.07
N ILE H 80 17.77 -78.30 -16.00
CA ILE H 80 18.00 -76.95 -15.58
C ILE H 80 18.03 -76.91 -14.08
N TYR H 81 18.85 -76.05 -13.44
CA TYR H 81 18.87 -75.85 -11.98
C TYR H 81 19.30 -74.46 -11.62
N VAL H 82 18.51 -73.72 -10.85
CA VAL H 82 18.80 -72.36 -10.43
C VAL H 82 19.38 -72.61 -9.06
N PHE H 83 20.24 -71.74 -8.55
CA PHE H 83 20.81 -71.87 -7.22
C PHE H 83 20.08 -70.80 -6.44
N PRO H 84 20.20 -70.75 -5.11
CA PRO H 84 19.51 -69.66 -4.43
C PRO H 84 20.25 -68.34 -4.62
N ALA H 85 19.68 -67.19 -4.24
CA ALA H 85 20.31 -65.88 -4.51
C ALA H 85 21.12 -65.20 -3.42
N GLN H 86 22.38 -64.87 -3.69
CA GLN H 86 23.28 -64.15 -2.80
C GLN H 86 23.01 -62.63 -2.85
N PRO H 87 22.77 -61.93 -1.74
CA PRO H 87 22.62 -60.48 -1.75
C PRO H 87 23.96 -59.76 -1.90
N ILE H 88 24.15 -59.02 -2.99
CA ILE H 88 25.37 -58.26 -3.27
C ILE H 88 25.33 -56.88 -2.65
N HIS H 89 24.16 -56.25 -2.68
CA HIS H 89 23.84 -54.93 -2.13
C HIS H 89 22.38 -54.93 -1.73
N TRP H 90 21.99 -54.51 -0.54
CA TRP H 90 20.60 -54.54 -0.13
C TRP H 90 20.21 -53.44 0.83
N SER H 91 18.91 -53.17 0.87
CA SER H 91 18.28 -52.27 1.82
C SER H 91 16.87 -52.79 2.10
N TYR H 92 16.34 -52.43 3.25
CA TYR H 92 14.98 -52.75 3.66
C TYR H 92 14.17 -51.49 3.83
N GLN H 93 12.92 -51.51 3.38
CA GLN H 93 11.88 -50.58 3.78
C GLN H 93 10.85 -51.31 4.60
N ILE H 94 10.47 -50.75 5.74
CA ILE H 94 9.32 -51.22 6.51
C ILE H 94 8.15 -50.34 6.11
N ASN H 95 7.17 -50.89 5.42
CA ASN H 95 5.98 -50.19 4.95
C ASN H 95 4.72 -50.86 5.46
N THR H 96 3.80 -50.08 6.02
CA THR H 96 2.48 -50.55 6.43
C THR H 96 1.69 -51.01 5.21
N PHE H 97 0.79 -51.97 5.41
CA PHE H 97 -0.28 -52.33 4.49
C PHE H 97 -1.60 -52.49 5.25
N LYS H 98 -2.74 -52.34 4.57
CA LYS H 98 -4.07 -52.33 5.19
C LYS H 98 -5.10 -53.21 4.48
N ALA H 99 -6.22 -53.45 5.15
CA ALA H 99 -7.47 -53.86 4.53
C ALA H 99 -8.30 -52.63 4.12
N ALA H 100 -8.93 -52.64 2.96
CA ALA H 100 -9.79 -51.57 2.48
C ALA H 100 -11.15 -51.56 3.19
N GLN H 101 -11.65 -50.36 3.46
CA GLN H 101 -13.02 -50.12 3.87
C GLN H 101 -13.80 -49.79 2.59
N SER H 102 -14.35 -50.82 1.94
CA SER H 102 -15.13 -50.66 0.71
C SER H 102 -16.49 -50.02 0.97
N ALA H 103 -17.13 -50.37 2.09
CA ALA H 103 -18.35 -49.74 2.55
C ALA H 103 -18.09 -48.32 3.07
N TYR H 104 -19.09 -47.46 3.03
CA TYR H 104 -19.00 -46.11 3.58
C TYR H 104 -18.73 -46.10 5.09
N TYR H 105 -19.24 -47.07 5.84
CA TYR H 105 -19.00 -47.20 7.28
C TYR H 105 -18.01 -48.31 7.62
N GLY H 106 -17.02 -47.98 8.44
CA GLY H 106 -16.02 -48.89 8.94
C GLY H 106 -15.97 -48.92 10.45
N ARG H 107 -15.96 -50.11 11.03
CA ARG H 107 -15.68 -50.38 12.43
C ARG H 107 -14.31 -51.04 12.52
N SER H 108 -13.40 -50.52 13.34
CA SER H 108 -12.18 -51.28 13.66
C SER H 108 -12.57 -52.47 14.52
N VAL H 109 -12.39 -53.69 14.01
CA VAL H 109 -12.76 -54.92 14.70
C VAL H 109 -11.51 -55.62 15.21
N GLN H 110 -11.50 -56.10 16.45
CA GLN H 110 -10.38 -56.86 16.99
C GLN H 110 -10.27 -58.21 16.26
N PHE H 111 -9.06 -58.62 15.92
CA PHE H 111 -8.84 -59.84 15.17
C PHE H 111 -9.22 -61.07 16.01
N GLY H 112 -10.25 -61.81 15.57
CA GLY H 112 -10.76 -62.90 16.39
C GLY H 112 -12.01 -62.50 17.13
N GLY H 113 -12.51 -61.31 16.88
CA GLY H 113 -13.70 -60.85 17.50
C GLY H 113 -14.88 -61.26 16.71
N LYS H 114 -16.01 -60.60 16.90
CA LYS H 114 -17.22 -61.03 16.26
C LYS H 114 -17.23 -60.45 14.88
N GLY H 115 -17.60 -61.24 13.85
CA GLY H 115 -17.46 -60.74 12.49
C GLY H 115 -16.02 -60.76 11.95
N ALA H 116 -15.07 -61.29 12.73
CA ALA H 116 -13.64 -61.35 12.43
C ALA H 116 -13.01 -62.67 12.88
N THR H 117 -13.79 -63.74 12.99
CA THR H 117 -13.42 -64.98 13.71
C THR H 117 -12.54 -65.93 12.89
N LYS H 118 -12.18 -65.56 11.66
CA LYS H 118 -11.46 -66.38 10.68
C LYS H 118 -10.19 -65.68 10.20
N ASN H 119 -9.13 -66.44 9.95
CA ASN H 119 -7.82 -65.93 9.53
C ASN H 119 -7.83 -65.26 8.14
N TYR H 120 -8.00 -63.95 8.10
CA TYR H 120 -7.90 -63.08 6.93
C TYR H 120 -7.21 -61.78 7.29
N PRO H 121 -6.60 -61.05 6.32
CA PRO H 121 -5.98 -59.77 6.56
C PRO H 121 -7.03 -58.67 6.72
N ILE H 122 -7.75 -58.73 7.83
CA ILE H 122 -8.48 -57.63 8.47
C ILE H 122 -7.43 -56.71 9.14
N ASN H 123 -7.79 -55.47 9.47
CA ASN H 123 -6.90 -54.49 10.12
C ASN H 123 -5.66 -54.16 9.27
N TYR H 124 -4.46 -54.16 9.85
CA TYR H 124 -3.22 -53.64 9.29
C TYR H 124 -2.00 -54.45 9.70
N GLY H 125 -0.90 -54.30 8.98
CA GLY H 125 0.38 -54.96 9.27
C GLY H 125 1.53 -54.19 8.66
N ARG H 126 2.76 -54.42 9.10
CA ARG H 126 3.96 -53.79 8.55
C ARG H 126 4.83 -54.82 7.85
N ALA H 127 5.12 -54.61 6.58
CA ALA H 127 5.99 -55.47 5.79
C ALA H 127 7.38 -54.84 5.68
N LYS H 128 8.38 -55.59 6.15
CA LYS H 128 9.79 -55.34 5.91
C LYS H 128 10.15 -55.95 4.56
N GLU H 129 10.07 -55.12 3.53
CA GLU H 129 10.35 -55.44 2.13
C GLU H 129 11.83 -55.22 1.80
N LEU H 130 12.40 -56.02 0.90
CA LEU H 130 13.64 -55.68 0.21
C LEU H 130 13.38 -54.55 -0.77
N ALA H 131 14.22 -53.51 -0.78
CA ALA H 131 13.97 -52.26 -1.46
C ALA H 131 14.57 -52.15 -2.87
N VAL H 132 14.13 -51.16 -3.65
CA VAL H 132 14.63 -50.83 -5.00
C VAL H 132 16.16 -50.69 -5.05
N GLY H 133 16.74 -50.10 -4.00
CA GLY H 133 18.17 -50.11 -3.74
C GLY H 133 18.74 -51.50 -3.39
N SER H 134 18.57 -52.51 -4.24
CA SER H 134 19.16 -53.82 -4.03
C SER H 134 19.48 -54.63 -5.29
N GLU H 135 20.47 -55.49 -5.15
CA GLU H 135 21.12 -56.29 -6.18
C GLU H 135 21.48 -57.66 -5.58
N PHE H 136 21.13 -58.73 -6.27
CA PHE H 136 21.35 -60.13 -5.86
C PHE H 136 21.97 -60.93 -7.00
N LEU H 137 22.68 -62.01 -6.72
CA LEU H 137 23.44 -62.79 -7.69
C LEU H 137 23.05 -64.28 -7.60
N THR H 138 22.73 -64.92 -8.72
CA THR H 138 22.35 -66.33 -8.77
C THR H 138 23.02 -66.94 -9.94
N TYR H 139 22.93 -68.25 -10.09
CA TYR H 139 23.53 -68.95 -11.19
C TYR H 139 22.49 -69.93 -11.63
N ILE H 140 22.41 -70.21 -12.90
CA ILE H 140 21.46 -71.16 -13.44
C ILE H 140 22.42 -72.07 -14.13
N VAL H 141 22.18 -73.36 -14.21
CA VAL H 141 23.12 -74.31 -14.77
C VAL H 141 22.19 -75.09 -15.60
N SER H 142 22.50 -75.40 -16.85
CA SER H 142 21.55 -76.08 -17.68
C SER H 142 22.32 -76.81 -18.67
N GLN H 143 21.70 -77.74 -19.39
CA GLN H 143 22.39 -78.59 -20.33
C GLN H 143 21.99 -78.24 -21.72
N LYS H 144 21.60 -77.00 -21.96
CA LYS H 144 21.10 -76.60 -23.25
C LYS H 144 21.08 -75.10 -23.28
N GLU H 145 21.38 -74.44 -24.40
CA GLU H 145 21.26 -72.98 -24.40
C GLU H 145 19.84 -72.52 -24.08
N LEU H 146 19.69 -71.54 -23.18
CA LEU H 146 18.45 -71.25 -22.47
C LEU H 146 18.03 -69.79 -22.69
N ASP H 147 16.81 -69.58 -23.14
CA ASP H 147 16.22 -68.29 -23.50
C ASP H 147 15.69 -67.54 -22.26
N LEU H 148 16.57 -67.21 -21.33
CA LEU H 148 16.16 -66.67 -20.02
C LEU H 148 15.45 -65.32 -20.12
N PRO H 149 14.34 -65.11 -19.41
CA PRO H 149 13.60 -63.86 -19.45
C PRO H 149 14.36 -62.76 -18.73
N VAL H 150 14.51 -61.60 -19.36
CA VAL H 150 15.21 -60.44 -18.80
C VAL H 150 14.40 -59.65 -17.78
N TRP H 151 13.17 -60.07 -17.51
CA TRP H 151 12.35 -59.64 -16.39
C TRP H 151 11.69 -60.83 -15.70
N ILE H 152 11.69 -60.83 -14.37
CA ILE H 152 10.96 -61.81 -13.56
C ILE H 152 10.13 -61.05 -12.52
N ARG H 153 9.18 -61.75 -11.91
CA ARG H 153 8.43 -61.27 -10.75
C ARG H 153 8.62 -62.19 -9.56
N LEU H 154 8.75 -61.66 -8.35
CA LEU H 154 8.86 -62.43 -7.10
C LEU H 154 7.89 -61.99 -6.00
N GLY H 155 7.54 -62.92 -5.13
CA GLY H 155 7.02 -62.66 -3.79
C GLY H 155 5.56 -62.28 -3.67
N LYS H 156 5.15 -61.98 -2.44
CA LYS H 156 3.81 -61.66 -1.93
C LYS H 156 3.03 -60.63 -2.75
N TRP H 157 3.72 -59.81 -3.54
CA TRP H 157 3.15 -58.71 -4.31
C TRP H 157 3.60 -58.70 -5.79
N SER H 158 4.22 -59.78 -6.27
CA SER H 158 4.60 -60.00 -7.67
C SER H 158 5.42 -58.87 -8.28
N SER H 159 6.56 -58.62 -7.64
CA SER H 159 7.42 -57.43 -7.81
C SER H 159 8.51 -57.64 -8.85
N LYS H 160 8.75 -56.66 -9.73
CA LYS H 160 9.62 -56.74 -10.90
C LYS H 160 11.10 -56.73 -10.56
N ILE H 161 11.83 -57.65 -11.16
CA ILE H 161 13.28 -57.74 -11.13
C ILE H 161 13.81 -57.70 -12.56
N ARG H 162 14.77 -56.83 -12.83
CA ARG H 162 15.59 -56.88 -14.04
C ARG H 162 16.60 -57.99 -13.88
N VAL H 163 16.58 -58.96 -14.76
CA VAL H 163 17.63 -59.97 -14.85
C VAL H 163 18.54 -59.58 -16.00
N GLU H 164 19.79 -59.22 -15.71
CA GLU H 164 20.83 -59.13 -16.72
C GLU H 164 21.77 -60.31 -16.56
N VAL H 165 22.00 -61.01 -17.66
CA VAL H 165 22.53 -62.36 -17.71
C VAL H 165 23.66 -62.47 -18.72
N GLU H 166 24.72 -63.15 -18.33
CA GLU H 166 25.83 -63.55 -19.20
C GLU H 166 26.10 -65.03 -19.05
N ALA H 167 26.30 -65.73 -20.16
CA ALA H 167 26.78 -67.09 -20.14
C ALA H 167 28.28 -67.06 -19.80
N ILE H 168 28.70 -67.79 -18.78
CA ILE H 168 30.10 -67.91 -18.42
C ILE H 168 30.76 -68.83 -19.45
N ALA H 169 31.68 -68.31 -20.26
CA ALA H 169 32.24 -69.03 -21.40
C ALA H 169 33.23 -70.14 -20.98
N PRO H 170 33.45 -71.17 -21.82
CA PRO H 170 34.33 -72.29 -21.48
C PRO H 170 35.80 -71.92 -21.33
N ASP H 171 36.24 -70.74 -21.77
CA ASP H 171 37.60 -70.25 -21.58
C ASP H 171 37.91 -69.80 -20.14
N GLN H 172 36.92 -69.62 -19.27
CA GLN H 172 37.10 -69.03 -17.93
C GLN H 172 36.54 -69.87 -16.77
N ILE H 173 35.67 -70.84 -17.05
CA ILE H 173 35.35 -71.92 -16.11
C ILE H 173 36.37 -73.05 -16.22
N LYS H 174 36.55 -73.82 -15.14
CA LYS H 174 37.24 -75.10 -15.15
C LYS H 174 36.56 -76.09 -14.22
N THR H 175 36.70 -77.39 -14.46
CA THR H 175 36.10 -78.48 -13.67
C THR H 175 37.15 -79.19 -12.80
N ALA H 176 36.81 -79.49 -11.56
CA ALA H 176 37.69 -80.11 -10.58
C ALA H 176 36.90 -80.91 -9.52
N SER H 177 37.60 -81.61 -8.62
CA SER H 177 36.99 -82.39 -7.55
C SER H 177 37.87 -82.44 -6.30
N GLY H 178 37.30 -82.41 -5.11
CA GLY H 178 38.04 -82.30 -3.85
C GLY H 178 37.21 -81.72 -2.72
N VAL H 179 37.84 -80.96 -1.82
CA VAL H 179 37.16 -80.17 -0.78
C VAL H 179 37.15 -78.71 -1.18
N TYR H 180 36.00 -78.06 -1.13
CA TYR H 180 35.83 -76.68 -1.57
C TYR H 180 34.86 -75.89 -0.70
N VAL H 181 35.14 -74.61 -0.48
CA VAL H 181 34.24 -73.66 0.17
C VAL H 181 33.38 -73.01 -0.90
N CYS H 182 32.09 -73.23 -0.83
CA CYS H 182 31.14 -72.86 -1.86
C CYS H 182 30.95 -71.34 -1.93
N ASN H 183 30.76 -70.72 -0.76
CA ASN H 183 30.64 -69.27 -0.59
C ASN H 183 29.41 -68.63 -1.28
N HIS H 184 28.58 -69.38 -2.01
CA HIS H 184 27.28 -68.93 -2.56
C HIS H 184 26.28 -69.62 -1.69
N PRO H 185 24.99 -69.23 -1.75
CA PRO H 185 24.04 -70.01 -0.99
C PRO H 185 23.79 -71.34 -1.64
N LEU H 186 23.27 -72.32 -0.91
CA LEU H 186 23.06 -73.64 -1.43
C LEU H 186 21.98 -74.39 -0.67
N ASN H 187 21.03 -75.02 -1.32
CA ASN H 187 19.86 -75.64 -0.72
C ASN H 187 20.16 -77.10 -0.38
N PRO H 188 20.09 -77.53 0.89
CA PRO H 188 20.44 -78.89 1.25
C PRO H 188 19.51 -79.95 0.67
N LEU H 189 18.27 -79.64 0.31
CA LEU H 189 17.35 -80.60 -0.28
C LEU H 189 17.74 -81.04 -1.69
N ASP H 190 18.51 -80.22 -2.39
CA ASP H 190 18.91 -80.44 -3.78
C ASP H 190 20.28 -81.13 -3.92
N CYS H 191 20.94 -81.43 -2.80
CA CYS H 191 22.23 -82.09 -2.70
C CYS H 191 22.16 -83.58 -3.08
N PRO H 192 22.91 -84.07 -4.10
CA PRO H 192 22.89 -85.46 -4.50
C PRO H 192 23.89 -86.27 -3.68
N ALA H 193 23.87 -87.59 -3.86
CA ALA H 193 25.04 -88.42 -3.61
C ALA H 193 26.19 -88.03 -4.57
N ASN H 194 27.43 -88.32 -4.19
CA ASN H 194 28.64 -87.74 -4.79
C ASN H 194 28.84 -86.24 -4.52
N GLN H 195 28.04 -85.68 -3.62
CA GLN H 195 28.37 -84.49 -2.85
C GLN H 195 28.14 -84.84 -1.39
N GLN H 196 29.00 -84.40 -0.49
CA GLN H 196 28.70 -84.36 0.93
C GLN H 196 29.09 -83.02 1.53
N ILE H 197 28.29 -82.58 2.49
CA ILE H 197 28.42 -81.31 3.18
C ILE H 197 29.23 -81.53 4.44
N LEU H 198 30.40 -80.90 4.56
CA LEU H 198 31.29 -81.10 5.69
C LEU H 198 31.02 -80.07 6.80
N LEU H 199 30.95 -78.80 6.43
CA LEU H 199 30.58 -77.69 7.27
C LEU H 199 29.48 -76.90 6.57
N TYR H 200 28.60 -76.29 7.32
CA TYR H 200 27.66 -75.32 6.82
C TYR H 200 27.30 -74.29 7.87
N ASN H 201 26.96 -73.09 7.41
CA ASN H 201 26.29 -72.03 8.16
C ASN H 201 24.94 -71.81 7.50
N ARG H 202 23.89 -71.63 8.30
CA ARG H 202 22.51 -71.77 7.83
C ARG H 202 21.68 -70.52 8.01
N VAL H 203 20.72 -70.36 7.12
CA VAL H 203 19.73 -69.29 7.13
C VAL H 203 18.38 -69.95 7.24
N VAL H 204 17.76 -69.80 8.40
CA VAL H 204 16.51 -70.47 8.73
C VAL H 204 15.37 -69.73 8.05
N MET H 205 14.64 -70.43 7.20
CA MET H 205 13.76 -69.79 6.23
C MET H 205 12.72 -70.78 5.69
N PRO H 206 11.43 -70.42 5.56
CA PRO H 206 10.48 -71.26 4.85
C PRO H 206 10.78 -71.28 3.34
N PRO H 207 10.45 -72.35 2.60
CA PRO H 207 9.88 -73.60 3.06
C PRO H 207 10.89 -74.53 3.73
N SER H 208 12.18 -74.33 3.45
CA SER H 208 13.30 -75.06 4.03
C SER H 208 14.53 -74.18 4.09
N SER H 209 15.35 -74.35 5.12
CA SER H 209 16.55 -73.58 5.37
C SER H 209 17.61 -73.79 4.29
N LEU H 210 18.33 -72.73 3.97
CA LEU H 210 19.47 -72.75 3.06
C LEU H 210 20.77 -72.71 3.84
N PHE H 211 21.86 -73.09 3.22
CA PHE H 211 23.20 -72.72 3.66
C PHE H 211 23.60 -71.38 3.04
N SER H 212 24.17 -70.45 3.81
CA SER H 212 24.73 -69.19 3.30
C SER H 212 26.21 -69.33 2.94
N GLN H 213 26.87 -70.29 3.56
CA GLN H 213 28.26 -70.68 3.42
C GLN H 213 28.33 -72.16 3.72
N SER H 214 29.14 -72.91 3.00
CA SER H 214 29.35 -74.32 3.22
C SER H 214 30.72 -74.75 2.71
N GLN H 215 31.29 -75.77 3.34
CA GLN H 215 32.41 -76.54 2.83
C GLN H 215 31.87 -77.90 2.40
N LEU H 216 32.13 -78.29 1.17
CA LEU H 216 31.66 -79.52 0.55
C LEU H 216 32.84 -80.39 0.14
N GLN H 217 32.59 -81.69 0.01
CA GLN H 217 33.47 -82.64 -0.66
C GLN H 217 32.75 -83.28 -1.84
N GLY H 218 33.32 -83.15 -3.03
CA GLY H 218 32.71 -83.56 -4.29
C GLY H 218 33.24 -82.78 -5.48
N ASP H 219 32.49 -82.78 -6.58
CA ASP H 219 32.84 -82.14 -7.84
C ASP H 219 32.35 -80.70 -7.95
N TYR H 220 33.10 -79.83 -8.61
CA TYR H 220 32.79 -78.41 -8.72
C TYR H 220 33.35 -77.73 -9.97
N TRP H 221 32.80 -76.53 -10.22
CA TRP H 221 33.26 -75.73 -11.29
C TRP H 221 33.82 -74.45 -10.70
N GLN H 222 35.10 -74.14 -10.86
CA GLN H 222 35.67 -72.84 -10.51
C GLN H 222 35.32 -71.88 -11.65
N ILE H 223 34.23 -71.13 -11.48
CA ILE H 223 33.60 -70.32 -12.54
C ILE H 223 34.23 -68.94 -12.73
N ASP H 224 34.87 -68.43 -11.70
CA ASP H 224 35.88 -67.39 -11.73
C ASP H 224 36.87 -67.69 -10.59
N ARG H 225 38.02 -67.02 -10.55
CA ARG H 225 39.14 -67.37 -9.66
C ARG H 225 38.85 -67.26 -8.16
N ASN H 226 37.62 -66.88 -7.76
CA ASN H 226 37.25 -66.72 -6.38
C ASN H 226 35.81 -67.18 -6.08
N THR H 227 35.18 -68.03 -6.91
CA THR H 227 34.01 -68.79 -6.46
C THR H 227 33.89 -70.18 -7.11
N PHE H 228 33.37 -71.13 -6.33
CA PHE H 228 33.35 -72.55 -6.64
C PHE H 228 31.91 -73.07 -6.53
N LEU H 229 31.28 -73.52 -7.63
CA LEU H 229 29.85 -73.88 -7.62
C LEU H 229 29.59 -75.37 -7.61
N PRO H 230 28.77 -75.85 -6.70
CA PRO H 230 28.58 -77.27 -6.70
C PRO H 230 28.06 -77.90 -7.99
N GLN H 231 28.71 -78.95 -8.52
CA GLN H 231 28.25 -79.63 -9.71
C GLN H 231 27.20 -80.70 -9.39
N GLY H 232 26.20 -80.86 -10.26
CA GLY H 232 25.25 -81.98 -10.21
C GLY H 232 24.04 -81.82 -9.29
N PHE H 233 23.72 -80.61 -8.88
CA PHE H 233 22.58 -80.39 -8.02
C PHE H 233 21.31 -80.41 -8.84
N HIS H 234 20.21 -81.00 -8.34
CA HIS H 234 18.90 -81.04 -9.02
C HIS H 234 17.79 -81.04 -7.98
N TYR H 235 16.59 -80.59 -8.34
CA TYR H 235 15.54 -80.31 -7.37
C TYR H 235 15.08 -81.56 -6.63
N GLY H 236 15.21 -81.54 -5.31
CA GLY H 236 14.78 -82.62 -4.44
C GLY H 236 15.68 -83.86 -4.42
N ALA H 237 16.93 -83.77 -4.85
CA ALA H 237 17.85 -84.91 -4.98
C ALA H 237 18.07 -85.74 -3.71
N THR H 238 17.82 -85.19 -2.53
CA THR H 238 17.89 -85.90 -1.25
C THR H 238 16.72 -86.86 -1.00
N THR H 239 15.60 -86.69 -1.71
CA THR H 239 14.43 -87.60 -1.70
C THR H 239 14.56 -88.73 -2.72
N THR I 2 39.41 -39.97 29.61
CA THR I 2 39.68 -41.18 28.81
C THR I 2 38.65 -41.35 27.70
N THR I 3 38.96 -42.13 26.67
CA THR I 3 37.94 -42.61 25.72
C THR I 3 37.14 -43.78 26.30
N LEU I 4 35.95 -44.04 25.78
CA LEU I 4 35.13 -45.17 26.24
C LEU I 4 35.88 -46.50 26.08
N LEU I 5 36.64 -46.65 25.01
CA LEU I 5 37.44 -47.85 24.77
C LEU I 5 38.56 -48.00 25.80
N GLN I 6 39.29 -46.93 26.13
CA GLN I 6 40.23 -46.95 27.28
C GLN I 6 39.51 -47.34 28.57
N THR I 7 38.36 -46.73 28.84
CA THR I 7 37.61 -46.91 30.09
C THR I 7 37.17 -48.35 30.28
N LEU I 8 36.71 -49.01 29.23
CA LEU I 8 36.30 -50.39 29.29
C LEU I 8 37.50 -51.32 29.42
N LEU I 9 38.57 -51.10 28.64
CA LEU I 9 39.71 -52.01 28.61
C LEU I 9 40.50 -52.05 29.92
N ILE I 10 40.80 -50.91 30.54
CA ILE I 10 41.59 -50.86 31.77
C ILE I 10 40.93 -51.57 32.96
N ARG I 11 39.63 -51.88 32.88
CA ARG I 11 38.92 -52.69 33.88
C ARG I 11 39.26 -54.16 33.80
N THR I 12 39.60 -54.64 32.61
CA THR I 12 39.82 -56.07 32.32
C THR I 12 41.20 -56.56 32.79
N LEU I 13 42.12 -55.65 33.07
CA LEU I 13 43.49 -55.90 33.51
C LEU I 13 43.59 -56.00 35.04
N SER I 14 44.67 -56.60 35.54
CA SER I 14 44.95 -56.87 36.96
C SER I 14 46.42 -56.59 37.27
N GLU I 15 46.68 -55.40 37.79
CA GLU I 15 47.96 -54.66 37.75
C GLU I 15 49.19 -55.41 38.27
N GLN I 16 49.00 -56.37 39.18
CA GLN I 16 50.07 -57.07 39.90
C GLN I 16 51.12 -57.67 38.95
N LYS I 17 50.71 -58.14 37.76
CA LYS I 17 51.64 -58.61 36.71
C LYS I 17 51.10 -58.44 35.30
N ASP I 18 50.47 -57.31 34.99
CA ASP I 18 50.12 -56.94 33.61
C ASP I 18 50.23 -55.44 33.31
N TYR I 19 50.95 -54.70 34.15
CA TYR I 19 51.00 -53.23 34.13
C TYR I 19 51.45 -52.60 32.80
N ILE I 20 52.31 -53.26 32.01
CA ILE I 20 52.82 -52.73 30.74
C ILE I 20 51.71 -52.59 29.69
N LEU I 21 50.76 -53.52 29.65
CA LEU I 21 49.59 -53.43 28.78
C LEU I 21 48.68 -52.29 29.24
N LEU I 22 48.69 -51.97 30.54
CA LEU I 22 47.96 -50.85 31.08
C LEU I 22 48.62 -49.52 30.70
N GLU I 23 49.95 -49.43 30.69
CA GLU I 23 50.65 -48.24 30.19
C GLU I 23 50.25 -47.95 28.74
N TYR I 24 50.03 -48.98 27.92
CA TYR I 24 49.62 -48.82 26.53
C TYR I 24 48.23 -48.20 26.44
N PHE I 25 47.26 -48.72 27.20
CA PHE I 25 45.92 -48.18 27.23
C PHE I 25 45.85 -46.78 27.83
N GLN I 26 46.78 -46.41 28.71
CA GLN I 26 46.87 -45.05 29.22
C GLN I 26 47.37 -44.02 28.20
N THR I 27 48.19 -44.46 27.22
CA THR I 27 48.82 -43.56 26.26
C THR I 27 48.86 -43.84 24.77
N ILE I 28 49.25 -45.03 24.30
CA ILE I 28 49.23 -45.27 22.87
C ILE I 28 47.79 -45.47 22.42
N LEU I 29 46.94 -46.19 23.16
CA LEU I 29 45.57 -46.49 22.68
C LEU I 29 44.76 -45.26 22.23
N PRO I 30 44.66 -44.15 22.98
CA PRO I 30 43.89 -43.00 22.54
C PRO I 30 44.49 -42.31 21.31
N ALA I 31 45.78 -42.45 21.03
CA ALA I 31 46.36 -41.93 19.77
C ALA I 31 46.12 -42.93 18.65
N LEU I 32 46.07 -44.20 18.96
CA LEU I 32 45.88 -45.24 17.96
C LEU I 32 44.54 -45.08 17.23
N GLU I 33 43.44 -44.91 17.97
CA GLU I 33 42.11 -44.73 17.41
C GLU I 33 41.85 -43.35 16.79
N GLU I 34 42.77 -42.40 16.93
CA GLU I 34 42.78 -41.15 16.17
C GLU I 34 43.31 -41.37 14.74
N HIS I 35 44.46 -42.02 14.59
CA HIS I 35 45.09 -42.22 13.28
C HIS I 35 44.54 -43.42 12.53
N PHE I 36 44.30 -44.53 13.19
CA PHE I 36 43.92 -45.80 12.57
C PHE I 36 42.42 -46.12 12.65
N GLY I 37 41.63 -45.34 13.38
CA GLY I 37 40.25 -45.69 13.73
C GLY I 37 39.25 -45.62 12.57
N ASN I 38 39.57 -44.85 11.53
CA ASN I 38 38.78 -44.70 10.30
C ASN I 38 39.65 -44.88 9.04
N ASP I 75 34.26 -54.97 5.57
CA ASP I 75 35.36 -54.17 6.09
C ASP I 75 35.78 -54.48 7.55
N GLN I 76 36.85 -53.81 7.99
CA GLN I 76 37.54 -53.88 9.28
C GLN I 76 38.20 -52.52 9.56
N THR I 77 38.46 -52.16 10.81
CA THR I 77 39.21 -50.96 11.18
C THR I 77 40.57 -51.31 11.75
N LEU I 78 41.60 -50.56 11.37
CA LEU I 78 43.00 -50.87 11.71
C LEU I 78 43.28 -50.73 13.21
N ALA I 79 42.55 -49.86 13.92
CA ALA I 79 42.63 -49.79 15.37
C ALA I 79 42.12 -51.06 16.05
N ALA I 80 41.02 -51.66 15.56
CA ALA I 80 40.49 -52.89 16.14
C ALA I 80 41.33 -54.11 15.77
N HIS I 81 41.95 -54.11 14.59
CA HIS I 81 42.93 -55.13 14.23
C HIS I 81 44.12 -55.09 15.19
N ILE I 82 44.74 -53.92 15.41
CA ILE I 82 45.91 -53.79 16.29
C ILE I 82 45.56 -54.08 17.74
N LEU I 83 44.39 -53.65 18.23
CA LEU I 83 43.99 -53.95 19.60
C LEU I 83 43.80 -55.45 19.81
N ASN I 84 43.10 -56.15 18.92
CA ASN I 84 42.95 -57.60 19.05
C ASN I 84 44.28 -58.34 18.87
N ALA I 85 45.14 -57.87 17.96
CA ALA I 85 46.46 -58.45 17.77
C ALA I 85 47.32 -58.30 19.03
N LEU I 86 47.40 -57.10 19.60
CA LEU I 86 48.12 -56.83 20.85
C LEU I 86 47.66 -57.77 21.94
N LEU I 87 46.36 -57.79 22.21
CA LEU I 87 45.77 -58.60 23.27
C LEU I 87 45.97 -60.08 23.06
N THR I 88 45.79 -60.60 21.85
CA THR I 88 46.00 -62.02 21.59
C THR I 88 47.45 -62.40 21.80
N THR I 89 48.43 -61.60 21.37
CA THR I 89 49.85 -61.92 21.66
C THR I 89 50.15 -61.87 23.14
N TRP I 90 49.53 -60.96 23.89
CA TRP I 90 49.67 -60.91 25.33
C TRP I 90 49.09 -62.16 25.98
N ASN I 91 47.95 -62.69 25.51
CA ASN I 91 47.38 -63.92 26.02
C ASN I 91 48.22 -65.15 25.65
N VAL I 92 48.87 -65.17 24.48
CA VAL I 92 49.81 -66.24 24.09
C VAL I 92 51.06 -66.20 24.96
N MET I 93 51.58 -65.01 25.23
CA MET I 93 52.73 -64.78 26.10
C MET I 93 52.56 -65.41 27.49
N GLN I 94 51.37 -65.42 28.07
CA GLN I 94 51.15 -65.99 29.40
C GLN I 94 51.46 -67.49 29.50
N GLU I 95 51.50 -68.22 28.38
CA GLU I 95 51.78 -69.66 28.39
C GLU I 95 53.27 -70.00 28.33
N LEU I 96 54.11 -69.07 27.90
CA LEU I 96 55.56 -69.30 27.77
C LEU I 96 56.16 -69.77 29.11
N GLU I 97 57.02 -70.79 29.07
CA GLU I 97 57.53 -71.44 30.30
C GLU I 97 58.65 -70.66 31.00
N PHE I 98 59.21 -69.67 30.30
CA PHE I 98 60.06 -68.61 30.85
C PHE I 98 59.40 -67.24 30.61
N PRO I 99 59.46 -66.30 31.55
CA PRO I 99 58.87 -64.99 31.38
C PRO I 99 59.71 -64.15 30.42
N LEU I 100 59.06 -63.58 29.41
CA LEU I 100 59.69 -62.61 28.51
C LEU I 100 60.17 -61.39 29.30
N ASN I 101 61.36 -60.86 29.00
CA ASN I 101 61.95 -59.74 29.72
C ASN I 101 61.09 -58.47 29.65
N ASP I 102 61.08 -57.68 30.72
CA ASP I 102 60.25 -56.48 30.78
C ASP I 102 60.58 -55.40 29.72
N ILE I 103 61.81 -55.38 29.22
CA ILE I 103 62.17 -54.58 28.05
C ILE I 103 61.59 -55.14 26.74
N GLU I 104 61.57 -56.46 26.57
CA GLU I 104 61.07 -57.11 25.38
C GLU I 104 59.55 -57.06 25.24
N ARG I 105 58.80 -57.10 26.35
CA ARG I 105 57.35 -56.86 26.36
C ARG I 105 57.01 -55.51 25.74
N ARG I 106 57.84 -54.50 25.98
CA ARG I 106 57.66 -53.18 25.36
C ARG I 106 57.92 -53.21 23.86
N LEU I 107 58.88 -54.00 23.39
CA LEU I 107 59.14 -54.17 21.97
C LEU I 107 57.96 -54.83 21.25
N LEU I 108 57.30 -55.79 21.88
CA LEU I 108 56.12 -56.45 21.33
C LEU I 108 54.98 -55.45 21.16
N CYS I 109 54.69 -54.68 22.23
CA CYS I 109 53.66 -53.68 22.25
C CYS I 109 53.89 -52.59 21.19
N LEU I 110 55.11 -52.16 20.94
CA LEU I 110 55.35 -51.15 19.89
C LEU I 110 55.35 -51.79 18.51
N GLY I 111 56.06 -52.90 18.32
CA GLY I 111 56.20 -53.54 17.01
C GLY I 111 54.86 -53.92 16.41
N ILE I 112 53.93 -54.43 17.22
CA ILE I 112 52.60 -54.83 16.77
C ILE I 112 51.71 -53.65 16.36
N THR I 113 52.06 -52.41 16.71
CA THR I 113 51.34 -51.23 16.24
C THR I 113 51.83 -50.72 14.90
N LEU I 114 53.13 -50.87 14.64
CA LEU I 114 53.76 -50.38 13.43
C LEU I 114 53.53 -51.29 12.21
N HIS I 115 53.09 -52.53 12.45
CA HIS I 115 53.03 -53.59 11.43
C HIS I 115 52.14 -53.31 10.21
N ASP I 116 51.28 -52.29 10.19
CA ASP I 116 50.38 -52.01 9.06
C ASP I 116 51.03 -51.17 7.94
N TYR I 117 52.24 -50.66 8.13
CA TYR I 117 53.09 -50.07 7.09
C TYR I 117 54.38 -50.88 6.89
N ILE I 134 67.45 -49.68 5.04
CA ILE I 134 66.51 -49.66 6.16
C ILE I 134 66.34 -48.24 6.73
N GLN I 135 67.25 -47.31 6.44
CA GLN I 135 67.10 -45.91 6.82
C GLN I 135 65.85 -45.26 6.22
N GLU I 136 65.40 -45.75 5.05
CA GLU I 136 64.15 -45.37 4.40
C GLU I 136 62.87 -45.80 5.16
N ILE I 137 62.97 -46.70 6.17
CA ILE I 137 61.86 -47.11 7.05
C ILE I 137 62.05 -46.71 8.52
N ILE I 138 63.28 -46.56 9.02
CA ILE I 138 63.48 -46.01 10.37
C ILE I 138 62.90 -44.59 10.49
N ASN I 139 62.90 -43.78 9.43
CA ASN I 139 62.21 -42.48 9.46
C ASN I 139 60.67 -42.60 9.47
N ILE I 140 60.07 -43.61 8.81
CA ILE I 140 58.61 -43.82 8.87
C ILE I 140 58.18 -44.36 10.23
N CYS I 141 59.11 -44.96 10.98
CA CYS I 141 58.92 -45.30 12.38
C CYS I 141 59.04 -44.06 13.29
N LEU I 142 60.00 -43.16 13.07
CA LEU I 142 60.08 -41.89 13.79
C LEU I 142 58.81 -41.04 13.65
N GLU I 143 58.31 -40.84 12.43
CA GLU I 143 57.14 -39.97 12.21
C GLU I 143 55.91 -40.54 12.93
N LEU I 144 55.70 -41.85 12.79
CA LEU I 144 54.50 -42.50 13.27
C LEU I 144 54.52 -42.74 14.76
N GLY I 145 55.70 -42.92 15.34
CA GLY I 145 55.81 -43.12 16.75
C GLY I 145 55.44 -41.91 17.54
N LYS I 146 55.95 -40.76 17.14
CA LYS I 146 55.64 -39.54 17.85
C LYS I 146 54.18 -39.15 17.66
N ARG I 147 53.61 -39.41 16.50
CA ARG I 147 52.18 -39.17 16.32
C ARG I 147 51.44 -40.05 17.29
N LEU I 148 51.87 -41.31 17.45
CA LEU I 148 51.20 -42.29 18.33
C LEU I 148 51.64 -42.24 19.78
N ASN I 149 52.39 -41.23 20.16
CA ASN I 149 52.81 -41.05 21.53
C ASN I 149 53.50 -42.24 22.09
N PHE I 150 54.50 -42.74 21.37
CA PHE I 150 55.29 -43.84 21.88
C PHE I 150 56.12 -43.32 23.00
N ASP I 151 56.44 -42.05 22.99
CA ASP I 151 57.26 -41.44 24.02
C ASP I 151 56.75 -41.72 25.39
N GLU I 152 55.45 -41.61 25.58
CA GLU I 152 54.88 -41.78 26.90
C GLU I 152 54.86 -43.23 27.37
N PHE I 153 54.91 -44.19 26.47
CA PHE I 153 54.99 -45.60 26.83
C PHE I 153 56.38 -45.69 27.43
N TRP I 154 57.47 -45.49 26.67
CA TRP I 154 58.81 -45.34 27.25
C TRP I 154 59.60 -44.32 26.41
N ALA I 155 60.21 -43.33 27.07
CA ALA I 155 61.03 -42.31 26.40
C ALA I 155 62.21 -42.95 25.65
N ASP I 156 62.68 -44.08 26.15
CA ASP I 156 63.82 -44.86 25.67
C ASP I 156 63.64 -45.40 24.24
N TRP I 157 62.43 -45.44 23.70
CA TRP I 157 62.07 -46.19 22.50
C TRP I 157 62.94 -45.88 21.28
N ARG I 158 63.39 -44.63 21.13
CA ARG I 158 64.21 -44.19 20.00
C ARG I 158 65.59 -44.86 19.99
N ASP I 159 66.06 -45.37 21.13
CA ASP I 159 67.26 -46.20 21.23
C ASP I 159 67.06 -47.54 20.52
N TYR I 160 65.94 -48.20 20.82
CA TYR I 160 65.52 -49.49 20.32
C TYR I 160 64.78 -49.40 18.97
N ILE I 161 64.80 -48.24 18.29
CA ILE I 161 64.03 -48.06 17.05
C ILE I 161 64.46 -49.01 15.93
N ALA I 162 65.71 -49.45 15.95
CA ALA I 162 66.21 -50.43 15.01
C ALA I 162 65.46 -51.75 15.17
N GLU I 163 65.32 -52.25 16.38
CA GLU I 163 64.55 -53.44 16.73
C GLU I 163 63.04 -53.23 16.51
N ILE I 164 62.50 -52.10 16.96
CA ILE I 164 61.06 -51.80 16.88
C ILE I 164 60.61 -51.70 15.42
N SER I 165 61.48 -51.23 14.53
CA SER I 165 61.23 -51.25 13.08
C SER I 165 61.51 -52.62 12.47
N TYR I 166 62.45 -53.41 12.99
CA TYR I 166 62.74 -54.77 12.54
C TYR I 166 61.62 -55.76 12.89
N LEU I 167 60.98 -55.61 14.04
CA LEU I 167 59.84 -56.43 14.44
C LEU I 167 58.57 -56.08 13.64
N ALA I 168 58.48 -54.89 13.07
CA ALA I 168 57.33 -54.40 12.35
C ALA I 168 57.35 -54.63 10.82
N GLN I 169 58.52 -54.93 10.22
CA GLN I 169 58.64 -55.37 8.82
C GLN I 169 58.28 -56.83 8.63
N TRP I 184 68.27 -60.22 6.06
CA TRP I 184 68.44 -58.99 6.84
C TRP I 184 69.90 -58.57 6.97
N SER I 185 70.12 -57.28 7.24
CA SER I 185 71.42 -56.69 7.57
C SER I 185 71.22 -55.53 8.54
N ASN I 186 72.25 -55.14 9.30
CA ASN I 186 72.13 -54.06 10.28
C ASN I 186 72.04 -52.63 9.67
N ALA I 187 72.50 -52.41 8.44
CA ALA I 187 72.44 -51.11 7.73
C ALA I 187 73.05 -49.90 8.50
N GLY I 188 73.93 -50.15 9.48
CA GLY I 188 74.49 -49.14 10.39
C GLY I 188 73.67 -48.88 11.67
N TYR I 189 72.71 -49.75 11.97
CA TYR I 189 71.82 -49.72 13.14
C TYR I 189 71.90 -51.08 13.88
N PRO I 190 72.89 -51.31 14.75
CA PRO I 190 73.07 -52.59 15.46
C PRO I 190 72.01 -52.82 16.55
N PHE I 191 71.53 -54.04 16.69
CA PHE I 191 70.51 -54.41 17.70
C PHE I 191 71.10 -54.35 19.11
N THR I 192 70.34 -53.80 20.06
CA THR I 192 70.70 -53.66 21.49
C THR I 192 70.37 -54.93 22.26
N ILE I 193 69.24 -55.57 21.96
CA ILE I 193 68.80 -56.81 22.61
C ILE I 193 69.80 -57.93 22.29
N LYS I 194 70.22 -58.66 23.34
CA LYS I 194 71.53 -59.32 23.39
C LYS I 194 71.85 -60.25 22.23
N GLU I 195 70.91 -61.11 21.84
CA GLU I 195 71.14 -62.21 20.90
C GLU I 195 69.80 -62.64 20.28
N ARG I 196 69.79 -63.29 19.10
CA ARG I 196 68.53 -63.56 18.39
C ARG I 196 67.63 -64.59 19.10
N LYS I 197 68.10 -65.19 20.19
CA LYS I 197 67.32 -65.94 21.18
C LYS I 197 66.25 -65.12 21.92
N LEU I 198 66.37 -63.78 21.92
CA LEU I 198 65.32 -62.87 22.39
C LEU I 198 64.44 -62.36 21.23
N ASP I 199 64.97 -62.24 20.01
CA ASP I 199 64.14 -62.07 18.81
C ASP I 199 63.28 -63.30 18.46
N HIS I 200 63.67 -64.50 18.91
CA HIS I 200 62.90 -65.74 18.80
C HIS I 200 61.48 -65.63 19.37
N PRO I 201 61.27 -65.46 20.69
CA PRO I 201 59.93 -65.37 21.23
C PRO I 201 59.23 -64.13 20.69
N LEU I 202 59.91 -62.98 20.55
CA LEU I 202 59.29 -61.76 20.06
C LEU I 202 58.66 -61.93 18.68
N ARG I 203 59.41 -62.47 17.71
CA ARG I 203 58.95 -62.63 16.34
C ARG I 203 57.87 -63.71 16.22
N HIS I 204 57.96 -64.79 16.99
CA HIS I 204 56.95 -65.84 16.96
C HIS I 204 55.67 -65.41 17.69
N LEU I 205 55.74 -64.62 18.77
CA LEU I 205 54.58 -63.98 19.38
C LEU I 205 53.89 -63.07 18.38
N LEU I 206 54.62 -62.15 17.76
CA LEU I 206 54.04 -61.13 16.91
C LEU I 206 53.34 -61.75 15.69
N THR I 207 53.93 -62.78 15.10
CA THR I 207 53.37 -63.44 13.92
C THR I 207 52.20 -64.37 14.24
N PHE I 208 52.00 -64.76 15.51
CA PHE I 208 50.85 -65.53 15.95
C PHE I 208 49.60 -64.66 16.06
N GLY I 209 49.71 -63.51 16.72
CA GLY I 209 48.59 -62.57 16.82
C GLY I 209 48.08 -62.13 15.46
N ASP I 210 48.96 -61.73 14.55
CA ASP I 210 48.59 -61.29 13.21
C ASP I 210 48.26 -62.45 12.23
N VAL I 211 47.83 -63.60 12.75
CA VAL I 211 47.06 -64.59 11.97
C VAL I 211 45.85 -65.10 12.74
N ALA I 212 45.94 -65.22 14.08
CA ALA I 212 44.82 -65.58 14.92
C ALA I 212 43.65 -64.60 14.77
N VAL I 213 43.92 -63.30 14.65
CA VAL I 213 42.89 -62.29 14.45
C VAL I 213 42.31 -62.24 13.04
N HIS I 214 42.79 -63.08 12.10
CA HIS I 214 42.28 -63.15 10.72
C HIS I 214 41.43 -64.39 10.45
N LEU I 215 41.26 -65.28 11.43
CA LEU I 215 40.28 -66.37 11.40
C LEU I 215 38.86 -65.79 11.31
N SER I 216 37.91 -66.51 10.70
CA SER I 216 36.53 -66.07 10.45
C SER I 216 35.44 -66.90 11.15
N SER I 217 35.75 -68.13 11.54
CA SER I 217 34.87 -69.07 12.26
C SER I 217 35.72 -69.97 13.16
N PRO I 218 35.23 -70.57 14.25
CA PRO I 218 36.02 -71.48 15.09
C PRO I 218 36.60 -72.66 14.34
N HIS I 219 35.98 -73.08 13.24
CA HIS I 219 36.46 -74.16 12.39
C HIS I 219 37.73 -73.83 11.60
N ASP I 220 38.08 -72.56 11.45
CA ASP I 220 39.24 -72.14 10.65
C ASP I 220 40.61 -72.54 11.25
N LEU I 221 40.63 -73.22 12.40
CA LEU I 221 41.85 -73.84 12.95
C LEU I 221 41.94 -75.34 12.66
N VAL I 222 40.84 -76.03 12.35
CA VAL I 222 40.85 -77.40 11.78
C VAL I 222 40.81 -77.38 10.25
N SER I 223 40.15 -76.40 9.63
CA SER I 223 40.32 -76.10 8.21
C SER I 223 41.73 -75.53 7.93
N SER I 224 42.39 -76.01 6.87
CA SER I 224 43.85 -75.89 6.67
C SER I 224 44.37 -74.45 6.50
N THR I 225 43.53 -73.52 6.06
CA THR I 225 43.93 -72.21 5.47
C THR I 225 44.82 -71.34 6.37
N MET I 226 44.59 -71.35 7.68
CA MET I 226 45.35 -70.58 8.68
C MET I 226 45.75 -71.41 9.90
N GLY I 227 45.10 -72.56 10.13
CA GLY I 227 45.31 -73.38 11.30
C GLY I 227 46.63 -74.13 11.32
N ASP I 228 47.17 -74.50 10.17
CA ASP I 228 48.42 -75.26 10.09
C ASP I 228 49.57 -74.48 10.73
N ARG I 229 49.72 -73.22 10.34
CA ARG I 229 50.78 -72.33 10.85
C ARG I 229 50.60 -71.95 12.31
N LEU I 230 49.38 -71.94 12.83
CA LEU I 230 49.17 -71.71 14.26
C LEU I 230 49.74 -72.85 15.12
N ARG I 231 49.73 -74.10 14.65
CA ARG I 231 50.35 -75.22 15.37
C ARG I 231 51.87 -75.18 15.34
N ASP I 232 52.50 -74.97 14.18
CA ASP I 232 53.96 -74.95 14.13
C ASP I 232 54.56 -73.70 14.79
N LEU I 233 53.84 -72.59 14.85
CA LEU I 233 54.16 -71.47 15.73
C LEU I 233 54.12 -71.90 17.20
N LEU I 234 53.06 -72.59 17.65
CA LEU I 234 52.93 -72.94 19.09
C LEU I 234 54.01 -73.94 19.46
N ASN I 235 54.33 -74.86 18.57
CA ASN I 235 55.43 -75.80 18.76
C ASN I 235 56.79 -75.10 18.87
N ARG I 236 57.07 -74.11 18.02
CA ARG I 236 58.29 -73.29 18.11
C ARG I 236 58.34 -72.44 19.39
N LEU I 237 57.18 -72.09 19.95
CA LEU I 237 57.04 -71.50 21.28
C LEU I 237 57.13 -72.52 22.42
N GLY I 238 57.11 -73.82 22.13
CA GLY I 238 57.35 -74.88 23.11
C GLY I 238 56.21 -75.09 24.10
N ILE I 239 55.01 -74.67 23.69
CA ILE I 239 53.87 -74.69 24.58
C ILE I 239 53.28 -76.02 24.26
N GLU I 240 52.76 -76.68 25.26
CA GLU I 240 52.21 -77.99 25.10
C GLU I 240 50.76 -77.86 25.38
N LYS I 241 50.10 -76.99 24.62
CA LYS I 241 48.70 -76.83 24.75
C LYS I 241 48.27 -77.12 23.39
N ARG I 242 46.98 -77.34 23.21
CA ARG I 242 46.43 -77.68 21.94
C ARG I 242 45.22 -76.82 21.63
N PHE I 243 45.04 -76.42 20.39
CA PHE I 243 43.81 -75.73 20.02
C PHE I 243 42.60 -76.66 20.02
N VAL I 244 41.52 -76.20 20.64
CA VAL I 244 40.20 -76.85 20.68
C VAL I 244 39.12 -75.80 20.49
N TYR I 245 37.94 -76.16 19.99
CA TYR I 245 36.85 -75.21 19.79
C TYR I 245 35.52 -75.71 20.33
N HIS I 246 34.59 -74.77 20.50
CA HIS I 246 33.16 -75.02 20.43
C HIS I 246 32.52 -74.08 19.43
N HIS I 247 31.50 -74.55 18.73
CA HIS I 247 30.72 -73.75 17.79
C HIS I 247 29.23 -74.06 17.98
N LEU I 248 28.36 -73.07 17.83
CA LEU I 248 26.90 -73.23 17.91
C LEU I 248 26.27 -72.54 16.72
N ARG I 249 25.82 -73.33 15.76
CA ARG I 249 25.48 -72.88 14.39
C ARG I 249 24.22 -72.03 14.27
N ASP I 250 23.39 -71.91 15.31
CA ASP I 250 21.96 -71.55 15.17
C ASP I 250 21.50 -70.28 15.91
N THR I 251 22.36 -69.69 16.75
CA THR I 251 22.37 -68.27 17.14
C THR I 251 21.10 -67.63 17.74
N THR I 252 20.20 -68.37 18.36
CA THR I 252 19.00 -67.82 19.05
C THR I 252 19.31 -67.09 20.36
N GLY I 253 19.69 -65.82 20.27
CA GLY I 253 19.65 -64.83 21.36
C GLY I 253 20.21 -65.24 22.73
N ILE I 254 19.45 -65.03 23.81
CA ILE I 254 19.90 -65.29 25.18
C ILE I 254 20.15 -66.78 25.41
N LEU I 255 19.35 -67.67 24.85
CA LEU I 255 19.52 -69.11 24.94
C LEU I 255 20.86 -69.56 24.34
N SER I 256 21.26 -68.96 23.21
CA SER I 256 22.56 -69.14 22.60
C SER I 256 23.69 -68.64 23.51
N ASN I 257 23.54 -67.48 24.15
CA ASN I 257 24.50 -66.96 25.12
C ASN I 257 24.63 -67.88 26.34
N ALA I 258 23.52 -68.39 26.86
CA ALA I 258 23.50 -69.31 27.98
C ALA I 258 24.19 -70.62 27.62
N ILE I 259 23.90 -71.20 26.46
CA ILE I 259 24.56 -72.43 26.01
C ILE I 259 26.06 -72.21 25.96
N HIS I 260 26.52 -71.15 25.31
CA HIS I 260 27.94 -70.80 25.24
C HIS I 260 28.61 -70.66 26.60
N ASN I 261 28.00 -69.93 27.52
CA ASN I 261 28.63 -69.67 28.79
C ASN I 261 28.57 -70.88 29.73
N VAL I 262 27.64 -71.81 29.55
CA VAL I 262 27.69 -73.09 30.26
C VAL I 262 28.78 -74.00 29.72
N ILE I 263 29.09 -73.96 28.42
CA ILE I 263 30.22 -74.73 27.90
C ILE I 263 31.53 -74.17 28.44
N LEU I 264 31.69 -72.85 28.47
CA LEU I 264 32.83 -72.18 29.10
C LEU I 264 32.99 -72.58 30.57
N ARG I 265 31.93 -72.45 31.37
CA ARG I 265 31.95 -72.80 32.80
C ARG I 265 32.25 -74.26 33.04
N THR I 266 31.93 -75.13 32.09
CA THR I 266 32.25 -76.57 32.14
C THR I 266 33.72 -76.83 31.81
N VAL I 267 34.23 -76.32 30.69
CA VAL I 267 35.54 -76.69 30.18
C VAL I 267 36.70 -76.09 30.96
N GLN I 268 36.50 -74.99 31.68
CA GLN I 268 37.56 -74.46 32.55
C GLN I 268 37.96 -75.44 33.66
N LYS I 269 37.11 -76.41 34.01
CA LYS I 269 37.42 -77.42 35.01
C LYS I 269 38.41 -78.46 34.45
N LEU I 270 38.50 -78.57 33.12
CA LEU I 270 39.52 -79.31 32.39
C LEU I 270 40.81 -78.51 32.16
N ASP I 271 40.96 -77.34 32.78
CA ASP I 271 42.04 -76.38 32.57
C ASP I 271 42.12 -75.84 31.12
N TRP I 272 41.02 -75.85 30.37
CA TRP I 272 40.95 -75.08 29.13
C TRP I 272 40.94 -73.58 29.46
N LYS I 273 41.47 -72.74 28.53
CA LYS I 273 41.51 -71.27 28.68
C LYS I 273 41.20 -70.64 27.33
N PRO I 274 40.12 -69.87 27.16
CA PRO I 274 39.74 -69.35 25.87
C PRO I 274 40.78 -68.35 25.37
N LEU I 275 41.06 -68.38 24.09
CA LEU I 275 42.09 -67.58 23.43
C LEU I 275 41.49 -66.62 22.40
N LEU I 276 40.43 -67.03 21.71
CA LEU I 276 39.74 -66.23 20.71
C LEU I 276 38.24 -66.46 20.86
N PHE I 277 37.46 -65.42 20.66
CA PHE I 277 36.01 -65.45 20.65
C PHE I 277 35.48 -64.98 19.29
N PHE I 278 34.39 -65.60 18.86
CA PHE I 278 33.68 -65.41 17.61
C PHE I 278 32.19 -65.30 17.93
N ALA I 279 31.38 -64.82 16.99
CA ALA I 279 29.96 -64.64 17.24
C ALA I 279 29.20 -65.94 17.51
N GLN I 280 29.70 -67.07 16.99
CA GLN I 280 29.13 -68.41 17.15
C GLN I 280 30.03 -69.36 17.96
N GLY I 281 31.10 -68.93 18.62
CA GLY I 281 31.98 -69.88 19.32
C GLY I 281 33.28 -69.32 19.89
N VAL I 282 34.14 -70.24 20.33
CA VAL I 282 35.41 -69.97 21.01
C VAL I 282 36.48 -70.92 20.51
N ILE I 283 37.74 -70.47 20.46
CA ILE I 283 38.93 -71.31 20.39
C ILE I 283 39.68 -71.23 21.72
N TYR I 284 40.12 -72.37 22.22
CA TYR I 284 40.76 -72.58 23.52
C TYR I 284 42.17 -73.14 23.38
N PHE I 285 43.02 -72.82 24.38
CA PHE I 285 44.35 -73.43 24.48
C PHE I 285 43.87 -74.37 25.52
N ALA I 286 44.12 -75.65 25.38
CA ALA I 286 43.64 -76.66 26.29
C ALA I 286 44.73 -77.63 26.40
N PRO I 287 44.79 -78.36 27.51
CA PRO I 287 45.95 -79.25 27.55
C PRO I 287 45.96 -80.35 26.47
N GLN I 288 47.12 -80.89 26.13
CA GLN I 288 47.23 -81.99 25.12
C GLN I 288 46.73 -83.39 25.58
N ASP I 289 46.68 -83.68 26.87
CA ASP I 289 46.25 -84.94 27.46
C ASP I 289 44.83 -84.90 28.06
N THR I 290 43.92 -84.07 27.53
CA THR I 290 42.52 -83.96 28.03
C THR I 290 41.51 -84.65 27.13
N GLU I 291 40.52 -85.28 27.76
CA GLU I 291 39.33 -85.81 27.11
C GLU I 291 38.41 -84.68 26.68
N ILE I 292 37.90 -84.69 25.46
CA ILE I 292 36.80 -83.80 25.05
C ILE I 292 35.53 -84.20 25.80
N PRO I 293 34.71 -83.27 26.30
CA PRO I 293 33.56 -83.63 27.10
C PRO I 293 32.49 -84.35 26.27
N GLU I 294 31.87 -85.36 26.86
CA GLU I 294 30.94 -86.25 26.19
C GLU I 294 29.64 -85.52 25.81
N ARG I 295 29.15 -85.79 24.60
CA ARG I 295 27.91 -85.23 24.04
C ARG I 295 26.74 -85.42 24.98
N ASN I 296 26.51 -86.63 25.47
CA ASN I 296 25.43 -86.91 26.42
C ASN I 296 25.60 -86.23 27.78
N GLU I 297 26.79 -85.78 28.14
CA GLU I 297 27.04 -85.07 29.40
C GLU I 297 26.84 -83.57 29.25
N ILE I 298 27.39 -82.91 28.24
CA ILE I 298 27.17 -81.45 28.12
C ILE I 298 25.73 -81.12 27.76
N LYS I 299 24.98 -82.06 27.16
CA LYS I 299 23.52 -81.98 27.07
C LYS I 299 22.86 -81.88 28.44
N GLN I 300 23.13 -82.79 29.38
CA GLN I 300 22.45 -82.74 30.68
C GLN I 300 22.93 -81.56 31.54
N ILE I 301 24.20 -81.16 31.42
CA ILE I 301 24.73 -79.98 32.10
C ILE I 301 24.04 -78.72 31.59
N VAL I 302 23.96 -78.51 30.27
CA VAL I 302 23.39 -77.27 29.71
C VAL I 302 21.89 -77.19 29.83
N TRP I 303 21.17 -78.32 29.85
CA TRP I 303 19.78 -78.27 30.22
C TRP I 303 19.59 -77.88 31.68
N GLN I 304 20.31 -78.50 32.62
CA GLN I 304 20.19 -78.15 34.03
C GLN I 304 20.53 -76.69 34.29
N GLY I 305 21.52 -76.14 33.60
CA GLY I 305 21.87 -74.73 33.69
C GLY I 305 20.72 -73.82 33.31
N ILE I 306 20.17 -73.97 32.10
CA ILE I 306 19.08 -73.11 31.63
C ILE I 306 17.80 -73.34 32.41
N SER I 307 17.48 -74.59 32.75
CA SER I 307 16.24 -74.93 33.41
C SER I 307 16.20 -74.54 34.88
N GLN I 308 17.31 -74.58 35.60
CA GLN I 308 17.40 -74.01 36.94
C GLN I 308 17.46 -72.48 36.91
N GLU I 309 18.20 -71.83 36.00
CA GLU I 309 18.24 -70.36 36.00
C GLU I 309 16.87 -69.78 35.68
N LEU I 310 16.12 -70.33 34.72
CA LEU I 310 14.74 -69.90 34.46
C LEU I 310 13.79 -70.37 35.57
N GLY I 311 14.08 -71.51 36.18
CA GLY I 311 13.34 -72.07 37.31
C GLY I 311 13.22 -71.12 38.48
N LYS I 312 14.35 -70.59 38.97
CA LYS I 312 14.36 -69.65 40.09
C LYS I 312 13.65 -68.33 39.78
N LYS I 313 13.63 -67.92 38.51
CA LYS I 313 12.92 -66.74 38.05
C LYS I 313 11.41 -66.93 38.06
N MET I 314 10.89 -68.06 37.57
CA MET I 314 9.47 -68.39 37.71
C MET I 314 9.07 -68.57 39.17
N SER I 315 9.94 -69.13 39.99
CA SER I 315 9.70 -69.28 41.42
C SER I 315 9.60 -67.93 42.13
N ALA I 316 10.36 -66.92 41.72
CA ALA I 316 10.23 -65.54 42.19
C ALA I 316 9.06 -64.78 41.57
N GLY I 317 8.49 -65.27 40.48
CA GLY I 317 7.26 -64.79 39.85
C GLY I 317 7.43 -63.74 38.75
N ASP I 318 8.64 -63.35 38.36
CA ASP I 318 8.83 -62.28 37.37
C ASP I 318 8.66 -62.73 35.91
N VAL I 319 8.35 -64.02 35.69
CA VAL I 319 8.15 -64.70 34.41
C VAL I 319 7.18 -65.87 34.58
N GLY I 320 6.47 -66.25 33.53
CA GLY I 320 5.69 -67.50 33.49
C GLY I 320 4.26 -67.41 34.01
N PHE I 321 3.84 -66.23 34.46
CA PHE I 321 2.52 -65.95 34.99
C PHE I 321 2.03 -64.59 34.50
N LYS I 322 0.74 -64.46 34.23
CA LYS I 322 0.12 -63.28 33.63
C LYS I 322 -1.29 -63.13 34.16
N ARG I 323 -1.72 -61.93 34.51
CA ARG I 323 -3.11 -61.66 34.87
C ARG I 323 -3.89 -61.23 33.64
N ASP I 324 -5.13 -61.74 33.53
CA ASP I 324 -6.01 -61.40 32.44
C ASP I 324 -7.38 -61.40 33.04
N GLY I 325 -8.41 -61.26 32.24
CA GLY I 325 -9.75 -61.17 32.74
C GLY I 325 -10.43 -62.42 33.22
N LYS I 326 -9.87 -63.59 32.92
CA LYS I 326 -10.42 -64.85 33.38
C LYS I 326 -9.58 -65.25 34.54
N GLY I 327 -8.85 -64.32 35.10
CA GLY I 327 -7.94 -64.61 36.19
C GLY I 327 -6.51 -64.97 35.78
N LEU I 328 -5.66 -65.23 36.75
CA LEU I 328 -4.25 -65.56 36.61
C LEU I 328 -4.00 -66.80 35.73
N LYS I 329 -3.14 -66.64 34.73
CA LYS I 329 -2.71 -67.64 33.75
C LYS I 329 -1.29 -68.09 34.05
N VAL I 330 -0.93 -69.26 33.55
CA VAL I 330 0.41 -69.82 33.67
C VAL I 330 0.89 -70.27 32.30
N SER I 331 2.16 -70.01 31.97
CA SER I 331 2.75 -70.40 30.69
C SER I 331 2.92 -71.90 30.59
N PRO I 332 2.77 -72.51 29.40
CA PRO I 332 2.98 -73.95 29.23
C PRO I 332 4.31 -74.47 29.80
N GLN I 333 5.40 -73.74 29.60
CA GLN I 333 6.74 -74.11 30.04
C GLN I 333 6.90 -74.04 31.54
N THR I 334 6.12 -73.23 32.24
CA THR I 334 6.11 -73.20 33.71
C THR I 334 5.63 -74.54 34.25
N SER I 335 4.65 -75.13 33.57
CA SER I 335 4.08 -76.42 33.91
C SER I 335 5.08 -77.56 33.74
N GLU I 336 6.13 -77.39 32.93
CA GLU I 336 7.22 -78.35 32.79
C GLU I 336 8.35 -78.08 33.77
N LEU I 337 8.87 -76.86 33.78
CA LEU I 337 10.08 -76.51 34.51
C LEU I 337 9.87 -76.53 36.03
N LEU I 338 8.66 -76.29 36.51
CA LEU I 338 8.27 -76.49 37.91
C LEU I 338 7.42 -77.78 38.02
N ALA I 339 7.73 -78.67 38.97
CA ALA I 339 6.86 -79.82 39.25
C ALA I 339 5.49 -79.34 39.74
N ALA I 340 4.44 -80.17 39.67
CA ALA I 340 3.09 -79.70 40.02
C ALA I 340 3.02 -79.22 41.48
N ALA I 341 3.79 -79.86 42.35
CA ALA I 341 3.91 -79.53 43.76
C ALA I 341 4.63 -78.20 44.03
N ASP I 342 5.48 -77.76 43.12
CA ASP I 342 6.28 -76.55 43.28
C ASP I 342 5.44 -75.32 43.06
N ILE I 343 4.68 -75.31 41.96
CA ILE I 343 3.89 -74.15 41.56
C ILE I 343 2.88 -73.77 42.63
N VAL I 344 2.16 -74.74 43.20
CA VAL I 344 1.18 -74.51 44.27
C VAL I 344 1.80 -73.95 45.55
N ARG I 345 3.10 -74.16 45.79
CA ARG I 345 3.82 -73.59 46.95
C ARG I 345 4.35 -72.17 46.70
N ILE I 346 4.52 -71.83 45.43
CA ILE I 346 4.94 -70.52 44.94
C ILE I 346 3.75 -69.59 44.72
N LEU I 347 2.53 -70.08 44.46
CA LEU I 347 1.41 -69.19 44.12
C LEU I 347 1.15 -68.07 45.12
N PRO I 348 1.25 -68.25 46.46
CA PRO I 348 1.09 -67.17 47.40
C PRO I 348 2.07 -66.01 47.23
N GLN I 349 3.25 -66.26 46.66
CA GLN I 349 4.23 -65.23 46.38
C GLN I 349 4.01 -64.61 45.00
N VAL I 350 3.63 -65.38 43.98
CA VAL I 350 3.31 -64.79 42.67
C VAL I 350 2.06 -63.94 42.70
N ILE I 351 1.01 -64.27 43.45
CA ILE I 351 -0.14 -63.37 43.65
C ILE I 351 0.28 -62.11 44.38
N SER I 352 1.25 -62.19 45.29
CA SER I 352 1.80 -61.03 45.98
C SER I 352 2.66 -60.12 45.11
N VAL I 353 2.72 -60.38 43.79
CA VAL I 353 3.41 -59.61 42.73
C VAL I 353 2.50 -59.31 41.53
N LYS I 354 1.76 -60.30 41.04
CA LYS I 354 0.93 -60.24 39.82
C LYS I 354 -0.51 -59.77 40.04
N VAL I 355 -1.00 -59.72 41.27
CA VAL I 355 -2.36 -59.31 41.63
C VAL I 355 -2.25 -58.13 42.59
N ASN I 356 -2.30 -56.91 42.06
CA ASN I 356 -1.74 -55.74 42.75
C ASN I 356 -2.51 -54.43 42.52
N ASN I 357 -3.61 -54.44 41.78
CA ASN I 357 -4.40 -53.24 41.51
C ASN I 357 -5.27 -52.90 42.73
N ALA I 358 -4.82 -51.94 43.55
CA ALA I 358 -5.62 -51.45 44.66
C ALA I 358 -6.63 -50.34 44.27
N LYS I 359 -6.55 -49.78 43.06
CA LYS I 359 -7.42 -48.68 42.61
C LYS I 359 -8.82 -49.18 42.20
N SER I 360 -8.85 -50.31 41.50
CA SER I 360 -10.07 -50.95 40.99
C SER I 360 -9.92 -52.47 40.94
N PRO I 361 -9.89 -53.15 42.11
CA PRO I 361 -9.80 -54.60 42.20
C PRO I 361 -11.00 -55.31 41.57
N ALA I 362 -10.87 -56.62 41.35
CA ALA I 362 -11.84 -57.40 40.59
C ALA I 362 -13.08 -57.78 41.41
N THR I 363 -12.94 -58.04 42.70
CA THR I 363 -14.03 -58.61 43.51
C THR I 363 -15.37 -57.86 43.44
N PRO I 364 -15.49 -56.51 43.51
CA PRO I 364 -16.79 -55.88 43.36
C PRO I 364 -17.36 -56.02 41.94
N LYS I 365 -16.53 -55.95 40.90
CA LYS I 365 -16.94 -56.15 39.52
C LYS I 365 -17.46 -57.56 39.28
N ARG I 366 -16.78 -58.56 39.85
CA ARG I 366 -17.15 -59.99 39.76
C ARG I 366 -18.44 -60.26 40.51
N LEU I 367 -18.57 -59.75 41.74
CA LEU I 367 -19.78 -59.90 42.53
C LEU I 367 -20.99 -59.17 41.91
N GLU I 368 -20.83 -58.03 41.26
CA GLU I 368 -21.96 -57.37 40.59
C GLU I 368 -22.61 -58.28 39.54
N LYS I 369 -21.81 -58.92 38.69
CA LYS I 369 -22.29 -59.81 37.63
C LYS I 369 -22.77 -61.18 38.14
N LEU I 370 -22.52 -61.52 39.40
CA LEU I 370 -23.13 -62.66 40.07
C LEU I 370 -24.60 -62.42 40.44
N GLU I 371 -25.04 -61.15 40.53
CA GLU I 371 -26.39 -60.73 40.97
C GLU I 371 -26.81 -61.39 42.30
N LEU I 372 -25.91 -61.29 43.29
CA LEU I 372 -25.95 -62.13 44.49
C LEU I 372 -27.17 -61.84 45.38
N GLY I 373 -27.51 -60.57 45.58
CA GLY I 373 -28.75 -60.13 46.22
C GLY I 373 -28.95 -60.59 47.67
N ASP I 374 -30.21 -60.86 48.02
CA ASP I 374 -30.63 -61.62 49.21
C ASP I 374 -30.12 -61.10 50.57
N ALA I 375 -29.83 -59.79 50.68
CA ALA I 375 -29.18 -59.17 51.84
C ALA I 375 -27.81 -59.78 52.22
N GLU I 376 -27.21 -60.58 51.33
CA GLU I 376 -25.85 -61.10 51.48
C GLU I 376 -24.84 -60.05 50.97
N ARG I 377 -25.22 -59.28 49.94
CA ARG I 377 -24.33 -58.37 49.22
C ARG I 377 -23.55 -57.43 50.13
N GLU I 378 -24.18 -56.81 51.11
CA GLU I 378 -23.50 -55.84 51.97
C GLU I 378 -22.50 -56.49 52.94
N LYS I 379 -22.70 -57.75 53.34
CA LYS I 379 -21.73 -58.47 54.16
C LYS I 379 -20.37 -58.54 53.47
N LEU I 380 -20.40 -58.60 52.13
CA LEU I 380 -19.25 -58.70 51.25
C LEU I 380 -18.76 -57.33 50.80
N TYR I 381 -19.64 -56.49 50.27
CA TYR I 381 -19.25 -55.22 49.65
C TYR I 381 -18.49 -54.28 50.58
N GLU I 382 -18.80 -54.25 51.88
CA GLU I 382 -18.08 -53.39 52.84
C GLU I 382 -16.63 -53.84 53.12
N VAL I 383 -16.22 -54.97 52.53
CA VAL I 383 -14.88 -55.59 52.64
C VAL I 383 -14.31 -55.97 51.27
N ALA I 384 -14.95 -55.56 50.16
CA ALA I 384 -14.46 -55.72 48.80
C ALA I 384 -13.16 -54.95 48.57
N ASP I 385 -12.05 -55.67 48.38
CA ASP I 385 -10.68 -55.16 48.42
C ASP I 385 -9.72 -56.14 47.72
N LEU I 386 -8.51 -55.68 47.39
CA LEU I 386 -7.43 -56.46 46.79
C LEU I 386 -7.17 -57.79 47.51
N ARG I 387 -7.40 -57.86 48.82
CA ARG I 387 -7.21 -59.08 49.60
C ARG I 387 -8.28 -60.16 49.37
N CYS I 388 -9.42 -59.85 48.75
CA CYS I 388 -10.32 -60.86 48.22
C CYS I 388 -9.78 -61.41 46.91
N ASP I 389 -9.33 -60.53 46.02
CA ASP I 389 -8.81 -60.90 44.71
C ASP I 389 -7.72 -61.95 44.84
N ARG I 390 -6.71 -61.70 45.66
CA ARG I 390 -5.54 -62.56 45.78
C ARG I 390 -5.92 -63.99 46.11
N LEU I 391 -6.88 -64.18 47.02
CA LEU I 391 -7.36 -65.51 47.38
C LEU I 391 -8.19 -66.11 46.26
N ALA I 392 -9.06 -65.36 45.61
CA ALA I 392 -9.87 -65.86 44.51
C ALA I 392 -9.03 -66.25 43.29
N GLU I 393 -7.99 -65.49 42.98
CA GLU I 393 -7.01 -65.77 41.93
C GLU I 393 -6.21 -67.04 42.22
N LEU I 394 -5.81 -67.29 43.47
CA LEU I 394 -5.11 -68.53 43.84
C LEU I 394 -6.01 -69.74 43.69
N LEU I 395 -7.24 -69.66 44.20
CA LEU I 395 -8.17 -70.77 44.15
C LEU I 395 -8.55 -71.09 42.71
N GLY I 396 -8.75 -70.05 41.91
CA GLY I 396 -8.98 -70.15 40.49
C GLY I 396 -7.87 -70.88 39.74
N LEU I 397 -6.61 -70.49 39.89
CA LEU I 397 -5.53 -71.14 39.15
C LEU I 397 -5.32 -72.59 39.60
N VAL I 398 -5.46 -72.87 40.90
CA VAL I 398 -5.37 -74.26 41.38
C VAL I 398 -6.50 -75.12 40.82
N GLN I 399 -7.74 -74.61 40.77
CA GLN I 399 -8.85 -75.30 40.14
C GLN I 399 -8.60 -75.51 38.65
N LYS I 400 -8.13 -74.48 37.94
CA LYS I 400 -8.01 -74.47 36.48
C LYS I 400 -6.89 -75.37 35.96
N GLU I 401 -5.79 -75.52 36.69
CA GLU I 401 -4.57 -76.13 36.17
C GLU I 401 -4.03 -77.29 36.98
N ILE I 402 -4.28 -77.34 38.30
CA ILE I 402 -3.65 -78.34 39.16
C ILE I 402 -4.54 -79.57 39.39
N PHE I 403 -5.85 -79.40 39.58
CA PHE I 403 -6.80 -80.49 39.87
C PHE I 403 -7.70 -80.84 38.68
N LEU I 404 -7.80 -82.11 38.32
CA LEU I 404 -8.48 -82.57 37.10
C LEU I 404 -10.01 -82.66 37.24
N LEU I 405 -10.51 -83.17 38.36
CA LEU I 405 -11.91 -83.13 38.75
C LEU I 405 -12.08 -82.12 39.89
N PRO I 406 -13.13 -81.30 39.90
CA PRO I 406 -13.29 -80.24 40.89
C PRO I 406 -13.75 -80.73 42.25
N GLU I 407 -14.63 -81.74 42.32
CA GLU I 407 -15.32 -82.08 43.56
C GLU I 407 -14.41 -82.58 44.70
N PRO I 408 -13.30 -83.31 44.48
CA PRO I 408 -12.34 -83.64 45.53
C PRO I 408 -11.69 -82.44 46.20
N PHE I 409 -11.72 -81.27 45.55
CA PHE I 409 -11.01 -80.06 45.97
C PHE I 409 -11.96 -79.00 46.49
N ILE I 410 -13.14 -78.80 45.91
CA ILE I 410 -14.16 -77.89 46.49
C ILE I 410 -14.56 -78.35 47.89
N GLU I 411 -14.61 -79.67 48.14
CA GLU I 411 -14.86 -80.18 49.48
C GLU I 411 -13.68 -79.97 50.43
N TRP I 412 -12.44 -79.83 49.93
CA TRP I 412 -11.29 -79.54 50.77
C TRP I 412 -11.26 -78.07 51.13
N VAL I 413 -11.28 -77.16 50.16
CA VAL I 413 -11.16 -75.73 50.45
C VAL I 413 -12.30 -75.22 51.30
N LEU I 414 -13.52 -75.71 51.08
CA LEU I 414 -14.65 -75.31 51.90
C LEU I 414 -14.59 -75.84 53.35
N LYS I 415 -13.58 -76.64 53.73
CA LYS I 415 -13.37 -77.12 55.11
C LYS I 415 -11.98 -76.80 55.67
N ASP I 416 -10.99 -76.53 54.83
CA ASP I 416 -9.72 -75.96 55.27
C ASP I 416 -9.83 -74.44 55.48
N LEU I 417 -10.79 -73.80 54.82
CA LEU I 417 -11.40 -72.56 55.29
C LEU I 417 -12.70 -72.94 56.02
N GLU I 418 -13.32 -71.98 56.71
CA GLU I 418 -14.53 -72.25 57.50
C GLU I 418 -15.68 -71.73 56.70
N LEU I 419 -16.02 -72.46 55.66
CA LEU I 419 -17.11 -72.05 54.80
C LEU I 419 -17.94 -73.21 54.37
N THR I 420 -17.95 -74.28 55.13
CA THR I 420 -18.65 -75.46 54.68
C THR I 420 -20.11 -75.24 54.69
N SER I 421 -20.57 -74.40 55.60
CA SER I 421 -21.97 -74.13 55.72
C SER I 421 -22.40 -73.03 54.84
N VAL I 422 -21.72 -71.90 54.92
CA VAL I 422 -22.18 -70.75 54.15
C VAL I 422 -22.30 -70.98 52.66
N ILE I 423 -21.42 -71.76 52.06
CA ILE I 423 -21.40 -71.95 50.62
C ILE I 423 -21.47 -73.45 50.24
N MET I 424 -22.52 -73.87 49.57
CA MET I 424 -22.73 -75.23 49.07
C MET I 424 -21.64 -75.56 48.03
N PRO I 425 -21.22 -76.83 47.86
CA PRO I 425 -20.16 -77.16 46.92
C PRO I 425 -20.42 -76.65 45.50
N GLU I 426 -21.55 -76.94 44.88
CA GLU I 426 -21.77 -76.59 43.49
C GLU I 426 -21.86 -75.08 43.23
N GLU I 427 -22.26 -74.26 44.20
CA GLU I 427 -22.38 -72.81 44.01
C GLU I 427 -21.03 -72.06 44.00
N THR I 428 -19.89 -72.74 44.16
CA THR I 428 -18.56 -72.14 43.95
C THR I 428 -18.05 -72.20 42.52
N GLN I 429 -18.69 -72.99 41.65
CA GLN I 429 -18.27 -73.21 40.26
C GLN I 429 -19.00 -72.32 39.23
N VAL I 430 -19.76 -71.30 39.63
CA VAL I 430 -20.47 -70.42 38.69
C VAL I 430 -19.51 -69.60 37.83
N GLN I 431 -19.69 -69.66 36.51
CA GLN I 431 -18.81 -69.06 35.52
C GLN I 431 -19.55 -68.78 34.21
N SER I 432 -19.01 -67.90 33.39
CA SER I 432 -19.36 -67.74 31.99
C SER I 432 -18.18 -67.12 31.27
N GLY I 433 -17.70 -67.73 30.20
CA GLY I 433 -16.50 -67.26 29.51
C GLY I 433 -15.23 -67.45 30.33
N GLY I 434 -15.21 -68.42 31.24
CA GLY I 434 -14.07 -68.76 32.08
C GLY I 434 -13.86 -67.90 33.32
N VAL I 435 -14.70 -66.89 33.56
CA VAL I 435 -14.47 -65.85 34.58
C VAL I 435 -14.65 -66.32 36.02
N ASN I 436 -15.18 -67.53 36.26
CA ASN I 436 -15.21 -68.23 37.55
C ASN I 436 -15.61 -67.35 38.74
N TYR I 437 -16.72 -66.62 38.57
CA TYR I 437 -17.32 -65.72 39.56
C TYR I 437 -17.48 -66.34 40.94
N GLY I 438 -17.73 -67.64 41.05
CA GLY I 438 -18.00 -68.30 42.31
C GLY I 438 -16.91 -68.14 43.35
N TRP I 439 -15.63 -68.19 42.97
CA TRP I 439 -14.56 -68.06 43.96
C TRP I 439 -14.46 -66.68 44.56
N TYR I 440 -14.87 -65.64 43.83
CA TYR I 440 -14.87 -64.29 44.37
C TYR I 440 -15.89 -64.14 45.50
N ARG I 441 -16.96 -64.96 45.49
CA ARG I 441 -17.89 -65.07 46.61
C ARG I 441 -17.27 -65.82 47.78
N VAL I 442 -16.55 -66.91 47.53
CA VAL I 442 -15.83 -67.65 48.56
C VAL I 442 -14.82 -66.76 49.26
N ALA I 443 -13.96 -66.09 48.50
CA ALA I 443 -12.91 -65.29 49.08
C ALA I 443 -13.50 -64.15 49.92
N ALA I 444 -14.54 -63.49 49.41
CA ALA I 444 -15.17 -62.38 50.11
C ALA I 444 -15.83 -62.79 51.43
N HIS I 445 -16.30 -64.03 51.60
CA HIS I 445 -16.75 -64.51 52.90
C HIS I 445 -15.60 -64.70 53.88
N TYR I 446 -14.50 -65.30 53.45
CA TYR I 446 -13.35 -65.51 54.32
C TYR I 446 -12.70 -64.19 54.73
N VAL I 447 -12.64 -63.24 53.81
CA VAL I 447 -12.13 -61.90 54.05
C VAL I 447 -13.09 -61.05 54.87
N ALA I 448 -14.41 -61.23 54.76
CA ALA I 448 -15.35 -60.56 55.65
C ALA I 448 -15.31 -61.11 57.08
N ASN I 449 -15.28 -62.44 57.26
CA ASN I 449 -15.20 -63.07 58.56
C ASN I 449 -13.91 -62.66 59.29
N HIS I 450 -12.76 -62.63 58.61
CA HIS I 450 -11.49 -62.19 59.15
C HIS I 450 -11.13 -60.75 58.72
N ALA I 451 -12.12 -59.85 58.69
CA ALA I 451 -11.94 -58.48 58.21
C ALA I 451 -10.93 -57.63 59.00
N THR I 452 -10.50 -58.07 60.18
CA THR I 452 -9.49 -57.40 61.01
C THR I 452 -8.09 -57.39 60.37
N TRP I 453 -7.80 -58.26 59.41
CA TRP I 453 -6.51 -58.32 58.72
C TRP I 453 -6.22 -57.11 57.83
N ASP I 454 -4.95 -56.71 57.75
CA ASP I 454 -4.36 -55.94 56.64
C ASP I 454 -3.76 -56.87 55.56
N LEU I 455 -3.19 -56.28 54.50
CA LEU I 455 -2.70 -57.01 53.32
C LEU I 455 -1.49 -57.92 53.61
N GLU I 456 -0.65 -57.54 54.56
CA GLU I 456 0.60 -58.25 54.85
C GLU I 456 0.39 -59.41 55.81
N GLU I 457 -0.50 -59.26 56.80
CA GLU I 457 -0.88 -60.37 57.67
C GLU I 457 -1.85 -61.33 56.96
N PHE I 458 -2.54 -60.88 55.91
CA PHE I 458 -3.24 -61.73 54.96
C PHE I 458 -2.28 -62.61 54.14
N GLN I 459 -1.19 -62.05 53.62
CA GLN I 459 -0.25 -62.80 52.79
C GLN I 459 0.47 -63.89 53.61
N GLU I 460 0.66 -63.64 54.90
CA GLU I 460 1.15 -64.63 55.88
C GLU I 460 0.15 -65.76 56.11
N PHE I 461 -1.16 -65.49 56.05
CA PHE I 461 -2.20 -66.54 56.01
C PHE I 461 -2.07 -67.36 54.74
N LEU I 462 -2.07 -66.71 53.59
CA LEU I 462 -2.22 -67.37 52.31
C LEU I 462 -1.00 -68.19 51.94
N GLN I 463 0.20 -67.80 52.39
CA GLN I 463 1.38 -68.63 52.29
C GLN I 463 1.25 -69.96 53.04
N GLY I 464 0.61 -69.94 54.21
CA GLY I 464 0.32 -71.16 54.97
C GLY I 464 -0.79 -71.98 54.37
N PHE I 465 -1.77 -71.34 53.73
CA PHE I 465 -2.87 -72.02 53.04
C PHE I 465 -2.37 -72.75 51.80
N GLY I 466 -1.48 -72.15 51.04
CA GLY I 466 -0.83 -72.80 49.91
C GLY I 466 -0.02 -74.02 50.33
N ASP I 467 0.77 -73.94 51.39
CA ASP I 467 1.59 -75.08 51.83
C ASP I 467 0.75 -76.23 52.41
N ARG I 468 -0.38 -75.91 53.04
CA ARG I 468 -1.40 -76.91 53.37
C ARG I 468 -1.95 -77.55 52.11
N LEU I 469 -2.36 -76.75 51.12
CA LEU I 469 -2.91 -77.26 49.86
C LEU I 469 -1.89 -78.17 49.15
N ALA I 470 -0.63 -77.77 49.14
CA ALA I 470 0.45 -78.50 48.50
C ALA I 470 0.66 -79.87 49.14
N THR I 471 0.77 -79.92 50.46
CA THR I 471 0.93 -81.17 51.21
C THR I 471 -0.28 -82.07 51.09
N TRP I 472 -1.47 -81.51 51.23
CA TRP I 472 -2.72 -82.25 51.07
C TRP I 472 -2.88 -82.84 49.67
N ALA I 473 -2.58 -82.09 48.62
CA ALA I 473 -2.69 -82.59 47.25
C ALA I 473 -1.79 -83.81 47.01
N GLU I 474 -0.55 -83.82 47.52
CA GLU I 474 0.39 -84.90 47.28
C GLU I 474 0.27 -86.07 48.25
N GLU I 475 -0.29 -85.89 49.44
CA GLU I 475 -0.64 -87.04 50.28
C GLU I 475 -1.80 -87.84 49.65
N GLU I 476 -2.75 -87.16 48.99
CA GLU I 476 -3.84 -87.82 48.26
C GLU I 476 -3.42 -88.30 46.87
N GLY I 477 -2.40 -87.67 46.28
CA GLY I 477 -1.95 -87.91 44.91
C GLY I 477 -2.82 -87.27 43.83
N TYR I 478 -3.52 -86.18 44.13
CA TYR I 478 -4.49 -85.55 43.22
C TYR I 478 -3.89 -84.64 42.13
N PHE I 479 -2.59 -84.66 41.89
CA PHE I 479 -1.96 -83.96 40.77
C PHE I 479 -0.94 -84.82 40.01
N ALA I 480 -0.87 -84.63 38.70
CA ALA I 480 -0.11 -85.48 37.78
C ALA I 480 1.38 -85.11 37.72
N GLU I 481 2.22 -86.09 37.37
CA GLU I 481 3.60 -85.83 36.96
C GLU I 481 3.60 -85.38 35.49
N HIS I 482 3.39 -84.08 35.25
CA HIS I 482 3.17 -83.51 33.93
C HIS I 482 4.35 -83.77 32.98
N GLN I 483 4.08 -83.79 31.67
CA GLN I 483 5.05 -84.06 30.60
C GLN I 483 6.24 -83.08 30.60
N SER I 484 7.33 -83.46 29.92
CA SER I 484 8.54 -82.64 29.75
C SER I 484 8.98 -82.57 28.28
N PRO I 485 8.21 -81.90 27.40
CA PRO I 485 8.53 -81.83 25.97
C PRO I 485 9.66 -80.86 25.60
N THR I 486 9.86 -79.75 26.31
CA THR I 486 10.92 -78.80 25.92
C THR I 486 12.31 -79.33 26.21
N ARG I 487 12.50 -80.24 27.17
CA ARG I 487 13.80 -80.89 27.38
C ARG I 487 14.17 -81.73 26.17
N GLN I 488 13.23 -82.49 25.64
CA GLN I 488 13.51 -83.41 24.55
C GLN I 488 13.88 -82.65 23.29
N ILE I 489 13.10 -81.65 22.88
CA ILE I 489 13.40 -80.85 21.70
C ILE I 489 14.67 -80.02 21.91
N PHE I 490 15.02 -79.63 23.13
CA PHE I 490 16.27 -78.95 23.42
C PHE I 490 17.48 -79.87 23.33
N GLU I 491 17.37 -81.11 23.79
CA GLU I 491 18.43 -82.09 23.57
C GLU I 491 18.65 -82.37 22.07
N ASP I 492 17.60 -82.35 21.27
CA ASP I 492 17.69 -82.45 19.81
C ASP I 492 18.18 -81.18 19.12
N TYR I 493 17.93 -80.01 19.68
CA TYR I 493 18.49 -78.74 19.22
C TYR I 493 20.01 -78.69 19.41
N LEU I 494 20.49 -79.15 20.56
CA LEU I 494 21.91 -79.33 20.80
C LEU I 494 22.52 -80.35 19.85
N ASP I 495 21.88 -81.48 19.63
CA ASP I 495 22.38 -82.49 18.71
C ASP I 495 22.45 -82.04 17.25
N ARG I 496 21.63 -81.08 16.81
CA ARG I 496 21.75 -80.52 15.46
C ARG I 496 22.82 -79.43 15.40
N TYR I 497 22.88 -78.52 16.37
CA TYR I 497 23.60 -77.25 16.19
C TYR I 497 24.80 -76.96 17.09
N LEU I 498 25.10 -77.74 18.13
CA LEU I 498 26.31 -77.61 18.95
C LEU I 498 27.38 -78.61 18.53
N GLU I 499 28.63 -78.16 18.47
CA GLU I 499 29.81 -79.02 18.27
C GLU I 499 31.01 -78.59 19.12
N ILE I 500 31.61 -79.53 19.83
CA ILE I 500 32.95 -79.42 20.42
C ILE I 500 33.90 -80.15 19.48
N GLN I 501 35.12 -79.67 19.28
CA GLN I 501 36.08 -80.30 18.38
C GLN I 501 36.27 -81.78 18.75
N GLY I 502 36.14 -82.68 17.77
CA GLY I 502 36.25 -84.14 17.98
C GLY I 502 34.95 -84.85 18.35
N TRP I 503 33.80 -84.19 18.35
CA TRP I 503 32.49 -84.85 18.31
C TRP I 503 32.20 -85.46 16.94
N GLU I 504 31.66 -86.68 16.96
CA GLU I 504 31.01 -87.30 15.80
C GLU I 504 29.82 -86.47 15.35
N SER I 505 29.59 -86.36 14.04
CA SER I 505 28.51 -85.55 13.46
C SER I 505 27.80 -86.26 12.30
N ASP I 506 26.50 -86.01 12.18
CA ASP I 506 25.62 -86.55 11.15
C ASP I 506 25.08 -85.46 10.22
N HIS I 507 24.72 -85.81 8.99
CA HIS I 507 23.94 -84.96 8.10
C HIS I 507 22.51 -84.77 8.66
N GLN I 508 22.02 -83.54 8.74
CA GLN I 508 20.66 -83.25 9.21
C GLN I 508 19.61 -83.75 8.20
N ALA I 509 18.48 -84.23 8.71
CA ALA I 509 17.34 -84.67 7.96
C ALA I 509 16.40 -83.49 7.63
N PHE I 510 16.85 -82.60 6.74
CA PHE I 510 16.07 -81.46 6.25
C PHE I 510 14.73 -81.82 5.61
N ILE I 511 14.48 -83.09 5.27
CA ILE I 511 13.18 -83.53 4.79
C ILE I 511 12.08 -83.21 5.80
N GLN I 512 12.31 -83.34 7.10
CA GLN I 512 11.28 -83.08 8.11
C GLN I 512 10.90 -81.60 8.15
N GLU I 513 11.83 -80.70 7.88
CA GLU I 513 11.57 -79.26 7.79
C GLU I 513 10.70 -78.90 6.59
N LEU I 514 10.87 -79.59 5.46
CA LEU I 514 10.00 -79.42 4.30
C LEU I 514 8.64 -80.09 4.52
N GLU I 515 8.60 -81.32 5.01
CA GLU I 515 7.40 -82.07 5.24
C GLU I 515 6.46 -81.32 6.18
N ASN I 516 6.99 -80.69 7.22
CA ASN I 516 6.21 -79.84 8.10
C ASN I 516 5.73 -78.56 7.41
N TYR I 517 6.46 -77.97 6.47
CA TYR I 517 5.93 -76.83 5.72
C TYR I 517 4.83 -77.25 4.75
N VAL I 518 5.02 -78.35 4.01
CA VAL I 518 4.06 -78.85 3.03
C VAL I 518 2.71 -79.18 3.65
N ASN I 519 2.67 -79.55 4.92
CA ASN I 519 1.48 -79.85 5.67
C ASN I 519 1.01 -78.75 6.62
N ALA I 520 1.66 -77.60 6.67
CA ALA I 520 1.38 -76.55 7.65
C ALA I 520 -0.06 -76.02 7.61
N LYS I 521 -0.71 -76.06 6.45
CA LYS I 521 -2.07 -75.57 6.20
C LYS I 521 -3.05 -76.69 5.89
N THR I 522 -2.70 -77.93 6.23
CA THR I 522 -3.44 -79.16 5.94
C THR I 522 -3.88 -79.78 7.26
N LYS I 523 -5.09 -80.35 7.34
CA LYS I 523 -5.66 -80.94 8.59
C LYS I 523 -4.76 -81.84 9.37
N LYS I 524 -3.83 -82.51 8.74
CA LYS I 524 -2.81 -83.36 9.38
C LYS I 524 -1.66 -82.61 10.02
N SER I 525 -1.82 -81.33 10.38
CA SER I 525 -0.96 -80.56 11.27
C SER I 525 -1.75 -80.11 12.51
N LYS I 526 -1.32 -80.49 13.72
CA LYS I 526 -2.12 -80.34 14.93
C LYS I 526 -2.00 -78.97 15.58
N GLN I 527 -0.81 -78.42 15.61
CA GLN I 527 -0.48 -77.09 16.12
C GLN I 527 0.09 -76.25 14.97
N PRO I 528 -0.01 -74.92 14.99
CA PRO I 528 0.52 -74.08 13.93
C PRO I 528 2.04 -74.20 13.79
N ILE I 529 2.54 -73.98 12.58
CA ILE I 529 3.98 -73.90 12.28
C ILE I 529 4.56 -72.61 12.84
N CYS I 530 5.84 -72.62 13.22
CA CYS I 530 6.49 -71.49 13.86
C CYS I 530 6.52 -70.24 12.97
N SER I 531 6.17 -69.08 13.50
CA SER I 531 6.23 -67.83 12.75
C SER I 531 7.63 -67.21 12.73
N LEU I 532 8.56 -67.66 13.56
CA LEU I 532 9.90 -67.08 13.77
C LEU I 532 11.03 -67.92 13.16
N SER I 533 10.72 -69.06 12.55
CA SER I 533 11.64 -70.09 12.09
C SER I 533 10.98 -70.97 11.03
N SER I 534 11.60 -72.07 10.65
CA SER I 534 11.17 -72.94 9.55
C SER I 534 10.17 -74.02 9.96
N GLY I 535 10.08 -74.32 11.24
CA GLY I 535 9.23 -75.40 11.74
C GLY I 535 9.89 -76.77 11.75
N GLU I 536 11.22 -76.87 11.81
CA GLU I 536 11.94 -78.15 11.95
C GLU I 536 11.88 -78.82 13.33
N PHE I 537 11.40 -78.13 14.35
CA PHE I 537 11.14 -78.66 15.69
C PHE I 537 9.66 -78.46 16.03
N PRO I 538 9.06 -79.32 16.84
CA PRO I 538 7.69 -79.17 17.29
C PRO I 538 7.36 -77.77 17.80
N SER I 539 6.19 -77.29 17.44
CA SER I 539 5.69 -75.95 17.72
C SER I 539 4.35 -76.01 18.42
N GLU I 540 3.98 -74.90 19.02
CA GLU I 540 2.77 -74.71 19.80
C GLU I 540 2.26 -73.30 19.60
N ASP I 541 0.99 -73.06 19.86
CA ASP I 541 0.37 -71.77 19.72
C ASP I 541 1.05 -70.72 20.61
N GLN I 542 1.18 -69.51 20.13
CA GLN I 542 1.70 -68.40 20.90
C GLN I 542 0.76 -68.01 22.03
N MET I 543 1.32 -67.59 23.15
CA MET I 543 0.62 -67.22 24.36
C MET I 543 1.01 -65.81 24.79
N ASP I 544 0.03 -65.06 25.26
CA ASP I 544 0.11 -63.75 25.90
C ASP I 544 1.05 -63.71 27.11
N SER I 545 1.37 -64.87 27.70
CA SER I 545 2.26 -65.03 28.85
C SER I 545 3.66 -65.56 28.49
N VAL I 546 3.95 -65.75 27.21
CA VAL I 546 5.21 -66.30 26.69
C VAL I 546 5.91 -65.32 25.78
N VAL I 547 5.24 -64.88 24.73
CA VAL I 547 5.83 -64.11 23.64
C VAL I 547 5.80 -62.62 23.95
N LEU I 548 6.67 -61.82 23.34
CA LEU I 548 6.89 -60.39 23.65
C LEU I 548 5.98 -59.42 22.86
N PHE I 549 4.99 -59.94 22.15
CA PHE I 549 4.19 -59.22 21.15
C PHE I 549 2.82 -59.88 20.94
N LYS I 550 1.96 -59.35 20.07
CA LYS I 550 0.59 -59.88 19.93
C LYS I 550 0.56 -61.31 19.37
N PRO I 551 0.01 -62.31 20.08
CA PRO I 551 -0.09 -63.70 19.62
C PRO I 551 -1.08 -63.97 18.50
N GLN I 552 -2.09 -63.13 18.40
CA GLN I 552 -3.31 -63.33 17.63
C GLN I 552 -3.49 -62.17 16.67
N GLN I 553 -2.73 -62.19 15.59
CA GLN I 553 -2.89 -61.34 14.42
C GLN I 553 -2.83 -62.24 13.17
N TYR I 554 -3.28 -61.74 12.03
CA TYR I 554 -3.35 -62.51 10.78
C TYR I 554 -2.01 -63.14 10.43
N SER I 555 -2.04 -64.40 10.00
CA SER I 555 -0.84 -65.11 9.59
C SER I 555 -0.94 -65.69 8.21
N ASN I 556 0.12 -65.49 7.42
CA ASN I 556 0.26 -66.12 6.13
C ASN I 556 0.61 -67.60 6.25
N LYS I 557 1.05 -68.05 7.42
CA LYS I 557 1.48 -69.43 7.70
C LYS I 557 0.34 -70.32 8.19
N ASN I 558 -0.63 -69.77 8.91
CA ASN I 558 -1.88 -70.45 9.25
C ASN I 558 -2.79 -70.50 8.02
N PRO I 559 -3.69 -71.49 7.88
CA PRO I 559 -4.58 -71.61 6.74
C PRO I 559 -5.50 -70.40 6.61
N LEU I 560 -5.72 -69.95 5.39
CA LEU I 560 -6.54 -68.77 5.12
C LEU I 560 -8.02 -69.13 5.31
N GLY I 561 -8.75 -68.29 6.03
CA GLY I 561 -10.14 -68.54 6.37
C GLY I 561 -10.35 -69.63 7.42
N GLY I 562 -9.31 -70.16 8.04
CA GLY I 562 -9.43 -71.10 9.15
C GLY I 562 -9.66 -70.41 10.49
N GLY I 563 -10.08 -71.19 11.49
CA GLY I 563 -10.25 -70.73 12.86
C GLY I 563 -8.97 -70.70 13.71
N GLN I 564 -7.85 -71.19 13.19
CA GLN I 564 -6.54 -71.07 13.82
C GLN I 564 -6.01 -69.66 13.67
N ILE I 565 -6.45 -68.76 14.53
CA ILE I 565 -6.07 -67.35 14.51
C ILE I 565 -4.79 -67.05 15.30
N LYS I 566 -4.43 -67.80 16.35
CA LYS I 566 -3.11 -67.70 17.00
C LYS I 566 -2.00 -68.25 16.15
N ARG I 567 -0.87 -67.57 16.10
CA ARG I 567 0.37 -68.00 15.44
C ARG I 567 1.13 -69.05 16.21
N GLY I 568 2.15 -69.64 15.61
CA GLY I 568 2.95 -70.69 16.19
C GLY I 568 4.31 -70.23 16.65
N ILE I 569 4.86 -70.88 17.65
CA ILE I 569 6.21 -70.67 18.12
C ILE I 569 6.87 -72.02 18.39
N SER I 570 8.09 -72.20 17.91
CA SER I 570 8.91 -73.35 18.25
C SER I 570 9.12 -73.38 19.75
N LYS I 571 9.12 -74.57 20.33
CA LYS I 571 9.39 -74.74 21.75
C LYS I 571 10.73 -74.14 22.16
N ILE I 572 11.73 -74.11 21.27
CA ILE I 572 13.00 -73.40 21.47
C ILE I 572 12.80 -71.90 21.68
N TRP I 573 12.14 -71.23 20.73
CA TRP I 573 11.83 -69.82 20.81
C TRP I 573 10.91 -69.47 21.97
N SER I 574 10.15 -70.43 22.49
CA SER I 574 9.35 -70.24 23.68
C SER I 574 10.23 -70.13 24.93
N LEU I 575 11.31 -70.88 25.06
CA LEU I 575 12.27 -70.71 26.16
C LEU I 575 13.00 -69.38 26.03
N GLU I 576 13.32 -68.98 24.80
CA GLU I 576 14.03 -67.74 24.52
C GLU I 576 13.22 -66.49 24.88
N MET I 577 11.94 -66.45 24.51
CA MET I 577 11.06 -65.35 24.89
C MET I 577 10.90 -65.26 26.41
N LEU I 578 10.83 -66.39 27.11
CA LEU I 578 10.81 -66.46 28.57
C LEU I 578 12.15 -66.07 29.19
N LEU I 579 13.28 -66.42 28.59
CA LEU I 579 14.59 -65.94 29.04
C LEU I 579 14.70 -64.43 28.89
N ARG I 580 14.13 -63.84 27.83
CA ARG I 580 14.07 -62.38 27.68
C ARG I 580 13.17 -61.74 28.72
N GLN I 581 12.01 -62.29 29.04
CA GLN I 581 11.23 -61.79 30.19
C GLN I 581 12.04 -61.86 31.48
N ALA I 582 12.77 -62.94 31.70
CA ALA I 582 13.50 -63.20 32.94
C ALA I 582 14.74 -62.33 33.12
N PHE I 583 15.52 -62.14 32.06
CA PHE I 583 16.84 -61.50 32.12
C PHE I 583 16.92 -60.09 31.51
N TRP I 584 15.99 -59.65 30.66
CA TRP I 584 15.83 -58.23 30.33
C TRP I 584 14.75 -57.53 31.16
N SER I 585 13.86 -58.29 31.81
CA SER I 585 12.78 -57.75 32.65
C SER I 585 11.77 -56.87 31.90
N VAL I 586 11.46 -57.25 30.66
CA VAL I 586 10.48 -56.64 29.74
C VAL I 586 9.07 -57.23 29.92
N PRO I 587 7.98 -56.52 29.54
CA PRO I 587 6.63 -57.05 29.65
C PRO I 587 6.39 -58.27 28.74
N SER I 588 5.50 -59.18 29.16
CA SER I 588 4.96 -60.24 28.29
C SER I 588 3.85 -59.70 27.39
N GLY I 589 3.81 -60.07 26.11
CA GLY I 589 2.75 -59.75 25.16
C GLY I 589 2.57 -58.27 24.79
N LYS I 590 3.36 -57.39 25.39
CA LYS I 590 3.22 -55.93 25.38
C LYS I 590 4.54 -55.20 25.14
N PHE I 591 5.64 -55.90 24.83
CA PHE I 591 6.92 -55.21 24.72
C PHE I 591 7.03 -54.43 23.42
N GLU I 592 6.41 -54.89 22.34
CA GLU I 592 6.37 -54.25 21.01
C GLU I 592 5.81 -52.82 21.04
N ASP I 593 4.87 -52.51 21.92
CA ASP I 593 4.34 -51.16 22.14
C ASP I 593 5.34 -50.20 22.79
N GLN I 594 6.46 -50.69 23.33
CA GLN I 594 7.60 -49.84 23.68
C GLN I 594 8.49 -49.48 22.47
N GLN I 595 8.04 -49.81 21.26
CA GLN I 595 8.72 -49.66 19.97
C GLN I 595 10.19 -50.13 19.97
N PRO I 596 10.49 -51.35 20.46
CA PRO I 596 11.86 -51.74 20.73
C PRO I 596 12.65 -51.95 19.44
N ILE I 597 13.74 -51.22 19.29
CA ILE I 597 14.73 -51.43 18.23
C ILE I 597 16.00 -51.92 18.87
N PHE I 598 16.54 -52.98 18.30
CA PHE I 598 17.65 -53.76 18.82
C PHE I 598 18.89 -53.48 18.00
N ILE I 599 19.97 -53.12 18.68
CA ILE I 599 21.29 -52.94 18.09
C ILE I 599 22.11 -54.16 18.48
N TYR I 600 22.63 -54.90 17.51
CA TYR I 600 23.50 -56.04 17.74
C TYR I 600 24.96 -55.73 17.39
N LEU I 601 25.87 -55.83 18.37
CA LEU I 601 27.28 -55.49 18.26
C LEU I 601 28.14 -56.71 17.92
N TYR I 602 28.08 -57.15 16.67
CA TYR I 602 28.87 -58.26 16.15
C TYR I 602 30.38 -57.93 16.05
N PRO I 603 31.27 -58.92 16.21
CA PRO I 603 32.71 -58.77 16.04
C PRO I 603 33.15 -58.59 14.59
N ALA I 604 34.27 -57.92 14.38
CA ALA I 604 35.04 -57.98 13.13
C ALA I 604 35.79 -59.31 13.04
N TYR I 605 35.02 -60.39 12.93
CA TYR I 605 35.37 -61.80 13.02
C TYR I 605 35.83 -62.30 14.39
N VAL I 606 36.83 -61.67 15.00
CA VAL I 606 37.46 -62.13 16.25
C VAL I 606 37.51 -61.04 17.30
N TYR I 607 37.21 -61.41 18.54
CA TYR I 607 37.49 -60.67 19.75
C TYR I 607 38.51 -61.45 20.60
N ALA I 608 39.41 -60.75 21.26
CA ALA I 608 40.21 -61.29 22.37
C ALA I 608 39.36 -61.40 23.65
N PRO I 609 39.70 -62.23 24.63
CA PRO I 609 38.95 -62.40 25.88
C PRO I 609 38.71 -61.09 26.63
N GLN I 610 39.69 -60.18 26.66
CA GLN I 610 39.55 -58.85 27.26
C GLN I 610 38.52 -57.99 26.54
N VAL I 611 38.36 -58.12 25.23
CA VAL I 611 37.36 -57.34 24.49
C VAL I 611 35.96 -57.88 24.75
N VAL I 612 35.76 -59.19 24.89
CA VAL I 612 34.45 -59.73 25.25
C VAL I 612 34.06 -59.33 26.67
N GLU I 613 35.02 -59.26 27.60
CA GLU I 613 34.81 -58.66 28.92
C GLU I 613 34.51 -57.16 28.83
N ALA I 614 35.17 -56.42 27.94
CA ALA I 614 34.87 -55.01 27.71
C ALA I 614 33.46 -54.80 27.16
N ILE I 615 32.99 -55.65 26.26
CA ILE I 615 31.65 -55.59 25.69
C ILE I 615 30.59 -56.06 26.69
N ARG I 616 30.91 -56.95 27.64
CA ARG I 616 30.07 -57.21 28.80
C ARG I 616 29.87 -55.94 29.62
N GLU I 617 30.95 -55.24 29.98
CA GLU I 617 30.83 -54.03 30.78
C GLU I 617 30.00 -52.95 30.09
N LEU I 618 30.02 -52.90 28.76
CA LEU I 618 29.13 -52.05 27.97
C LEU I 618 27.67 -52.52 28.02
N VAL I 619 27.34 -53.70 27.49
CA VAL I 619 25.91 -54.03 27.25
C VAL I 619 25.07 -54.19 28.51
N TYR I 620 25.69 -54.54 29.64
CA TYR I 620 25.02 -54.56 30.94
C TYR I 620 25.07 -53.23 31.69
N GLY I 621 25.90 -52.27 31.26
CA GLY I 621 26.19 -51.03 31.98
C GLY I 621 25.97 -49.72 31.23
N ILE I 622 25.57 -49.75 29.96
CA ILE I 622 25.42 -48.58 29.11
C ILE I 622 24.30 -47.64 29.59
N ALA I 623 24.56 -46.35 29.57
CA ALA I 623 23.61 -45.32 29.95
C ALA I 623 22.49 -45.20 28.93
N SER I 624 21.26 -44.95 29.40
CA SER I 624 20.13 -44.66 28.52
C SER I 624 20.31 -43.26 27.93
N VAL I 625 20.61 -43.22 26.63
CA VAL I 625 21.02 -42.01 25.91
C VAL I 625 19.91 -40.97 25.89
N ASN I 626 20.27 -39.72 26.15
CA ASN I 626 19.43 -38.55 25.96
C ASN I 626 20.14 -37.58 25.03
N LEU I 627 19.52 -37.31 23.89
CA LEU I 627 20.20 -36.62 22.80
C LEU I 627 20.43 -35.14 23.09
N TRP I 628 19.71 -34.55 24.03
CA TRP I 628 19.85 -33.14 24.40
C TRP I 628 21.28 -32.78 24.83
N ASP I 629 21.93 -33.59 25.66
CA ASP I 629 23.28 -33.29 26.13
C ASP I 629 24.36 -33.78 25.17
N VAL I 630 24.08 -34.76 24.32
CA VAL I 630 24.93 -35.15 23.19
C VAL I 630 25.04 -34.00 22.19
N ARG I 631 23.92 -33.31 21.92
CA ARG I 631 23.85 -32.02 21.23
C ARG I 631 24.70 -30.99 21.94
N LYS I 632 24.53 -30.83 23.26
CA LYS I 632 25.15 -29.74 24.03
C LYS I 632 26.66 -29.86 24.03
N HIS I 633 27.18 -31.06 24.24
CA HIS I 633 28.61 -31.36 24.22
C HIS I 633 29.20 -31.48 22.82
N TRP I 634 28.47 -31.12 21.78
CA TRP I 634 28.96 -31.12 20.39
C TRP I 634 28.83 -29.76 19.70
N VAL I 635 27.81 -28.94 20.02
CA VAL I 635 27.81 -27.53 19.62
C VAL I 635 28.85 -26.74 20.45
N ASN I 636 28.97 -27.01 21.75
CA ASN I 636 30.21 -26.78 22.49
C ASN I 636 31.24 -27.84 22.07
N ASN I 637 32.55 -27.58 22.16
CA ASN I 637 33.58 -28.34 21.44
C ASN I 637 33.51 -28.19 19.91
N LYS I 638 32.82 -27.17 19.39
CA LYS I 638 32.96 -26.66 18.02
C LYS I 638 32.78 -27.75 16.95
N MET I 639 31.85 -28.66 17.18
CA MET I 639 31.47 -29.77 16.31
C MET I 639 32.61 -30.75 16.00
N ASP I 640 33.72 -30.75 16.77
CA ASP I 640 34.71 -31.82 16.68
C ASP I 640 34.10 -33.07 17.29
N LEU I 641 33.75 -34.03 16.43
CA LEU I 641 33.11 -35.28 16.81
C LEU I 641 33.94 -36.12 17.79
N THR I 642 35.26 -35.89 17.83
CA THR I 642 36.16 -36.54 18.78
C THR I 642 35.78 -36.23 20.22
N SER I 643 35.09 -35.13 20.49
CA SER I 643 34.57 -34.81 21.82
C SER I 643 33.69 -35.92 22.38
N LEU I 644 32.90 -36.59 21.53
CA LEU I 644 31.98 -37.65 21.95
C LEU I 644 32.72 -38.83 22.56
N LYS I 645 33.99 -39.04 22.19
CA LYS I 645 34.81 -40.14 22.71
C LYS I 645 34.90 -40.13 24.23
N SER I 646 34.81 -38.95 24.85
CA SER I 646 35.12 -38.70 26.25
C SER I 646 33.92 -38.63 27.18
N LEU I 647 32.70 -38.51 26.65
CA LEU I 647 31.50 -38.32 27.44
C LEU I 647 31.14 -39.57 28.27
N PRO I 648 30.45 -39.43 29.41
CA PRO I 648 30.07 -40.55 30.27
C PRO I 648 28.93 -41.38 29.66
N TRP I 649 29.29 -42.37 28.83
CA TRP I 649 28.38 -43.33 28.20
C TRP I 649 27.97 -44.51 29.08
N LEU I 650 28.63 -44.75 30.21
CA LEU I 650 28.35 -45.86 31.13
C LEU I 650 27.62 -45.36 32.39
N ASN I 651 27.23 -46.28 33.28
CA ASN I 651 26.73 -45.99 34.63
C ASN I 651 27.69 -46.43 35.73
N GLN I 661 38.24 -51.82 37.69
CA GLN I 661 37.63 -53.09 38.09
C GLN I 661 36.26 -53.31 37.44
N LEU I 662 36.01 -54.54 36.98
CA LEU I 662 34.76 -55.00 36.39
C LEU I 662 33.61 -55.00 37.42
N LYS I 663 32.40 -54.62 37.03
CA LYS I 663 31.22 -54.68 37.90
C LYS I 663 30.18 -55.71 37.50
N TYR I 664 30.21 -56.26 36.28
CA TYR I 664 29.27 -57.27 35.78
C TYR I 664 29.86 -58.69 35.66
N THR I 665 30.78 -59.08 36.53
CA THR I 665 31.50 -60.37 36.44
C THR I 665 30.62 -61.61 36.61
N LYS I 666 29.49 -61.50 37.32
CA LYS I 666 28.50 -62.58 37.49
C LYS I 666 27.54 -62.75 36.31
N GLU I 667 27.48 -61.81 35.37
CA GLU I 667 26.62 -61.93 34.18
C GLU I 667 27.33 -62.71 33.06
N ASP I 668 26.59 -63.43 32.22
CA ASP I 668 27.13 -64.16 31.08
C ASP I 668 27.77 -63.24 30.01
N LEU I 669 28.86 -63.70 29.37
CA LEU I 669 29.60 -62.99 28.33
C LEU I 669 28.72 -62.83 27.08
N PRO I 670 28.68 -61.65 26.46
CA PRO I 670 27.82 -61.42 25.32
C PRO I 670 28.47 -61.90 24.02
N PHE I 671 28.11 -63.09 23.56
CA PHE I 671 28.46 -63.62 22.26
C PHE I 671 27.66 -62.97 21.12
N LEU I 672 26.40 -62.66 21.38
CA LEU I 672 25.55 -61.78 20.58
C LEU I 672 25.16 -60.61 21.46
N ALA I 673 25.93 -59.54 21.37
CA ALA I 673 25.85 -58.38 22.22
C ALA I 673 24.70 -57.47 21.79
N THR I 674 23.55 -57.57 22.43
CA THR I 674 22.36 -56.76 22.13
C THR I 674 22.09 -55.67 23.16
N VAL I 675 21.88 -54.45 22.67
CA VAL I 675 21.33 -53.30 23.42
C VAL I 675 20.12 -52.78 22.68
N TYR I 676 19.14 -52.26 23.41
CA TYR I 676 17.85 -51.90 22.83
C TYR I 676 17.32 -50.56 23.34
N THR I 677 16.62 -49.85 22.48
CA THR I 677 15.88 -48.63 22.83
C THR I 677 14.46 -48.98 23.24
N THR I 678 13.88 -48.17 24.11
CA THR I 678 12.45 -48.17 24.41
C THR I 678 11.94 -46.75 24.34
N THR I 679 10.80 -46.58 23.68
CA THR I 679 10.11 -45.33 23.40
C THR I 679 8.67 -45.45 23.91
N ARG I 680 7.99 -44.34 24.22
CA ARG I 680 6.59 -44.34 24.68
C ARG I 680 5.66 -43.54 23.79
N GLU I 681 6.25 -42.75 22.91
CA GLU I 681 5.66 -42.14 21.74
C GLU I 681 5.39 -43.22 20.66
N LYS I 682 4.49 -42.95 19.71
CA LYS I 682 3.87 -43.98 18.86
C LYS I 682 4.42 -44.12 17.44
N THR I 683 5.29 -43.24 16.98
CA THR I 683 5.71 -43.13 15.58
C THR I 683 7.02 -43.86 15.30
N ASP I 684 7.30 -44.22 14.06
CA ASP I 684 8.54 -44.93 13.69
C ASP I 684 9.79 -44.05 13.86
N THR I 685 9.69 -42.76 13.60
CA THR I 685 10.78 -41.79 13.80
C THR I 685 11.15 -41.68 15.29
N ASP I 686 10.15 -41.67 16.18
CA ASP I 686 10.35 -41.64 17.64
C ASP I 686 11.11 -42.88 18.13
N ALA I 687 10.91 -44.01 17.45
CA ALA I 687 11.61 -45.25 17.75
C ALA I 687 13.06 -45.16 17.33
N TRP I 688 13.34 -44.68 16.12
CA TRP I 688 14.64 -44.74 15.46
C TRP I 688 15.68 -43.71 15.90
N VAL I 689 15.33 -42.59 16.50
CA VAL I 689 16.32 -41.53 16.79
C VAL I 689 17.45 -41.93 17.73
N LYS I 690 17.19 -42.70 18.79
CA LYS I 690 18.26 -43.20 19.66
C LYS I 690 19.01 -44.40 19.08
N PRO I 691 18.35 -45.44 18.53
CA PRO I 691 19.04 -46.54 17.88
C PRO I 691 19.92 -46.12 16.74
N ALA I 692 19.50 -45.17 15.91
CA ALA I 692 20.30 -44.76 14.77
C ALA I 692 21.57 -44.07 15.24
N PHE I 693 21.46 -43.22 16.27
CA PHE I 693 22.60 -42.60 16.90
C PHE I 693 23.52 -43.63 17.55
N LEU I 694 22.99 -44.55 18.35
CA LEU I 694 23.79 -45.58 19.01
C LEU I 694 24.44 -46.56 18.03
N ALA I 695 23.77 -46.91 16.94
CA ALA I 695 24.31 -47.80 15.93
C ALA I 695 25.40 -47.14 15.11
N LEU I 696 25.43 -45.82 14.92
CA LEU I 696 26.62 -45.15 14.41
C LEU I 696 27.70 -45.00 15.50
N LEU I 697 27.30 -44.62 16.71
CA LEU I 697 28.20 -44.32 17.82
C LEU I 697 29.05 -45.51 18.23
N LEU I 698 28.47 -46.67 18.54
CA LEU I 698 29.25 -47.77 19.10
C LEU I 698 30.36 -48.27 18.16
N PRO I 699 30.14 -48.44 16.84
CA PRO I 699 31.21 -48.62 15.88
C PRO I 699 32.24 -47.49 15.82
N TYR I 700 31.88 -46.24 16.06
CA TYR I 700 32.82 -45.13 16.14
C TYR I 700 33.62 -45.08 17.45
N LEU I 701 33.06 -45.54 18.58
CA LEU I 701 33.75 -45.62 19.84
C LEU I 701 34.59 -46.90 20.01
N LEU I 702 34.09 -48.06 19.62
CA LEU I 702 34.68 -49.36 19.95
C LEU I 702 35.18 -50.17 18.75
N GLY I 703 34.94 -49.72 17.51
CA GLY I 703 35.37 -50.43 16.30
C GLY I 703 34.60 -51.72 15.95
N VAL I 704 33.65 -52.10 16.79
CA VAL I 704 32.65 -53.15 16.57
C VAL I 704 31.77 -52.84 15.36
N LYS I 705 31.01 -53.83 14.88
CA LYS I 705 30.15 -53.71 13.70
C LYS I 705 28.70 -53.86 14.13
N ALA I 706 27.83 -52.91 13.82
CA ALA I 706 26.49 -52.85 14.40
C ALA I 706 25.40 -53.13 13.37
N ILE I 707 24.40 -53.96 13.69
CA ILE I 707 23.15 -54.01 12.92
C ILE I 707 21.98 -53.59 13.80
N ALA I 708 21.24 -52.59 13.37
CA ALA I 708 20.03 -52.11 14.02
C ALA I 708 18.81 -52.64 13.28
N THR I 709 17.87 -53.25 13.99
CA THR I 709 16.64 -53.83 13.43
C THR I 709 15.48 -53.78 14.42
N ARG I 710 14.24 -53.79 13.93
CA ARG I 710 13.05 -53.99 14.77
C ARG I 710 12.83 -55.45 15.17
N SER I 711 13.51 -56.40 14.52
CA SER I 711 13.31 -57.83 14.70
C SER I 711 13.91 -58.33 16.00
N MET I 712 13.08 -58.99 16.80
CA MET I 712 13.51 -59.70 18.00
C MET I 712 14.36 -60.92 17.67
N VAL I 713 14.07 -61.58 16.53
CA VAL I 713 14.95 -62.59 15.92
C VAL I 713 16.16 -61.89 15.30
N PRO I 714 17.41 -62.29 15.60
CA PRO I 714 18.61 -61.70 15.03
C PRO I 714 18.94 -62.21 13.63
N LEU I 715 19.72 -61.44 12.86
CA LEU I 715 20.07 -61.77 11.48
C LEU I 715 21.00 -63.00 11.36
N TYR I 716 20.63 -63.95 10.49
CA TYR I 716 21.45 -65.11 10.16
C TYR I 716 22.67 -64.69 9.32
N ARG I 717 23.85 -65.13 9.76
CA ARG I 717 25.17 -64.65 9.36
C ARG I 717 25.63 -65.09 7.96
N SER I 718 26.48 -64.28 7.33
CA SER I 718 27.31 -64.66 6.17
C SER I 718 28.45 -63.66 5.97
N ASP I 719 29.43 -63.99 5.14
CA ASP I 719 30.54 -63.09 4.80
C ASP I 719 30.08 -61.80 4.10
N GLN I 720 28.89 -61.77 3.50
CA GLN I 720 28.30 -60.58 2.87
C GLN I 720 27.87 -59.53 3.88
N ASP I 721 27.38 -59.96 5.06
CA ASP I 721 27.00 -59.03 6.12
C ASP I 721 28.18 -58.18 6.57
N PHE I 722 29.37 -58.77 6.70
CA PHE I 722 30.56 -58.09 7.18
C PHE I 722 31.07 -57.03 6.18
N ARG I 723 30.60 -56.96 4.93
CA ARG I 723 31.12 -56.03 3.91
C ARG I 723 30.82 -54.55 4.17
N GLU I 724 30.02 -54.23 5.17
CA GLU I 724 29.86 -52.90 5.74
C GLU I 724 29.97 -52.95 7.27
N SER I 725 30.29 -51.80 7.88
CA SER I 725 30.49 -51.65 9.32
C SER I 725 29.19 -51.52 10.10
N ILE I 726 28.18 -50.87 9.51
CA ILE I 726 26.84 -50.66 10.06
C ILE I 726 25.79 -51.05 9.03
N HIS I 727 24.71 -51.67 9.47
CA HIS I 727 23.44 -51.79 8.74
C HIS I 727 22.30 -51.25 9.59
N LEU I 728 21.32 -50.58 8.99
CA LEU I 728 20.12 -50.13 9.67
C LEU I 728 18.88 -50.60 8.90
N ASP I 729 18.26 -51.68 9.37
CA ASP I 729 17.12 -52.33 8.75
C ASP I 729 15.83 -51.53 8.91
N GLY I 730 15.54 -50.69 7.92
CA GLY I 730 14.24 -50.04 7.78
C GLY I 730 14.09 -48.79 8.60
N VAL I 731 15.11 -47.93 8.60
CA VAL I 731 15.04 -46.63 9.29
C VAL I 731 13.90 -45.82 8.71
N ALA I 732 13.25 -45.04 9.56
CA ALA I 732 12.35 -44.00 9.11
C ALA I 732 13.01 -43.14 8.01
N GLY I 733 12.25 -42.78 6.99
CA GLY I 733 12.76 -42.21 5.73
C GLY I 733 13.54 -40.89 5.83
N PHE I 734 13.56 -40.25 6.99
CA PHE I 734 14.47 -39.13 7.25
C PHE I 734 15.92 -39.48 6.92
N TRP I 735 16.31 -40.74 7.11
CA TRP I 735 17.65 -41.23 6.82
C TRP I 735 17.97 -41.14 5.34
N SER I 736 17.07 -41.63 4.51
CA SER I 736 17.21 -41.66 3.07
C SER I 736 17.06 -40.27 2.46
N LEU I 737 16.20 -39.42 2.99
CA LEU I 737 16.04 -38.02 2.56
C LEU I 737 17.33 -37.23 2.77
N LEU I 738 17.99 -37.37 3.93
CA LEU I 738 19.33 -36.85 4.15
C LEU I 738 20.39 -37.45 3.22
N GLY I 739 20.12 -38.57 2.56
CA GLY I 739 21.07 -39.24 1.69
C GLY I 739 22.13 -40.04 2.45
N ILE I 740 21.95 -40.31 3.74
CA ILE I 740 22.82 -41.24 4.46
C ILE I 740 22.53 -42.66 3.94
N PRO I 741 23.55 -43.46 3.57
CA PRO I 741 23.36 -44.87 3.21
C PRO I 741 22.82 -45.69 4.39
N THR I 742 21.93 -46.65 4.12
CA THR I 742 21.41 -47.60 5.13
C THR I 742 22.38 -48.73 5.43
N ASP I 743 23.51 -48.82 4.73
CA ASP I 743 24.71 -49.52 5.19
C ASP I 743 25.97 -48.71 4.94
N LEU I 744 26.85 -48.63 5.94
CA LEU I 744 27.97 -47.69 5.99
C LEU I 744 29.29 -48.44 6.17
N ARG I 745 30.33 -48.07 5.42
CA ARG I 745 31.72 -48.48 5.69
C ARG I 745 32.31 -47.62 6.82
N VAL I 746 33.45 -47.99 7.38
CA VAL I 746 34.11 -47.20 8.42
C VAL I 746 34.53 -45.82 7.94
N GLU I 747 34.78 -45.64 6.64
CA GLU I 747 35.02 -44.31 6.06
C GLU I 747 33.79 -43.38 6.09
N ASP I 748 32.58 -43.92 6.20
CA ASP I 748 31.32 -43.18 6.10
C ASP I 748 30.76 -42.70 7.44
N ILE I 749 31.23 -43.23 8.58
CA ILE I 749 30.60 -42.99 9.88
C ILE I 749 30.73 -41.54 10.36
N THR I 750 31.86 -40.86 10.15
CA THR I 750 32.01 -39.45 10.56
C THR I 750 31.23 -38.46 9.69
N PRO I 751 31.14 -38.60 8.35
CA PRO I 751 30.07 -37.95 7.58
C PRO I 751 28.67 -38.16 8.15
N ALA I 752 28.32 -39.39 8.52
CA ALA I 752 26.98 -39.74 8.96
C ALA I 752 26.62 -39.15 10.33
N LEU I 753 27.49 -39.29 11.32
CA LEU I 753 27.28 -38.70 12.64
C LEU I 753 27.18 -37.18 12.57
N ASN I 754 27.99 -36.53 11.73
CA ASN I 754 27.90 -35.10 11.53
C ASN I 754 26.52 -34.71 10.99
N LYS I 755 25.97 -35.42 10.01
CA LYS I 755 24.66 -35.12 9.44
C LYS I 755 23.51 -35.44 10.39
N LEU I 756 23.66 -36.48 11.22
CA LEU I 756 22.65 -36.88 12.18
C LEU I 756 22.59 -35.92 13.38
N LEU I 757 23.74 -35.51 13.90
CA LEU I 757 23.78 -34.50 14.95
C LEU I 757 23.44 -33.13 14.41
N ALA I 758 23.79 -32.79 13.17
CA ALA I 758 23.34 -31.55 12.55
C ALA I 758 21.83 -31.50 12.42
N ILE I 759 21.15 -32.60 12.06
CA ILE I 759 19.69 -32.56 11.98
C ILE I 759 19.05 -32.57 13.37
N TYR I 760 19.62 -33.26 14.35
CA TYR I 760 19.15 -33.19 15.73
C TYR I 760 19.34 -31.81 16.37
N THR I 761 20.48 -31.15 16.18
CA THR I 761 20.75 -29.83 16.76
C THR I 761 19.99 -28.69 16.07
N LEU I 762 19.39 -28.97 14.92
CA LEU I 762 18.47 -28.08 14.22
C LEU I 762 17.03 -28.37 14.62
N HIS I 763 16.65 -29.63 14.75
CA HIS I 763 15.33 -30.03 15.23
C HIS I 763 15.10 -29.67 16.71
N LEU I 764 16.11 -29.78 17.56
CA LEU I 764 16.04 -29.38 18.96
C LEU I 764 16.12 -27.84 19.13
N ALA I 765 16.47 -27.09 18.08
CA ALA I 765 16.32 -25.64 18.06
C ALA I 765 14.89 -25.24 17.69
N ALA I 766 14.32 -25.83 16.64
CA ALA I 766 12.95 -25.54 16.20
C ALA I 766 12.16 -26.79 15.82
N ARG I 767 10.87 -26.80 16.17
CA ARG I 767 10.00 -27.97 16.25
C ARG I 767 10.23 -28.84 17.50
N SER I 768 10.69 -28.21 18.59
CA SER I 768 10.88 -28.81 19.90
C SER I 768 10.36 -27.92 21.02
N SER I 769 10.19 -28.48 22.21
CA SER I 769 9.93 -27.76 23.46
C SER I 769 10.98 -28.19 24.49
N PRO I 770 11.44 -27.34 25.43
CA PRO I 770 12.60 -27.66 26.26
C PRO I 770 12.57 -29.03 26.99
N PRO I 771 11.43 -29.55 27.47
CA PRO I 771 11.31 -30.91 28.02
C PRO I 771 10.84 -31.98 27.01
N LYS I 772 10.45 -31.63 25.79
CA LYS I 772 9.80 -32.51 24.80
C LYS I 772 10.38 -32.29 23.40
N ALA I 773 11.27 -33.19 23.01
CA ALA I 773 12.00 -33.14 21.74
C ALA I 773 11.14 -33.32 20.48
N ARG I 774 9.90 -33.78 20.61
CA ARG I 774 8.92 -33.91 19.51
C ARG I 774 9.48 -34.66 18.28
N TRP I 775 10.13 -35.80 18.47
CA TRP I 775 10.77 -36.52 17.36
C TRP I 775 9.79 -37.00 16.27
N GLN I 776 8.48 -36.95 16.54
CA GLN I 776 7.41 -37.12 15.58
C GLN I 776 7.41 -36.06 14.46
N ASP I 777 8.10 -34.95 14.67
CA ASP I 777 8.30 -33.88 13.71
C ASP I 777 9.67 -33.89 13.01
N LEU I 778 10.58 -34.82 13.32
CA LEU I 778 11.85 -34.89 12.60
C LEU I 778 11.68 -35.08 11.08
N PRO I 779 10.73 -35.89 10.59
CA PRO I 779 10.38 -35.93 9.17
C PRO I 779 9.93 -34.59 8.56
N LYS I 780 9.31 -33.69 9.33
CA LYS I 780 9.01 -32.33 8.85
C LYS I 780 10.26 -31.45 8.82
N THR I 781 11.19 -31.64 9.76
CA THR I 781 12.42 -30.86 9.81
C THR I 781 13.38 -31.25 8.69
N VAL I 782 13.58 -32.54 8.43
CA VAL I 782 14.42 -33.01 7.32
C VAL I 782 13.87 -32.63 5.96
N GLN I 783 12.55 -32.76 5.71
CA GLN I 783 11.98 -32.47 4.39
C GLN I 783 12.12 -30.99 4.06
N GLU I 784 12.02 -30.10 5.05
CA GLU I 784 12.28 -28.68 4.87
C GLU I 784 13.74 -28.37 4.57
N VAL I 785 14.69 -28.99 5.27
CA VAL I 785 16.14 -28.82 5.03
C VAL I 785 16.54 -29.25 3.63
N MET I 786 16.00 -30.37 3.14
CA MET I 786 16.28 -30.91 1.82
C MET I 786 15.59 -30.16 0.69
N THR I 787 14.35 -29.70 0.85
CA THR I 787 13.62 -29.00 -0.20
C THR I 787 14.33 -27.72 -0.64
N ASP I 788 14.76 -26.90 0.32
CA ASP I 788 15.49 -25.66 0.05
C ASP I 788 16.40 -25.28 1.23
N VAL I 789 17.71 -25.20 1.03
CA VAL I 789 18.75 -25.15 2.07
C VAL I 789 18.64 -23.95 3.00
N LEU I 790 18.01 -22.87 2.55
CA LEU I 790 17.78 -21.70 3.36
C LEU I 790 16.82 -21.97 4.52
N ASN I 791 16.05 -23.06 4.52
CA ASN I 791 15.24 -23.45 5.65
C ASN I 791 16.07 -23.75 6.89
N VAL I 792 17.36 -24.04 6.75
CA VAL I 792 18.27 -24.16 7.89
C VAL I 792 18.31 -22.85 8.69
N PHE I 793 18.19 -21.70 8.03
CA PHE I 793 18.13 -20.40 8.68
C PHE I 793 16.72 -20.01 9.10
N ALA I 794 15.69 -20.45 8.38
CA ALA I 794 14.30 -20.31 8.82
C ALA I 794 14.03 -21.05 10.14
N LEU I 795 14.61 -22.24 10.33
CA LEU I 795 14.52 -22.99 11.57
C LEU I 795 15.35 -22.36 12.68
N ALA I 796 16.55 -21.86 12.42
CA ALA I 796 17.33 -21.12 13.41
C ALA I 796 16.57 -19.89 13.94
N GLU I 797 15.83 -19.20 13.08
CA GLU I 797 14.98 -18.08 13.49
C GLU I 797 13.78 -18.49 14.32
N GLN I 798 13.18 -19.65 14.06
CA GLN I 798 12.11 -20.18 14.89
C GLN I 798 12.63 -20.54 16.27
N GLY I 799 13.83 -21.11 16.36
CA GLY I 799 14.44 -21.39 17.65
C GLY I 799 14.73 -20.12 18.44
N LEU I 800 15.25 -19.07 17.79
CA LEU I 800 15.39 -17.77 18.41
C LEU I 800 14.06 -17.22 18.91
N ARG I 801 12.98 -17.36 18.14
CA ARG I 801 11.61 -16.99 18.54
C ARG I 801 11.14 -17.75 19.77
N ARG I 802 11.30 -19.08 19.85
CA ARG I 802 10.91 -19.86 21.04
C ARG I 802 11.71 -19.47 22.27
N GLU I 803 13.03 -19.37 22.14
CA GLU I 803 13.95 -19.00 23.21
C GLU I 803 13.79 -17.51 23.62
N LYS I 804 12.93 -16.78 22.90
CA LYS I 804 12.61 -15.36 23.07
C LYS I 804 13.88 -14.49 23.02
N ARG I 805 14.88 -14.90 22.25
CA ARG I 805 16.15 -14.19 22.06
C ARG I 805 16.13 -13.49 20.71
N ASP I 806 16.52 -12.23 20.69
CA ASP I 806 16.35 -11.34 19.54
C ASP I 806 17.43 -11.53 18.46
N ARG I 807 18.59 -12.09 18.79
CA ARG I 807 19.72 -12.30 17.86
C ARG I 807 20.48 -13.59 18.18
N PRO I 808 21.09 -14.25 17.19
CA PRO I 808 21.96 -15.40 17.43
C PRO I 808 23.25 -15.01 18.16
N TYR I 809 23.82 -15.94 18.92
CA TYR I 809 25.21 -15.83 19.38
C TYR I 809 26.20 -15.91 18.21
N GLU I 810 27.45 -15.51 18.41
CA GLU I 810 28.52 -15.60 17.39
C GLU I 810 28.80 -17.03 16.92
N SER I 811 28.64 -17.98 17.83
CA SER I 811 28.75 -19.40 17.64
C SER I 811 27.63 -19.91 16.75
N GLU I 812 26.38 -19.51 17.01
CA GLU I 812 25.24 -19.86 16.19
C GLU I 812 25.37 -19.42 14.73
N VAL I 813 26.01 -18.28 14.46
CA VAL I 813 26.18 -17.76 13.10
C VAL I 813 27.11 -18.64 12.28
N THR I 814 28.06 -19.34 12.89
CA THR I 814 28.93 -20.26 12.15
C THR I 814 28.46 -21.71 12.22
N GLU I 815 27.84 -22.13 13.32
CA GLU I 815 27.18 -23.42 13.40
C GLU I 815 26.10 -23.59 12.34
N TYR I 816 25.08 -22.74 12.30
CA TYR I 816 24.00 -22.92 11.34
C TYR I 816 24.45 -22.74 9.89
N TRP I 817 25.58 -22.08 9.66
CA TRP I 817 26.14 -21.98 8.32
C TRP I 817 26.91 -23.24 7.93
N GLN I 818 27.71 -23.82 8.82
CA GLN I 818 28.36 -25.11 8.58
C GLN I 818 27.35 -26.24 8.41
N PHE I 819 26.16 -26.17 9.01
CA PHE I 819 25.06 -27.07 8.70
C PHE I 819 24.50 -26.86 7.29
N ALA I 820 24.29 -25.63 6.84
CA ALA I 820 23.80 -25.38 5.49
C ALA I 820 24.80 -25.86 4.43
N GLU I 821 26.09 -25.61 4.63
CA GLU I 821 27.18 -26.13 3.80
C GLU I 821 27.27 -27.66 3.84
N LEU I 822 26.88 -28.33 4.93
CA LEU I 822 26.88 -29.78 5.05
C LEU I 822 25.71 -30.42 4.30
N PHE I 823 24.50 -29.94 4.51
CA PHE I 823 23.32 -30.48 3.85
C PHE I 823 23.26 -30.13 2.35
N SER I 824 23.88 -29.04 1.90
CA SER I 824 24.02 -28.71 0.47
C SER I 824 25.14 -29.45 -0.28
N GLN I 825 26.06 -30.13 0.41
CA GLN I 825 27.36 -30.55 -0.13
C GLN I 825 27.33 -31.28 -1.48
N GLY I 826 26.31 -32.09 -1.74
CA GLY I 826 26.20 -32.87 -2.96
C GLY I 826 25.38 -32.24 -4.09
N ASN I 827 24.70 -31.13 -3.86
CA ASN I 827 23.64 -30.62 -4.72
C ASN I 827 24.05 -29.30 -5.39
N ILE I 828 23.92 -29.23 -6.71
CA ILE I 828 24.32 -28.07 -7.50
C ILE I 828 23.42 -26.84 -7.25
N VAL I 829 22.10 -26.98 -7.23
CA VAL I 829 21.18 -25.83 -7.05
C VAL I 829 21.19 -25.32 -5.61
N MET I 830 21.41 -26.17 -4.61
CA MET I 830 21.57 -25.71 -3.24
C MET I 830 22.90 -25.00 -3.01
N THR I 831 24.01 -25.56 -3.49
CA THR I 831 25.30 -24.86 -3.41
C THR I 831 25.28 -23.55 -4.17
N GLU I 832 24.59 -23.48 -5.31
CA GLU I 832 24.35 -22.22 -5.99
C GLU I 832 23.48 -21.25 -5.18
N LYS I 833 22.41 -21.68 -4.53
CA LYS I 833 21.57 -20.78 -3.72
C LYS I 833 22.27 -20.30 -2.46
N LEU I 834 23.10 -21.12 -1.84
CA LEU I 834 23.85 -20.76 -0.64
C LEU I 834 25.02 -19.82 -0.96
N LYS I 835 25.67 -19.99 -2.11
CA LYS I 835 26.66 -19.06 -2.66
C LYS I 835 26.02 -17.74 -3.08
N LEU I 836 24.83 -17.78 -3.69
CA LEU I 836 24.07 -16.60 -4.06
C LEU I 836 23.63 -15.81 -2.85
N THR I 837 23.11 -16.42 -1.79
CA THR I 837 22.66 -15.65 -0.63
C THR I 837 23.82 -14.96 0.08
N LYS I 838 25.03 -15.52 0.03
CA LYS I 838 26.22 -14.85 0.57
C LYS I 838 26.62 -13.70 -0.32
N ARG I 839 26.74 -13.92 -1.64
CA ARG I 839 27.11 -12.92 -2.64
C ARG I 839 26.17 -11.71 -2.64
N LEU I 840 24.87 -11.95 -2.53
CA LEU I 840 23.80 -10.97 -2.45
C LEU I 840 24.03 -9.96 -1.33
N VAL I 841 24.43 -10.44 -0.15
CA VAL I 841 24.67 -9.63 1.05
C VAL I 841 26.04 -9.02 1.03
N GLU I 842 27.05 -9.74 0.55
CA GLU I 842 28.41 -9.27 0.34
C GLU I 842 28.46 -8.10 -0.65
N GLU I 843 27.53 -8.05 -1.60
CA GLU I 843 27.30 -6.93 -2.50
C GLU I 843 26.66 -5.72 -1.78
N TYR I 844 25.56 -5.85 -1.04
CA TYR I 844 25.02 -4.66 -0.36
C TYR I 844 25.86 -4.17 0.81
N ARG I 845 26.62 -5.06 1.43
CA ARG I 845 27.61 -4.73 2.44
C ARG I 845 28.76 -3.86 1.88
N ARG I 846 28.87 -3.66 0.56
CA ARG I 846 29.77 -2.67 -0.06
C ARG I 846 29.28 -1.24 0.11
N PHE I 847 27.98 -1.04 0.31
CA PHE I 847 27.37 0.28 0.43
C PHE I 847 26.53 0.50 1.68
N TYR I 848 26.26 -0.52 2.49
CA TYR I 848 25.51 -0.39 3.74
C TYR I 848 26.04 -1.32 4.84
N GLN I 849 26.33 -0.80 6.02
CA GLN I 849 26.87 -1.53 7.16
C GLN I 849 26.34 -0.94 8.46
N VAL I 850 25.23 -1.47 8.96
CA VAL I 850 24.80 -1.27 10.34
C VAL I 850 25.70 -2.10 11.27
N GLU I 851 26.31 -1.48 12.26
CA GLU I 851 27.22 -2.16 13.19
C GLU I 851 26.47 -2.99 14.23
N LEU I 852 26.74 -4.30 14.25
CA LEU I 852 25.99 -5.26 15.07
C LEU I 852 26.13 -5.02 16.58
N SER I 853 27.23 -4.41 17.00
CA SER I 853 27.44 -3.97 18.38
C SER I 853 26.34 -3.07 18.90
N LYS I 854 25.72 -2.25 18.04
CA LYS I 854 24.64 -1.32 18.42
C LYS I 854 23.30 -2.03 18.66
N LYS I 855 23.29 -3.36 18.62
CA LYS I 855 22.12 -4.25 18.78
C LYS I 855 20.98 -3.94 17.79
N PRO I 856 21.23 -3.94 16.47
CA PRO I 856 20.24 -3.56 15.47
C PRO I 856 19.15 -4.61 15.29
N SER I 857 18.03 -4.21 14.71
CA SER I 857 16.92 -5.12 14.44
C SER I 857 17.16 -5.92 13.16
N THR I 858 16.47 -7.06 13.04
CA THR I 858 16.50 -7.87 11.82
C THR I 858 16.10 -7.05 10.58
N HIS I 859 15.20 -6.08 10.75
CA HIS I 859 14.80 -5.15 9.69
C HIS I 859 15.92 -4.21 9.30
N ALA I 860 16.62 -3.61 10.25
CA ALA I 860 17.74 -2.73 9.94
C ALA I 860 18.85 -3.45 9.18
N ILE I 861 19.13 -4.72 9.48
CA ILE I 861 20.13 -5.54 8.78
C ILE I 861 19.73 -5.80 7.34
N LEU I 862 18.43 -5.94 7.07
CA LEU I 862 17.85 -6.31 5.79
C LEU I 862 17.26 -5.11 5.01
N LEU I 863 17.56 -3.87 5.37
CA LEU I 863 17.03 -2.69 4.70
C LEU I 863 17.16 -2.73 3.18
N PRO I 864 18.31 -3.04 2.57
CA PRO I 864 18.37 -3.05 1.13
C PRO I 864 17.70 -4.27 0.51
N LEU I 865 17.74 -5.45 1.14
CA LEU I 865 17.15 -6.64 0.55
C LEU I 865 15.62 -6.62 0.64
N SER I 866 15.07 -6.08 1.71
CA SER I 866 13.63 -5.90 1.83
C SER I 866 13.10 -4.91 0.81
N LYS I 867 13.82 -3.83 0.51
CA LYS I 867 13.45 -2.84 -0.50
C LYS I 867 13.70 -3.30 -1.93
N ALA I 868 14.56 -4.27 -2.15
CA ALA I 868 14.70 -4.96 -3.43
C ALA I 868 13.53 -5.91 -3.69
N LEU I 869 13.22 -6.80 -2.75
CA LEU I 869 12.14 -7.74 -2.88
C LEU I 869 10.77 -7.07 -2.97
N GLU I 870 10.49 -6.03 -2.18
CA GLU I 870 9.22 -5.33 -2.28
C GLU I 870 9.04 -4.69 -3.64
N GLN I 871 10.13 -4.35 -4.34
CA GLN I 871 10.04 -3.75 -5.66
C GLN I 871 9.64 -4.78 -6.70
N ILE I 872 10.28 -5.93 -6.68
CA ILE I 872 9.98 -7.03 -7.57
C ILE I 872 8.52 -7.45 -7.39
N LEU I 873 8.03 -7.52 -6.16
CA LEU I 873 6.68 -7.98 -5.88
C LEU I 873 5.61 -6.92 -6.15
N SER I 874 5.87 -5.63 -5.97
CA SER I 874 4.86 -4.58 -6.14
C SER I 874 4.60 -4.14 -7.57
N VAL I 875 5.58 -4.15 -8.48
CA VAL I 875 5.36 -3.73 -9.87
C VAL I 875 4.48 -4.71 -10.68
N PRO I 876 3.72 -4.24 -11.68
CA PRO I 876 2.98 -5.09 -12.60
C PRO I 876 3.88 -6.11 -13.30
N ASP I 877 3.35 -7.29 -13.61
CA ASP I 877 4.16 -8.37 -14.16
C ASP I 877 4.65 -8.12 -15.61
N ASP I 878 4.15 -7.09 -16.27
CA ASP I 878 4.49 -6.71 -17.64
C ASP I 878 5.87 -6.06 -17.78
N TRP I 879 6.35 -5.37 -16.75
CA TRP I 879 7.52 -4.51 -16.82
C TRP I 879 8.84 -5.29 -16.85
N ASP I 880 9.87 -4.74 -17.49
CA ASP I 880 11.11 -5.44 -17.78
C ASP I 880 12.06 -5.53 -16.59
N GLU I 881 12.95 -6.52 -16.58
CA GLU I 881 14.04 -6.63 -15.62
C GLU I 881 14.87 -5.35 -15.60
N GLU I 882 15.19 -4.78 -16.75
CA GLU I 882 16.02 -3.57 -16.85
C GLU I 882 15.29 -2.28 -16.43
N GLU I 883 13.99 -2.34 -16.20
CA GLU I 883 13.18 -1.28 -15.59
C GLU I 883 13.17 -1.44 -14.07
N LEU I 884 12.98 -2.67 -13.59
CA LEU I 884 13.03 -3.02 -12.18
C LEU I 884 14.37 -2.64 -11.53
N ILE I 885 15.46 -2.91 -12.24
CA ILE I 885 16.79 -2.56 -11.77
C ILE I 885 16.92 -1.07 -11.52
N LEU I 886 16.31 -0.23 -12.35
CA LEU I 886 16.36 1.23 -12.20
C LEU I 886 15.39 1.73 -11.14
N GLN I 887 14.16 1.24 -11.09
CA GLN I 887 13.19 1.72 -10.08
C GLN I 887 13.63 1.34 -8.67
N GLY I 888 14.12 0.12 -8.49
CA GLY I 888 14.55 -0.42 -7.21
C GLY I 888 15.84 0.23 -6.70
N SER I 889 16.80 0.46 -7.58
CA SER I 889 18.01 1.22 -7.23
C SER I 889 17.68 2.65 -6.85
N GLY I 890 16.64 3.25 -7.42
CA GLY I 890 16.13 4.52 -6.95
C GLY I 890 15.63 4.47 -5.52
N GLN I 891 14.88 3.43 -5.16
CA GLN I 891 14.36 3.25 -3.81
C GLN I 891 15.45 2.92 -2.81
N LEU I 892 16.51 2.20 -3.21
CA LEU I 892 17.67 1.97 -2.37
C LEU I 892 18.41 3.27 -2.13
N GLN I 893 18.67 4.07 -3.16
CA GLN I 893 19.30 5.39 -3.01
C GLN I 893 18.47 6.29 -2.09
N ALA I 894 17.15 6.32 -2.29
CA ALA I 894 16.23 7.09 -1.46
C ALA I 894 16.25 6.65 0.00
N ALA I 895 16.36 5.35 0.28
CA ALA I 895 16.39 4.81 1.64
C ALA I 895 17.73 5.08 2.33
N LEU I 896 18.84 4.82 1.65
CA LEU I 896 20.18 5.03 2.16
C LEU I 896 20.38 6.47 2.60
N ASP I 897 19.93 7.45 1.82
CA ASP I 897 20.05 8.88 2.12
C ASP I 897 19.20 9.34 3.32
N ARG I 898 18.36 8.47 3.88
CA ARG I 898 17.55 8.73 5.09
C ARG I 898 18.14 8.10 6.35
N GLN I 899 19.01 7.09 6.22
CA GLN I 899 19.80 6.56 7.32
C GLN I 899 20.91 7.56 7.75
N GLU I 900 21.55 7.32 8.89
CA GLU I 900 22.68 8.17 9.34
C GLU I 900 24.00 7.82 8.65
N VAL I 901 24.85 8.81 8.45
CA VAL I 901 26.02 8.73 7.57
C VAL I 901 26.99 7.62 7.94
N TYR I 902 27.10 7.25 9.21
CA TYR I 902 28.01 6.18 9.62
C TYR I 902 27.65 4.82 9.04
N THR I 903 26.40 4.60 8.61
CA THR I 903 25.95 3.33 8.02
C THR I 903 26.35 3.17 6.54
N ARG I 904 26.91 4.19 5.89
CA ARG I 904 27.14 4.24 4.42
C ARG I 904 28.63 4.23 4.04
N PRO I 905 29.30 3.07 4.00
CA PRO I 905 30.73 2.94 3.71
C PRO I 905 31.35 3.77 2.59
N ILE I 906 30.62 4.06 1.50
CA ILE I 906 31.20 4.79 0.37
C ILE I 906 31.14 6.29 0.63
N ILE I 907 30.07 6.79 1.26
CA ILE I 907 29.86 8.23 1.48
C ILE I 907 30.60 8.73 2.73
N LYS I 908 30.64 7.93 3.80
CA LYS I 908 31.31 8.30 5.05
C LYS I 908 32.82 8.49 4.91
N ASP I 909 33.44 7.82 3.95
CA ASP I 909 34.87 7.89 3.69
C ASP I 909 35.22 9.18 2.94
N LYS I 910 35.50 10.26 3.66
CA LYS I 910 35.83 11.59 3.14
C LYS I 910 37.10 11.67 2.27
N SER I 911 37.83 10.58 2.07
CA SER I 911 39.15 10.58 1.42
C SER I 911 39.13 10.95 -0.08
N VAL I 912 38.01 10.78 -0.77
CA VAL I 912 37.91 10.92 -2.23
C VAL I 912 36.79 11.88 -2.65
N ALA I 913 36.92 12.48 -3.83
CA ALA I 913 36.04 13.56 -4.27
C ALA I 913 34.56 13.15 -4.32
N TYR I 914 33.67 14.08 -4.01
CA TYR I 914 32.25 13.82 -3.79
C TYR I 914 31.51 13.18 -4.97
N GLU I 915 31.71 13.65 -6.19
CA GLU I 915 31.12 13.00 -7.37
C GLU I 915 31.63 11.56 -7.56
N THR I 916 32.82 11.23 -7.08
CA THR I 916 33.35 9.86 -7.16
C THR I 916 32.77 8.97 -6.06
N ARG I 917 32.44 9.51 -4.88
CA ARG I 917 31.64 8.81 -3.87
C ARG I 917 30.22 8.54 -4.38
N GLN I 918 29.60 9.52 -5.02
CA GLN I 918 28.30 9.36 -5.68
C GLN I 918 28.36 8.31 -6.81
N LEU I 919 29.38 8.33 -7.65
CA LEU I 919 29.56 7.40 -8.77
C LEU I 919 29.78 5.96 -8.30
N GLN I 920 30.55 5.77 -7.23
CA GLN I 920 30.79 4.46 -6.63
C GLN I 920 29.56 3.92 -5.92
N GLU I 921 28.79 4.80 -5.26
CA GLU I 921 27.53 4.41 -4.63
C GLU I 921 26.53 3.95 -5.69
N LEU I 922 26.31 4.74 -6.74
CA LEU I 922 25.32 4.42 -7.78
C LEU I 922 25.64 3.09 -8.47
N GLU I 923 26.90 2.78 -8.77
CA GLU I 923 27.26 1.52 -9.42
C GLU I 923 27.26 0.33 -8.46
N ALA I 924 27.52 0.53 -7.16
CA ALA I 924 27.33 -0.49 -6.15
C ALA I 924 25.85 -0.83 -5.92
N ILE I 925 24.98 0.18 -5.89
CA ILE I 925 23.54 -0.06 -5.81
C ILE I 925 23.06 -0.78 -7.07
N GLN I 926 23.50 -0.37 -8.25
CA GLN I 926 23.12 -1.01 -9.51
C GLN I 926 23.53 -2.48 -9.58
N ILE I 927 24.74 -2.86 -9.18
CA ILE I 927 25.17 -4.26 -9.25
C ILE I 927 24.42 -5.17 -8.26
N PHE I 928 24.12 -4.68 -7.06
CA PHE I 928 23.27 -5.40 -6.12
C PHE I 928 21.87 -5.62 -6.65
N MET I 929 21.25 -4.57 -7.18
CA MET I 929 19.90 -4.66 -7.72
C MET I 929 19.84 -5.58 -8.94
N THR I 930 20.90 -5.62 -9.73
CA THR I 930 21.04 -6.52 -10.87
C THR I 930 21.11 -7.97 -10.40
N THR I 931 21.79 -8.28 -9.31
CA THR I 931 21.80 -9.63 -8.71
C THR I 931 20.44 -10.04 -8.18
N CYS I 932 19.69 -9.13 -7.56
CA CYS I 932 18.33 -9.43 -7.13
C CYS I 932 17.40 -9.75 -8.30
N VAL I 933 17.40 -8.92 -9.33
CA VAL I 933 16.44 -9.07 -10.43
C VAL I 933 16.85 -10.15 -11.43
N ARG I 934 18.14 -10.30 -11.74
CA ARG I 934 18.62 -11.31 -12.67
C ARG I 934 18.69 -12.69 -12.04
N ASP I 935 19.44 -12.83 -10.95
CA ASP I 935 19.83 -14.13 -10.42
C ASP I 935 18.89 -14.65 -9.34
N LEU I 936 18.45 -13.79 -8.42
CA LEU I 936 17.53 -14.18 -7.35
C LEU I 936 16.13 -14.41 -7.92
N PHE I 937 15.60 -13.43 -8.63
CA PHE I 937 14.27 -13.52 -9.20
C PHE I 937 14.22 -14.26 -10.54
N GLY I 938 15.01 -13.86 -11.52
CA GLY I 938 14.96 -14.42 -12.87
C GLY I 938 15.37 -15.88 -12.95
N GLU I 939 16.55 -16.24 -12.47
CA GLU I 939 17.04 -17.62 -12.55
C GLU I 939 16.52 -18.52 -11.43
N MET I 940 16.79 -18.21 -10.16
CA MET I 940 16.39 -19.06 -9.04
C MET I 940 14.87 -19.18 -8.91
N CYS I 941 14.15 -18.06 -8.78
CA CYS I 941 12.69 -18.05 -8.63
C CYS I 941 11.93 -18.15 -9.95
N LYS I 942 12.56 -18.58 -11.04
CA LYS I 942 11.96 -18.79 -12.37
C LYS I 942 11.29 -17.53 -12.97
N GLY I 943 11.56 -16.34 -12.45
CA GLY I 943 10.91 -15.11 -12.86
C GLY I 943 9.42 -15.02 -12.50
N ASP I 944 8.98 -15.78 -11.49
CA ASP I 944 7.60 -15.86 -11.01
C ASP I 944 7.44 -15.30 -9.59
N ARG I 945 6.54 -14.32 -9.41
CA ARG I 945 6.32 -13.68 -8.13
C ARG I 945 5.68 -14.59 -7.11
N ALA I 946 4.95 -15.61 -7.49
CA ALA I 946 4.39 -16.57 -6.55
C ALA I 946 5.49 -17.37 -5.84
N ILE I 947 6.47 -17.82 -6.61
CA ILE I 947 7.61 -18.59 -6.15
C ILE I 947 8.55 -17.71 -5.34
N LEU I 948 8.64 -16.40 -5.63
CA LEU I 948 9.38 -15.48 -4.79
C LEU I 948 8.67 -15.21 -3.46
N GLN I 949 7.34 -15.06 -3.47
CA GLN I 949 6.57 -14.79 -2.27
C GLN I 949 6.68 -15.90 -1.23
N GLU I 950 6.72 -17.16 -1.65
CA GLU I 950 6.93 -18.28 -0.72
C GLU I 950 8.32 -18.22 -0.07
N GLN I 951 9.33 -17.79 -0.84
CA GLN I 951 10.71 -17.74 -0.40
C GLN I 951 11.10 -16.45 0.34
N ARG I 952 10.34 -15.36 0.25
CA ARG I 952 10.64 -14.05 0.83
C ARG I 952 11.13 -14.14 2.27
N ASN I 953 10.46 -14.96 3.06
CA ASN I 953 10.78 -15.20 4.46
C ASN I 953 12.12 -15.93 4.65
N ARG I 954 12.40 -16.99 3.92
CA ARG I 954 13.67 -17.75 4.03
C ARG I 954 14.85 -17.09 3.34
N ILE I 955 14.64 -16.30 2.29
CA ILE I 955 15.64 -15.42 1.70
C ILE I 955 16.07 -14.38 2.72
N LYS I 956 15.12 -13.72 3.39
CA LYS I 956 15.41 -12.77 4.47
C LYS I 956 16.17 -13.43 5.61
N SER I 957 15.72 -14.56 6.13
CA SER I 957 16.43 -15.27 7.20
C SER I 957 17.86 -15.67 6.80
N GLY I 958 18.03 -16.19 5.59
CA GLY I 958 19.33 -16.54 5.05
C GLY I 958 20.26 -15.35 4.86
N ALA I 959 19.75 -14.20 4.47
CA ALA I 959 20.53 -12.99 4.35
C ALA I 959 20.96 -12.41 5.70
N GLU I 960 20.15 -12.53 6.76
CA GLU I 960 20.57 -12.07 8.08
C GLU I 960 21.72 -12.90 8.62
N PHE I 961 21.64 -14.22 8.47
CA PHE I 961 22.73 -15.11 8.81
C PHE I 961 23.95 -14.89 7.94
N ALA I 962 23.77 -14.55 6.66
CA ALA I 962 24.89 -14.23 5.78
C ALA I 962 25.56 -12.93 6.20
N TYR I 963 24.79 -11.92 6.59
CA TYR I 963 25.31 -10.61 7.01
C TYR I 963 26.14 -10.74 8.26
N ARG I 964 25.62 -11.47 9.26
CA ARG I 964 26.33 -11.73 10.50
C ARG I 964 27.58 -12.57 10.27
N LEU I 965 27.58 -13.48 9.32
CA LEU I 965 28.76 -14.27 9.00
C LEU I 965 29.83 -13.44 8.30
N LEU I 966 29.45 -12.64 7.32
CA LEU I 966 30.34 -11.72 6.62
C LEU I 966 30.92 -10.70 7.60
N ALA I 967 30.16 -10.21 8.57
CA ALA I 967 30.65 -9.33 9.60
C ALA I 967 31.60 -10.01 10.58
N LEU I 968 31.28 -11.21 11.06
CA LEU I 968 32.18 -12.01 11.91
C LEU I 968 33.49 -12.34 11.18
N GLU I 969 33.45 -12.61 9.89
CA GLU I 969 34.64 -12.85 9.07
C GLU I 969 35.47 -11.57 8.85
N ALA I 970 34.82 -10.44 8.59
CA ALA I 970 35.50 -9.15 8.47
C ALA I 970 36.21 -8.76 9.78
N GLN I 971 35.52 -8.79 10.93
CA GLN I 971 36.11 -8.35 12.19
C GLN I 971 37.27 -9.22 12.66
N GLN I 972 37.34 -10.48 12.22
CA GLN I 972 38.54 -11.30 12.41
C GLN I 972 39.66 -10.91 11.44
N ASN I 973 39.41 -10.97 10.13
CA ASN I 973 40.45 -10.79 9.11
C ASN I 973 40.97 -9.34 8.98
N GLN I 974 40.28 -8.34 9.54
CA GLN I 974 40.73 -6.94 9.54
C GLN I 974 41.94 -6.69 10.47
N ASN I 975 42.25 -7.62 11.38
CA ASN I 975 43.46 -7.61 12.21
C ASN I 975 44.73 -7.69 11.34
N MET J 1 2.12 -2.55 -28.83
CA MET J 1 3.52 -2.54 -29.32
C MET J 1 4.48 -2.95 -28.20
N THR J 2 5.73 -3.29 -28.53
CA THR J 2 6.75 -3.74 -27.54
C THR J 2 7.12 -2.70 -26.47
N GLU J 3 6.75 -1.43 -26.64
CA GLU J 3 6.95 -0.34 -25.67
C GLU J 3 6.13 -0.48 -24.36
N LYS J 4 5.40 -1.59 -24.19
CA LYS J 4 4.69 -1.96 -22.95
C LYS J 4 5.63 -2.26 -21.76
N LEU J 5 6.94 -2.25 -22.01
CA LEU J 5 8.03 -2.46 -21.06
C LEU J 5 9.29 -1.64 -21.44
N LYS J 6 10.30 -1.61 -20.57
CA LYS J 6 11.64 -0.96 -20.74
C LYS J 6 11.72 0.55 -21.01
N LEU J 7 10.74 1.35 -20.59
CA LEU J 7 10.64 2.77 -20.94
C LEU J 7 11.66 3.74 -20.32
N THR J 8 12.08 3.61 -19.06
CA THR J 8 12.65 4.76 -18.33
C THR J 8 13.85 5.42 -19.00
N LYS J 9 14.80 4.69 -19.59
CA LYS J 9 15.94 5.30 -20.28
C LYS J 9 15.51 6.19 -21.45
N ARG J 10 14.53 5.77 -22.26
CA ARG J 10 13.97 6.64 -23.30
C ARG J 10 13.24 7.85 -22.72
N LEU J 11 12.51 7.68 -21.63
CA LEU J 11 11.76 8.75 -20.96
C LEU J 11 12.68 9.85 -20.42
N VAL J 12 13.80 9.49 -19.80
CA VAL J 12 14.74 10.48 -19.25
C VAL J 12 15.60 11.12 -20.33
N GLU J 13 16.09 10.35 -21.30
CA GLU J 13 16.85 10.92 -22.41
C GLU J 13 16.02 11.94 -23.19
N GLU J 14 14.71 11.72 -23.34
CA GLU J 14 13.81 12.67 -24.02
C GLU J 14 13.66 14.00 -23.30
N TYR J 15 13.79 14.09 -21.96
CA TYR J 15 13.78 15.39 -21.27
C TYR J 15 15.17 15.94 -21.01
N ARG J 16 16.20 15.10 -20.96
CA ARG J 16 17.60 15.52 -20.93
C ARG J 16 18.01 16.26 -22.21
N ARG J 17 17.29 16.03 -23.31
CA ARG J 17 17.34 16.85 -24.54
C ARG J 17 16.84 18.29 -24.38
N PHE J 18 16.22 18.70 -23.26
CA PHE J 18 15.77 20.09 -23.08
C PHE J 18 15.91 20.68 -21.67
N TYR J 19 16.16 19.88 -20.65
CA TYR J 19 16.35 20.30 -19.26
C TYR J 19 17.49 19.50 -18.62
N GLN J 20 18.39 20.14 -17.89
CA GLN J 20 19.50 19.49 -17.18
C GLN J 20 19.87 20.23 -15.91
N VAL J 21 20.47 19.54 -14.93
CA VAL J 21 21.32 20.14 -13.91
C VAL J 21 22.39 19.12 -13.52
N GLU J 22 23.62 19.58 -13.31
CA GLU J 22 24.75 18.70 -13.03
C GLU J 22 24.80 18.25 -11.56
N LEU J 23 25.16 17.01 -11.28
CA LEU J 23 25.14 16.49 -9.91
C LEU J 23 26.23 17.10 -9.01
N SER J 24 27.22 17.78 -9.60
CA SER J 24 28.18 18.64 -8.89
C SER J 24 27.55 19.84 -8.17
N LYS J 25 26.35 20.26 -8.57
CA LYS J 25 25.53 21.29 -7.90
C LYS J 25 24.79 20.74 -6.66
N LYS J 26 24.80 19.41 -6.49
CA LYS J 26 24.05 18.61 -5.49
C LYS J 26 22.58 19.07 -5.28
N PRO J 27 21.76 19.03 -6.35
CA PRO J 27 20.36 19.43 -6.35
C PRO J 27 19.43 18.39 -5.69
N SER J 28 18.26 18.84 -5.26
CA SER J 28 17.18 18.04 -4.68
C SER J 28 16.53 17.08 -5.68
N THR J 29 16.03 15.93 -5.23
CA THR J 29 15.34 14.95 -6.10
C THR J 29 14.16 15.56 -6.86
N HIS J 30 13.39 16.44 -6.20
CA HIS J 30 12.22 17.12 -6.76
C HIS J 30 12.55 18.00 -7.98
N ALA J 31 13.78 18.50 -8.06
CA ALA J 31 14.24 19.38 -9.12
C ALA J 31 14.79 18.63 -10.34
N ILE J 32 15.27 17.39 -10.18
CA ILE J 32 15.82 16.60 -11.29
C ILE J 32 14.67 16.12 -12.16
N LEU J 33 13.72 15.42 -11.55
CA LEU J 33 12.54 14.88 -12.21
C LEU J 33 11.36 15.88 -12.25
N LEU J 34 11.63 17.18 -12.24
CA LEU J 34 10.62 18.23 -12.43
C LEU J 34 9.79 18.02 -13.71
N PRO J 35 10.37 17.73 -14.89
CA PRO J 35 9.59 17.56 -16.10
C PRO J 35 8.60 16.39 -16.00
N LEU J 36 9.07 15.27 -15.45
CA LEU J 36 8.22 14.11 -15.21
C LEU J 36 7.18 14.37 -14.12
N SER J 37 7.50 15.15 -13.10
CA SER J 37 6.55 15.48 -12.05
C SER J 37 5.37 16.30 -12.54
N LYS J 38 5.60 17.24 -13.47
CA LYS J 38 4.53 17.99 -14.12
C LYS J 38 3.71 17.12 -15.06
N ALA J 39 4.35 16.19 -15.76
CA ALA J 39 3.67 15.28 -16.66
C ALA J 39 2.71 14.32 -15.91
N LEU J 40 3.18 13.65 -14.87
CA LEU J 40 2.38 12.72 -14.08
C LEU J 40 1.21 13.44 -13.35
N GLU J 41 1.43 14.67 -12.88
CA GLU J 41 0.39 15.52 -12.32
C GLU J 41 -0.69 15.83 -13.35
N GLN J 42 -0.32 16.21 -14.57
CA GLN J 42 -1.32 16.52 -15.59
C GLN J 42 -2.17 15.30 -15.95
N ILE J 43 -1.53 14.15 -16.16
CA ILE J 43 -2.21 12.91 -16.51
C ILE J 43 -3.21 12.52 -15.44
N LEU J 44 -2.81 12.50 -14.16
CA LEU J 44 -3.63 12.03 -13.07
C LEU J 44 -4.76 12.99 -12.70
N SER J 45 -4.61 14.29 -12.93
CA SER J 45 -5.56 15.33 -12.48
C SER J 45 -6.77 15.58 -13.40
N VAL J 46 -6.58 15.72 -14.71
CA VAL J 46 -7.66 16.07 -15.65
C VAL J 46 -8.66 14.93 -15.92
N PRO J 47 -9.92 15.24 -16.30
CA PRO J 47 -10.98 14.26 -16.54
C PRO J 47 -10.61 13.11 -17.47
N ASP J 48 -11.16 11.95 -17.21
CA ASP J 48 -10.80 10.70 -17.88
C ASP J 48 -11.30 10.57 -19.32
N ASP J 49 -12.24 11.42 -19.75
CA ASP J 49 -12.77 11.42 -21.12
C ASP J 49 -11.80 11.98 -22.16
N TRP J 50 -10.87 12.85 -21.78
CA TRP J 50 -10.03 13.61 -22.70
C TRP J 50 -9.00 12.73 -23.40
N ASP J 51 -8.77 12.95 -24.68
CA ASP J 51 -7.95 12.10 -25.55
C ASP J 51 -6.45 12.50 -25.60
N GLU J 52 -5.61 11.62 -26.16
CA GLU J 52 -4.15 11.72 -26.12
C GLU J 52 -3.60 13.12 -26.44
N GLU J 53 -3.91 13.68 -27.62
CA GLU J 53 -3.28 14.94 -28.01
C GLU J 53 -3.75 16.11 -27.15
N GLU J 54 -4.97 16.06 -26.59
CA GLU J 54 -5.45 17.07 -25.66
C GLU J 54 -4.70 17.00 -24.33
N LEU J 55 -4.32 15.81 -23.88
CA LEU J 55 -3.41 15.68 -22.73
C LEU J 55 -2.01 16.23 -23.06
N ILE J 56 -1.53 16.05 -24.28
CA ILE J 56 -0.17 16.46 -24.66
C ILE J 56 -0.03 17.98 -24.70
N LEU J 57 -0.92 18.74 -25.35
CA LEU J 57 -0.77 20.20 -25.38
C LEU J 57 -0.85 20.80 -23.97
N GLN J 58 -1.82 20.38 -23.18
CA GLN J 58 -1.94 20.79 -21.78
C GLN J 58 -0.68 20.47 -20.97
N GLY J 59 -0.20 19.22 -20.99
CA GLY J 59 0.98 18.81 -20.23
C GLY J 59 2.25 19.54 -20.65
N SER J 60 2.40 19.80 -21.96
CA SER J 60 3.52 20.56 -22.49
C SER J 60 3.56 21.99 -21.93
N GLY J 61 2.43 22.70 -21.94
CA GLY J 61 2.34 24.04 -21.40
C GLY J 61 2.46 24.09 -19.88
N GLN J 62 1.94 23.06 -19.19
CA GLN J 62 1.97 22.94 -17.75
C GLN J 62 3.41 22.81 -17.20
N LEU J 63 4.37 22.35 -18.00
CA LEU J 63 5.80 22.38 -17.63
C LEU J 63 6.56 23.53 -18.29
N GLN J 64 6.15 24.01 -19.47
CA GLN J 64 6.79 25.19 -20.07
C GLN J 64 6.57 26.46 -19.25
N ALA J 65 5.38 26.66 -18.67
CA ALA J 65 5.07 27.75 -17.75
C ALA J 65 5.64 27.56 -16.32
N ALA J 66 6.60 26.63 -16.16
CA ALA J 66 7.27 26.31 -14.91
C ALA J 66 8.80 26.19 -15.05
N LEU J 67 9.34 25.67 -16.15
CA LEU J 67 10.79 25.59 -16.37
C LEU J 67 11.44 26.97 -16.58
N ASP J 68 10.70 27.95 -17.08
CA ASP J 68 11.19 29.33 -17.23
C ASP J 68 11.17 30.12 -15.91
N ARG J 69 10.73 29.52 -14.80
CA ARG J 69 10.72 30.10 -13.44
C ARG J 69 12.06 29.95 -12.69
N GLN J 70 13.13 29.51 -13.36
CA GLN J 70 14.48 29.30 -12.78
C GLN J 70 15.60 29.56 -13.81
N GLU J 71 16.86 29.49 -13.38
CA GLU J 71 18.03 29.88 -14.17
C GLU J 71 18.23 29.12 -15.50
N VAL J 72 18.66 29.85 -16.53
CA VAL J 72 18.97 29.32 -17.88
C VAL J 72 20.10 28.29 -17.86
N TYR J 73 20.95 28.27 -16.84
CA TYR J 73 21.88 27.16 -16.57
C TYR J 73 21.20 25.79 -16.68
N THR J 74 19.91 25.69 -16.31
CA THR J 74 19.12 24.45 -16.37
C THR J 74 18.47 24.11 -17.72
N ARG J 75 18.60 24.96 -18.75
CA ARG J 75 17.94 24.81 -20.06
C ARG J 75 18.94 24.65 -21.24
N PRO J 76 19.42 23.43 -21.54
CA PRO J 76 20.36 23.11 -22.62
C PRO J 76 19.75 23.16 -24.04
N ILE J 77 18.87 24.12 -24.31
CA ILE J 77 18.45 24.54 -25.66
C ILE J 77 18.53 26.06 -25.77
N ILE J 78 17.88 26.80 -24.85
CA ILE J 78 17.79 28.27 -24.90
C ILE J 78 19.15 28.97 -24.74
N LYS J 79 20.15 28.29 -24.17
CA LYS J 79 21.53 28.78 -24.00
C LYS J 79 22.42 28.67 -25.25
N ASP J 80 22.02 27.90 -26.27
CA ASP J 80 22.83 27.68 -27.48
C ASP J 80 22.87 28.91 -28.40
N LYS J 81 23.91 29.72 -28.22
CA LYS J 81 24.19 30.95 -28.97
C LYS J 81 24.32 30.74 -30.48
N SER J 82 24.52 29.50 -30.94
CA SER J 82 24.64 29.14 -32.37
C SER J 82 23.34 29.39 -33.16
N VAL J 83 22.22 29.59 -32.48
CA VAL J 83 20.87 29.76 -33.06
C VAL J 83 20.24 31.06 -32.57
N ALA J 84 19.42 31.70 -33.39
CA ALA J 84 18.66 32.89 -33.01
C ALA J 84 17.58 32.55 -31.98
N TYR J 85 17.45 33.36 -30.94
CA TYR J 85 16.65 33.07 -29.74
C TYR J 85 15.19 32.69 -30.01
N GLU J 86 14.54 33.30 -31.01
CA GLU J 86 13.17 32.95 -31.42
C GLU J 86 13.07 31.57 -32.09
N THR J 87 14.11 31.12 -32.78
CA THR J 87 14.23 29.76 -33.33
C THR J 87 14.76 28.75 -32.31
N ARG J 88 15.50 29.14 -31.27
CA ARG J 88 15.82 28.22 -30.14
C ARG J 88 14.53 27.62 -29.57
N GLN J 89 13.51 28.46 -29.42
CA GLN J 89 12.20 28.05 -28.94
C GLN J 89 11.46 27.10 -29.90
N LEU J 90 11.71 27.19 -31.21
CA LEU J 90 11.09 26.31 -32.21
C LEU J 90 11.62 24.88 -32.10
N GLN J 91 12.91 24.74 -31.77
CA GLN J 91 13.49 23.46 -31.37
C GLN J 91 12.96 23.02 -29.99
N GLU J 92 12.90 23.91 -29.01
CA GLU J 92 12.54 23.63 -27.60
C GLU J 92 11.11 23.08 -27.43
N LEU J 93 10.09 23.73 -27.97
CA LEU J 93 8.71 23.32 -27.76
C LEU J 93 8.33 22.08 -28.59
N GLU J 94 9.11 21.71 -29.60
CA GLU J 94 8.96 20.44 -30.34
C GLU J 94 9.68 19.27 -29.63
N ALA J 95 10.73 19.56 -28.86
CA ALA J 95 11.32 18.64 -27.88
C ALA J 95 10.37 18.37 -26.70
N ILE J 96 9.76 19.41 -26.11
CA ILE J 96 8.74 19.21 -25.08
C ILE J 96 7.59 18.35 -25.61
N GLN J 97 7.06 18.61 -26.82
CA GLN J 97 5.91 17.83 -27.32
C GLN J 97 6.24 16.35 -27.57
N ILE J 98 7.49 15.97 -27.87
CA ILE J 98 7.86 14.55 -28.04
C ILE J 98 8.18 13.84 -26.71
N PHE J 99 8.77 14.51 -25.73
CA PHE J 99 8.80 14.01 -24.35
C PHE J 99 7.38 13.78 -23.83
N MET J 100 6.49 14.74 -24.04
CA MET J 100 5.12 14.66 -23.58
C MET J 100 4.30 13.59 -24.29
N THR J 101 4.56 13.26 -25.57
CA THR J 101 3.89 12.11 -26.19
C THR J 101 4.38 10.78 -25.64
N THR J 102 5.65 10.62 -25.26
CA THR J 102 6.11 9.34 -24.70
C THR J 102 5.57 9.09 -23.30
N CYS J 103 5.32 10.13 -22.50
CA CYS J 103 4.65 9.92 -21.22
C CYS J 103 3.13 9.67 -21.35
N VAL J 104 2.42 10.25 -22.32
CA VAL J 104 1.00 10.00 -22.49
C VAL J 104 0.73 8.68 -23.22
N ARG J 105 1.59 8.27 -24.17
CA ARG J 105 1.48 7.00 -24.89
C ARG J 105 2.25 5.85 -24.25
N ASP J 106 3.58 5.90 -24.18
CA ASP J 106 4.35 4.77 -23.63
C ASP J 106 4.10 4.58 -22.13
N LEU J 107 4.27 5.61 -21.31
CA LEU J 107 4.16 5.49 -19.85
C LEU J 107 2.71 5.24 -19.41
N PHE J 108 1.82 6.21 -19.60
CA PHE J 108 0.46 6.11 -19.11
C PHE J 108 -0.33 5.06 -19.88
N GLY J 109 -0.29 5.11 -21.20
CA GLY J 109 -1.11 4.28 -22.06
C GLY J 109 -0.67 2.82 -22.06
N GLU J 110 0.58 2.53 -22.39
CA GLU J 110 1.04 1.16 -22.55
C GLU J 110 1.48 0.58 -21.20
N MET J 111 2.43 1.21 -20.50
CA MET J 111 3.03 0.61 -19.32
C MET J 111 2.07 0.50 -18.11
N CYS J 112 1.14 1.45 -17.97
CA CYS J 112 0.08 1.46 -16.95
C CYS J 112 -1.32 1.14 -17.50
N LYS J 113 -1.42 0.58 -18.71
CA LYS J 113 -2.66 0.19 -19.40
C LYS J 113 -3.71 1.29 -19.53
N GLY J 114 -3.33 2.56 -19.42
CA GLY J 114 -4.23 3.70 -19.47
C GLY J 114 -5.11 3.87 -18.23
N ASP J 115 -4.87 3.11 -17.16
CA ASP J 115 -5.68 3.14 -15.94
C ASP J 115 -5.01 4.02 -14.88
N ARG J 116 -5.71 5.07 -14.46
CA ARG J 116 -5.20 6.07 -13.53
C ARG J 116 -4.95 5.48 -12.14
N ALA J 117 -5.67 4.44 -11.74
CA ALA J 117 -5.46 3.77 -10.47
C ALA J 117 -4.12 3.03 -10.41
N ILE J 118 -3.74 2.38 -11.51
CA ILE J 118 -2.48 1.65 -11.65
C ILE J 118 -1.31 2.64 -11.64
N LEU J 119 -1.41 3.72 -12.41
CA LEU J 119 -0.40 4.76 -12.45
C LEU J 119 -0.22 5.43 -11.07
N GLN J 120 -1.31 5.71 -10.38
CA GLN J 120 -1.27 6.35 -9.07
C GLN J 120 -0.61 5.48 -8.01
N GLU J 121 -0.87 4.18 -8.03
CA GLU J 121 -0.24 3.25 -7.09
C GLU J 121 1.28 3.13 -7.30
N GLN J 122 1.74 3.24 -8.55
CA GLN J 122 3.14 3.08 -8.95
C GLN J 122 3.90 4.39 -9.22
N ARG J 123 3.31 5.54 -8.94
CA ARG J 123 3.86 6.86 -9.23
C ARG J 123 5.23 7.08 -8.60
N ASN J 124 5.42 6.73 -7.34
CA ASN J 124 6.69 6.93 -6.64
C ASN J 124 7.84 6.09 -7.23
N ARG J 125 7.54 4.95 -7.86
CA ARG J 125 8.54 4.08 -8.49
C ARG J 125 8.93 4.60 -9.86
N ILE J 126 7.92 4.98 -10.62
CA ILE J 126 8.07 5.65 -11.90
C ILE J 126 8.86 6.96 -11.72
N LYS J 127 8.70 7.67 -10.59
CA LYS J 127 9.60 8.76 -10.21
C LYS J 127 11.00 8.25 -9.86
N SER J 128 11.15 7.39 -8.85
CA SER J 128 12.47 7.05 -8.30
C SER J 128 13.43 6.42 -9.30
N GLY J 129 12.90 5.67 -10.27
CA GLY J 129 13.69 5.09 -11.33
C GLY J 129 14.18 6.07 -12.38
N ALA J 130 13.41 7.14 -12.64
CA ALA J 130 13.84 8.21 -13.54
C ALA J 130 14.86 9.13 -12.86
N GLU J 131 14.72 9.41 -11.58
CA GLU J 131 15.75 10.09 -10.78
C GLU J 131 17.06 9.31 -10.81
N PHE J 132 17.02 8.00 -10.57
CA PHE J 132 18.22 7.18 -10.64
C PHE J 132 18.80 7.11 -12.05
N ALA J 133 17.97 6.94 -13.08
CA ALA J 133 18.45 6.90 -14.46
C ALA J 133 19.11 8.24 -14.86
N TYR J 134 18.57 9.38 -14.40
CA TYR J 134 19.15 10.69 -14.65
C TYR J 134 20.54 10.83 -14.04
N ARG J 135 20.72 10.50 -12.75
CA ARG J 135 22.05 10.52 -12.13
C ARG J 135 23.02 9.59 -12.84
N LEU J 136 22.58 8.38 -13.16
CA LEU J 136 23.37 7.35 -13.84
C LEU J 136 23.89 7.83 -15.20
N LEU J 137 23.06 8.48 -16.02
CA LEU J 137 23.46 9.05 -17.31
C LEU J 137 24.34 10.30 -17.15
N ALA J 138 24.00 11.23 -16.25
CA ALA J 138 24.75 12.47 -16.04
C ALA J 138 26.19 12.22 -15.55
N LEU J 139 26.36 11.33 -14.58
CA LEU J 139 27.67 10.94 -14.05
C LEU J 139 28.39 9.90 -14.92
N GLU J 140 27.73 9.33 -15.93
CA GLU J 140 28.42 8.63 -17.03
C GLU J 140 28.97 9.62 -18.06
N ALA J 141 28.17 10.59 -18.52
CA ALA J 141 28.52 11.53 -19.59
C ALA J 141 29.83 12.27 -19.34
N GLN J 142 30.05 12.72 -18.10
CA GLN J 142 31.28 13.40 -17.68
C GLN J 142 32.55 12.52 -17.75
N GLN J 143 32.41 11.20 -17.82
CA GLN J 143 33.53 10.27 -18.04
C GLN J 143 33.97 10.24 -19.51
N ASN J 144 33.02 10.04 -20.44
CA ASN J 144 33.37 9.83 -21.85
C ASN J 144 33.67 11.14 -22.60
N GLN J 145 33.12 12.27 -22.16
CA GLN J 145 33.33 13.59 -22.78
C GLN J 145 34.72 14.22 -22.47
N ASN J 146 35.57 13.56 -21.67
CA ASN J 146 36.93 13.99 -21.31
C ASN J 146 37.98 12.92 -21.62
N MET K 1 -9.77 11.10 -34.54
CA MET K 1 -9.11 12.27 -33.90
C MET K 1 -9.94 13.54 -33.91
N THR K 2 -10.70 13.82 -34.97
CA THR K 2 -11.25 15.15 -35.29
C THR K 2 -11.92 15.87 -34.13
N GLU K 3 -12.82 15.21 -33.38
CA GLU K 3 -13.76 15.90 -32.48
C GLU K 3 -13.13 16.74 -31.35
N LYS K 4 -11.86 16.47 -31.00
CA LYS K 4 -11.09 17.25 -30.02
C LYS K 4 -9.69 17.68 -30.51
N LEU K 5 -9.20 17.16 -31.65
CA LEU K 5 -8.11 17.78 -32.43
C LEU K 5 -8.53 19.16 -32.97
N LYS K 6 -9.74 19.27 -33.55
CA LYS K 6 -10.28 20.56 -34.01
C LYS K 6 -10.45 21.54 -32.86
N LEU K 7 -10.83 21.09 -31.66
CA LEU K 7 -10.82 21.91 -30.44
C LEU K 7 -9.40 22.37 -30.04
N THR K 8 -8.39 21.50 -30.15
CA THR K 8 -6.99 21.91 -29.88
C THR K 8 -6.44 22.92 -30.90
N LYS K 9 -7.05 23.05 -32.09
CA LYS K 9 -6.98 24.29 -32.89
C LYS K 9 -7.86 25.39 -32.27
N ARG K 10 -9.18 25.22 -32.32
CA ARG K 10 -10.21 26.27 -32.13
C ARG K 10 -10.09 27.04 -30.82
N LEU K 11 -9.61 26.40 -29.76
CA LEU K 11 -9.36 27.01 -28.44
C LEU K 11 -8.46 28.26 -28.49
N VAL K 12 -7.60 28.37 -29.52
CA VAL K 12 -6.79 29.57 -29.82
C VAL K 12 -6.98 30.03 -31.26
N GLU K 13 -7.10 29.12 -32.23
CA GLU K 13 -7.18 29.42 -33.66
C GLU K 13 -8.45 30.21 -34.01
N GLU K 14 -9.54 30.05 -33.26
CA GLU K 14 -10.75 30.84 -33.47
C GLU K 14 -10.66 32.25 -32.84
N TYR K 15 -9.77 32.48 -31.86
CA TYR K 15 -9.48 33.82 -31.35
C TYR K 15 -8.34 34.52 -32.07
N ARG K 16 -7.36 33.79 -32.66
CA ARG K 16 -6.32 34.38 -33.53
C ARG K 16 -6.88 35.21 -34.69
N ARG K 17 -8.10 34.92 -35.14
CA ARG K 17 -8.83 35.71 -36.16
C ARG K 17 -9.27 37.09 -35.68
N PHE K 18 -9.28 37.38 -34.37
CA PHE K 18 -9.62 38.70 -33.82
C PHE K 18 -8.62 39.25 -32.77
N TYR K 19 -7.76 38.42 -32.17
CA TYR K 19 -6.79 38.81 -31.15
C TYR K 19 -5.44 38.08 -31.34
N GLN K 20 -4.35 38.84 -31.47
CA GLN K 20 -2.99 38.32 -31.50
C GLN K 20 -2.02 39.33 -30.86
N VAL K 21 -1.51 39.01 -29.67
CA VAL K 21 -0.37 39.70 -29.05
C VAL K 21 0.92 39.10 -29.63
N GLU K 22 1.85 39.93 -30.10
CA GLU K 22 3.08 39.44 -30.76
C GLU K 22 4.01 38.74 -29.76
N LEU K 23 4.28 37.45 -29.95
CA LEU K 23 4.92 36.62 -28.91
C LEU K 23 6.37 37.05 -28.59
N SER K 24 7.00 37.73 -29.52
CA SER K 24 8.35 38.32 -29.40
C SER K 24 8.45 39.45 -28.37
N LYS K 25 7.32 40.06 -27.96
CA LYS K 25 7.29 41.00 -26.80
C LYS K 25 7.53 40.31 -25.45
N LYS K 26 7.61 38.97 -25.43
CA LYS K 26 7.46 38.09 -24.25
C LYS K 26 6.37 38.57 -23.27
N PRO K 27 5.11 38.72 -23.74
CA PRO K 27 3.98 39.18 -22.93
C PRO K 27 3.54 38.14 -21.89
N SER K 28 2.77 38.55 -20.88
CA SER K 28 2.28 37.64 -19.83
C SER K 28 1.40 36.52 -20.40
N THR K 29 1.35 35.41 -19.66
CA THR K 29 0.32 34.39 -19.77
C THR K 29 -1.10 34.98 -19.80
N HIS K 30 -1.37 35.94 -18.92
CA HIS K 30 -2.62 36.71 -18.84
C HIS K 30 -2.92 37.50 -20.12
N ALA K 31 -1.88 37.99 -20.78
CA ALA K 31 -2.04 38.84 -21.94
C ALA K 31 -2.35 38.02 -23.20
N ILE K 32 -1.81 36.81 -23.33
CA ILE K 32 -2.13 35.88 -24.41
C ILE K 32 -3.54 35.27 -24.23
N LEU K 33 -3.89 34.81 -23.03
CA LEU K 33 -5.13 34.09 -22.69
C LEU K 33 -6.36 35.01 -22.49
N LEU K 34 -6.24 36.31 -22.74
CA LEU K 34 -7.28 37.30 -22.47
C LEU K 34 -8.68 36.97 -23.03
N PRO K 35 -8.85 36.42 -24.25
CA PRO K 35 -10.17 36.05 -24.75
C PRO K 35 -10.79 34.90 -23.96
N LEU K 36 -9.99 33.87 -23.69
CA LEU K 36 -10.41 32.65 -23.00
C LEU K 36 -10.68 32.92 -21.51
N SER K 37 -9.85 33.72 -20.85
CA SER K 37 -10.05 34.18 -19.46
C SER K 37 -11.46 34.73 -19.27
N LYS K 38 -11.87 35.67 -20.15
CA LYS K 38 -13.18 36.31 -20.11
C LYS K 38 -14.34 35.45 -20.61
N ALA K 39 -14.08 34.39 -21.36
CA ALA K 39 -15.08 33.36 -21.69
C ALA K 39 -15.33 32.42 -20.50
N LEU K 40 -14.26 31.86 -19.91
CA LEU K 40 -14.35 30.95 -18.77
C LEU K 40 -14.92 31.64 -17.51
N GLU K 41 -14.67 32.93 -17.30
CA GLU K 41 -15.34 33.73 -16.28
C GLU K 41 -16.84 33.89 -16.53
N GLN K 42 -17.27 34.20 -17.76
CA GLN K 42 -18.69 34.26 -18.12
C GLN K 42 -19.37 32.91 -17.85
N ILE K 43 -18.67 31.80 -18.13
CA ILE K 43 -19.21 30.44 -18.01
C ILE K 43 -19.28 29.96 -16.55
N LEU K 44 -18.30 30.31 -15.70
CA LEU K 44 -18.33 30.03 -14.26
C LEU K 44 -19.28 30.93 -13.47
N SER K 45 -19.48 32.18 -13.86
CA SER K 45 -20.19 33.21 -13.07
C SER K 45 -21.73 33.17 -13.08
N VAL K 46 -22.40 32.26 -13.82
CA VAL K 46 -23.88 32.22 -13.85
C VAL K 46 -24.47 30.78 -13.88
N PRO K 47 -25.62 30.54 -13.22
CA PRO K 47 -26.39 29.29 -13.34
C PRO K 47 -27.18 29.21 -14.67
N ASP K 48 -27.80 28.07 -14.95
CA ASP K 48 -28.58 27.81 -16.17
C ASP K 48 -29.98 28.45 -16.20
N ASP K 49 -30.16 29.62 -15.58
CA ASP K 49 -31.40 30.40 -15.59
C ASP K 49 -31.64 31.16 -16.91
N TRP K 50 -30.71 31.03 -17.85
CA TRP K 50 -30.79 31.49 -19.23
C TRP K 50 -30.07 30.52 -20.18
N ASP K 51 -30.41 30.56 -21.47
CA ASP K 51 -29.98 29.56 -22.47
C ASP K 51 -28.46 29.57 -22.76
N GLU K 52 -27.97 28.49 -23.37
CA GLU K 52 -26.61 28.41 -23.90
C GLU K 52 -26.36 29.46 -24.99
N GLU K 53 -27.37 29.79 -25.81
CA GLU K 53 -27.25 30.84 -26.82
C GLU K 53 -27.30 32.25 -26.20
N GLU K 54 -28.01 32.40 -25.08
CA GLU K 54 -28.02 33.64 -24.30
C GLU K 54 -26.66 33.87 -23.61
N LEU K 55 -26.03 32.79 -23.13
CA LEU K 55 -24.67 32.80 -22.58
C LEU K 55 -23.64 33.19 -23.66
N ILE K 56 -23.80 32.66 -24.89
CA ILE K 56 -22.98 33.03 -26.06
C ILE K 56 -23.14 34.51 -26.40
N LEU K 57 -24.36 35.01 -26.54
CA LEU K 57 -24.59 36.40 -26.95
C LEU K 57 -24.23 37.42 -25.85
N GLN K 58 -24.49 37.15 -24.56
CA GLN K 58 -24.00 38.01 -23.48
C GLN K 58 -22.48 37.97 -23.34
N GLY K 59 -21.85 36.81 -23.50
CA GLY K 59 -20.39 36.66 -23.44
C GLY K 59 -19.69 37.39 -24.59
N SER K 60 -20.28 37.36 -25.79
CA SER K 60 -19.85 38.19 -26.91
C SER K 60 -19.88 39.68 -26.55
N GLY K 61 -20.95 40.07 -25.84
CA GLY K 61 -21.10 41.37 -25.20
C GLY K 61 -19.99 41.76 -24.22
N GLN K 62 -19.38 40.80 -23.50
CA GLN K 62 -18.24 41.06 -22.62
C GLN K 62 -16.96 41.33 -23.39
N LEU K 63 -16.60 40.50 -24.36
CA LEU K 63 -15.32 40.61 -25.07
C LEU K 63 -15.29 41.88 -25.95
N GLN K 64 -16.35 42.17 -26.70
CA GLN K 64 -16.48 43.44 -27.43
C GLN K 64 -16.48 44.68 -26.50
N ALA K 65 -16.81 44.54 -25.22
CA ALA K 65 -16.71 45.62 -24.23
C ALA K 65 -15.31 45.74 -23.63
N ALA K 66 -14.66 44.63 -23.32
CA ALA K 66 -13.35 44.56 -22.69
C ALA K 66 -12.21 44.99 -23.63
N LEU K 67 -12.21 44.50 -24.88
CA LEU K 67 -11.13 44.74 -25.85
C LEU K 67 -11.01 46.19 -26.31
N ASP K 68 -11.97 47.06 -25.98
CA ASP K 68 -11.83 48.51 -26.12
C ASP K 68 -10.81 49.15 -25.14
N ARG K 69 -10.31 48.39 -24.16
CA ARG K 69 -9.23 48.79 -23.24
C ARG K 69 -7.83 48.48 -23.78
N GLN K 70 -7.69 47.41 -24.57
CA GLN K 70 -6.44 46.96 -25.20
C GLN K 70 -6.04 47.90 -26.35
N GLU K 71 -4.74 48.09 -26.56
CA GLU K 71 -4.25 48.85 -27.72
C GLU K 71 -4.51 48.08 -29.03
N VAL K 72 -4.76 48.82 -30.10
CA VAL K 72 -5.22 48.30 -31.40
C VAL K 72 -4.19 47.39 -32.09
N TYR K 73 -2.91 47.41 -31.67
CA TYR K 73 -1.91 46.45 -32.15
C TYR K 73 -2.30 44.98 -31.86
N THR K 74 -3.15 44.74 -30.87
CA THR K 74 -3.66 43.41 -30.50
C THR K 74 -4.70 42.83 -31.48
N ARG K 75 -5.31 43.64 -32.37
CA ARG K 75 -6.51 43.23 -33.13
C ARG K 75 -6.25 43.07 -34.63
N PRO K 76 -5.84 41.88 -35.13
CA PRO K 76 -5.54 41.68 -36.55
C PRO K 76 -6.69 42.03 -37.49
N ILE K 77 -7.95 41.79 -37.07
CA ILE K 77 -9.15 42.13 -37.85
C ILE K 77 -9.36 43.64 -38.07
N ILE K 78 -8.61 44.48 -37.36
CA ILE K 78 -8.52 45.93 -37.59
C ILE K 78 -7.21 46.29 -38.33
N LYS K 79 -6.09 45.65 -37.97
CA LYS K 79 -4.77 45.90 -38.60
C LYS K 79 -4.68 45.51 -40.07
N ASP K 80 -5.12 44.30 -40.40
CA ASP K 80 -4.72 43.56 -41.61
C ASP K 80 -5.65 43.76 -42.82
N LYS K 81 -6.66 44.65 -42.69
CA LYS K 81 -7.59 45.06 -43.76
C LYS K 81 -8.01 46.53 -43.61
N SER K 82 -8.41 47.16 -44.71
CA SER K 82 -8.73 48.59 -44.76
C SER K 82 -10.16 48.82 -45.25
N VAL K 83 -11.09 48.93 -44.29
CA VAL K 83 -12.55 48.99 -44.51
C VAL K 83 -13.27 49.73 -43.36
N ALA K 84 -14.49 50.22 -43.60
CA ALA K 84 -15.25 51.10 -42.71
C ALA K 84 -15.53 50.52 -41.32
N TYR K 85 -15.42 51.36 -40.28
CA TYR K 85 -15.46 50.95 -38.88
C TYR K 85 -16.68 50.09 -38.53
N GLU K 86 -17.88 50.53 -38.85
CA GLU K 86 -19.12 49.81 -38.51
C GLU K 86 -19.23 48.41 -39.15
N THR K 87 -18.46 48.12 -40.21
CA THR K 87 -18.40 46.80 -40.85
C THR K 87 -17.28 45.92 -40.29
N ARG K 88 -16.06 46.44 -40.08
CA ARG K 88 -14.99 45.69 -39.38
C ARG K 88 -15.35 45.39 -37.93
N GLN K 89 -16.09 46.27 -37.26
CA GLN K 89 -16.64 46.04 -35.92
C GLN K 89 -17.70 44.93 -35.90
N LEU K 90 -18.47 44.75 -36.99
CA LEU K 90 -19.40 43.63 -37.14
C LEU K 90 -18.65 42.31 -37.40
N GLN K 91 -17.60 42.34 -38.23
CA GLN K 91 -16.68 41.22 -38.43
C GLN K 91 -15.98 40.81 -37.12
N GLU K 92 -15.53 41.77 -36.31
CA GLU K 92 -14.98 41.55 -34.96
C GLU K 92 -16.01 40.87 -34.03
N LEU K 93 -17.23 41.41 -33.98
CA LEU K 93 -18.26 40.95 -33.07
C LEU K 93 -18.75 39.53 -33.38
N GLU K 94 -18.87 39.16 -34.66
CA GLU K 94 -19.27 37.81 -35.07
C GLU K 94 -18.14 36.79 -35.00
N ALA K 95 -16.87 37.20 -35.15
CA ALA K 95 -15.70 36.36 -34.85
C ALA K 95 -15.57 36.05 -33.36
N ILE K 96 -15.85 37.03 -32.49
CA ILE K 96 -16.01 36.83 -31.05
C ILE K 96 -17.16 35.87 -30.74
N GLN K 97 -18.30 36.01 -31.43
CA GLN K 97 -19.46 35.18 -31.17
C GLN K 97 -19.25 33.72 -31.54
N ILE K 98 -18.62 33.41 -32.68
CA ILE K 98 -18.31 32.01 -33.04
C ILE K 98 -17.27 31.38 -32.11
N PHE K 99 -16.25 32.11 -31.68
CA PHE K 99 -15.33 31.65 -30.63
C PHE K 99 -16.09 31.23 -29.37
N MET K 100 -17.08 32.00 -28.93
CA MET K 100 -17.89 31.56 -27.79
C MET K 100 -18.90 30.44 -28.11
N THR K 101 -19.21 30.14 -29.37
CA THR K 101 -19.91 28.88 -29.67
C THR K 101 -19.01 27.68 -29.36
N THR K 102 -17.72 27.73 -29.70
CA THR K 102 -16.77 26.72 -29.22
C THR K 102 -16.77 26.70 -27.70
N CYS K 103 -16.53 27.85 -27.05
CA CYS K 103 -16.38 27.93 -25.60
C CYS K 103 -17.60 27.40 -24.85
N VAL K 104 -18.83 27.71 -25.31
CA VAL K 104 -20.05 27.29 -24.62
C VAL K 104 -20.53 25.92 -25.05
N ARG K 105 -20.73 25.65 -26.35
CA ARG K 105 -21.41 24.42 -26.80
C ARG K 105 -20.49 23.21 -27.03
N ASP K 106 -19.16 23.39 -27.03
CA ASP K 106 -18.17 22.31 -27.14
C ASP K 106 -17.17 22.25 -25.97
N LEU K 107 -16.46 23.32 -25.65
CA LEU K 107 -15.49 23.34 -24.55
C LEU K 107 -16.18 23.17 -23.18
N PHE K 108 -17.15 24.03 -22.84
CA PHE K 108 -17.93 23.86 -21.61
C PHE K 108 -18.90 22.68 -21.73
N GLY K 109 -19.77 22.70 -22.74
CA GLY K 109 -20.89 21.77 -22.87
C GLY K 109 -20.52 20.30 -23.07
N GLU K 110 -19.37 19.99 -23.67
CA GLU K 110 -18.90 18.62 -23.87
C GLU K 110 -17.64 18.36 -23.04
N MET K 111 -16.56 19.12 -23.26
CA MET K 111 -15.27 18.77 -22.67
C MET K 111 -15.24 18.95 -21.15
N CYS K 112 -15.79 20.03 -20.61
CA CYS K 112 -15.96 20.25 -19.17
C CYS K 112 -17.25 19.60 -18.62
N LYS K 113 -17.73 18.51 -19.25
CA LYS K 113 -18.95 17.74 -18.92
C LYS K 113 -20.26 18.55 -18.96
N GLY K 114 -20.22 19.84 -19.28
CA GLY K 114 -21.33 20.78 -19.15
C GLY K 114 -21.63 21.23 -17.71
N ASP K 115 -20.75 20.90 -16.76
CA ASP K 115 -20.90 21.16 -15.33
C ASP K 115 -19.77 22.06 -14.80
N ARG K 116 -20.12 23.21 -14.18
CA ARG K 116 -19.16 24.29 -13.88
C ARG K 116 -18.03 23.88 -12.93
N ALA K 117 -18.29 22.97 -11.99
CA ALA K 117 -17.28 22.45 -11.08
C ALA K 117 -16.13 21.77 -11.84
N ILE K 118 -16.45 20.97 -12.86
CA ILE K 118 -15.44 20.23 -13.62
C ILE K 118 -14.63 21.16 -14.54
N LEU K 119 -15.17 22.34 -14.89
CA LEU K 119 -14.37 23.42 -15.47
C LEU K 119 -13.49 24.08 -14.41
N GLN K 120 -14.03 24.38 -13.24
CA GLN K 120 -13.36 25.20 -12.23
C GLN K 120 -12.08 24.56 -11.69
N GLU K 121 -12.07 23.25 -11.39
CA GLU K 121 -10.85 22.51 -11.01
C GLU K 121 -9.85 22.30 -12.17
N GLN K 122 -10.20 22.72 -13.38
CA GLN K 122 -9.41 22.60 -14.61
C GLN K 122 -9.00 23.94 -15.21
N ARG K 123 -9.49 25.09 -14.72
CA ARG K 123 -9.33 26.37 -15.45
C ARG K 123 -7.87 26.75 -15.64
N ASN K 124 -7.00 26.53 -14.66
CA ASN K 124 -5.56 26.75 -14.79
C ASN K 124 -4.90 25.80 -15.82
N ARG K 125 -5.47 24.61 -16.01
CA ARG K 125 -4.92 23.52 -16.84
C ARG K 125 -5.31 23.73 -18.29
N ILE K 126 -6.58 24.01 -18.58
CA ILE K 126 -7.02 24.38 -19.93
C ILE K 126 -6.54 25.79 -20.35
N LYS K 127 -6.23 26.68 -19.40
CA LYS K 127 -5.41 27.87 -19.66
C LYS K 127 -4.00 27.50 -20.11
N SER K 128 -3.30 26.61 -19.41
CA SER K 128 -1.98 26.15 -19.86
C SER K 128 -2.01 25.42 -21.21
N GLY K 129 -3.14 24.81 -21.54
CA GLY K 129 -3.40 24.28 -22.88
C GLY K 129 -3.40 25.38 -23.93
N ALA K 130 -4.18 26.44 -23.75
CA ALA K 130 -4.19 27.57 -24.68
C ALA K 130 -2.84 28.30 -24.75
N GLU K 131 -2.12 28.41 -23.62
CA GLU K 131 -0.78 28.99 -23.53
C GLU K 131 0.21 28.28 -24.47
N PHE K 132 0.24 26.95 -24.42
CA PHE K 132 1.08 26.18 -25.32
C PHE K 132 0.56 26.21 -26.75
N ALA K 133 -0.75 26.09 -26.96
CA ALA K 133 -1.34 26.06 -28.29
C ALA K 133 -1.06 27.35 -29.08
N TYR K 134 -1.17 28.51 -28.44
CA TYR K 134 -0.91 29.80 -29.07
C TYR K 134 0.54 29.89 -29.54
N ARG K 135 1.49 29.46 -28.71
CA ARG K 135 2.91 29.43 -29.08
C ARG K 135 3.19 28.39 -30.15
N LEU K 136 2.64 27.19 -30.04
CA LEU K 136 2.80 26.08 -30.99
C LEU K 136 2.45 26.49 -32.42
N LEU K 137 1.37 27.27 -32.59
CA LEU K 137 0.94 27.81 -33.88
C LEU K 137 1.77 29.03 -34.31
N ALA K 138 1.86 30.04 -33.46
CA ALA K 138 2.49 31.32 -33.79
C ALA K 138 4.01 31.21 -34.00
N LEU K 139 4.74 30.45 -33.19
CA LEU K 139 6.19 30.33 -33.36
C LEU K 139 6.56 29.45 -34.57
N GLU K 140 5.70 28.52 -34.97
CA GLU K 140 5.80 27.83 -36.26
C GLU K 140 5.57 28.83 -37.39
N ALA K 141 4.47 29.59 -37.35
CA ALA K 141 4.13 30.58 -38.36
C ALA K 141 5.22 31.63 -38.57
N GLN K 142 5.87 32.10 -37.49
CA GLN K 142 7.02 32.99 -37.55
C GLN K 142 8.31 32.31 -38.04
N GLN K 143 8.72 31.17 -37.43
CA GLN K 143 10.09 30.65 -37.50
C GLN K 143 10.30 29.37 -38.34
N ASN K 144 9.28 28.75 -38.93
CA ASN K 144 9.42 27.47 -39.66
C ASN K 144 10.40 27.50 -40.85
N GLN K 145 10.72 28.70 -41.37
CA GLN K 145 11.69 28.90 -42.47
C GLN K 145 13.17 28.63 -42.05
N ASN K 146 13.47 28.48 -40.75
CA ASN K 146 14.79 28.09 -40.22
C ASN K 146 14.91 26.57 -40.01
#